data_1CEE
#
_entry.id   1CEE
#
_cell.length_a   1.000
_cell.length_b   1.000
_cell.length_c   1.000
_cell.angle_alpha   90.00
_cell.angle_beta   90.00
_cell.angle_gamma   90.00
#
_symmetry.space_group_name_H-M   'P 1'
#
loop_
_entity.id
_entity.type
_entity.pdbx_description
1 polymer 'GTP-BINDING RHO-LIKE PROTEIN'
2 polymer 'WISKOTT-ALDRICH SYNDROME PROTEIN WASP'
3 non-polymer 'MAGNESIUM ION'
4 non-polymer 'PHOSPHOMETHYLPHOSPHONIC ACID GUANYLATE ESTER'
#
loop_
_entity_poly.entity_id
_entity_poly.type
_entity_poly.pdbx_seq_one_letter_code
_entity_poly.pdbx_strand_id
1 'polypeptide(L)'
;MQTIKCVVVGDGAVGKTCLLISYTTNKFPSEYVPTVFDNYAVTVMIGGEPYTLGLFDTAGQEDYDRLRPLSYPQTDVFLV
CFSVVSPSSFENVKEKWVPEITHHCPKTPFLLVGTQIDLRDDPSTIEKLAKNKQKPITPETAEKLARDLKAVKYVECSAL
TQKGLKNVFDEAILAALEP
;
A
2 'polypeptide(L)' KKKISKADIGAPSGFKHVSHVGWDPQNGFDVNNLDPDLRSLFSRAGISEAQLTDAETSK B
#
# COMPACT_ATOMS: atom_id res chain seq x y z
N MET A 1 15.49 -5.75 -17.20
CA MET A 1 15.11 -5.53 -15.78
C MET A 1 13.78 -4.78 -15.68
N GLN A 2 12.71 -5.54 -15.47
CA GLN A 2 11.37 -4.96 -15.35
C GLN A 2 11.04 -4.64 -13.89
N THR A 3 10.26 -3.58 -13.68
CA THR A 3 9.87 -3.18 -12.33
C THR A 3 8.43 -2.67 -12.31
N ILE A 4 7.69 -3.09 -11.28
CA ILE A 4 6.30 -2.66 -11.14
C ILE A 4 6.20 -1.45 -10.23
N LYS A 5 5.14 -0.67 -10.41
CA LYS A 5 4.94 0.54 -9.62
C LYS A 5 3.74 0.38 -8.71
N CYS A 6 3.90 -0.46 -7.71
CA CYS A 6 2.83 -0.74 -6.77
C CYS A 6 2.84 0.28 -5.62
N VAL A 7 1.85 1.16 -5.64
CA VAL A 7 1.73 2.18 -4.60
C VAL A 7 0.49 1.93 -3.75
N VAL A 8 0.65 2.01 -2.43
CA VAL A 8 -0.46 1.78 -1.52
C VAL A 8 -1.25 3.05 -1.29
N VAL A 9 -2.51 3.02 -1.71
CA VAL A 9 -3.39 4.18 -1.57
C VAL A 9 -4.52 3.89 -0.59
N GLY A 10 -4.93 4.92 0.15
CA GLY A 10 -6.00 4.75 1.11
C GLY A 10 -5.92 5.75 2.25
N ASP A 11 -7.08 6.12 2.78
CA ASP A 11 -7.14 7.08 3.88
C ASP A 11 -7.90 6.50 5.07
N GLY A 12 -7.14 6.02 6.06
CA GLY A 12 -7.76 5.43 7.24
C GLY A 12 -6.84 4.44 7.92
N ALA A 13 -7.39 3.64 8.84
CA ALA A 13 -6.59 2.65 9.55
C ALA A 13 -6.98 1.23 9.15
N VAL A 14 -6.39 0.76 8.06
CA VAL A 14 -6.66 -0.58 7.57
C VAL A 14 -5.39 -1.45 7.64
N GLY A 15 -4.57 -1.22 8.67
CA GLY A 15 -3.33 -1.98 8.81
C GLY A 15 -2.59 -2.12 7.50
N LYS A 16 -2.53 -1.04 6.74
CA LYS A 16 -1.87 -1.05 5.44
C LYS A 16 -0.35 -1.02 5.56
N THR A 17 0.16 -0.51 6.68
CA THR A 17 1.60 -0.43 6.86
C THR A 17 2.21 -1.78 7.25
N CYS A 18 1.61 -2.44 8.23
CA CYS A 18 2.13 -3.71 8.73
C CYS A 18 2.02 -4.81 7.68
N LEU A 19 0.98 -4.75 6.86
CA LEU A 19 0.76 -5.75 5.83
C LEU A 19 1.83 -5.64 4.75
N LEU A 20 2.27 -4.41 4.51
CA LEU A 20 3.31 -4.15 3.53
C LEU A 20 4.63 -4.76 3.98
N ILE A 21 4.94 -4.62 5.26
CA ILE A 21 6.19 -5.13 5.81
C ILE A 21 6.23 -6.65 5.79
N SER A 22 5.39 -7.27 6.60
CA SER A 22 5.34 -8.73 6.71
C SER A 22 5.37 -9.38 5.33
N TYR A 23 4.85 -8.68 4.33
CA TYR A 23 4.83 -9.20 2.97
C TYR A 23 6.24 -9.38 2.43
N THR A 24 7.07 -8.36 2.60
CA THR A 24 8.43 -8.38 2.08
C THR A 24 9.42 -8.96 3.09
N THR A 25 9.14 -8.77 4.37
CA THR A 25 10.02 -9.26 5.42
C THR A 25 9.56 -10.59 5.99
N ASN A 26 8.36 -11.03 5.60
CA ASN A 26 7.82 -12.29 6.10
C ASN A 26 7.85 -12.33 7.63
N LYS A 27 7.85 -11.15 8.25
CA LYS A 27 7.89 -11.05 9.69
C LYS A 27 7.05 -9.87 10.18
N PHE A 28 6.55 -9.97 11.41
CA PHE A 28 5.73 -8.91 11.99
C PHE A 28 6.61 -7.92 12.76
N PRO A 29 6.52 -6.61 12.44
CA PRO A 29 7.32 -5.58 13.11
C PRO A 29 7.02 -5.48 14.60
N SER A 30 7.50 -4.41 15.22
CA SER A 30 7.30 -4.19 16.64
C SER A 30 7.16 -2.70 16.95
N GLU A 31 8.08 -1.90 16.41
CA GLU A 31 8.06 -0.46 16.62
C GLU A 31 6.81 0.16 15.99
N TYR A 32 6.43 1.34 16.45
CA TYR A 32 5.25 2.01 15.93
C TYR A 32 5.53 3.44 15.50
N VAL A 33 5.75 3.62 14.19
CA VAL A 33 5.99 4.93 13.60
C VAL A 33 6.44 4.79 12.15
N PRO A 34 5.60 4.19 11.28
CA PRO A 34 5.95 3.90 9.91
C PRO A 34 5.13 4.67 8.87
N THR A 35 4.26 5.56 9.32
CA THR A 35 3.38 6.29 8.42
C THR A 35 3.99 7.61 7.98
N VAL A 36 4.72 7.56 6.87
CA VAL A 36 5.33 8.74 6.28
C VAL A 36 5.66 8.46 4.81
N PHE A 37 6.66 7.61 4.60
CA PHE A 37 7.06 7.21 3.26
C PHE A 37 8.14 6.13 3.32
N ASP A 38 7.87 5.01 2.66
CA ASP A 38 8.83 3.92 2.63
C ASP A 38 8.75 3.18 1.30
N ASN A 39 9.82 3.25 0.53
CA ASN A 39 9.86 2.59 -0.77
C ASN A 39 10.62 1.27 -0.68
N TYR A 40 9.92 0.19 -0.95
CA TYR A 40 10.50 -1.15 -0.89
C TYR A 40 10.54 -1.79 -2.28
N ALA A 41 11.62 -2.49 -2.58
CA ALA A 41 11.73 -3.17 -3.87
C ALA A 41 11.96 -4.66 -3.67
N VAL A 42 11.02 -5.46 -4.16
CA VAL A 42 11.09 -6.91 -4.02
C VAL A 42 11.55 -7.56 -5.32
N THR A 43 12.08 -8.78 -5.18
CA THR A 43 12.54 -9.55 -6.33
C THR A 43 11.75 -10.85 -6.43
N VAL A 44 10.69 -10.84 -7.23
CA VAL A 44 9.84 -12.01 -7.39
C VAL A 44 10.09 -12.70 -8.73
N MET A 45 9.78 -13.98 -8.79
CA MET A 45 9.96 -14.76 -10.01
C MET A 45 8.73 -14.65 -10.90
N ILE A 46 8.71 -13.65 -11.76
CA ILE A 46 7.58 -13.43 -12.66
C ILE A 46 7.93 -13.81 -14.10
N GLY A 47 7.04 -14.57 -14.73
CA GLY A 47 7.25 -14.98 -16.10
C GLY A 47 8.50 -15.82 -16.28
N GLY A 48 8.93 -16.47 -15.20
CA GLY A 48 10.11 -17.30 -15.26
C GLY A 48 11.40 -16.51 -15.14
N GLU A 49 11.32 -15.33 -14.55
CA GLU A 49 12.47 -14.47 -14.38
C GLU A 49 12.35 -13.62 -13.11
N PRO A 50 13.49 -13.31 -12.46
CA PRO A 50 13.50 -12.50 -11.24
C PRO A 50 13.14 -11.05 -11.51
N TYR A 51 11.84 -10.75 -11.43
CA TYR A 51 11.35 -9.40 -11.66
C TYR A 51 11.50 -8.55 -10.41
N THR A 52 11.27 -7.25 -10.56
CA THR A 52 11.36 -6.32 -9.44
C THR A 52 10.00 -5.70 -9.16
N LEU A 53 9.64 -5.62 -7.89
CA LEU A 53 8.36 -5.05 -7.48
C LEU A 53 8.55 -3.74 -6.73
N GLY A 54 8.22 -2.63 -7.39
CA GLY A 54 8.37 -1.33 -6.77
C GLY A 54 7.26 -1.04 -5.79
N LEU A 55 7.54 -1.21 -4.50
CA LEU A 55 6.55 -0.97 -3.46
C LEU A 55 6.69 0.44 -2.89
N PHE A 56 5.62 1.22 -3.00
CA PHE A 56 5.61 2.59 -2.49
C PHE A 56 4.53 2.76 -1.43
N ASP A 57 4.95 3.13 -0.23
CA ASP A 57 4.02 3.34 0.87
C ASP A 57 3.67 4.81 1.04
N THR A 58 2.38 5.10 1.10
CA THR A 58 1.91 6.47 1.27
C THR A 58 1.69 6.79 2.74
N ALA A 59 1.16 7.97 3.02
CA ALA A 59 0.93 8.40 4.40
C ALA A 59 -0.53 8.18 4.81
N GLY A 60 -1.42 8.11 3.83
CA GLY A 60 -2.83 7.90 4.12
C GLY A 60 -3.41 9.01 4.98
N GLN A 61 -3.03 10.24 4.69
CA GLN A 61 -3.51 11.40 5.44
C GLN A 61 -3.72 12.61 4.54
N GLU A 62 -4.05 13.74 5.14
CA GLU A 62 -4.28 14.97 4.40
C GLU A 62 -3.15 15.97 4.65
N ASP A 63 -2.53 15.87 5.82
CA ASP A 63 -1.46 16.77 6.19
C ASP A 63 -0.23 16.56 5.31
N TYR A 64 -0.13 15.37 4.71
CA TYR A 64 1.00 15.06 3.85
C TYR A 64 0.60 15.11 2.38
N ASP A 65 -0.39 15.93 2.06
CA ASP A 65 -0.87 16.07 0.69
C ASP A 65 0.20 16.70 -0.20
N ARG A 66 1.16 17.40 0.42
CA ARG A 66 2.23 18.05 -0.31
C ARG A 66 3.13 17.03 -1.00
N LEU A 67 3.77 16.18 -0.21
CA LEU A 67 4.68 15.16 -0.74
C LEU A 67 3.94 13.84 -0.98
N ARG A 68 2.62 13.91 -1.10
CA ARG A 68 1.81 12.71 -1.32
C ARG A 68 1.85 12.24 -2.77
N PRO A 69 1.34 13.06 -3.71
CA PRO A 69 1.29 12.70 -5.14
C PRO A 69 2.66 12.31 -5.71
N LEU A 70 3.73 12.68 -4.99
CA LEU A 70 5.08 12.37 -5.43
C LEU A 70 5.21 10.91 -5.88
N SER A 71 4.36 10.05 -5.34
CA SER A 71 4.42 8.63 -5.67
C SER A 71 3.37 8.24 -6.70
N TYR A 72 2.71 9.22 -7.31
CA TYR A 72 1.66 8.96 -8.29
C TYR A 72 2.22 8.90 -9.72
N PRO A 73 3.03 9.89 -10.13
CA PRO A 73 3.59 9.95 -11.48
C PRO A 73 4.06 8.59 -11.98
N GLN A 74 5.03 8.00 -11.29
CA GLN A 74 5.57 6.71 -11.69
C GLN A 74 4.78 5.56 -11.07
N THR A 75 3.53 5.43 -11.47
CA THR A 75 2.66 4.38 -10.95
C THR A 75 2.00 3.59 -12.09
N ASP A 76 1.70 2.33 -11.82
CA ASP A 76 1.05 1.47 -12.79
C ASP A 76 -0.27 0.97 -12.22
N VAL A 77 -0.18 0.33 -11.07
CA VAL A 77 -1.37 -0.16 -10.38
C VAL A 77 -1.53 0.54 -9.03
N PHE A 78 -2.66 0.32 -8.37
CA PHE A 78 -2.92 0.96 -7.10
C PHE A 78 -3.47 -0.02 -6.08
N LEU A 79 -2.95 0.06 -4.86
CA LEU A 79 -3.39 -0.83 -3.78
C LEU A 79 -4.36 -0.11 -2.86
N VAL A 80 -5.65 -0.34 -3.07
CA VAL A 80 -6.68 0.28 -2.25
C VAL A 80 -7.04 -0.62 -1.07
N CYS A 81 -6.28 -0.49 0.01
CA CYS A 81 -6.54 -1.29 1.21
C CYS A 81 -7.65 -0.69 2.05
N PHE A 82 -8.79 -1.38 2.10
CA PHE A 82 -9.93 -0.88 2.86
C PHE A 82 -10.25 -1.84 4.02
N SER A 83 -10.61 -1.29 5.17
CA SER A 83 -10.93 -2.10 6.34
C SER A 83 -12.23 -2.86 6.14
N VAL A 84 -12.15 -4.18 6.20
CA VAL A 84 -13.31 -5.03 6.03
C VAL A 84 -14.28 -4.87 7.20
N VAL A 85 -13.73 -4.60 8.38
CA VAL A 85 -14.53 -4.42 9.59
C VAL A 85 -14.87 -2.95 9.83
N SER A 86 -15.08 -2.21 8.74
CA SER A 86 -15.42 -0.80 8.83
C SER A 86 -16.17 -0.34 7.59
N PRO A 87 -17.52 -0.33 7.65
CA PRO A 87 -18.35 0.10 6.52
C PRO A 87 -17.92 1.45 5.98
N SER A 88 -17.44 2.31 6.86
CA SER A 88 -17.01 3.65 6.47
C SER A 88 -16.07 3.60 5.27
N SER A 89 -15.01 2.82 5.40
CA SER A 89 -14.05 2.69 4.31
C SER A 89 -14.73 2.17 3.05
N PHE A 90 -15.56 1.14 3.22
CA PHE A 90 -16.29 0.53 2.11
C PHE A 90 -17.08 1.57 1.32
N GLU A 91 -17.78 2.45 2.02
CA GLU A 91 -18.60 3.48 1.37
C GLU A 91 -17.72 4.38 0.51
N ASN A 92 -16.66 4.90 1.10
CA ASN A 92 -15.73 5.77 0.39
C ASN A 92 -14.94 4.97 -0.64
N VAL A 93 -14.58 3.74 -0.27
CA VAL A 93 -13.84 2.85 -1.15
C VAL A 93 -14.36 2.94 -2.59
N LYS A 94 -15.68 2.94 -2.73
CA LYS A 94 -16.30 3.03 -4.05
C LYS A 94 -16.49 4.50 -4.46
N GLU A 95 -16.59 5.38 -3.47
CA GLU A 95 -16.80 6.80 -3.75
C GLU A 95 -15.85 7.68 -2.93
N LYS A 96 -14.55 7.51 -3.14
CA LYS A 96 -13.55 8.30 -2.42
C LYS A 96 -12.14 7.77 -2.65
N TRP A 97 -11.94 6.47 -2.45
CA TRP A 97 -10.62 5.87 -2.58
C TRP A 97 -10.20 5.76 -4.04
N VAL A 98 -11.01 5.10 -4.86
CA VAL A 98 -10.67 4.94 -6.28
C VAL A 98 -10.84 6.24 -7.06
N PRO A 99 -11.96 6.96 -6.87
CA PRO A 99 -12.21 8.22 -7.58
C PRO A 99 -11.01 9.17 -7.49
N GLU A 100 -10.42 9.25 -6.30
CA GLU A 100 -9.26 10.11 -6.08
C GLU A 100 -8.17 9.79 -7.09
N ILE A 101 -8.16 8.54 -7.56
CA ILE A 101 -7.16 8.09 -8.52
C ILE A 101 -7.68 8.26 -9.95
N THR A 102 -8.95 7.92 -10.16
CA THR A 102 -9.56 8.03 -11.47
C THR A 102 -9.36 9.41 -12.07
N HIS A 103 -9.41 10.43 -11.21
CA HIS A 103 -9.21 11.81 -11.65
C HIS A 103 -7.82 12.00 -12.24
N HIS A 104 -6.89 11.11 -11.90
CA HIS A 104 -5.53 11.19 -12.38
C HIS A 104 -5.25 10.12 -13.43
N CYS A 105 -5.68 8.89 -13.14
CA CYS A 105 -5.48 7.77 -14.05
C CYS A 105 -6.64 6.79 -13.98
N PRO A 106 -7.69 7.01 -14.81
CA PRO A 106 -8.88 6.16 -14.82
C PRO A 106 -8.71 4.92 -15.72
N LYS A 107 -7.48 4.68 -16.18
CA LYS A 107 -7.21 3.54 -17.04
C LYS A 107 -6.31 2.53 -16.33
N THR A 108 -5.40 3.03 -15.50
CA THR A 108 -4.47 2.18 -14.78
C THR A 108 -5.21 1.15 -13.93
N PRO A 109 -4.64 -0.05 -13.76
CA PRO A 109 -5.23 -1.11 -12.95
C PRO A 109 -5.51 -0.65 -11.52
N PHE A 110 -6.46 -1.30 -10.86
CA PHE A 110 -6.82 -0.95 -9.49
C PHE A 110 -7.00 -2.19 -8.63
N LEU A 111 -5.99 -2.48 -7.81
CA LEU A 111 -6.02 -3.61 -6.92
C LEU A 111 -6.91 -3.31 -5.71
N LEU A 112 -7.76 -4.26 -5.33
CA LEU A 112 -8.65 -4.09 -4.19
C LEU A 112 -8.19 -4.93 -3.01
N VAL A 113 -7.37 -4.34 -2.16
CA VAL A 113 -6.81 -5.03 -1.01
C VAL A 113 -7.74 -4.98 0.20
N GLY A 114 -7.96 -6.14 0.81
CA GLY A 114 -8.79 -6.21 2.00
C GLY A 114 -7.95 -6.53 3.23
N THR A 115 -7.81 -5.57 4.12
CA THR A 115 -6.99 -5.74 5.31
C THR A 115 -7.83 -5.75 6.58
N GLN A 116 -7.19 -6.03 7.71
CA GLN A 116 -7.87 -6.07 9.00
C GLN A 116 -8.62 -7.38 9.19
N ILE A 117 -7.94 -8.49 8.95
CA ILE A 117 -8.53 -9.82 9.09
C ILE A 117 -8.57 -10.23 10.56
N ASP A 118 -7.44 -10.05 11.24
CA ASP A 118 -7.34 -10.40 12.67
C ASP A 118 -8.59 -9.96 13.43
N LEU A 119 -9.07 -8.76 13.14
CA LEU A 119 -10.26 -8.23 13.78
C LEU A 119 -11.51 -8.84 13.13
N ARG A 120 -11.46 -8.98 11.81
CA ARG A 120 -12.58 -9.55 11.07
C ARG A 120 -12.94 -10.93 11.61
N ASP A 121 -11.96 -11.60 12.22
CA ASP A 121 -12.17 -12.92 12.79
C ASP A 121 -12.39 -12.84 14.29
N ASP A 122 -12.67 -11.63 14.80
CA ASP A 122 -12.90 -11.44 16.22
C ASP A 122 -14.37 -11.10 16.50
N PRO A 123 -15.25 -12.11 16.46
CA PRO A 123 -16.68 -11.91 16.72
C PRO A 123 -16.95 -10.99 17.90
N SER A 124 -16.02 -10.97 18.85
CA SER A 124 -16.17 -10.14 20.04
C SER A 124 -16.40 -8.68 19.67
N THR A 125 -15.68 -8.22 18.65
CA THR A 125 -15.83 -6.83 18.19
C THR A 125 -16.84 -6.75 17.07
N ILE A 126 -16.76 -7.71 16.16
CA ILE A 126 -17.69 -7.78 15.04
C ILE A 126 -19.13 -7.70 15.54
N GLU A 127 -19.45 -8.53 16.52
CA GLU A 127 -20.78 -8.57 17.09
C GLU A 127 -21.03 -7.33 17.96
N LYS A 128 -19.96 -6.79 18.51
CA LYS A 128 -20.04 -5.62 19.38
C LYS A 128 -20.60 -4.41 18.63
N LEU A 129 -20.08 -4.15 17.44
CA LEU A 129 -20.54 -3.01 16.65
C LEU A 129 -21.56 -3.43 15.61
N ALA A 130 -21.56 -4.70 15.25
CA ALA A 130 -22.49 -5.22 14.26
C ALA A 130 -23.92 -4.73 14.48
N LYS A 131 -24.24 -4.39 15.73
CA LYS A 131 -25.58 -3.93 16.07
C LYS A 131 -25.56 -2.55 16.73
N ASN A 132 -24.45 -1.84 16.62
CA ASN A 132 -24.34 -0.50 17.22
C ASN A 132 -24.27 0.58 16.16
N LYS A 133 -23.68 0.26 15.02
CA LYS A 133 -23.55 1.22 13.93
C LYS A 133 -22.64 0.71 12.81
N GLN A 134 -21.69 -0.12 13.20
CA GLN A 134 -20.73 -0.66 12.25
C GLN A 134 -21.06 -2.10 11.87
N LYS A 135 -20.35 -2.64 10.88
CA LYS A 135 -20.57 -4.00 10.42
C LYS A 135 -19.49 -4.42 9.42
N PRO A 136 -19.06 -5.68 9.46
CA PRO A 136 -18.04 -6.20 8.55
C PRO A 136 -18.53 -6.30 7.11
N ILE A 137 -17.59 -6.36 6.17
CA ILE A 137 -17.94 -6.47 4.75
C ILE A 137 -17.71 -7.88 4.23
N THR A 138 -18.68 -8.40 3.48
CA THR A 138 -18.58 -9.74 2.93
C THR A 138 -17.79 -9.73 1.62
N PRO A 139 -17.10 -10.85 1.32
CA PRO A 139 -16.30 -10.97 0.10
C PRO A 139 -17.11 -10.64 -1.15
N GLU A 140 -18.39 -11.01 -1.14
CA GLU A 140 -19.28 -10.74 -2.26
C GLU A 140 -19.54 -9.25 -2.40
N THR A 141 -19.59 -8.56 -1.26
CA THR A 141 -19.81 -7.11 -1.26
C THR A 141 -18.57 -6.39 -1.74
N ALA A 142 -17.40 -6.88 -1.35
CA ALA A 142 -16.13 -6.30 -1.77
C ALA A 142 -15.89 -6.55 -3.25
N GLU A 143 -16.19 -7.77 -3.69
CA GLU A 143 -16.04 -8.14 -5.09
C GLU A 143 -16.75 -7.14 -5.98
N LYS A 144 -18.05 -6.99 -5.76
CA LYS A 144 -18.87 -6.05 -6.52
C LYS A 144 -18.13 -4.73 -6.74
N LEU A 145 -17.62 -4.16 -5.65
CA LEU A 145 -16.86 -2.93 -5.74
C LEU A 145 -15.65 -3.12 -6.64
N ALA A 146 -14.99 -4.28 -6.47
CA ALA A 146 -13.85 -4.62 -7.30
C ALA A 146 -14.20 -4.51 -8.78
N ARG A 147 -15.49 -4.72 -9.08
CA ARG A 147 -15.98 -4.63 -10.44
C ARG A 147 -16.60 -3.25 -10.69
N ASP A 148 -17.14 -2.64 -9.64
CA ASP A 148 -17.75 -1.32 -9.74
C ASP A 148 -16.69 -0.26 -10.02
N LEU A 149 -15.48 -0.50 -9.54
CA LEU A 149 -14.38 0.44 -9.73
C LEU A 149 -13.38 -0.09 -10.76
N LYS A 150 -13.83 -1.02 -11.60
CA LYS A 150 -12.96 -1.60 -12.62
C LYS A 150 -11.72 -2.20 -11.98
N ALA A 151 -11.82 -2.56 -10.70
CA ALA A 151 -10.70 -3.14 -9.97
C ALA A 151 -10.25 -4.45 -10.60
N VAL A 152 -8.94 -4.58 -10.79
CA VAL A 152 -8.36 -5.78 -11.38
C VAL A 152 -8.84 -7.04 -10.68
N LYS A 153 -8.98 -6.97 -9.36
CA LYS A 153 -9.41 -8.12 -8.56
C LYS A 153 -9.50 -7.78 -7.09
N TYR A 154 -10.26 -8.58 -6.35
CA TYR A 154 -10.42 -8.38 -4.90
C TYR A 154 -9.71 -9.48 -4.12
N VAL A 155 -8.78 -9.08 -3.26
CA VAL A 155 -8.03 -10.04 -2.46
C VAL A 155 -7.67 -9.46 -1.08
N GLU A 156 -7.92 -10.24 -0.03
CA GLU A 156 -7.62 -9.80 1.33
C GLU A 156 -6.22 -10.28 1.74
N CYS A 157 -5.70 -9.71 2.82
CA CYS A 157 -4.37 -10.07 3.30
C CYS A 157 -4.16 -9.68 4.76
N SER A 158 -3.12 -10.26 5.36
CA SER A 158 -2.75 -9.98 6.73
C SER A 158 -1.24 -9.79 6.83
N ALA A 159 -0.73 -9.72 8.05
CA ALA A 159 0.70 -9.56 8.25
C ALA A 159 1.21 -10.42 9.40
N LEU A 160 0.51 -10.35 10.54
CA LEU A 160 0.88 -11.15 11.69
C LEU A 160 0.97 -12.62 11.32
N THR A 161 -0.09 -13.12 10.68
CA THR A 161 -0.16 -14.52 10.28
C THR A 161 0.18 -14.70 8.80
N GLN A 162 0.02 -13.63 8.03
CA GLN A 162 0.31 -13.66 6.59
C GLN A 162 -0.82 -14.35 5.83
N LYS A 163 -2.02 -14.35 6.39
CA LYS A 163 -3.17 -14.96 5.75
C LYS A 163 -3.39 -14.37 4.37
N GLY A 164 -2.98 -15.09 3.34
CA GLY A 164 -3.12 -14.60 1.98
C GLY A 164 -2.43 -13.27 1.78
N LEU A 165 -1.42 -13.01 2.60
CA LEU A 165 -0.67 -11.76 2.53
C LEU A 165 -0.11 -11.53 1.13
N LYS A 166 1.00 -12.19 0.83
CA LYS A 166 1.66 -12.03 -0.46
C LYS A 166 0.69 -12.32 -1.61
N ASN A 167 -0.15 -13.32 -1.42
CA ASN A 167 -1.14 -13.71 -2.45
C ASN A 167 -1.82 -12.47 -3.05
N VAL A 168 -1.97 -11.44 -2.24
CA VAL A 168 -2.59 -10.20 -2.69
C VAL A 168 -1.67 -9.45 -3.66
N PHE A 169 -0.42 -9.28 -3.25
CA PHE A 169 0.55 -8.59 -4.08
C PHE A 169 0.74 -9.32 -5.41
N ASP A 170 0.53 -10.63 -5.38
CA ASP A 170 0.62 -11.43 -6.60
C ASP A 170 -0.46 -11.00 -7.59
N GLU A 171 -1.57 -10.51 -7.06
CA GLU A 171 -2.67 -10.03 -7.88
C GLU A 171 -2.39 -8.60 -8.34
N ALA A 172 -1.75 -7.82 -7.48
CA ALA A 172 -1.42 -6.44 -7.81
C ALA A 172 -0.51 -6.37 -9.03
N ILE A 173 0.72 -6.85 -8.88
CA ILE A 173 1.68 -6.89 -9.98
C ILE A 173 1.03 -7.45 -11.25
N LEU A 174 0.46 -8.64 -11.11
CA LEU A 174 -0.24 -9.30 -12.21
C LEU A 174 -1.16 -8.31 -12.93
N ALA A 175 -1.66 -7.33 -12.17
CA ALA A 175 -2.54 -6.31 -12.73
C ALA A 175 -1.74 -5.14 -13.29
N ALA A 176 -0.79 -4.63 -12.50
CA ALA A 176 0.05 -3.52 -12.94
C ALA A 176 0.67 -3.82 -14.30
N LEU A 177 1.05 -5.08 -14.51
CA LEU A 177 1.65 -5.50 -15.76
C LEU A 177 0.57 -5.75 -16.82
N GLU A 178 0.98 -6.28 -17.97
CA GLU A 178 0.06 -6.53 -19.07
C GLU A 178 0.68 -7.43 -20.13
N PRO A 179 -0.15 -8.06 -20.98
CA PRO A 179 0.32 -8.91 -22.07
C PRO A 179 1.50 -8.28 -22.81
N LYS B 1 4.82 -12.83 -25.38
CA LYS B 1 3.81 -12.03 -24.63
C LYS B 1 4.32 -11.64 -23.26
N LYS B 2 3.65 -10.68 -22.63
CA LYS B 2 4.04 -10.21 -21.30
C LYS B 2 2.92 -10.44 -20.29
N LYS B 3 2.09 -11.44 -20.57
CA LYS B 3 0.97 -11.79 -19.69
C LYS B 3 1.45 -12.48 -18.44
N ILE B 4 1.15 -11.83 -17.33
CA ILE B 4 1.43 -12.40 -16.03
C ILE B 4 0.24 -13.23 -15.63
N SER B 5 0.50 -14.31 -14.94
CA SER B 5 -0.58 -15.15 -14.49
C SER B 5 -0.46 -15.38 -12.98
N LYS B 6 -1.58 -15.60 -12.32
CA LYS B 6 -1.59 -15.80 -10.87
C LYS B 6 -0.50 -16.79 -10.43
N ALA B 7 -0.14 -17.71 -11.32
CA ALA B 7 0.87 -18.71 -11.02
C ALA B 7 2.28 -18.28 -11.44
N ASP B 8 2.38 -17.11 -12.07
CA ASP B 8 3.68 -16.62 -12.51
C ASP B 8 4.45 -15.96 -11.36
N ILE B 9 3.95 -14.83 -10.88
CA ILE B 9 4.60 -14.13 -9.78
C ILE B 9 4.84 -15.07 -8.60
N GLY B 10 6.05 -15.62 -8.53
CA GLY B 10 6.36 -16.54 -7.45
C GLY B 10 6.38 -15.86 -6.10
N ALA B 11 7.01 -16.50 -5.12
CA ALA B 11 7.12 -15.93 -3.78
C ALA B 11 8.21 -14.86 -3.74
N PRO B 12 7.90 -13.70 -3.14
CA PRO B 12 8.86 -12.60 -3.03
C PRO B 12 10.21 -13.07 -2.50
N SER B 13 11.24 -12.24 -2.66
CA SER B 13 12.58 -12.58 -2.20
C SER B 13 13.60 -11.58 -2.73
N GLY B 14 13.68 -10.42 -2.08
CA GLY B 14 14.62 -9.40 -2.49
C GLY B 14 14.31 -8.05 -1.89
N PHE B 15 13.92 -8.05 -0.62
CA PHE B 15 13.57 -6.82 0.08
C PHE B 15 14.65 -5.76 -0.13
N LYS B 16 14.30 -4.72 -0.88
CA LYS B 16 15.25 -3.64 -1.17
C LYS B 16 14.77 -2.33 -0.59
N HIS B 17 15.35 -1.95 0.55
CA HIS B 17 15.00 -0.68 1.18
C HIS B 17 15.47 0.47 0.30
N VAL B 18 14.64 0.84 -0.66
CA VAL B 18 14.97 1.89 -1.60
C VAL B 18 15.00 3.26 -0.91
N SER B 19 14.20 3.40 0.14
CA SER B 19 14.13 4.65 0.88
C SER B 19 13.51 4.44 2.26
N HIS B 20 14.06 5.10 3.27
CA HIS B 20 13.56 4.96 4.63
C HIS B 20 13.29 6.33 5.26
N VAL B 21 12.02 6.58 5.58
CA VAL B 21 11.63 7.84 6.20
C VAL B 21 11.08 7.60 7.61
N GLY B 22 11.84 8.04 8.61
CA GLY B 22 11.42 7.84 9.99
C GLY B 22 11.04 9.14 10.68
N TRP B 23 9.75 9.41 10.73
CA TRP B 23 9.26 10.64 11.37
C TRP B 23 9.47 10.57 12.88
N ASP B 24 9.47 11.74 13.52
CA ASP B 24 9.67 11.82 14.97
C ASP B 24 9.16 13.17 15.49
N PRO B 25 8.22 13.15 16.44
CA PRO B 25 7.65 14.38 17.01
C PRO B 25 8.66 15.20 17.82
N GLN B 26 9.85 14.65 18.00
CA GLN B 26 10.89 15.34 18.76
C GLN B 26 12.06 15.76 17.87
N ASN B 27 12.26 15.03 16.78
CA ASN B 27 13.35 15.32 15.86
C ASN B 27 12.84 15.84 14.52
N GLY B 28 11.68 15.34 14.10
CA GLY B 28 11.10 15.77 12.84
C GLY B 28 11.77 15.12 11.64
N PHE B 29 11.24 13.99 11.22
CA PHE B 29 11.76 13.26 10.07
C PHE B 29 13.21 12.85 10.30
N ASP B 30 13.49 11.56 10.12
CA ASP B 30 14.84 11.03 10.29
C ASP B 30 15.29 10.30 9.03
N VAL B 31 14.94 10.87 7.88
CA VAL B 31 15.30 10.27 6.59
C VAL B 31 16.80 10.28 6.37
N ASN B 32 17.37 9.12 6.10
CA ASN B 32 18.80 8.99 5.87
C ASN B 32 19.07 8.13 4.63
N ASN B 33 18.10 8.07 3.73
CA ASN B 33 18.26 7.28 2.51
C ASN B 33 17.08 7.47 1.56
N LEU B 34 16.51 8.68 1.53
CA LEU B 34 15.38 8.95 0.65
C LEU B 34 15.79 8.73 -0.81
N ASP B 35 14.81 8.69 -1.70
CA ASP B 35 15.08 8.46 -3.12
C ASP B 35 15.76 9.67 -3.75
N PRO B 36 16.50 9.46 -4.85
CA PRO B 36 17.20 10.54 -5.56
C PRO B 36 16.22 11.56 -6.13
N ASP B 37 15.27 11.09 -6.92
CA ASP B 37 14.26 11.96 -7.52
C ASP B 37 13.32 12.49 -6.45
N LEU B 38 13.01 11.64 -5.47
CA LEU B 38 12.14 12.05 -4.38
C LEU B 38 12.84 13.03 -3.46
N ARG B 39 14.17 12.96 -3.44
CA ARG B 39 14.97 13.88 -2.62
C ARG B 39 14.66 15.32 -2.97
N SER B 40 14.39 15.57 -4.25
CA SER B 40 14.08 16.91 -4.72
C SER B 40 12.61 17.23 -4.50
N LEU B 41 11.77 16.22 -4.58
CA LEU B 41 10.33 16.39 -4.41
C LEU B 41 9.96 16.47 -2.93
N PHE B 42 10.70 15.75 -2.09
CA PHE B 42 10.43 15.75 -0.66
C PHE B 42 10.77 17.11 -0.05
N SER B 43 12.02 17.53 -0.22
CA SER B 43 12.47 18.81 0.29
C SER B 43 11.65 19.95 -0.32
N ARG B 44 11.05 19.68 -1.47
CA ARG B 44 10.23 20.67 -2.14
C ARG B 44 8.76 20.57 -1.74
N ALA B 45 8.37 19.39 -1.25
CA ALA B 45 6.98 19.15 -0.87
C ALA B 45 6.71 19.50 0.59
N GLY B 46 6.69 18.50 1.47
CA GLY B 46 6.43 18.76 2.88
C GLY B 46 7.70 18.95 3.68
N ILE B 47 8.83 18.56 3.11
CA ILE B 47 10.10 18.70 3.78
C ILE B 47 10.83 19.94 3.31
N SER B 48 10.06 20.97 3.01
CA SER B 48 10.60 22.23 2.54
C SER B 48 10.69 23.27 3.65
N GLU B 49 10.56 22.81 4.87
CA GLU B 49 10.68 23.68 6.04
C GLU B 49 12.13 24.06 6.27
N ALA B 50 13.04 23.39 5.59
CA ALA B 50 14.48 23.64 5.72
C ALA B 50 15.29 22.59 4.96
N GLN B 51 16.32 23.04 4.27
CA GLN B 51 17.18 22.14 3.50
C GLN B 51 17.68 20.99 4.38
N LEU B 52 18.23 19.97 3.74
CA LEU B 52 18.75 18.81 4.46
C LEU B 52 20.15 19.09 5.01
N THR B 53 20.27 19.10 6.33
CA THR B 53 21.54 19.36 6.99
C THR B 53 21.87 18.34 8.06
N ASP B 54 21.08 17.28 8.11
CA ASP B 54 21.28 16.22 9.09
C ASP B 54 22.72 15.76 9.12
N ALA B 55 23.49 16.26 10.09
CA ALA B 55 24.90 15.90 10.22
C ALA B 55 25.71 16.42 9.04
N GLU B 56 26.77 17.16 9.34
CA GLU B 56 27.63 17.70 8.29
C GLU B 56 28.36 16.59 7.55
N THR B 57 28.70 16.85 6.29
CA THR B 57 29.40 15.87 5.47
C THR B 57 30.80 15.61 6.01
N SER B 58 31.17 14.33 6.08
CA SER B 58 32.48 13.93 6.58
C SER B 58 33.56 14.20 5.54
N LYS B 59 34.51 15.07 5.88
CA LYS B 59 35.59 15.41 4.98
C LYS B 59 36.58 14.25 4.86
N MET A 1 5.85 -14.02 -18.75
CA MET A 1 6.25 -13.29 -17.53
C MET A 1 5.24 -12.22 -17.17
N GLN A 2 4.12 -12.65 -16.58
CA GLN A 2 3.07 -11.72 -16.18
C GLN A 2 3.31 -11.18 -14.79
N THR A 3 3.03 -9.89 -14.60
CA THR A 3 3.21 -9.25 -13.30
C THR A 3 2.10 -8.23 -13.04
N ILE A 4 1.64 -8.16 -11.80
CA ILE A 4 0.58 -7.23 -11.43
C ILE A 4 1.16 -5.93 -10.89
N LYS A 5 0.82 -4.82 -11.53
CA LYS A 5 1.26 -3.52 -11.09
C LYS A 5 0.52 -3.14 -9.82
N CYS A 6 0.89 -3.77 -8.71
CA CYS A 6 0.24 -3.51 -7.44
C CYS A 6 0.89 -2.33 -6.73
N VAL A 7 0.11 -1.28 -6.54
CA VAL A 7 0.60 -0.07 -5.87
C VAL A 7 -0.32 0.31 -4.72
N VAL A 8 0.27 0.48 -3.54
CA VAL A 8 -0.51 0.83 -2.35
C VAL A 8 -0.68 2.34 -2.23
N VAL A 9 -1.81 2.75 -1.66
CA VAL A 9 -2.12 4.16 -1.48
C VAL A 9 -2.73 4.42 -0.11
N GLY A 10 -2.17 5.37 0.62
CA GLY A 10 -2.67 5.69 1.95
C GLY A 10 -1.67 6.45 2.78
N ASP A 11 -2.15 7.14 3.81
CA ASP A 11 -1.28 7.91 4.69
C ASP A 11 -0.10 7.08 5.15
N GLY A 12 1.06 7.71 5.26
CA GLY A 12 2.26 7.02 5.70
C GLY A 12 2.26 6.74 7.18
N ALA A 13 1.30 5.94 7.64
CA ALA A 13 1.19 5.60 9.05
C ALA A 13 0.04 4.63 9.29
N VAL A 14 -0.18 3.72 8.34
CA VAL A 14 -1.25 2.74 8.46
C VAL A 14 -0.71 1.40 8.92
N GLY A 15 0.38 0.96 8.30
CA GLY A 15 0.99 -0.31 8.68
C GLY A 15 1.05 -1.30 7.53
N LYS A 16 0.94 -0.80 6.30
CA LYS A 16 0.95 -1.66 5.13
C LYS A 16 2.25 -2.48 5.03
N THR A 17 3.39 -1.81 5.03
CA THR A 17 4.68 -2.47 4.92
C THR A 17 4.76 -3.66 5.88
N CYS A 18 4.17 -3.51 7.06
CA CYS A 18 4.17 -4.57 8.06
C CYS A 18 3.32 -5.76 7.59
N LEU A 19 2.35 -5.48 6.73
CA LEU A 19 1.45 -6.52 6.23
C LEU A 19 2.02 -7.13 4.94
N LEU A 20 2.48 -6.30 4.00
CA LEU A 20 3.08 -6.80 2.78
C LEU A 20 4.13 -7.86 3.07
N ILE A 21 4.96 -7.60 4.08
CA ILE A 21 6.00 -8.53 4.48
C ILE A 21 5.39 -9.80 5.06
N SER A 22 4.79 -9.68 6.24
CA SER A 22 4.17 -10.81 6.90
C SER A 22 3.21 -11.53 5.95
N TYR A 23 2.71 -10.79 4.96
CA TYR A 23 1.78 -11.34 3.98
C TYR A 23 2.43 -12.51 3.22
N THR A 24 3.69 -12.33 2.83
CA THR A 24 4.41 -13.36 2.09
C THR A 24 5.50 -14.01 2.95
N THR A 25 5.89 -13.36 4.03
CA THR A 25 6.92 -13.89 4.91
C THR A 25 6.31 -14.62 6.10
N ASN A 26 5.06 -14.29 6.41
CA ASN A 26 4.36 -14.92 7.53
C ASN A 26 4.94 -14.47 8.88
N LYS A 27 5.73 -13.41 8.86
CA LYS A 27 6.34 -12.90 10.09
C LYS A 27 6.05 -11.41 10.27
N PHE A 28 5.96 -10.98 11.52
CA PHE A 28 5.71 -9.58 11.84
C PHE A 28 6.98 -8.89 12.32
N PRO A 29 7.57 -8.00 11.50
CA PRO A 29 8.80 -7.28 11.86
C PRO A 29 8.60 -6.34 13.04
N SER A 30 9.71 -6.02 13.72
CA SER A 30 9.66 -5.12 14.87
C SER A 30 10.42 -3.82 14.57
N GLU A 31 11.27 -3.84 13.55
CA GLU A 31 12.04 -2.66 13.17
C GLU A 31 11.12 -1.46 12.97
N TYR A 32 11.72 -0.26 12.99
CA TYR A 32 10.96 0.96 12.80
C TYR A 32 11.75 1.97 11.97
N VAL A 33 11.31 2.20 10.74
CA VAL A 33 11.99 3.14 9.86
C VAL A 33 11.15 3.38 8.61
N PRO A 34 11.08 4.65 8.14
CA PRO A 34 10.30 5.02 6.96
C PRO A 34 10.58 4.11 5.77
N THR A 35 9.58 3.93 4.92
CA THR A 35 9.71 3.08 3.74
C THR A 35 9.39 3.86 2.48
N VAL A 36 10.37 4.61 1.98
CA VAL A 36 10.19 5.41 0.78
C VAL A 36 9.59 4.58 -0.36
N PHE A 37 10.43 3.77 -1.00
CA PHE A 37 9.99 2.95 -2.11
C PHE A 37 10.60 1.55 -2.05
N ASP A 38 9.88 0.63 -1.41
CA ASP A 38 10.34 -0.75 -1.30
C ASP A 38 9.49 -1.64 -2.20
N ASN A 39 10.07 -2.07 -3.31
CA ASN A 39 9.36 -2.90 -4.27
C ASN A 39 9.76 -4.37 -4.17
N TYR A 40 8.78 -5.22 -3.90
CA TYR A 40 9.01 -6.66 -3.82
C TYR A 40 8.20 -7.38 -4.89
N ALA A 41 8.59 -8.62 -5.21
CA ALA A 41 7.89 -9.39 -6.23
C ALA A 41 7.53 -10.78 -5.71
N VAL A 42 6.23 -11.07 -5.70
CA VAL A 42 5.75 -12.37 -5.24
C VAL A 42 5.37 -13.25 -6.44
N THR A 43 5.58 -14.55 -6.28
CA THR A 43 5.27 -15.51 -7.32
C THR A 43 4.02 -16.31 -6.94
N VAL A 44 3.01 -16.26 -7.81
CA VAL A 44 1.76 -16.96 -7.55
C VAL A 44 1.24 -17.66 -8.81
N MET A 45 0.42 -18.67 -8.62
CA MET A 45 -0.16 -19.40 -9.73
C MET A 45 -1.55 -18.87 -10.06
N ILE A 46 -1.60 -17.86 -10.91
CA ILE A 46 -2.87 -17.23 -11.29
C ILE A 46 -3.38 -17.78 -12.61
N GLY A 47 -4.59 -18.34 -12.59
CA GLY A 47 -5.18 -18.88 -13.80
C GLY A 47 -4.39 -20.04 -14.35
N GLY A 48 -3.97 -20.95 -13.47
CA GLY A 48 -3.21 -22.10 -13.90
C GLY A 48 -1.90 -21.72 -14.58
N GLU A 49 -1.39 -20.54 -14.24
CA GLU A 49 -0.14 -20.07 -14.81
C GLU A 49 0.70 -19.32 -13.78
N PRO A 50 2.03 -19.51 -13.79
CA PRO A 50 2.93 -18.84 -12.86
C PRO A 50 3.02 -17.35 -13.11
N TYR A 51 2.64 -16.56 -12.11
CA TYR A 51 2.66 -15.11 -12.23
C TYR A 51 3.69 -14.50 -11.28
N THR A 52 3.80 -13.17 -11.31
CA THR A 52 4.75 -12.46 -10.46
C THR A 52 4.15 -11.15 -9.96
N LEU A 53 3.41 -11.23 -8.86
CA LEU A 53 2.77 -10.04 -8.30
C LEU A 53 3.79 -8.92 -8.09
N GLY A 54 3.47 -7.75 -8.62
CA GLY A 54 4.35 -6.60 -8.48
C GLY A 54 3.95 -5.71 -7.31
N LEU A 55 4.65 -5.85 -6.20
CA LEU A 55 4.35 -5.07 -5.00
C LEU A 55 5.09 -3.74 -5.02
N PHE A 56 4.36 -2.65 -4.82
CA PHE A 56 4.94 -1.32 -4.82
C PHE A 56 4.54 -0.53 -3.56
N ASP A 57 5.54 -0.06 -2.83
CA ASP A 57 5.30 0.72 -1.62
C ASP A 57 5.68 2.18 -1.85
N THR A 58 4.77 3.09 -1.53
CA THR A 58 5.02 4.52 -1.73
C THR A 58 4.83 5.30 -0.44
N ALA A 59 5.53 6.43 -0.33
CA ALA A 59 5.44 7.29 0.85
C ALA A 59 4.05 7.93 0.93
N GLY A 60 3.85 8.78 1.94
CA GLY A 60 2.56 9.43 2.09
C GLY A 60 2.62 10.69 2.93
N GLN A 61 3.55 11.58 2.60
CA GLN A 61 3.68 12.84 3.34
C GLN A 61 4.01 14.00 2.41
N GLU A 62 3.92 13.76 1.10
CA GLU A 62 4.13 14.80 0.10
C GLU A 62 5.55 15.34 0.06
N ASP A 63 6.43 14.87 0.95
CA ASP A 63 7.80 15.36 0.99
C ASP A 63 8.59 14.91 -0.23
N TYR A 64 8.50 13.62 -0.54
CA TYR A 64 9.21 13.07 -1.68
C TYR A 64 8.27 12.94 -2.89
N ASP A 65 7.25 13.80 -2.92
CA ASP A 65 6.29 13.79 -4.01
C ASP A 65 6.98 13.98 -5.36
N ARG A 66 8.19 14.54 -5.33
CA ARG A 66 8.95 14.79 -6.55
C ARG A 66 8.98 13.55 -7.45
N LEU A 67 9.10 12.37 -6.83
CA LEU A 67 9.17 11.13 -7.59
C LEU A 67 8.15 10.11 -7.07
N ARG A 68 7.15 10.58 -6.33
CA ARG A 68 6.13 9.69 -5.77
C ARG A 68 5.21 9.11 -6.86
N PRO A 69 4.74 9.96 -7.81
CA PRO A 69 3.85 9.51 -8.88
C PRO A 69 4.54 8.56 -9.87
N LEU A 70 5.86 8.57 -9.86
CA LEU A 70 6.65 7.74 -10.77
C LEU A 70 6.45 6.24 -10.48
N SER A 71 5.83 5.92 -9.37
CA SER A 71 5.63 4.53 -8.98
C SER A 71 4.32 3.96 -9.52
N TYR A 72 3.74 4.62 -10.52
CA TYR A 72 2.48 4.16 -11.11
C TYR A 72 2.53 4.15 -12.64
N PRO A 73 3.65 3.72 -13.26
CA PRO A 73 3.78 3.67 -14.71
C PRO A 73 2.50 3.22 -15.41
N GLN A 74 2.05 2.02 -15.06
CA GLN A 74 0.82 1.48 -15.62
C GLN A 74 0.02 0.76 -14.54
N THR A 75 -0.43 1.53 -13.55
CA THR A 75 -1.20 0.98 -12.44
C THR A 75 -2.19 -0.09 -12.88
N ASP A 76 -2.19 -1.22 -12.17
CA ASP A 76 -3.11 -2.31 -12.45
C ASP A 76 -4.20 -2.38 -11.40
N VAL A 77 -3.92 -1.84 -10.22
CA VAL A 77 -4.90 -1.79 -9.14
C VAL A 77 -4.46 -0.78 -8.08
N PHE A 78 -5.33 -0.51 -7.11
CA PHE A 78 -5.04 0.44 -6.07
C PHE A 78 -5.38 -0.11 -4.69
N LEU A 79 -4.36 -0.25 -3.86
CA LEU A 79 -4.54 -0.75 -2.50
C LEU A 79 -4.70 0.40 -1.52
N VAL A 80 -5.94 0.70 -1.15
CA VAL A 80 -6.22 1.80 -0.23
C VAL A 80 -6.45 1.28 1.18
N CYS A 81 -5.38 1.19 1.97
CA CYS A 81 -5.47 0.73 3.33
C CYS A 81 -5.81 1.90 4.27
N PHE A 82 -7.01 1.88 4.82
CA PHE A 82 -7.44 2.94 5.72
C PHE A 82 -7.72 2.39 7.12
N SER A 83 -7.22 3.09 8.13
CA SER A 83 -7.41 2.67 9.51
C SER A 83 -8.89 2.53 9.84
N VAL A 84 -9.29 1.32 10.23
CA VAL A 84 -10.68 1.05 10.58
C VAL A 84 -11.09 1.84 11.83
N VAL A 85 -10.13 2.11 12.69
CA VAL A 85 -10.38 2.84 13.92
C VAL A 85 -10.15 4.34 13.73
N SER A 86 -10.25 4.80 12.49
CA SER A 86 -10.06 6.21 12.17
C SER A 86 -11.05 6.66 11.10
N PRO A 87 -12.09 7.42 11.48
CA PRO A 87 -13.11 7.89 10.53
C PRO A 87 -12.54 8.89 9.52
N SER A 88 -11.42 9.51 9.88
CA SER A 88 -10.78 10.49 9.01
C SER A 88 -10.29 9.84 7.73
N SER A 89 -9.40 8.86 7.86
CA SER A 89 -8.86 8.15 6.70
C SER A 89 -9.98 7.62 5.82
N PHE A 90 -10.98 7.01 6.45
CA PHE A 90 -12.12 6.46 5.72
C PHE A 90 -12.90 7.56 5.04
N GLU A 91 -13.18 8.64 5.78
CA GLU A 91 -13.89 9.78 5.22
C GLU A 91 -13.13 10.35 4.03
N ASN A 92 -11.82 10.10 4.00
CA ASN A 92 -10.98 10.56 2.90
C ASN A 92 -10.91 9.48 1.82
N VAL A 93 -10.96 8.24 2.25
CA VAL A 93 -10.95 7.12 1.34
C VAL A 93 -12.10 7.22 0.34
N LYS A 94 -13.26 7.58 0.87
CA LYS A 94 -14.46 7.74 0.05
C LYS A 94 -14.45 9.09 -0.66
N GLU A 95 -13.68 10.04 -0.13
CA GLU A 95 -13.62 11.38 -0.72
C GLU A 95 -12.24 12.00 -0.58
N LYS A 96 -11.24 11.37 -1.22
CA LYS A 96 -9.88 11.86 -1.16
C LYS A 96 -8.92 10.96 -1.93
N TRP A 97 -8.84 9.69 -1.54
CA TRP A 97 -7.93 8.74 -2.17
C TRP A 97 -8.51 8.21 -3.48
N VAL A 98 -9.82 7.98 -3.49
CA VAL A 98 -10.48 7.46 -4.70
C VAL A 98 -10.61 8.54 -5.77
N PRO A 99 -11.29 9.66 -5.48
CA PRO A 99 -11.47 10.75 -6.45
C PRO A 99 -10.15 11.25 -7.04
N GLU A 100 -9.08 11.16 -6.26
CA GLU A 100 -7.77 11.61 -6.71
C GLU A 100 -7.27 10.76 -7.87
N ILE A 101 -7.67 9.49 -7.90
CA ILE A 101 -7.26 8.58 -8.96
C ILE A 101 -8.33 8.52 -10.05
N THR A 102 -9.59 8.56 -9.64
CA THR A 102 -10.70 8.53 -10.59
C THR A 102 -10.51 9.60 -11.65
N HIS A 103 -9.80 10.66 -11.29
CA HIS A 103 -9.53 11.76 -12.21
C HIS A 103 -8.48 11.34 -13.23
N HIS A 104 -7.56 10.49 -12.82
CA HIS A 104 -6.50 10.00 -13.69
C HIS A 104 -6.92 8.71 -14.39
N CYS A 105 -7.48 7.79 -13.61
CA CYS A 105 -7.92 6.50 -14.15
C CYS A 105 -9.12 5.97 -13.36
N PRO A 106 -10.34 6.42 -13.70
CA PRO A 106 -11.56 6.00 -13.02
C PRO A 106 -12.08 4.65 -13.52
N LYS A 107 -11.29 3.98 -14.35
CA LYS A 107 -11.68 2.68 -14.89
C LYS A 107 -10.92 1.55 -14.21
N THR A 108 -9.67 1.82 -13.85
CA THR A 108 -8.83 0.84 -13.18
C THR A 108 -9.50 0.31 -11.91
N PRO A 109 -9.15 -0.93 -11.51
CA PRO A 109 -9.70 -1.55 -10.30
C PRO A 109 -9.21 -0.84 -9.03
N PHE A 110 -10.04 -0.85 -7.99
CA PHE A 110 -9.69 -0.18 -6.74
C PHE A 110 -9.96 -1.06 -5.54
N LEU A 111 -8.92 -1.73 -5.05
CA LEU A 111 -9.04 -2.60 -3.90
C LEU A 111 -9.14 -1.79 -2.60
N LEU A 112 -10.23 -1.96 -1.87
CA LEU A 112 -10.44 -1.24 -0.62
C LEU A 112 -9.94 -2.05 0.56
N VAL A 113 -8.73 -1.75 1.02
CA VAL A 113 -8.12 -2.46 2.13
C VAL A 113 -8.44 -1.78 3.46
N GLY A 114 -8.61 -2.60 4.50
CA GLY A 114 -8.90 -2.07 5.82
C GLY A 114 -7.93 -2.59 6.87
N THR A 115 -7.05 -1.71 7.35
CA THR A 115 -6.05 -2.10 8.33
C THR A 115 -6.39 -1.51 9.70
N GLN A 116 -5.61 -1.89 10.71
CA GLN A 116 -5.80 -1.41 12.07
C GLN A 116 -6.92 -2.16 12.79
N ILE A 117 -6.92 -3.48 12.64
CA ILE A 117 -7.92 -4.33 13.29
C ILE A 117 -7.54 -4.54 14.75
N ASP A 118 -6.25 -4.67 15.00
CA ASP A 118 -5.73 -4.88 16.35
C ASP A 118 -6.39 -3.92 17.34
N LEU A 119 -6.57 -2.68 16.92
CA LEU A 119 -7.22 -1.68 17.76
C LEU A 119 -8.73 -1.85 17.73
N ARG A 120 -9.26 -2.16 16.54
CA ARG A 120 -10.69 -2.36 16.37
C ARG A 120 -11.20 -3.40 17.37
N ASP A 121 -10.30 -4.27 17.82
CA ASP A 121 -10.66 -5.30 18.79
C ASP A 121 -10.09 -4.99 20.18
N ASP A 122 -9.66 -3.75 20.37
CA ASP A 122 -9.10 -3.32 21.65
C ASP A 122 -10.04 -2.34 22.34
N PRO A 123 -11.06 -2.85 23.05
CA PRO A 123 -12.03 -2.01 23.75
C PRO A 123 -11.39 -0.84 24.48
N SER A 124 -10.29 -1.12 25.19
CA SER A 124 -9.59 -0.09 25.96
C SER A 124 -9.40 1.18 25.14
N THR A 125 -9.17 1.01 23.84
CA THR A 125 -8.96 2.15 22.95
C THR A 125 -10.28 2.58 22.31
N ILE A 126 -11.05 1.60 21.86
CA ILE A 126 -12.34 1.86 21.23
C ILE A 126 -13.27 2.59 22.18
N GLU A 127 -13.27 2.16 23.44
CA GLU A 127 -14.13 2.75 24.45
C GLU A 127 -13.58 4.08 24.95
N LYS A 128 -12.26 4.24 24.89
CA LYS A 128 -11.62 5.46 25.33
C LYS A 128 -11.72 6.55 24.27
N LEU A 129 -11.84 6.12 23.02
CA LEU A 129 -11.96 7.06 21.91
C LEU A 129 -13.41 7.24 21.49
N ALA A 130 -14.18 6.16 21.64
CA ALA A 130 -15.58 6.14 21.24
C ALA A 130 -16.30 7.46 21.58
N LYS A 131 -15.84 8.13 22.63
CA LYS A 131 -16.45 9.39 23.04
C LYS A 131 -15.44 10.52 23.08
N ASN A 132 -14.36 10.39 22.31
CA ASN A 132 -13.33 11.42 22.29
C ASN A 132 -13.15 12.02 20.90
N LYS A 133 -13.36 11.21 19.85
CA LYS A 133 -13.26 11.72 18.47
C LYS A 133 -13.19 10.60 17.43
N GLN A 134 -12.74 9.44 17.84
CA GLN A 134 -12.57 8.33 16.91
C GLN A 134 -13.71 7.34 17.00
N LYS A 135 -13.69 6.35 16.11
CA LYS A 135 -14.70 5.30 16.10
C LYS A 135 -14.39 4.25 15.02
N PRO A 136 -14.68 2.98 15.29
CA PRO A 136 -14.41 1.89 14.34
C PRO A 136 -15.42 1.86 13.19
N ILE A 137 -14.92 1.61 11.98
CA ILE A 137 -15.77 1.56 10.81
C ILE A 137 -16.45 0.20 10.68
N THR A 138 -17.74 0.21 10.36
CA THR A 138 -18.50 -1.02 10.22
C THR A 138 -18.15 -1.74 8.93
N PRO A 139 -18.33 -3.08 8.90
CA PRO A 139 -18.02 -3.89 7.71
C PRO A 139 -18.98 -3.62 6.55
N GLU A 140 -20.08 -2.91 6.84
CA GLU A 140 -21.05 -2.58 5.83
C GLU A 140 -20.73 -1.20 5.24
N THR A 141 -20.50 -0.23 6.11
CA THR A 141 -20.17 1.13 5.69
C THR A 141 -19.07 1.12 4.63
N ALA A 142 -17.99 0.40 4.92
CA ALA A 142 -16.87 0.30 4.00
C ALA A 142 -17.29 -0.37 2.69
N GLU A 143 -17.87 -1.56 2.81
CA GLU A 143 -18.34 -2.31 1.64
C GLU A 143 -19.15 -1.41 0.71
N LYS A 144 -20.19 -0.80 1.28
CA LYS A 144 -21.06 0.09 0.52
C LYS A 144 -20.27 1.02 -0.40
N LEU A 145 -19.25 1.67 0.15
CA LEU A 145 -18.41 2.57 -0.62
C LEU A 145 -17.65 1.80 -1.69
N ALA A 146 -17.11 0.64 -1.30
CA ALA A 146 -16.37 -0.21 -2.23
C ALA A 146 -17.16 -0.40 -3.53
N ARG A 147 -18.48 -0.33 -3.42
CA ARG A 147 -19.36 -0.47 -4.58
C ARG A 147 -19.75 0.90 -5.13
N ASP A 148 -19.91 1.86 -4.22
CA ASP A 148 -20.29 3.21 -4.61
C ASP A 148 -19.15 3.93 -5.32
N LEU A 149 -17.93 3.66 -4.90
CA LEU A 149 -16.75 4.28 -5.48
C LEU A 149 -16.17 3.44 -6.62
N LYS A 150 -16.99 2.55 -7.17
CA LYS A 150 -16.57 1.68 -8.25
C LYS A 150 -15.39 0.80 -7.83
N ALA A 151 -15.23 0.61 -6.52
CA ALA A 151 -14.16 -0.23 -6.00
C ALA A 151 -14.40 -1.70 -6.31
N VAL A 152 -13.34 -2.42 -6.61
CA VAL A 152 -13.44 -3.84 -6.94
C VAL A 152 -14.10 -4.61 -5.80
N LYS A 153 -13.89 -4.16 -4.57
CA LYS A 153 -14.48 -4.82 -3.40
C LYS A 153 -14.04 -4.16 -2.11
N TYR A 154 -14.23 -4.87 -1.01
CA TYR A 154 -13.87 -4.37 0.32
C TYR A 154 -13.18 -5.46 1.13
N VAL A 155 -11.97 -5.16 1.60
CA VAL A 155 -11.20 -6.11 2.40
C VAL A 155 -10.62 -5.45 3.64
N GLU A 156 -10.40 -6.24 4.68
CA GLU A 156 -9.83 -5.74 5.93
C GLU A 156 -8.92 -6.79 6.56
N CYS A 157 -7.72 -6.37 6.95
CA CYS A 157 -6.76 -7.28 7.55
C CYS A 157 -5.67 -6.52 8.32
N SER A 158 -4.89 -7.26 9.09
CA SER A 158 -3.78 -6.68 9.86
C SER A 158 -2.54 -7.55 9.74
N ALA A 159 -1.39 -7.00 10.14
CA ALA A 159 -0.14 -7.72 10.08
C ALA A 159 0.28 -8.24 11.46
N LEU A 160 -0.46 -7.85 12.50
CA LEU A 160 -0.15 -8.30 13.85
C LEU A 160 -0.88 -9.59 14.18
N THR A 161 -2.10 -9.72 13.66
CA THR A 161 -2.91 -10.91 13.91
C THR A 161 -3.05 -11.76 12.65
N GLN A 162 -2.88 -11.13 11.49
CA GLN A 162 -2.98 -11.83 10.21
C GLN A 162 -4.43 -12.15 9.87
N LYS A 163 -5.35 -11.29 10.32
CA LYS A 163 -6.76 -11.48 10.06
C LYS A 163 -7.07 -11.27 8.57
N GLY A 164 -7.24 -12.37 7.84
CA GLY A 164 -7.51 -12.28 6.42
C GLY A 164 -6.41 -11.55 5.67
N LEU A 165 -5.23 -11.49 6.27
CA LEU A 165 -4.09 -10.82 5.67
C LEU A 165 -3.91 -11.21 4.20
N LYS A 166 -3.37 -12.39 3.98
CA LYS A 166 -3.11 -12.89 2.63
C LYS A 166 -4.38 -12.84 1.78
N ASN A 167 -5.50 -13.16 2.42
CA ASN A 167 -6.79 -13.16 1.72
C ASN A 167 -7.05 -11.83 1.03
N VAL A 168 -6.41 -10.77 1.53
CA VAL A 168 -6.57 -9.44 0.96
C VAL A 168 -5.83 -9.31 -0.36
N PHE A 169 -4.51 -9.54 -0.32
CA PHE A 169 -3.69 -9.45 -1.52
C PHE A 169 -4.28 -10.31 -2.63
N ASP A 170 -4.94 -11.39 -2.25
CA ASP A 170 -5.58 -12.28 -3.21
C ASP A 170 -6.72 -11.57 -3.91
N GLU A 171 -7.34 -10.63 -3.20
CA GLU A 171 -8.46 -9.86 -3.74
C GLU A 171 -7.96 -8.77 -4.69
N ALA A 172 -6.82 -8.19 -4.34
CA ALA A 172 -6.22 -7.14 -5.15
C ALA A 172 -5.84 -7.66 -6.54
N ILE A 173 -4.90 -8.60 -6.58
CA ILE A 173 -4.47 -9.21 -7.83
C ILE A 173 -5.68 -9.61 -8.67
N LEU A 174 -6.56 -10.42 -8.08
CA LEU A 174 -7.80 -10.83 -8.72
C LEU A 174 -8.52 -9.64 -9.32
N ALA A 175 -8.29 -8.46 -8.72
CA ALA A 175 -8.91 -7.23 -9.18
C ALA A 175 -8.05 -6.56 -10.24
N ALA A 176 -6.75 -6.47 -9.99
CA ALA A 176 -5.82 -5.83 -10.90
C ALA A 176 -6.04 -6.29 -12.34
N LEU A 177 -5.87 -7.59 -12.57
CA LEU A 177 -6.01 -8.15 -13.90
C LEU A 177 -7.36 -7.79 -14.52
N GLU A 178 -8.38 -8.63 -14.29
CA GLU A 178 -9.75 -8.45 -14.81
C GLU A 178 -9.97 -9.38 -16.01
N PRO A 179 -11.24 -9.69 -16.35
CA PRO A 179 -11.58 -10.52 -17.51
C PRO A 179 -10.69 -10.23 -18.71
N LYS B 1 -9.80 -14.92 -22.55
CA LYS B 1 -10.22 -14.04 -21.44
C LYS B 1 -9.10 -13.84 -20.43
N LYS B 2 -9.40 -13.11 -19.36
CA LYS B 2 -8.41 -12.86 -18.31
C LYS B 2 -9.08 -12.78 -16.93
N LYS B 3 -10.19 -13.50 -16.80
CA LYS B 3 -10.94 -13.55 -15.55
C LYS B 3 -10.21 -14.32 -14.49
N ILE B 4 -9.89 -13.61 -13.44
CA ILE B 4 -9.27 -14.20 -12.27
C ILE B 4 -10.34 -14.50 -11.26
N SER B 5 -10.13 -15.51 -10.47
CA SER B 5 -11.10 -15.85 -9.46
C SER B 5 -10.42 -16.02 -8.10
N LYS B 6 -11.17 -15.77 -7.03
CA LYS B 6 -10.62 -15.90 -5.68
C LYS B 6 -9.88 -17.22 -5.50
N ALA B 7 -10.28 -18.23 -6.28
CA ALA B 7 -9.67 -19.55 -6.19
C ALA B 7 -8.56 -19.76 -7.23
N ASP B 8 -8.33 -18.76 -8.09
CA ASP B 8 -7.31 -18.87 -9.11
C ASP B 8 -5.92 -18.57 -8.55
N ILE B 9 -5.71 -17.32 -8.12
CA ILE B 9 -4.42 -16.92 -7.58
C ILE B 9 -3.93 -17.93 -6.55
N GLY B 10 -3.06 -18.83 -6.98
CA GLY B 10 -2.54 -19.85 -6.08
C GLY B 10 -1.91 -19.27 -4.84
N ALA B 11 -1.16 -20.09 -4.12
CA ALA B 11 -0.49 -19.65 -2.90
C ALA B 11 0.76 -18.83 -3.23
N PRO B 12 0.85 -17.60 -2.71
CA PRO B 12 2.01 -16.73 -2.97
C PRO B 12 3.30 -17.32 -2.40
N SER B 13 4.44 -16.82 -2.89
CA SER B 13 5.74 -17.30 -2.44
C SER B 13 6.85 -16.78 -3.35
N GLY B 14 8.08 -16.89 -2.89
CA GLY B 14 9.21 -16.43 -3.68
C GLY B 14 9.42 -14.93 -3.57
N PHE B 15 9.31 -14.40 -2.35
CA PHE B 15 9.50 -12.97 -2.10
C PHE B 15 10.73 -12.46 -2.83
N LYS B 16 10.53 -11.52 -3.74
CA LYS B 16 11.64 -10.98 -4.53
C LYS B 16 11.85 -9.50 -4.25
N HIS B 17 12.97 -9.18 -3.59
CA HIS B 17 13.31 -7.80 -3.29
C HIS B 17 13.76 -7.10 -4.57
N VAL B 18 12.79 -6.59 -5.31
CA VAL B 18 13.06 -5.93 -6.59
C VAL B 18 13.72 -4.57 -6.40
N SER B 19 13.55 -3.99 -5.22
CA SER B 19 14.13 -2.69 -4.92
C SER B 19 14.02 -2.37 -3.43
N HIS B 20 14.80 -1.40 -2.97
CA HIS B 20 14.78 -1.02 -1.56
C HIS B 20 15.43 0.33 -1.33
N VAL B 21 14.65 1.29 -0.84
CA VAL B 21 15.15 2.63 -0.55
C VAL B 21 15.16 2.87 0.95
N GLY B 22 16.20 3.54 1.44
CA GLY B 22 16.31 3.79 2.87
C GLY B 22 16.54 5.25 3.21
N TRP B 23 15.46 5.98 3.48
CA TRP B 23 15.56 7.39 3.83
C TRP B 23 15.66 7.57 5.34
N ASP B 24 16.89 7.63 5.85
CA ASP B 24 17.11 7.82 7.28
C ASP B 24 16.94 9.28 7.66
N PRO B 25 16.38 9.56 8.85
CA PRO B 25 16.17 10.92 9.32
C PRO B 25 17.47 11.59 9.79
N GLN B 26 18.54 10.80 9.88
CA GLN B 26 19.83 11.33 10.31
C GLN B 26 20.84 11.29 9.16
N ASN B 27 20.68 10.32 8.27
CA ASN B 27 21.60 10.17 7.15
C ASN B 27 20.93 10.54 5.83
N GLY B 28 19.61 10.36 5.76
CA GLY B 28 18.88 10.68 4.55
C GLY B 28 18.66 9.45 3.67
N PHE B 29 18.51 9.68 2.37
CA PHE B 29 18.29 8.58 1.44
C PHE B 29 19.42 7.57 1.50
N ASP B 30 19.08 6.31 1.29
CA ASP B 30 20.06 5.23 1.33
C ASP B 30 19.71 4.16 0.31
N VAL B 31 19.53 4.57 -0.93
CA VAL B 31 19.17 3.66 -2.01
C VAL B 31 20.30 2.66 -2.28
N ASN B 32 20.04 1.40 -1.97
CA ASN B 32 21.03 0.35 -2.18
C ASN B 32 20.74 -0.42 -3.46
N ASN B 33 19.47 -0.45 -3.86
CA ASN B 33 19.05 -1.16 -5.06
C ASN B 33 17.77 -0.56 -5.64
N LEU B 34 17.92 0.50 -6.41
CA LEU B 34 16.77 1.16 -7.03
C LEU B 34 16.48 0.56 -8.40
N ASP B 35 15.51 1.14 -9.10
CA ASP B 35 15.16 0.67 -10.44
C ASP B 35 15.99 1.37 -11.50
N PRO B 36 16.27 0.69 -12.63
CA PRO B 36 17.07 1.25 -13.72
C PRO B 36 16.50 2.57 -14.24
N ASP B 37 15.22 2.55 -14.60
CA ASP B 37 14.55 3.73 -15.11
C ASP B 37 14.30 4.75 -13.99
N LEU B 38 13.89 4.24 -12.84
CA LEU B 38 13.62 5.10 -11.69
C LEU B 38 14.88 5.79 -11.22
N ARG B 39 16.01 5.10 -11.36
CA ARG B 39 17.30 5.65 -10.94
C ARG B 39 17.51 7.03 -11.52
N SER B 40 17.19 7.20 -12.80
CA SER B 40 17.36 8.47 -13.48
C SER B 40 16.35 9.50 -12.98
N LEU B 41 15.10 9.08 -12.85
CA LEU B 41 14.04 9.97 -12.41
C LEU B 41 14.17 10.30 -10.93
N PHE B 42 14.75 9.39 -10.17
CA PHE B 42 14.94 9.59 -8.73
C PHE B 42 15.84 10.79 -8.46
N SER B 43 17.09 10.70 -8.89
CA SER B 43 18.03 11.79 -8.70
C SER B 43 17.61 13.04 -9.47
N ARG B 44 16.74 12.85 -10.46
CA ARG B 44 16.26 13.95 -11.28
C ARG B 44 14.98 14.57 -10.70
N ALA B 45 14.33 13.85 -9.78
CA ALA B 45 13.09 14.33 -9.19
C ALA B 45 13.31 14.99 -7.84
N GLY B 46 13.21 14.21 -6.76
CA GLY B 46 13.38 14.76 -5.43
C GLY B 46 14.73 14.44 -4.84
N ILE B 47 15.41 13.44 -5.39
CA ILE B 47 16.72 13.04 -4.91
C ILE B 47 17.83 13.75 -5.67
N SER B 48 17.61 15.02 -5.97
CA SER B 48 18.58 15.82 -6.68
C SER B 48 19.71 16.26 -5.74
N GLU B 49 20.32 17.41 -6.03
CA GLU B 49 21.41 17.93 -5.21
C GLU B 49 21.07 17.89 -3.72
N ALA B 50 19.78 17.86 -3.39
CA ALA B 50 19.34 17.83 -2.00
C ALA B 50 19.52 19.20 -1.35
N GLN B 51 18.44 19.73 -0.79
CA GLN B 51 18.48 21.03 -0.13
C GLN B 51 19.25 20.96 1.19
N LEU B 52 19.52 22.13 1.76
CA LEU B 52 20.25 22.21 3.03
C LEU B 52 19.36 21.79 4.20
N THR B 53 19.75 20.72 4.88
CA THR B 53 19.00 20.22 6.02
C THR B 53 19.78 20.32 7.32
N ASP B 54 20.92 20.99 7.25
CA ASP B 54 21.78 21.16 8.41
C ASP B 54 22.71 22.36 8.23
N ALA B 55 22.29 23.51 8.72
CA ALA B 55 23.08 24.73 8.60
C ALA B 55 24.39 24.60 9.39
N GLU B 56 25.51 24.79 8.70
CA GLU B 56 26.81 24.69 9.34
C GLU B 56 27.10 25.92 10.19
N THR B 57 27.15 25.71 11.51
CA THR B 57 27.42 26.80 12.44
C THR B 57 28.91 26.97 12.66
N SER B 58 29.53 27.86 11.89
CA SER B 58 30.97 28.11 12.00
C SER B 58 31.28 29.59 11.81
N LYS B 59 31.23 30.34 12.90
CA LYS B 59 31.51 31.78 12.86
C LYS B 59 33.01 32.04 12.82
N MET A 1 6.75 -10.51 -19.34
CA MET A 1 6.54 -9.39 -20.30
C MET A 1 5.66 -8.30 -19.69
N GLN A 2 4.52 -8.70 -19.14
CA GLN A 2 3.58 -7.77 -18.54
C GLN A 2 4.00 -7.38 -17.13
N THR A 3 3.75 -6.13 -16.76
CA THR A 3 4.11 -5.64 -15.44
C THR A 3 3.06 -4.67 -14.89
N ILE A 4 2.52 -4.99 -13.72
CA ILE A 4 1.54 -4.12 -13.07
C ILE A 4 2.22 -3.17 -12.09
N LYS A 5 1.55 -2.06 -11.78
CA LYS A 5 2.09 -1.09 -10.85
C LYS A 5 1.17 -0.89 -9.66
N CYS A 6 1.24 -1.81 -8.73
CA CYS A 6 0.46 -1.74 -7.52
C CYS A 6 1.20 -0.98 -6.44
N VAL A 7 0.75 0.23 -6.17
CA VAL A 7 1.37 1.07 -5.17
C VAL A 7 0.48 1.23 -3.94
N VAL A 8 1.09 1.15 -2.77
CA VAL A 8 0.33 1.26 -1.52
C VAL A 8 0.17 2.72 -1.10
N VAL A 9 -1.07 3.17 -1.06
CA VAL A 9 -1.37 4.54 -0.68
C VAL A 9 -2.19 4.58 0.61
N GLY A 10 -1.96 5.61 1.41
CA GLY A 10 -2.68 5.74 2.67
C GLY A 10 -1.90 6.51 3.72
N ASP A 11 -2.61 7.19 4.61
CA ASP A 11 -1.98 7.95 5.68
C ASP A 11 -1.89 7.11 6.95
N GLY A 12 -0.72 6.56 7.20
CA GLY A 12 -0.52 5.73 8.38
C GLY A 12 0.61 4.75 8.21
N ALA A 13 0.91 3.98 9.25
CA ALA A 13 1.99 3.01 9.21
C ALA A 13 1.53 1.70 8.56
N VAL A 14 0.62 0.99 9.22
CA VAL A 14 0.13 -0.29 8.73
C VAL A 14 1.27 -1.16 8.21
N GLY A 15 2.46 -0.95 8.74
CA GLY A 15 3.62 -1.72 8.34
C GLY A 15 3.69 -2.02 6.84
N LYS A 16 4.34 -1.15 6.10
CA LYS A 16 4.49 -1.32 4.65
C LYS A 16 5.38 -2.51 4.33
N THR A 17 6.44 -2.69 5.12
CA THR A 17 7.39 -3.77 4.90
C THR A 17 6.87 -5.10 5.42
N CYS A 18 5.81 -5.07 6.21
CA CYS A 18 5.28 -6.29 6.80
C CYS A 18 4.40 -7.05 5.82
N LEU A 19 3.30 -6.43 5.39
CA LEU A 19 2.36 -7.11 4.49
C LEU A 19 2.99 -7.35 3.13
N LEU A 20 3.80 -6.39 2.68
CA LEU A 20 4.48 -6.52 1.40
C LEU A 20 5.26 -7.83 1.34
N ILE A 21 5.98 -8.13 2.43
CA ILE A 21 6.76 -9.36 2.50
C ILE A 21 5.86 -10.54 2.85
N SER A 22 4.87 -10.29 3.71
CA SER A 22 3.94 -11.32 4.14
C SER A 22 3.08 -11.81 2.97
N TYR A 23 3.11 -11.09 1.85
CA TYR A 23 2.31 -11.45 0.68
C TYR A 23 3.14 -12.25 -0.32
N THR A 24 4.15 -11.60 -0.90
CA THR A 24 5.00 -12.23 -1.90
C THR A 24 5.61 -13.52 -1.38
N THR A 25 6.11 -13.50 -0.16
CA THR A 25 6.73 -14.68 0.44
C THR A 25 5.73 -15.50 1.24
N ASN A 26 4.65 -14.86 1.67
CA ASN A 26 3.64 -15.52 2.48
C ASN A 26 4.16 -15.77 3.89
N LYS A 27 5.11 -14.94 4.31
CA LYS A 27 5.71 -15.07 5.63
C LYS A 27 6.01 -13.71 6.24
N PHE A 28 5.50 -13.48 7.44
CA PHE A 28 5.71 -12.23 8.14
C PHE A 28 7.18 -12.07 8.54
N PRO A 29 7.84 -10.98 8.10
CA PRO A 29 9.25 -10.73 8.41
C PRO A 29 9.54 -10.76 9.90
N SER A 30 10.69 -10.23 10.29
CA SER A 30 11.10 -10.22 11.68
C SER A 30 11.92 -8.98 11.98
N GLU A 31 12.87 -8.68 11.11
CA GLU A 31 13.76 -7.54 11.28
C GLU A 31 12.97 -6.27 11.52
N TYR A 32 13.64 -5.24 12.03
CA TYR A 32 12.99 -3.98 12.31
C TYR A 32 13.91 -2.81 12.01
N VAL A 33 13.50 -1.99 11.05
CA VAL A 33 14.28 -0.83 10.65
C VAL A 33 13.56 -0.03 9.57
N PRO A 34 13.62 1.33 9.66
CA PRO A 34 13.00 2.24 8.70
C PRO A 34 12.88 1.66 7.29
N THR A 35 11.81 2.02 6.60
CA THR A 35 11.55 1.54 5.24
C THR A 35 10.65 2.52 4.49
N VAL A 36 11.26 3.57 3.94
CA VAL A 36 10.52 4.61 3.23
C VAL A 36 10.05 4.14 1.85
N PHE A 37 10.94 3.47 1.14
CA PHE A 37 10.61 2.98 -0.20
C PHE A 37 11.27 1.63 -0.48
N ASP A 38 10.46 0.59 -0.58
CA ASP A 38 10.97 -0.74 -0.87
C ASP A 38 10.22 -1.35 -2.06
N ASN A 39 10.92 -1.50 -3.17
CA ASN A 39 10.31 -2.03 -4.39
C ASN A 39 10.83 -3.42 -4.71
N TYR A 40 9.91 -4.37 -4.81
CA TYR A 40 10.26 -5.74 -5.16
C TYR A 40 9.52 -6.15 -6.43
N ALA A 41 10.03 -7.17 -7.11
CA ALA A 41 9.38 -7.65 -8.32
C ALA A 41 8.96 -9.10 -8.16
N VAL A 42 7.65 -9.34 -8.24
CA VAL A 42 7.11 -10.68 -8.09
C VAL A 42 6.74 -11.27 -9.45
N THR A 43 6.98 -12.58 -9.58
CA THR A 43 6.68 -13.29 -10.80
C THR A 43 5.52 -14.26 -10.58
N VAL A 44 4.39 -13.98 -11.23
CA VAL A 44 3.20 -14.83 -11.08
C VAL A 44 2.71 -15.34 -12.43
N MET A 45 1.96 -16.44 -12.40
CA MET A 45 1.41 -17.00 -13.62
C MET A 45 0.03 -16.40 -13.89
N ILE A 46 0.01 -15.28 -14.60
CA ILE A 46 -1.24 -14.59 -14.91
C ILE A 46 -1.66 -14.81 -16.36
N GLY A 47 -2.89 -15.26 -16.56
CA GLY A 47 -3.38 -15.53 -17.90
C GLY A 47 -2.61 -16.66 -18.57
N GLY A 48 -2.20 -17.64 -17.77
CA GLY A 48 -1.48 -18.77 -18.31
C GLY A 48 -0.09 -18.39 -18.80
N GLU A 49 0.53 -17.41 -18.14
CA GLU A 49 1.86 -16.95 -18.51
C GLU A 49 2.55 -16.27 -17.34
N PRO A 50 3.90 -16.32 -17.31
CA PRO A 50 4.70 -15.69 -16.26
C PRO A 50 4.70 -14.18 -16.35
N TYR A 51 4.02 -13.52 -15.42
CA TYR A 51 3.97 -12.06 -15.39
C TYR A 51 4.94 -11.51 -14.36
N THR A 52 4.92 -10.21 -14.16
CA THR A 52 5.83 -9.56 -13.22
C THR A 52 5.14 -8.44 -12.46
N LEU A 53 4.54 -8.79 -11.33
CA LEU A 53 3.83 -7.82 -10.52
C LEU A 53 4.80 -6.78 -9.94
N GLY A 54 4.40 -5.52 -10.01
CA GLY A 54 5.22 -4.44 -9.49
C GLY A 54 4.84 -4.07 -8.08
N LEU A 55 5.67 -4.43 -7.12
CA LEU A 55 5.40 -4.13 -5.73
C LEU A 55 5.93 -2.76 -5.33
N PHE A 56 5.01 -1.84 -5.02
CA PHE A 56 5.37 -0.48 -4.63
C PHE A 56 4.75 -0.09 -3.29
N ASP A 57 5.50 0.67 -2.49
CA ASP A 57 5.02 1.12 -1.18
C ASP A 57 5.49 2.55 -0.91
N THR A 58 4.55 3.43 -0.59
CA THR A 58 4.88 4.83 -0.31
C THR A 58 4.77 5.13 1.18
N ALA A 59 5.71 5.92 1.69
CA ALA A 59 5.72 6.27 3.10
C ALA A 59 4.43 7.00 3.50
N GLY A 60 4.47 7.72 4.62
CA GLY A 60 3.29 8.43 5.08
C GLY A 60 2.79 9.44 4.06
N GLN A 61 2.75 10.71 4.45
CA GLN A 61 2.31 11.75 3.55
C GLN A 61 2.48 13.14 4.17
N GLU A 62 3.73 13.55 4.32
CA GLU A 62 4.04 14.84 4.90
C GLU A 62 5.55 15.04 4.97
N ASP A 63 6.23 14.06 5.56
CA ASP A 63 7.67 14.11 5.70
C ASP A 63 8.34 13.88 4.36
N TYR A 64 7.83 12.91 3.60
CA TYR A 64 8.36 12.61 2.28
C TYR A 64 7.43 13.17 1.20
N ASP A 65 6.64 14.18 1.56
CA ASP A 65 5.70 14.78 0.61
C ASP A 65 6.41 15.18 -0.68
N ARG A 66 7.68 15.56 -0.56
CA ARG A 66 8.47 15.98 -1.71
C ARG A 66 8.67 14.82 -2.69
N LEU A 67 9.01 13.65 -2.18
CA LEU A 67 9.23 12.48 -3.04
C LEU A 67 8.07 11.49 -2.98
N ARG A 68 6.89 11.95 -2.56
CA ARG A 68 5.75 11.07 -2.45
C ARG A 68 5.18 10.72 -3.82
N PRO A 69 4.66 11.73 -4.56
CA PRO A 69 4.11 11.50 -5.90
C PRO A 69 5.16 11.00 -6.87
N LEU A 70 6.43 11.15 -6.50
CA LEU A 70 7.55 10.73 -7.32
C LEU A 70 7.51 9.23 -7.60
N SER A 71 6.71 8.49 -6.84
CA SER A 71 6.64 7.04 -7.01
C SER A 71 5.46 6.63 -7.88
N TYR A 72 4.86 7.58 -8.59
CA TYR A 72 3.75 7.27 -9.48
C TYR A 72 4.05 7.63 -10.93
N PRO A 73 5.30 7.45 -11.41
CA PRO A 73 5.67 7.75 -12.81
C PRO A 73 4.56 7.42 -13.79
N GLN A 74 3.83 6.34 -13.50
CA GLN A 74 2.72 5.91 -14.33
C GLN A 74 1.97 4.77 -13.65
N THR A 75 1.55 5.02 -12.41
CA THR A 75 0.85 4.01 -11.63
C THR A 75 -0.36 3.46 -12.37
N ASP A 76 -0.69 2.21 -12.09
CA ASP A 76 -1.85 1.56 -12.70
C ASP A 76 -2.96 1.37 -11.68
N VAL A 77 -2.71 0.52 -10.69
CA VAL A 77 -3.66 0.31 -9.61
C VAL A 77 -3.13 0.84 -8.30
N PHE A 78 -4.03 1.29 -7.43
CA PHE A 78 -3.64 1.86 -6.15
C PHE A 78 -4.19 1.03 -4.99
N LEU A 79 -3.40 0.89 -3.94
CA LEU A 79 -3.82 0.13 -2.77
C LEU A 79 -4.15 1.06 -1.60
N VAL A 80 -5.44 1.33 -1.40
CA VAL A 80 -5.87 2.19 -0.30
C VAL A 80 -6.15 1.35 0.95
N CYS A 81 -5.14 1.20 1.80
CA CYS A 81 -5.28 0.43 3.02
C CYS A 81 -5.79 1.30 4.18
N PHE A 82 -7.02 1.06 4.61
CA PHE A 82 -7.60 1.85 5.70
C PHE A 82 -7.83 0.97 6.93
N SER A 83 -8.16 1.60 8.05
CA SER A 83 -8.40 0.86 9.28
C SER A 83 -9.88 0.53 9.46
N VAL A 84 -10.18 -0.76 9.49
CA VAL A 84 -11.55 -1.23 9.66
C VAL A 84 -12.05 -0.93 11.06
N VAL A 85 -11.15 -0.99 12.04
CA VAL A 85 -11.50 -0.70 13.43
C VAL A 85 -11.28 0.77 13.75
N SER A 86 -11.62 1.64 12.80
CA SER A 86 -11.46 3.06 12.97
C SER A 86 -12.44 3.83 12.08
N PRO A 87 -13.54 4.36 12.65
CA PRO A 87 -14.54 5.11 11.87
C PRO A 87 -13.92 6.33 11.20
N SER A 88 -12.85 6.86 11.79
CA SER A 88 -12.17 8.02 11.25
C SER A 88 -11.63 7.73 9.85
N SER A 89 -10.82 6.66 9.74
CA SER A 89 -10.25 6.28 8.46
C SER A 89 -11.33 6.16 7.40
N PHE A 90 -12.43 5.51 7.76
CA PHE A 90 -13.55 5.31 6.85
C PHE A 90 -14.04 6.64 6.28
N GLU A 91 -14.01 7.69 7.11
CA GLU A 91 -14.46 9.01 6.68
C GLU A 91 -13.52 9.59 5.62
N ASN A 92 -12.23 9.58 5.93
CA ASN A 92 -11.23 10.07 5.00
C ASN A 92 -11.08 9.10 3.83
N VAL A 93 -11.33 7.83 4.09
CA VAL A 93 -11.27 6.80 3.08
C VAL A 93 -12.06 7.22 1.82
N LYS A 94 -13.19 7.87 2.04
CA LYS A 94 -14.03 8.31 0.94
C LYS A 94 -13.78 9.77 0.60
N GLU A 95 -13.27 10.53 1.56
CA GLU A 95 -13.01 11.95 1.35
C GLU A 95 -11.61 12.34 1.74
N LYS A 96 -10.63 11.57 1.29
CA LYS A 96 -9.23 11.86 1.60
C LYS A 96 -8.26 10.85 1.00
N TRP A 97 -8.49 9.57 1.28
CA TRP A 97 -7.57 8.53 0.80
C TRP A 97 -7.73 8.28 -0.70
N VAL A 98 -8.97 8.23 -1.19
CA VAL A 98 -9.20 8.00 -2.61
C VAL A 98 -9.04 9.29 -3.43
N PRO A 99 -9.61 10.41 -2.97
CA PRO A 99 -9.52 11.70 -3.68
C PRO A 99 -8.07 12.08 -3.99
N GLU A 100 -7.15 11.71 -3.11
CA GLU A 100 -5.75 12.01 -3.31
C GLU A 100 -5.25 11.35 -4.59
N ILE A 101 -5.85 10.21 -4.94
CA ILE A 101 -5.50 9.49 -6.16
C ILE A 101 -6.28 10.01 -7.35
N THR A 102 -7.57 10.25 -7.14
CA THR A 102 -8.44 10.76 -8.19
C THR A 102 -7.95 12.11 -8.71
N HIS A 103 -7.25 12.86 -7.86
CA HIS A 103 -6.71 14.15 -8.24
C HIS A 103 -5.58 13.98 -9.25
N HIS A 104 -4.87 12.86 -9.14
CA HIS A 104 -3.76 12.55 -10.03
C HIS A 104 -4.23 11.71 -11.22
N CYS A 105 -5.09 10.73 -10.93
CA CYS A 105 -5.61 9.83 -11.95
C CYS A 105 -7.00 9.34 -11.60
N PRO A 106 -8.04 10.08 -12.03
CA PRO A 106 -9.44 9.71 -11.76
C PRO A 106 -9.95 8.61 -12.68
N LYS A 107 -9.06 8.07 -13.51
CA LYS A 107 -9.44 7.02 -14.45
C LYS A 107 -8.82 5.68 -14.06
N THR A 108 -7.67 5.73 -13.39
CA THR A 108 -6.98 4.53 -12.97
C THR A 108 -7.77 3.77 -11.90
N PRO A 109 -7.65 2.44 -11.88
CA PRO A 109 -8.34 1.58 -10.91
C PRO A 109 -7.95 1.89 -9.46
N PHE A 110 -8.86 1.62 -8.53
CA PHE A 110 -8.59 1.90 -7.12
C PHE A 110 -8.93 0.70 -6.25
N LEU A 111 -7.93 -0.12 -5.97
CA LEU A 111 -8.11 -1.28 -5.10
C LEU A 111 -8.36 -0.82 -3.67
N LEU A 112 -9.51 -1.19 -3.11
CA LEU A 112 -9.86 -0.77 -1.75
C LEU A 112 -9.34 -1.78 -0.73
N VAL A 113 -8.18 -1.46 -0.15
CA VAL A 113 -7.56 -2.34 0.83
C VAL A 113 -8.07 -2.02 2.24
N GLY A 114 -8.40 -3.07 2.99
CA GLY A 114 -8.89 -2.89 4.34
C GLY A 114 -8.00 -3.56 5.37
N THR A 115 -7.34 -2.76 6.19
CA THR A 115 -6.42 -3.28 7.21
C THR A 115 -7.04 -3.21 8.61
N GLN A 116 -6.38 -3.87 9.55
CA GLN A 116 -6.83 -3.89 10.94
C GLN A 116 -8.00 -4.84 11.15
N ILE A 117 -7.89 -6.04 10.59
CA ILE A 117 -8.91 -7.07 10.76
C ILE A 117 -8.71 -7.78 12.09
N ASP A 118 -7.45 -7.80 12.54
CA ASP A 118 -7.07 -8.45 13.79
C ASP A 118 -8.09 -8.18 14.90
N LEU A 119 -8.40 -6.91 15.13
CA LEU A 119 -9.33 -6.53 16.19
C LEU A 119 -10.77 -6.80 15.75
N ARG A 120 -11.05 -6.60 14.46
CA ARG A 120 -12.39 -6.81 13.93
C ARG A 120 -12.93 -8.20 14.27
N ASP A 121 -12.03 -9.12 14.58
CA ASP A 121 -12.42 -10.47 14.96
C ASP A 121 -12.27 -10.67 16.47
N ASP A 122 -12.16 -9.57 17.22
CA ASP A 122 -12.00 -9.65 18.66
C ASP A 122 -13.17 -8.98 19.36
N PRO A 123 -14.31 -9.70 19.49
CA PRO A 123 -15.51 -9.18 20.14
C PRO A 123 -15.18 -8.42 21.42
N SER A 124 -14.28 -8.97 22.22
CA SER A 124 -13.89 -8.36 23.49
C SER A 124 -13.59 -6.88 23.32
N THR A 125 -12.97 -6.52 22.21
CA THR A 125 -12.63 -5.12 21.93
C THR A 125 -13.74 -4.46 21.14
N ILE A 126 -14.25 -5.19 20.15
CA ILE A 126 -15.34 -4.70 19.33
C ILE A 126 -16.48 -4.18 20.19
N GLU A 127 -16.87 -4.96 21.20
CA GLU A 127 -17.94 -4.56 22.09
C GLU A 127 -17.47 -3.52 23.09
N LYS A 128 -16.17 -3.55 23.39
CA LYS A 128 -15.58 -2.60 24.32
C LYS A 128 -15.72 -1.17 23.84
N LEU A 129 -15.42 -0.95 22.55
CA LEU A 129 -15.52 0.39 22.00
C LEU A 129 -16.85 0.61 21.31
N ALA A 130 -17.48 -0.48 20.87
CA ALA A 130 -18.76 -0.40 20.18
C ALA A 130 -19.74 0.54 20.89
N LYS A 131 -19.56 0.71 22.19
CA LYS A 131 -20.46 1.57 22.97
C LYS A 131 -19.69 2.58 23.81
N ASN A 132 -18.46 2.92 23.40
CA ASN A 132 -17.67 3.89 24.14
C ASN A 132 -17.42 5.15 23.33
N LYS A 133 -17.29 4.98 22.02
CA LYS A 133 -17.05 6.12 21.14
C LYS A 133 -16.69 5.69 19.73
N GLN A 134 -16.05 4.56 19.62
CA GLN A 134 -15.59 4.06 18.33
C GLN A 134 -16.29 2.75 17.97
N LYS A 135 -16.11 2.34 16.72
CA LYS A 135 -16.70 1.11 16.21
C LYS A 135 -16.07 0.71 14.87
N PRO A 136 -15.89 -0.61 14.64
CA PRO A 136 -15.32 -1.10 13.39
C PRO A 136 -16.30 -1.01 12.23
N ILE A 137 -15.81 -1.28 11.02
CA ILE A 137 -16.65 -1.23 9.83
C ILE A 137 -17.06 -2.63 9.38
N THR A 138 -18.12 -2.72 8.59
CA THR A 138 -18.61 -3.99 8.10
C THR A 138 -18.28 -4.18 6.62
N PRO A 139 -18.21 -5.44 6.15
CA PRO A 139 -17.89 -5.74 4.75
C PRO A 139 -18.86 -5.06 3.78
N GLU A 140 -20.11 -4.88 4.21
CA GLU A 140 -21.12 -4.21 3.39
C GLU A 140 -20.90 -2.70 3.41
N THR A 141 -20.51 -2.18 4.58
CA THR A 141 -20.26 -0.74 4.73
C THR A 141 -19.02 -0.33 3.94
N ALA A 142 -18.01 -1.17 3.95
CA ALA A 142 -16.77 -0.90 3.23
C ALA A 142 -16.97 -1.09 1.73
N GLU A 143 -17.80 -2.06 1.36
CA GLU A 143 -18.10 -2.30 -0.04
C GLU A 143 -18.67 -1.04 -0.66
N LYS A 144 -19.67 -0.48 0.01
CA LYS A 144 -20.33 0.75 -0.45
C LYS A 144 -19.30 1.77 -0.94
N LEU A 145 -18.31 2.06 -0.11
CA LEU A 145 -17.25 2.98 -0.50
C LEU A 145 -16.56 2.46 -1.75
N ALA A 146 -16.24 1.17 -1.73
CA ALA A 146 -15.60 0.51 -2.86
C ALA A 146 -16.39 0.76 -4.15
N ARG A 147 -17.69 0.95 -4.01
CA ARG A 147 -18.56 1.21 -5.14
C ARG A 147 -18.78 2.72 -5.33
N ASP A 148 -18.87 3.44 -4.21
CA ASP A 148 -19.06 4.88 -4.25
C ASP A 148 -17.81 5.57 -4.78
N LEU A 149 -16.66 4.94 -4.55
CA LEU A 149 -15.40 5.49 -5.01
C LEU A 149 -14.93 4.84 -6.30
N LYS A 150 -15.85 4.16 -6.99
CA LYS A 150 -15.51 3.51 -8.26
C LYS A 150 -14.40 2.47 -8.06
N ALA A 151 -14.21 2.03 -6.82
CA ALA A 151 -13.16 1.07 -6.50
C ALA A 151 -13.38 -0.25 -7.22
N VAL A 152 -12.34 -0.74 -7.87
CA VAL A 152 -12.41 -2.01 -8.60
C VAL A 152 -13.04 -3.10 -7.74
N LYS A 153 -12.63 -3.16 -6.47
CA LYS A 153 -13.14 -4.16 -5.56
C LYS A 153 -12.67 -3.92 -4.13
N TYR A 154 -13.45 -4.42 -3.18
CA TYR A 154 -13.11 -4.28 -1.77
C TYR A 154 -12.40 -5.53 -1.26
N VAL A 155 -11.22 -5.33 -0.68
CA VAL A 155 -10.44 -6.43 -0.12
C VAL A 155 -9.75 -6.03 1.17
N GLU A 156 -9.69 -6.96 2.12
CA GLU A 156 -9.08 -6.70 3.41
C GLU A 156 -7.73 -7.40 3.51
N CYS A 157 -6.87 -6.94 4.43
CA CYS A 157 -5.57 -7.55 4.61
C CYS A 157 -4.98 -7.26 5.99
N SER A 158 -4.37 -8.28 6.58
CA SER A 158 -3.70 -8.16 7.85
C SER A 158 -2.36 -8.89 7.79
N ALA A 159 -1.26 -8.18 7.95
CA ALA A 159 0.06 -8.78 7.87
C ALA A 159 0.40 -9.58 9.12
N LEU A 160 -0.27 -9.25 10.22
CA LEU A 160 -0.04 -9.97 11.47
C LEU A 160 -0.60 -11.37 11.39
N THR A 161 -1.86 -11.47 10.96
CA THR A 161 -2.54 -12.75 10.89
C THR A 161 -2.58 -13.29 9.47
N GLN A 162 -2.40 -12.41 8.48
CA GLN A 162 -2.42 -12.80 7.08
C GLN A 162 -3.85 -13.04 6.59
N LYS A 163 -4.81 -12.47 7.28
CA LYS A 163 -6.23 -12.62 6.92
C LYS A 163 -6.56 -11.88 5.63
N GLY A 164 -6.61 -12.61 4.52
CA GLY A 164 -6.95 -11.98 3.24
C GLY A 164 -5.78 -11.25 2.60
N LEU A 165 -4.67 -11.15 3.32
CA LEU A 165 -3.48 -10.46 2.84
C LEU A 165 -3.17 -10.78 1.38
N LYS A 166 -3.19 -12.06 1.05
CA LYS A 166 -2.82 -12.50 -0.29
C LYS A 166 -3.97 -12.34 -1.29
N ASN A 167 -5.20 -12.53 -0.81
CA ASN A 167 -6.37 -12.39 -1.68
C ASN A 167 -6.39 -11.00 -2.30
N VAL A 168 -6.40 -9.99 -1.43
CA VAL A 168 -6.41 -8.58 -1.83
C VAL A 168 -5.49 -8.33 -3.03
N PHE A 169 -4.19 -8.45 -2.81
CA PHE A 169 -3.19 -8.21 -3.85
C PHE A 169 -3.61 -8.86 -5.17
N ASP A 170 -4.26 -10.00 -5.05
CA ASP A 170 -4.72 -10.75 -6.22
C ASP A 170 -5.79 -9.97 -6.97
N GLU A 171 -6.53 -9.13 -6.26
CA GLU A 171 -7.56 -8.31 -6.87
C GLU A 171 -6.97 -7.04 -7.47
N ALA A 172 -5.89 -6.55 -6.86
CA ALA A 172 -5.21 -5.37 -7.37
C ALA A 172 -4.76 -5.59 -8.80
N ILE A 173 -3.80 -6.50 -8.98
CA ILE A 173 -3.29 -6.84 -10.29
C ILE A 173 -4.43 -7.11 -11.27
N LEU A 174 -5.35 -7.99 -10.86
CA LEU A 174 -6.52 -8.32 -11.67
C LEU A 174 -7.27 -7.06 -12.07
N ALA A 175 -7.19 -6.03 -11.23
CA ALA A 175 -7.86 -4.76 -11.50
C ALA A 175 -7.03 -3.90 -12.44
N ALA A 176 -5.76 -3.70 -12.09
CA ALA A 176 -4.87 -2.88 -12.90
C ALA A 176 -4.90 -3.31 -14.37
N LEU A 177 -4.62 -4.59 -14.60
CA LEU A 177 -4.63 -5.15 -15.95
C LEU A 177 -6.01 -4.94 -16.60
N GLU A 178 -6.21 -5.55 -17.78
CA GLU A 178 -7.46 -5.38 -18.51
C GLU A 178 -7.53 -6.35 -19.70
N PRO A 179 -8.74 -6.57 -20.27
CA PRO A 179 -8.92 -7.44 -21.43
C PRO A 179 -7.88 -7.19 -22.52
N LYS B 1 -7.36 -12.60 -25.51
CA LYS B 1 -7.51 -11.30 -24.80
C LYS B 1 -6.51 -11.18 -23.65
N LYS B 2 -6.74 -10.22 -22.77
CA LYS B 2 -5.86 -9.98 -21.64
C LYS B 2 -6.66 -9.87 -20.34
N LYS B 3 -7.82 -10.52 -20.32
CA LYS B 3 -8.68 -10.52 -19.15
C LYS B 3 -8.13 -11.37 -18.04
N ILE B 4 -7.83 -10.70 -16.95
CA ILE B 4 -7.38 -11.34 -15.76
C ILE B 4 -8.58 -11.76 -14.96
N SER B 5 -8.46 -12.84 -14.22
CA SER B 5 -9.55 -13.27 -13.40
C SER B 5 -9.06 -13.55 -11.98
N LYS B 6 -9.95 -14.01 -11.13
CA LYS B 6 -9.60 -14.33 -9.76
C LYS B 6 -8.75 -15.61 -9.70
N ALA B 7 -8.96 -16.49 -10.66
CA ALA B 7 -8.24 -17.75 -10.70
C ALA B 7 -7.03 -17.71 -11.64
N ASP B 8 -6.82 -16.57 -12.30
CA ASP B 8 -5.73 -16.45 -13.25
C ASP B 8 -4.39 -16.21 -12.55
N ILE B 9 -4.27 -15.06 -11.89
CA ILE B 9 -3.04 -14.73 -11.18
C ILE B 9 -2.63 -15.86 -10.25
N GLY B 10 -1.71 -16.69 -10.72
CA GLY B 10 -1.27 -17.83 -9.91
C GLY B 10 -0.65 -17.39 -8.59
N ALA B 11 0.28 -18.20 -8.09
CA ALA B 11 0.95 -17.91 -6.83
C ALA B 11 2.22 -17.09 -7.08
N PRO B 12 2.46 -16.05 -6.28
CA PRO B 12 3.64 -15.20 -6.44
C PRO B 12 4.95 -15.98 -6.33
N SER B 13 6.01 -15.40 -6.88
CA SER B 13 7.33 -16.04 -6.85
C SER B 13 8.37 -15.10 -7.45
N GLY B 14 9.58 -15.61 -7.62
CA GLY B 14 10.64 -14.81 -8.19
C GLY B 14 10.82 -13.48 -7.48
N PHE B 15 10.57 -13.46 -6.17
CA PHE B 15 10.72 -12.24 -5.38
C PHE B 15 12.03 -11.54 -5.75
N LYS B 16 11.90 -10.38 -6.38
CA LYS B 16 13.07 -9.64 -6.84
C LYS B 16 13.21 -8.31 -6.10
N HIS B 17 14.28 -8.19 -5.33
CA HIS B 17 14.55 -6.96 -4.60
C HIS B 17 15.02 -5.89 -5.58
N VAL B 18 14.07 -5.19 -6.18
CA VAL B 18 14.36 -4.19 -7.18
C VAL B 18 15.00 -2.94 -6.58
N SER B 19 14.69 -2.65 -5.32
CA SER B 19 15.22 -1.47 -4.64
C SER B 19 14.99 -1.55 -3.13
N HIS B 20 15.71 -0.72 -2.37
CA HIS B 20 15.60 -0.72 -0.92
C HIS B 20 16.22 0.53 -0.31
N VAL B 21 15.38 1.37 0.30
CA VAL B 21 15.85 2.59 0.95
C VAL B 21 15.91 2.39 2.46
N GLY B 22 16.87 3.02 3.12
CA GLY B 22 17.01 2.85 4.56
C GLY B 22 17.16 4.17 5.30
N TRP B 23 16.05 4.73 5.77
CA TRP B 23 16.09 5.98 6.51
C TRP B 23 16.60 5.76 7.92
N ASP B 24 17.90 5.98 8.13
CA ASP B 24 18.51 5.79 9.45
C ASP B 24 18.14 6.94 10.39
N PRO B 25 17.76 6.62 11.64
CA PRO B 25 17.40 7.63 12.62
C PRO B 25 18.63 8.35 13.18
N GLN B 26 19.82 7.88 12.81
CA GLN B 26 21.05 8.49 13.28
C GLN B 26 21.82 9.14 12.13
N ASN B 27 21.64 8.59 10.92
CA ASN B 27 22.34 9.11 9.75
C ASN B 27 21.37 9.78 8.77
N GLY B 28 20.13 9.31 8.75
CA GLY B 28 19.14 9.87 7.85
C GLY B 28 19.33 9.41 6.41
N PHE B 29 18.43 8.55 5.94
CA PHE B 29 18.51 8.03 4.58
C PHE B 29 19.81 7.28 4.32
N ASP B 30 19.68 6.02 3.92
CA ASP B 30 20.82 5.18 3.60
C ASP B 30 20.55 4.37 2.34
N VAL B 31 20.16 5.07 1.27
CA VAL B 31 19.85 4.41 0.01
C VAL B 31 21.08 3.76 -0.59
N ASN B 32 20.98 2.46 -0.87
CA ASN B 32 22.09 1.71 -1.44
C ASN B 32 21.77 1.21 -2.85
N ASN B 33 20.47 1.08 -3.15
CA ASN B 33 20.05 0.60 -4.47
C ASN B 33 18.72 1.22 -4.90
N LEU B 34 18.73 2.52 -5.18
CA LEU B 34 17.53 3.21 -5.63
C LEU B 34 17.34 3.03 -7.13
N ASP B 35 16.24 3.56 -7.67
CA ASP B 35 15.98 3.47 -9.10
C ASP B 35 16.84 4.48 -9.85
N PRO B 36 17.32 4.11 -11.06
CA PRO B 36 18.17 4.99 -11.86
C PRO B 36 17.54 6.37 -12.07
N ASP B 37 16.28 6.39 -12.48
CA ASP B 37 15.58 7.66 -12.69
C ASP B 37 15.24 8.30 -11.35
N LEU B 38 14.70 7.50 -10.45
CA LEU B 38 14.34 7.99 -9.13
C LEU B 38 15.56 8.54 -8.41
N ARG B 39 16.71 7.93 -8.63
CA ARG B 39 17.95 8.37 -8.02
C ARG B 39 18.13 9.88 -8.18
N SER B 40 17.70 10.39 -9.33
CA SER B 40 17.80 11.80 -9.64
C SER B 40 16.72 12.61 -8.94
N LEU B 41 15.49 12.12 -9.01
CA LEU B 41 14.36 12.81 -8.41
C LEU B 41 14.38 12.66 -6.88
N PHE B 42 14.98 11.58 -6.39
CA PHE B 42 15.08 11.36 -4.95
C PHE B 42 15.97 12.41 -4.32
N SER B 43 17.22 12.47 -4.77
CA SER B 43 18.14 13.48 -4.26
C SER B 43 17.56 14.87 -4.43
N ARG B 44 16.67 15.01 -5.40
CA ARG B 44 16.03 16.30 -5.68
C ARG B 44 14.72 16.46 -4.91
N ALA B 45 14.13 15.33 -4.52
CA ALA B 45 12.83 15.34 -3.85
C ALA B 45 12.96 15.11 -2.35
N GLY B 46 13.48 16.12 -1.66
CA GLY B 46 13.60 16.03 -0.22
C GLY B 46 14.94 15.51 0.23
N ILE B 47 15.55 14.65 -0.58
CA ILE B 47 16.85 14.10 -0.24
C ILE B 47 17.97 14.91 -0.87
N SER B 48 17.77 16.21 -0.89
CA SER B 48 18.72 17.14 -1.46
C SER B 48 19.70 17.60 -0.37
N GLU B 49 20.08 18.87 -0.37
CA GLU B 49 21.00 19.42 0.62
C GLU B 49 20.69 18.91 2.03
N ALA B 50 19.42 18.54 2.26
CA ALA B 50 19.01 18.05 3.58
C ALA B 50 18.85 19.18 4.58
N GLN B 51 19.98 19.77 4.98
CA GLN B 51 19.97 20.87 5.94
C GLN B 51 19.45 20.42 7.30
N LEU B 52 19.31 21.37 8.22
CA LEU B 52 18.83 21.07 9.56
C LEU B 52 18.51 22.34 10.34
N THR B 53 17.32 22.39 10.92
CA THR B 53 16.88 23.52 11.69
C THR B 53 15.53 23.22 12.33
N ASP B 54 15.53 23.20 13.65
CA ASP B 54 14.32 22.94 14.42
C ASP B 54 13.43 24.17 14.47
N ALA B 55 12.41 24.19 13.62
CA ALA B 55 11.49 25.32 13.58
C ALA B 55 10.58 25.34 14.81
N GLU B 56 10.85 26.25 15.72
CA GLU B 56 10.06 26.37 16.94
C GLU B 56 8.87 27.30 16.75
N THR B 57 7.67 26.77 16.97
CA THR B 57 6.45 27.56 16.82
C THR B 57 5.84 27.89 18.17
N SER B 58 6.54 28.71 18.96
CA SER B 58 6.05 29.11 20.27
C SER B 58 5.53 30.54 20.24
N LYS B 59 5.18 31.02 19.06
CA LYS B 59 4.68 32.38 18.90
C LYS B 59 3.69 32.48 17.74
N MET A 1 7.69 -12.70 -19.83
CA MET A 1 7.91 -12.18 -18.45
C MET A 1 7.07 -10.93 -18.20
N GLN A 2 5.92 -11.13 -17.55
CA GLN A 2 5.02 -10.03 -17.24
C GLN A 2 5.28 -9.48 -15.84
N THR A 3 4.86 -8.24 -15.60
CA THR A 3 5.06 -7.62 -14.30
C THR A 3 3.87 -6.73 -13.92
N ILE A 4 3.45 -6.83 -12.66
CA ILE A 4 2.33 -6.04 -12.16
C ILE A 4 2.84 -4.90 -11.30
N LYS A 5 2.45 -3.67 -11.64
CA LYS A 5 2.84 -2.51 -10.88
C LYS A 5 1.86 -2.28 -9.75
N CYS A 6 2.21 -2.76 -8.57
CA CYS A 6 1.37 -2.64 -7.39
C CYS A 6 1.89 -1.56 -6.46
N VAL A 7 1.07 -0.56 -6.18
CA VAL A 7 1.44 0.53 -5.32
C VAL A 7 0.39 0.72 -4.23
N VAL A 8 0.84 0.74 -2.98
CA VAL A 8 -0.07 0.91 -1.85
C VAL A 8 -0.31 2.39 -1.59
N VAL A 9 -1.57 2.77 -1.60
CA VAL A 9 -1.96 4.16 -1.42
C VAL A 9 -2.99 4.31 -0.31
N GLY A 10 -3.13 5.53 0.21
CA GLY A 10 -4.09 5.78 1.26
C GLY A 10 -3.67 6.92 2.17
N ASP A 11 -4.63 7.77 2.53
CA ASP A 11 -4.36 8.90 3.40
C ASP A 11 -4.53 8.50 4.86
N GLY A 12 -3.78 7.48 5.28
CA GLY A 12 -3.87 7.01 6.65
C GLY A 12 -2.59 6.35 7.11
N ALA A 13 -2.71 5.16 7.69
CA ALA A 13 -1.53 4.43 8.16
C ALA A 13 -1.88 3.02 8.62
N VAL A 14 -0.92 2.38 9.29
CA VAL A 14 -1.07 1.03 9.83
C VAL A 14 -1.64 0.03 8.82
N GLY A 15 -0.83 -0.98 8.47
CA GLY A 15 -1.31 -2.03 7.58
C GLY A 15 -0.61 -2.06 6.24
N LYS A 16 -0.59 -0.94 5.53
CA LYS A 16 -0.01 -0.89 4.20
C LYS A 16 1.31 -1.68 4.10
N THR A 17 2.27 -1.34 4.94
CA THR A 17 3.59 -1.98 4.90
C THR A 17 3.70 -3.16 5.87
N CYS A 18 2.77 -3.27 6.79
CA CYS A 18 2.81 -4.37 7.76
C CYS A 18 2.29 -5.65 7.12
N LEU A 19 1.44 -5.50 6.11
CA LEU A 19 0.87 -6.64 5.41
C LEU A 19 1.73 -7.00 4.20
N LEU A 20 2.27 -5.99 3.52
CA LEU A 20 3.12 -6.22 2.36
C LEU A 20 4.20 -7.25 2.68
N ILE A 21 4.83 -7.09 3.83
CA ILE A 21 5.88 -8.02 4.25
C ILE A 21 5.29 -9.34 4.74
N SER A 22 4.34 -9.25 5.66
CA SER A 22 3.70 -10.44 6.21
C SER A 22 3.05 -11.28 5.11
N TYR A 23 2.83 -10.67 3.95
CA TYR A 23 2.21 -11.37 2.83
C TYR A 23 3.24 -12.22 2.07
N THR A 24 4.46 -11.69 1.93
CA THR A 24 5.50 -12.39 1.20
C THR A 24 6.44 -13.16 2.11
N THR A 25 6.62 -12.68 3.35
CA THR A 25 7.53 -13.34 4.28
C THR A 25 6.79 -14.04 5.41
N ASN A 26 5.54 -13.64 5.64
CA ASN A 26 4.74 -14.24 6.71
C ASN A 26 5.29 -13.84 8.08
N LYS A 27 6.09 -12.79 8.13
CA LYS A 27 6.69 -12.33 9.37
C LYS A 27 6.28 -10.89 9.67
N PHE A 28 5.57 -10.72 10.78
CA PHE A 28 5.12 -9.38 11.19
C PHE A 28 6.31 -8.48 11.49
N PRO A 29 6.38 -7.29 10.85
CA PRO A 29 7.49 -6.36 11.05
C PRO A 29 7.44 -5.65 12.40
N SER A 30 8.58 -5.13 12.84
CA SER A 30 8.66 -4.42 14.11
C SER A 30 9.23 -3.02 13.93
N GLU A 31 9.63 -2.68 12.70
CA GLU A 31 10.20 -1.37 12.41
C GLU A 31 9.20 -0.26 12.74
N TYR A 32 9.69 0.98 12.75
CA TYR A 32 8.85 2.12 13.06
C TYR A 32 8.99 3.18 11.99
N VAL A 33 8.48 4.36 12.29
CA VAL A 33 8.51 5.51 11.39
C VAL A 33 7.92 5.19 10.01
N PRO A 34 7.50 6.21 9.25
CA PRO A 34 6.90 6.02 7.93
C PRO A 34 7.72 5.09 7.05
N THR A 35 7.10 4.58 5.99
CA THR A 35 7.77 3.69 5.06
C THR A 35 8.53 4.49 4.01
N VAL A 36 8.07 5.70 3.74
CA VAL A 36 8.70 6.56 2.75
C VAL A 36 8.56 5.97 1.35
N PHE A 37 9.29 4.89 1.09
CA PHE A 37 9.23 4.22 -0.20
C PHE A 37 9.99 2.90 -0.16
N ASP A 38 9.24 1.79 -0.22
CA ASP A 38 9.85 0.46 -0.21
C ASP A 38 9.38 -0.34 -1.41
N ASN A 39 10.32 -0.95 -2.12
CA ASN A 39 10.00 -1.71 -3.32
C ASN A 39 10.38 -3.18 -3.16
N TYR A 40 9.51 -4.06 -3.63
CA TYR A 40 9.75 -5.50 -3.58
C TYR A 40 9.20 -6.17 -4.84
N ALA A 41 9.70 -7.37 -5.14
CA ALA A 41 9.24 -8.09 -6.32
C ALA A 41 8.97 -9.56 -5.98
N VAL A 42 7.72 -9.98 -6.17
CA VAL A 42 7.32 -11.34 -5.89
C VAL A 42 7.15 -12.14 -7.18
N THR A 43 7.56 -13.40 -7.16
CA THR A 43 7.45 -14.28 -8.31
C THR A 43 6.34 -15.30 -8.11
N VAL A 44 5.23 -15.11 -8.81
CA VAL A 44 4.09 -16.00 -8.70
C VAL A 44 3.77 -16.68 -10.03
N MET A 45 3.10 -17.83 -9.95
CA MET A 45 2.72 -18.56 -11.15
C MET A 45 1.36 -18.09 -11.66
N ILE A 46 1.37 -17.06 -12.50
CA ILE A 46 0.15 -16.50 -13.04
C ILE A 46 -0.06 -16.94 -14.49
N GLY A 47 -1.24 -17.49 -14.77
CA GLY A 47 -1.54 -17.95 -16.11
C GLY A 47 -0.77 -19.19 -16.49
N GLY A 48 -0.41 -19.99 -15.49
CA GLY A 48 0.35 -21.20 -15.75
C GLY A 48 1.78 -20.92 -16.18
N GLU A 49 2.30 -19.77 -15.75
CA GLU A 49 3.66 -19.38 -16.09
C GLU A 49 4.27 -18.52 -14.99
N PRO A 50 5.62 -18.45 -14.94
CA PRO A 50 6.33 -17.63 -13.93
C PRO A 50 6.15 -16.14 -14.19
N TYR A 51 5.55 -15.45 -13.22
CA TYR A 51 5.31 -14.02 -13.34
C TYR A 51 6.03 -13.25 -12.23
N THR A 52 5.83 -11.94 -12.22
CA THR A 52 6.46 -11.10 -11.20
C THR A 52 5.50 -10.00 -10.76
N LEU A 53 5.46 -9.74 -9.46
CA LEU A 53 4.58 -8.73 -8.90
C LEU A 53 5.37 -7.53 -8.37
N GLY A 54 5.40 -6.46 -9.13
CA GLY A 54 6.10 -5.26 -8.72
C GLY A 54 5.44 -4.58 -7.54
N LEU A 55 5.95 -4.84 -6.33
CA LEU A 55 5.39 -4.27 -5.12
C LEU A 55 6.01 -2.91 -4.81
N PHE A 56 5.17 -1.94 -4.51
CA PHE A 56 5.64 -0.60 -4.19
C PHE A 56 4.95 -0.06 -2.93
N ASP A 57 5.64 0.81 -2.21
CA ASP A 57 5.10 1.40 -0.99
C ASP A 57 5.25 2.92 -1.00
N THR A 58 4.24 3.61 -0.49
CA THR A 58 4.26 5.06 -0.45
C THR A 58 3.52 5.59 0.78
N ALA A 59 4.15 6.54 1.48
CA ALA A 59 3.57 7.13 2.67
C ALA A 59 2.19 7.73 2.37
N GLY A 60 1.67 8.48 3.34
CA GLY A 60 0.37 9.11 3.16
C GLY A 60 0.32 9.98 1.91
N GLN A 61 0.38 11.29 2.10
CA GLN A 61 0.37 12.22 0.97
C GLN A 61 0.49 13.66 1.44
N GLU A 62 1.72 14.11 1.67
CA GLU A 62 1.98 15.47 2.10
C GLU A 62 3.48 15.69 2.31
N ASP A 63 4.06 14.87 3.18
CA ASP A 63 5.48 14.98 3.49
C ASP A 63 6.33 14.65 2.27
N TYR A 64 6.17 13.43 1.76
CA TYR A 64 6.92 13.00 0.58
C TYR A 64 6.11 13.23 -0.68
N ASP A 65 5.18 14.18 -0.62
CA ASP A 65 4.34 14.49 -1.78
C ASP A 65 5.19 14.69 -3.04
N ARG A 66 6.40 15.18 -2.86
CA ARG A 66 7.31 15.42 -3.98
C ARG A 66 7.75 14.11 -4.63
N LEU A 67 8.31 13.22 -3.82
CA LEU A 67 8.80 11.93 -4.32
C LEU A 67 7.78 10.81 -4.11
N ARG A 68 6.53 11.18 -3.86
CA ARG A 68 5.48 10.21 -3.61
C ARG A 68 4.92 9.63 -4.92
N PRO A 69 4.37 10.48 -5.81
CA PRO A 69 3.78 10.03 -7.08
C PRO A 69 4.80 9.45 -8.05
N LEU A 70 6.09 9.54 -7.70
CA LEU A 70 7.15 9.03 -8.56
C LEU A 70 6.96 7.55 -8.87
N SER A 71 6.19 6.86 -8.03
CA SER A 71 5.94 5.44 -8.21
C SER A 71 4.63 5.19 -8.98
N TYR A 72 4.14 6.22 -9.65
CA TYR A 72 2.90 6.13 -10.41
C TYR A 72 3.11 5.72 -11.87
N PRO A 73 4.18 6.23 -12.55
CA PRO A 73 4.43 5.91 -13.95
C PRO A 73 4.15 4.45 -14.29
N GLN A 74 3.04 4.22 -14.99
CA GLN A 74 2.65 2.87 -15.41
C GLN A 74 2.08 2.06 -14.25
N THR A 75 0.98 2.54 -13.66
CA THR A 75 0.32 1.83 -12.58
C THR A 75 -0.72 0.86 -13.11
N ASP A 76 -0.74 -0.35 -12.57
CA ASP A 76 -1.70 -1.36 -12.98
C ASP A 76 -2.88 -1.40 -12.02
N VAL A 77 -2.64 -1.01 -10.78
CA VAL A 77 -3.70 -0.97 -9.77
C VAL A 77 -3.33 -0.04 -8.63
N PHE A 78 -4.26 0.19 -7.72
CA PHE A 78 -4.04 1.05 -6.57
C PHE A 78 -4.64 0.44 -5.31
N LEU A 79 -3.78 0.15 -4.33
CA LEU A 79 -4.25 -0.43 -3.08
C LEU A 79 -4.64 0.65 -2.08
N VAL A 80 -5.94 0.84 -1.91
CA VAL A 80 -6.46 1.83 -0.96
C VAL A 80 -6.82 1.16 0.36
N CYS A 81 -5.82 1.03 1.23
CA CYS A 81 -6.03 0.39 2.53
C CYS A 81 -6.52 1.40 3.56
N PHE A 82 -7.77 1.24 3.98
CA PHE A 82 -8.35 2.14 4.96
C PHE A 82 -8.44 1.47 6.34
N SER A 83 -8.76 2.27 7.36
CA SER A 83 -8.87 1.75 8.72
C SER A 83 -10.31 1.36 9.03
N VAL A 84 -10.55 0.05 9.16
CA VAL A 84 -11.88 -0.45 9.45
C VAL A 84 -12.38 0.05 10.80
N VAL A 85 -11.45 0.28 11.73
CA VAL A 85 -11.79 0.78 13.06
C VAL A 85 -11.60 2.29 13.13
N SER A 86 -11.89 2.96 12.03
CA SER A 86 -11.74 4.41 11.96
C SER A 86 -12.73 5.01 10.96
N PRO A 87 -13.98 5.25 11.39
CA PRO A 87 -15.01 5.83 10.53
C PRO A 87 -14.48 6.98 9.69
N SER A 88 -13.54 7.74 10.24
CA SER A 88 -12.95 8.87 9.54
C SER A 88 -12.40 8.42 8.19
N SER A 89 -11.57 7.39 8.21
CA SER A 89 -10.99 6.85 6.98
C SER A 89 -12.09 6.53 5.98
N PHE A 90 -13.10 5.81 6.45
CA PHE A 90 -14.23 5.40 5.61
C PHE A 90 -14.87 6.61 4.92
N GLU A 91 -15.12 7.67 5.68
CA GLU A 91 -15.74 8.87 5.14
C GLU A 91 -14.94 9.42 3.96
N ASN A 92 -13.62 9.42 4.11
CA ASN A 92 -12.73 9.90 3.07
C ASN A 92 -12.46 8.81 2.05
N VAL A 93 -12.58 7.56 2.50
CA VAL A 93 -12.38 6.40 1.63
C VAL A 93 -13.23 6.52 0.37
N LYS A 94 -14.48 6.95 0.55
CA LYS A 94 -15.39 7.12 -0.57
C LYS A 94 -15.33 8.54 -1.13
N GLU A 95 -14.76 9.47 -0.36
CA GLU A 95 -14.67 10.85 -0.78
C GLU A 95 -13.32 11.47 -0.44
N LYS A 96 -12.24 10.85 -0.91
CA LYS A 96 -10.90 11.36 -0.63
C LYS A 96 -9.81 10.40 -1.09
N TRP A 97 -9.89 9.15 -0.64
CA TRP A 97 -8.89 8.15 -0.97
C TRP A 97 -9.01 7.71 -2.42
N VAL A 98 -10.18 7.26 -2.81
CA VAL A 98 -10.43 6.81 -4.18
C VAL A 98 -10.42 7.97 -5.17
N PRO A 99 -11.31 8.98 -5.00
CA PRO A 99 -11.38 10.12 -5.91
C PRO A 99 -10.01 10.72 -6.18
N GLU A 100 -9.18 10.80 -5.15
CA GLU A 100 -7.83 11.33 -5.31
C GLU A 100 -7.10 10.61 -6.43
N ILE A 101 -7.36 9.32 -6.56
CA ILE A 101 -6.75 8.51 -7.60
C ILE A 101 -7.50 8.66 -8.91
N THR A 102 -8.83 8.58 -8.83
CA THR A 102 -9.67 8.71 -10.01
C THR A 102 -9.43 10.03 -10.73
N HIS A 103 -8.99 11.04 -9.98
CA HIS A 103 -8.68 12.34 -10.55
C HIS A 103 -7.46 12.24 -11.45
N HIS A 104 -6.57 11.32 -11.12
CA HIS A 104 -5.37 11.08 -11.89
C HIS A 104 -5.61 10.02 -12.95
N CYS A 105 -6.30 8.96 -12.56
CA CYS A 105 -6.61 7.86 -13.48
C CYS A 105 -7.86 7.12 -13.02
N PRO A 106 -9.05 7.55 -13.48
CA PRO A 106 -10.32 6.93 -13.09
C PRO A 106 -10.59 5.62 -13.83
N LYS A 107 -9.65 5.20 -14.68
CA LYS A 107 -9.80 3.96 -15.44
C LYS A 107 -9.10 2.81 -14.72
N THR A 108 -7.96 3.10 -14.13
CA THR A 108 -7.19 2.09 -13.41
C THR A 108 -8.06 1.36 -12.39
N PRO A 109 -7.76 0.07 -12.14
CA PRO A 109 -8.49 -0.73 -11.16
C PRO A 109 -8.24 -0.26 -9.73
N PHE A 110 -9.13 -0.64 -8.81
CA PHE A 110 -8.99 -0.22 -7.42
C PHE A 110 -9.30 -1.34 -6.44
N LEU A 111 -8.28 -1.80 -5.74
CA LEU A 111 -8.43 -2.86 -4.75
C LEU A 111 -8.80 -2.27 -3.39
N LEU A 112 -9.93 -2.70 -2.83
CA LEU A 112 -10.38 -2.20 -1.53
C LEU A 112 -9.86 -3.10 -0.41
N VAL A 113 -8.99 -2.55 0.42
CA VAL A 113 -8.40 -3.32 1.52
C VAL A 113 -8.75 -2.74 2.88
N GLY A 114 -9.48 -3.52 3.68
CA GLY A 114 -9.83 -3.09 5.02
C GLY A 114 -8.87 -3.64 6.06
N THR A 115 -8.06 -2.75 6.65
CA THR A 115 -7.06 -3.17 7.62
C THR A 115 -7.50 -2.87 9.05
N GLN A 116 -6.70 -3.35 10.00
CA GLN A 116 -6.98 -3.14 11.43
C GLN A 116 -8.10 -4.06 11.91
N ILE A 117 -7.90 -5.36 11.74
CA ILE A 117 -8.89 -6.34 12.17
C ILE A 117 -8.67 -6.74 13.62
N ASP A 118 -7.40 -6.81 14.01
CA ASP A 118 -7.03 -7.17 15.38
C ASP A 118 -7.89 -6.44 16.40
N LEU A 119 -8.30 -5.21 16.06
CA LEU A 119 -9.15 -4.42 16.94
C LEU A 119 -10.62 -4.67 16.61
N ARG A 120 -10.90 -4.83 15.32
CA ARG A 120 -12.26 -5.10 14.86
C ARG A 120 -12.81 -6.35 15.52
N ASP A 121 -11.91 -7.24 15.94
CA ASP A 121 -12.31 -8.49 16.58
C ASP A 121 -12.12 -8.42 18.10
N ASP A 122 -11.82 -7.23 18.61
CA ASP A 122 -11.62 -7.06 20.05
C ASP A 122 -12.74 -6.20 20.65
N PRO A 123 -13.80 -6.84 21.16
CA PRO A 123 -14.93 -6.13 21.77
C PRO A 123 -14.49 -5.07 22.76
N SER A 124 -13.44 -5.37 23.53
CA SER A 124 -12.94 -4.44 24.52
C SER A 124 -12.72 -3.05 23.93
N THR A 125 -12.22 -3.00 22.71
CA THR A 125 -11.99 -1.73 22.04
C THR A 125 -13.22 -1.35 21.22
N ILE A 126 -13.76 -2.31 20.50
CA ILE A 126 -14.95 -2.10 19.71
C ILE A 126 -16.05 -1.46 20.55
N GLU A 127 -16.32 -2.05 21.70
CA GLU A 127 -17.34 -1.55 22.61
C GLU A 127 -16.89 -0.26 23.29
N LYS A 128 -15.58 -0.08 23.40
CA LYS A 128 -15.02 1.10 24.06
C LYS A 128 -15.32 2.37 23.27
N LEU A 129 -15.11 2.32 21.96
CA LEU A 129 -15.36 3.49 21.12
C LEU A 129 -16.73 3.41 20.44
N ALA A 130 -17.27 2.21 20.34
CA ALA A 130 -18.57 2.00 19.71
C ALA A 130 -19.60 3.02 20.20
N LYS A 131 -19.39 3.56 21.40
CA LYS A 131 -20.32 4.51 21.96
C LYS A 131 -19.63 5.78 22.46
N ASN A 132 -18.47 6.09 21.89
CA ASN A 132 -17.74 7.28 22.30
C ASN A 132 -17.54 8.26 21.17
N LYS A 133 -17.41 7.74 19.95
CA LYS A 133 -17.23 8.58 18.77
C LYS A 133 -16.86 7.79 17.52
N GLN A 134 -16.33 6.60 17.71
CA GLN A 134 -15.90 5.76 16.59
C GLN A 134 -16.65 4.43 16.55
N LYS A 135 -16.48 3.71 15.45
CA LYS A 135 -17.13 2.41 15.27
C LYS A 135 -16.46 1.63 14.13
N PRO A 136 -16.43 0.29 14.24
CA PRO A 136 -15.84 -0.56 13.20
C PRO A 136 -16.71 -0.65 11.96
N ILE A 137 -16.09 -0.83 10.81
CA ILE A 137 -16.82 -0.94 9.56
C ILE A 137 -17.04 -2.39 9.17
N THR A 138 -18.20 -2.67 8.58
CA THR A 138 -18.55 -4.04 8.19
C THR A 138 -18.23 -4.31 6.72
N PRO A 139 -18.12 -5.59 6.34
CA PRO A 139 -17.83 -5.98 4.96
C PRO A 139 -18.86 -5.46 3.96
N GLU A 140 -20.13 -5.45 4.38
CA GLU A 140 -21.21 -4.99 3.53
C GLU A 140 -21.10 -3.49 3.26
N THR A 141 -20.79 -2.73 4.32
CA THR A 141 -20.65 -1.29 4.19
C THR A 141 -19.45 -0.93 3.33
N ALA A 142 -18.36 -1.67 3.50
CA ALA A 142 -17.14 -1.44 2.73
C ALA A 142 -17.31 -1.97 1.30
N GLU A 143 -17.80 -3.19 1.19
CA GLU A 143 -18.04 -3.80 -0.12
C GLU A 143 -18.85 -2.85 -1.00
N LYS A 144 -19.80 -2.15 -0.38
CA LYS A 144 -20.61 -1.18 -1.09
C LYS A 144 -19.71 -0.17 -1.78
N LEU A 145 -18.80 0.43 -1.01
CA LEU A 145 -17.85 1.37 -1.56
C LEU A 145 -17.11 0.72 -2.72
N ALA A 146 -16.71 -0.53 -2.53
CA ALA A 146 -16.04 -1.28 -3.57
C ALA A 146 -16.84 -1.25 -4.87
N ARG A 147 -18.16 -1.16 -4.73
CA ARG A 147 -19.05 -1.12 -5.89
C ARG A 147 -19.40 0.32 -6.26
N ASP A 148 -19.45 1.17 -5.24
CA ASP A 148 -19.78 2.57 -5.44
C ASP A 148 -18.60 3.32 -6.06
N LEU A 149 -17.39 2.88 -5.72
CA LEU A 149 -16.19 3.50 -6.25
C LEU A 149 -15.62 2.71 -7.42
N LYS A 150 -16.47 1.88 -8.03
CA LYS A 150 -16.06 1.08 -9.18
C LYS A 150 -14.84 0.21 -8.86
N ALA A 151 -14.65 -0.08 -7.58
CA ALA A 151 -13.52 -0.92 -7.15
C ALA A 151 -13.61 -2.31 -7.75
N VAL A 152 -12.45 -2.90 -8.03
CA VAL A 152 -12.40 -4.24 -8.61
C VAL A 152 -13.01 -5.27 -7.67
N LYS A 153 -12.89 -5.02 -6.36
CA LYS A 153 -13.44 -5.91 -5.35
C LYS A 153 -13.06 -5.45 -3.95
N TYR A 154 -13.78 -5.95 -2.97
CA TYR A 154 -13.54 -5.59 -1.57
C TYR A 154 -12.89 -6.75 -0.81
N VAL A 155 -11.86 -6.43 -0.05
CA VAL A 155 -11.17 -7.42 0.76
C VAL A 155 -10.65 -6.81 2.07
N GLU A 156 -10.54 -7.65 3.10
CA GLU A 156 -10.06 -7.20 4.40
C GLU A 156 -8.88 -8.06 4.85
N CYS A 157 -7.90 -7.44 5.50
CA CYS A 157 -6.72 -8.18 5.94
C CYS A 157 -5.89 -7.40 6.96
N SER A 158 -5.11 -8.15 7.74
CA SER A 158 -4.22 -7.57 8.73
C SER A 158 -2.86 -8.25 8.66
N ALA A 159 -1.91 -7.78 9.46
CA ALA A 159 -0.57 -8.36 9.47
C ALA A 159 -0.37 -9.24 10.70
N LEU A 160 -0.98 -8.84 11.81
CA LEU A 160 -0.89 -9.61 13.05
C LEU A 160 -1.63 -10.92 12.90
N THR A 161 -2.85 -10.81 12.44
CA THR A 161 -3.71 -11.98 12.26
C THR A 161 -3.52 -12.60 10.88
N GLN A 162 -3.20 -11.77 9.89
CA GLN A 162 -2.98 -12.25 8.53
C GLN A 162 -4.29 -12.72 7.91
N LYS A 163 -5.41 -12.19 8.40
CA LYS A 163 -6.72 -12.55 7.87
C LYS A 163 -6.77 -12.32 6.36
N GLY A 164 -6.83 -13.40 5.59
CA GLY A 164 -6.86 -13.28 4.15
C GLY A 164 -5.74 -12.39 3.62
N LEU A 165 -4.68 -12.29 4.41
CA LEU A 165 -3.52 -11.47 4.04
C LEU A 165 -3.08 -11.76 2.61
N LYS A 166 -3.18 -13.02 2.21
CA LYS A 166 -2.78 -13.44 0.86
C LYS A 166 -3.88 -13.20 -0.15
N ASN A 167 -5.08 -13.70 0.15
CA ASN A 167 -6.22 -13.56 -0.75
C ASN A 167 -6.36 -12.13 -1.26
N VAL A 168 -5.97 -11.17 -0.43
CA VAL A 168 -6.07 -9.76 -0.78
C VAL A 168 -5.24 -9.43 -2.02
N PHE A 169 -3.94 -9.70 -1.94
CA PHE A 169 -3.04 -9.42 -3.05
C PHE A 169 -3.45 -10.21 -4.29
N ASP A 170 -3.90 -11.44 -4.09
CA ASP A 170 -4.33 -12.29 -5.20
C ASP A 170 -5.38 -11.58 -6.04
N GLU A 171 -6.14 -10.71 -5.39
CA GLU A 171 -7.17 -9.95 -6.09
C GLU A 171 -6.58 -8.73 -6.78
N ALA A 172 -5.68 -8.04 -6.08
CA ALA A 172 -5.02 -6.87 -6.64
C ALA A 172 -4.38 -7.19 -7.97
N ILE A 173 -3.39 -8.10 -7.97
CA ILE A 173 -2.74 -8.53 -9.20
C ILE A 173 -3.78 -8.87 -10.26
N LEU A 174 -4.65 -9.82 -9.93
CA LEU A 174 -5.74 -10.21 -10.82
C LEU A 174 -6.52 -8.98 -11.26
N ALA A 175 -6.57 -7.96 -10.40
CA ALA A 175 -7.27 -6.72 -10.70
C ALA A 175 -6.43 -5.86 -11.65
N ALA A 176 -5.19 -5.59 -11.26
CA ALA A 176 -4.28 -4.79 -12.06
C ALA A 176 -4.21 -5.33 -13.49
N LEU A 177 -3.98 -6.63 -13.59
CA LEU A 177 -3.89 -7.28 -14.89
C LEU A 177 -5.25 -7.28 -15.58
N GLU A 178 -5.33 -7.89 -16.76
CA GLU A 178 -6.57 -7.92 -17.53
C GLU A 178 -6.45 -8.89 -18.71
N PRO A 179 -7.58 -9.26 -19.34
CA PRO A 179 -7.59 -10.15 -20.51
C PRO A 179 -6.49 -9.80 -21.51
N LYS B 1 -4.24 -14.68 -24.66
CA LYS B 1 -5.07 -13.93 -23.69
C LYS B 1 -4.28 -13.58 -22.44
N LYS B 2 -4.79 -12.63 -21.65
CA LYS B 2 -4.12 -12.21 -20.43
C LYS B 2 -5.10 -12.20 -19.25
N LYS B 3 -6.16 -13.00 -19.36
CA LYS B 3 -7.16 -13.11 -18.31
C LYS B 3 -6.62 -13.84 -17.11
N ILE B 4 -6.53 -13.10 -16.03
CA ILE B 4 -6.11 -13.66 -14.77
C ILE B 4 -7.35 -14.09 -14.02
N SER B 5 -7.22 -15.15 -13.26
CA SER B 5 -8.34 -15.62 -12.48
C SER B 5 -7.90 -15.85 -11.04
N LYS B 6 -8.85 -15.85 -10.12
CA LYS B 6 -8.53 -16.06 -8.71
C LYS B 6 -7.70 -17.34 -8.52
N ALA B 7 -7.86 -18.29 -9.44
CA ALA B 7 -7.17 -19.56 -9.35
C ALA B 7 -5.89 -19.59 -10.19
N ASP B 8 -5.61 -18.50 -10.91
CA ASP B 8 -4.42 -18.44 -11.75
C ASP B 8 -3.18 -18.08 -10.93
N ILE B 9 -3.16 -16.87 -10.38
CA ILE B 9 -2.04 -16.41 -9.59
C ILE B 9 -1.68 -17.44 -8.52
N GLY B 10 -0.66 -18.26 -8.81
CA GLY B 10 -0.24 -19.28 -7.87
C GLY B 10 0.21 -18.70 -6.54
N ALA B 11 1.10 -19.41 -5.85
CA ALA B 11 1.61 -18.95 -4.58
C ALA B 11 2.85 -18.08 -4.77
N PRO B 12 2.97 -16.98 -4.00
CA PRO B 12 4.10 -16.05 -4.10
C PRO B 12 5.42 -16.75 -3.82
N SER B 13 6.53 -16.12 -4.21
CA SER B 13 7.85 -16.67 -3.99
C SER B 13 8.92 -15.82 -4.69
N GLY B 14 10.13 -15.88 -4.16
CA GLY B 14 11.22 -15.11 -4.74
C GLY B 14 11.24 -13.67 -4.29
N PHE B 15 10.88 -13.44 -3.02
CA PHE B 15 10.86 -12.09 -2.45
C PHE B 15 12.09 -11.30 -2.90
N LYS B 16 11.86 -10.28 -3.72
CA LYS B 16 12.94 -9.49 -4.26
C LYS B 16 12.93 -8.07 -3.73
N HIS B 17 13.83 -7.76 -2.81
CA HIS B 17 13.94 -6.42 -2.26
C HIS B 17 14.51 -5.49 -3.33
N VAL B 18 13.63 -4.97 -4.16
CA VAL B 18 14.03 -4.11 -5.27
C VAL B 18 14.51 -2.75 -4.79
N SER B 19 14.10 -2.37 -3.59
CA SER B 19 14.49 -1.08 -3.02
C SER B 19 13.90 -0.88 -1.63
N HIS B 20 14.51 0.02 -0.86
CA HIS B 20 14.03 0.32 0.49
C HIS B 20 14.57 1.67 0.97
N VAL B 21 13.67 2.52 1.44
CA VAL B 21 14.05 3.84 1.93
C VAL B 21 13.76 3.98 3.42
N GLY B 22 14.78 4.35 4.18
CA GLY B 22 14.61 4.50 5.62
C GLY B 22 14.99 5.89 6.11
N TRP B 23 13.99 6.75 6.29
CA TRP B 23 14.24 8.12 6.74
C TRP B 23 14.12 8.23 8.26
N ASP B 24 15.27 8.28 8.93
CA ASP B 24 15.30 8.42 10.38
C ASP B 24 15.17 9.88 10.77
N PRO B 25 14.47 10.18 11.89
CA PRO B 25 14.27 11.54 12.36
C PRO B 25 15.51 12.12 13.06
N GLN B 26 16.50 11.27 13.31
CA GLN B 26 17.72 11.71 13.96
C GLN B 26 18.92 11.65 13.00
N ASN B 27 18.84 10.75 12.03
CA ASN B 27 19.90 10.59 11.05
C ASN B 27 19.47 11.08 9.67
N GLY B 28 18.19 10.94 9.37
CA GLY B 28 17.67 11.36 8.08
C GLY B 28 17.48 10.17 7.15
N PHE B 29 17.55 10.43 5.84
CA PHE B 29 17.39 9.36 4.85
C PHE B 29 18.52 8.36 4.96
N ASP B 30 18.15 7.08 5.09
CA ASP B 30 19.13 6.01 5.21
C ASP B 30 19.00 5.05 4.03
N VAL B 31 18.79 5.64 2.85
CA VAL B 31 18.62 4.87 1.63
C VAL B 31 19.90 4.11 1.27
N ASN B 32 19.80 2.79 1.21
CA ASN B 32 20.94 1.95 0.88
C ASN B 32 20.82 1.40 -0.53
N ASN B 33 19.59 1.18 -0.98
CA ASN B 33 19.33 0.66 -2.31
C ASN B 33 18.08 1.27 -2.92
N LEU B 34 18.22 2.49 -3.45
CA LEU B 34 17.11 3.18 -4.08
C LEU B 34 17.01 2.81 -5.56
N ASP B 35 15.87 3.06 -6.17
CA ASP B 35 15.67 2.74 -7.58
C ASP B 35 16.51 3.66 -8.46
N PRO B 36 16.97 3.14 -9.62
CA PRO B 36 17.79 3.93 -10.55
C PRO B 36 17.04 5.13 -11.10
N ASP B 37 15.90 4.88 -11.74
CA ASP B 37 15.09 5.95 -12.29
C ASP B 37 14.56 6.87 -11.20
N LEU B 38 14.26 6.29 -10.04
CA LEU B 38 13.74 7.06 -8.92
C LEU B 38 14.85 7.85 -8.23
N ARG B 39 16.10 7.42 -8.44
CA ARG B 39 17.24 8.10 -7.85
C ARG B 39 17.37 9.51 -8.39
N SER B 40 17.09 9.67 -9.68
CA SER B 40 17.15 10.96 -10.33
C SER B 40 15.94 11.82 -9.96
N LEU B 41 14.82 11.16 -9.71
CA LEU B 41 13.60 11.84 -9.33
C LEU B 41 13.58 12.16 -7.85
N PHE B 42 14.17 11.27 -7.05
CA PHE B 42 14.24 11.46 -5.61
C PHE B 42 14.93 12.79 -5.28
N SER B 43 16.17 12.92 -5.72
CA SER B 43 16.92 14.15 -5.50
C SER B 43 16.19 15.34 -6.12
N ARG B 44 15.36 15.05 -7.12
CA ARG B 44 14.58 16.08 -7.80
C ARG B 44 13.24 16.31 -7.11
N ALA B 45 12.87 15.40 -6.20
CA ALA B 45 11.58 15.50 -5.52
C ALA B 45 11.73 16.09 -4.11
N GLY B 46 11.85 15.23 -3.10
CA GLY B 46 11.97 15.71 -1.74
C GLY B 46 13.40 15.68 -1.24
N ILE B 47 14.24 14.91 -1.92
CA ILE B 47 15.64 14.81 -1.54
C ILE B 47 16.50 15.81 -2.29
N SER B 48 15.98 17.01 -2.44
CA SER B 48 16.68 18.07 -3.15
C SER B 48 17.79 18.64 -2.28
N GLU B 49 18.14 19.91 -2.51
CA GLU B 49 19.21 20.57 -1.75
C GLU B 49 19.12 20.25 -0.26
N ALA B 50 17.91 19.97 0.22
CA ALA B 50 17.71 19.65 1.63
C ALA B 50 18.08 20.85 2.52
N GLN B 51 18.31 20.59 3.79
CA GLN B 51 18.67 21.65 4.73
C GLN B 51 20.06 22.18 4.42
N LEU B 52 20.29 23.45 4.72
CA LEU B 52 21.57 24.08 4.47
C LEU B 52 22.56 23.78 5.59
N THR B 53 23.82 23.57 5.22
CA THR B 53 24.86 23.27 6.20
C THR B 53 25.72 24.49 6.53
N ASP B 54 25.31 25.64 6.03
CA ASP B 54 26.03 26.88 6.26
C ASP B 54 27.47 26.78 5.77
N ALA B 55 27.67 26.03 4.68
CA ALA B 55 29.00 25.85 4.12
C ALA B 55 29.96 25.28 5.15
N GLU B 56 29.42 24.45 6.05
CA GLU B 56 30.23 23.84 7.10
C GLU B 56 30.70 24.89 8.10
N THR B 57 30.28 24.73 9.35
CA THR B 57 30.64 25.67 10.40
C THR B 57 32.11 25.50 10.81
N SER B 58 32.94 26.45 10.40
CA SER B 58 34.36 26.41 10.73
C SER B 58 34.59 26.85 12.18
N LYS B 59 35.84 27.14 12.52
CA LYS B 59 36.17 27.57 13.86
C LYS B 59 35.87 26.48 14.88
N MET A 1 -13.34 5.72 20.82
CA MET A 1 -11.94 6.21 20.76
C MET A 1 -10.98 5.09 20.35
N GLN A 2 -10.59 5.10 19.09
CA GLN A 2 -9.67 4.08 18.57
C GLN A 2 -9.00 4.56 17.28
N THR A 3 -7.87 3.96 16.95
CA THR A 3 -7.14 4.33 15.75
C THR A 3 -6.50 3.11 15.09
N ILE A 4 -6.65 3.01 13.77
CA ILE A 4 -6.09 1.90 13.01
C ILE A 4 -4.79 2.30 12.35
N LYS A 5 -3.85 1.36 12.25
CA LYS A 5 -2.55 1.63 11.63
C LYS A 5 -2.29 0.66 10.49
N CYS A 6 -2.68 1.07 9.29
CA CYS A 6 -2.48 0.25 8.09
C CYS A 6 -1.36 0.84 7.25
N VAL A 7 -0.55 -0.03 6.64
CA VAL A 7 0.56 0.41 5.80
C VAL A 7 0.42 -0.16 4.39
N VAL A 8 0.52 0.72 3.40
CA VAL A 8 0.39 0.31 2.01
C VAL A 8 1.72 -0.15 1.45
N VAL A 9 1.81 -1.45 1.16
CA VAL A 9 3.02 -2.04 0.63
C VAL A 9 2.77 -2.66 -0.74
N GLY A 10 3.56 -2.23 -1.73
CA GLY A 10 3.40 -2.74 -3.07
C GLY A 10 4.61 -2.49 -3.94
N ASP A 11 4.79 -3.32 -4.97
CA ASP A 11 5.92 -3.20 -5.88
C ASP A 11 5.78 -1.94 -6.75
N GLY A 12 6.91 -1.33 -7.07
CA GLY A 12 6.89 -0.13 -7.89
C GLY A 12 5.93 0.91 -7.37
N ALA A 13 5.17 1.52 -8.29
CA ALA A 13 4.20 2.55 -7.92
C ALA A 13 2.78 1.99 -7.92
N VAL A 14 2.40 1.39 -9.06
CA VAL A 14 1.07 0.79 -9.29
C VAL A 14 -0.07 1.77 -9.02
N GLY A 15 -0.18 2.30 -7.80
CA GLY A 15 -1.25 3.23 -7.49
C GLY A 15 -1.60 3.26 -6.01
N LYS A 16 -0.58 3.24 -5.16
CA LYS A 16 -0.80 3.20 -3.71
C LYS A 16 -1.75 4.30 -3.24
N THR A 17 -1.23 5.52 -3.15
CA THR A 17 -2.00 6.67 -2.68
C THR A 17 -3.22 6.96 -3.57
N CYS A 18 -3.28 6.34 -4.74
CA CYS A 18 -4.38 6.58 -5.66
C CYS A 18 -5.70 6.16 -5.04
N LEU A 19 -5.82 4.88 -4.67
CA LEU A 19 -7.05 4.43 -4.06
C LEU A 19 -7.21 5.05 -2.69
N LEU A 20 -6.09 5.42 -2.06
CA LEU A 20 -6.15 6.09 -0.77
C LEU A 20 -6.98 7.35 -0.88
N ILE A 21 -6.87 8.02 -2.03
CA ILE A 21 -7.64 9.23 -2.29
C ILE A 21 -8.99 8.90 -2.91
N SER A 22 -8.99 7.91 -3.80
CA SER A 22 -10.22 7.48 -4.45
C SER A 22 -11.09 6.66 -3.50
N TYR A 23 -10.57 6.36 -2.31
CA TYR A 23 -11.31 5.58 -1.33
C TYR A 23 -11.99 6.49 -0.32
N THR A 24 -11.20 7.35 0.32
CA THR A 24 -11.72 8.25 1.34
C THR A 24 -12.68 9.29 0.74
N THR A 25 -12.30 9.84 -0.41
CA THR A 25 -13.11 10.87 -1.05
C THR A 25 -14.01 10.27 -2.13
N ASN A 26 -13.67 9.06 -2.58
CA ASN A 26 -14.46 8.38 -3.61
C ASN A 26 -14.29 9.05 -4.97
N LYS A 27 -13.20 9.79 -5.14
CA LYS A 27 -12.93 10.48 -6.39
C LYS A 27 -11.51 10.23 -6.86
N PHE A 28 -11.33 10.17 -8.17
CA PHE A 28 -10.01 9.94 -8.77
C PHE A 28 -9.21 11.24 -8.81
N PRO A 29 -7.92 11.19 -8.45
CA PRO A 29 -7.06 12.38 -8.45
C PRO A 29 -6.88 12.98 -9.83
N SER A 30 -5.93 13.90 -9.95
CA SER A 30 -5.65 14.57 -11.21
C SER A 30 -4.19 15.01 -11.28
N GLU A 31 -3.75 15.67 -10.22
CA GLU A 31 -2.37 16.14 -10.15
C GLU A 31 -1.40 14.97 -10.18
N TYR A 32 -0.11 15.27 -10.36
CA TYR A 32 0.92 14.24 -10.40
C TYR A 32 2.11 14.63 -9.55
N VAL A 33 2.35 13.85 -8.50
CA VAL A 33 3.47 14.10 -7.59
C VAL A 33 3.60 12.94 -6.60
N PRO A 34 4.80 12.31 -6.54
CA PRO A 34 5.04 11.18 -5.64
C PRO A 34 4.70 11.48 -4.18
N THR A 35 3.83 10.67 -3.61
CA THR A 35 3.41 10.84 -2.22
C THR A 35 4.60 10.70 -1.26
N VAL A 36 5.58 9.90 -1.68
CA VAL A 36 6.76 9.58 -0.86
C VAL A 36 6.32 9.09 0.53
N PHE A 37 6.03 10.03 1.44
CA PHE A 37 5.58 9.68 2.77
C PHE A 37 4.57 10.69 3.29
N ASP A 38 3.30 10.42 3.05
CA ASP A 38 2.23 11.30 3.50
C ASP A 38 1.31 10.57 4.47
N ASN A 39 1.19 11.10 5.68
CA ASN A 39 0.35 10.49 6.70
C ASN A 39 -0.96 11.24 6.83
N TYR A 40 -2.06 10.55 6.56
CA TYR A 40 -3.39 11.14 6.65
C TYR A 40 -4.21 10.46 7.74
N ALA A 41 -5.31 11.10 8.14
CA ALA A 41 -6.18 10.52 9.15
C ALA A 41 -7.64 10.61 8.74
N VAL A 42 -8.29 9.46 8.62
CA VAL A 42 -9.69 9.40 8.23
C VAL A 42 -10.59 9.09 9.43
N THR A 43 -11.73 9.76 9.50
CA THR A 43 -12.68 9.55 10.57
C THR A 43 -13.89 8.77 10.07
N VAL A 44 -14.03 7.53 10.52
CA VAL A 44 -15.13 6.67 10.09
C VAL A 44 -15.97 6.21 11.27
N MET A 45 -17.21 5.81 10.98
CA MET A 45 -18.10 5.30 12.01
C MET A 45 -17.89 3.81 12.21
N ILE A 46 -16.96 3.47 13.09
CA ILE A 46 -16.65 2.07 13.36
C ILE A 46 -17.14 1.63 14.73
N GLY A 47 -17.94 0.58 14.75
CA GLY A 47 -18.47 0.06 16.01
C GLY A 47 -19.33 1.07 16.73
N GLY A 48 -20.08 1.87 15.97
CA GLY A 48 -20.95 2.86 16.57
C GLY A 48 -20.18 3.97 17.24
N GLU A 49 -18.95 4.21 16.79
CA GLU A 49 -18.11 5.25 17.35
C GLU A 49 -17.19 5.84 16.29
N PRO A 50 -16.96 7.16 16.32
CA PRO A 50 -16.10 7.84 15.35
C PRO A 50 -14.63 7.45 15.51
N TYR A 51 -14.20 6.48 14.72
CA TYR A 51 -12.83 6.00 14.77
C TYR A 51 -11.90 6.91 13.97
N THR A 52 -10.62 6.56 13.91
CA THR A 52 -9.64 7.34 13.18
C THR A 52 -8.64 6.43 12.47
N LEU A 53 -8.94 6.08 11.22
CA LEU A 53 -8.06 5.21 10.45
C LEU A 53 -6.72 5.88 10.17
N GLY A 54 -5.64 5.12 10.33
CA GLY A 54 -4.32 5.64 10.07
C GLY A 54 -3.84 5.33 8.68
N LEU A 55 -3.90 6.33 7.80
CA LEU A 55 -3.49 6.14 6.41
C LEU A 55 -1.99 6.35 6.25
N PHE A 56 -1.27 5.26 5.96
CA PHE A 56 0.17 5.32 5.77
C PHE A 56 0.56 4.87 4.37
N ASP A 57 1.37 5.67 3.70
CA ASP A 57 1.81 5.36 2.35
C ASP A 57 3.33 5.26 2.28
N THR A 58 3.82 4.28 1.52
CA THR A 58 5.26 4.08 1.38
C THR A 58 5.67 4.12 -0.09
N ALA A 59 6.97 4.30 -0.33
CA ALA A 59 7.49 4.36 -1.69
C ALA A 59 7.96 2.98 -2.16
N GLY A 60 7.87 2.74 -3.46
CA GLY A 60 8.28 1.45 -4.01
C GLY A 60 9.78 1.35 -4.17
N GLN A 61 10.41 2.42 -4.62
CA GLN A 61 11.85 2.45 -4.83
C GLN A 61 12.59 1.91 -3.61
N GLU A 62 13.87 1.58 -3.78
CA GLU A 62 14.68 1.05 -2.70
C GLU A 62 15.41 2.16 -1.96
N ASP A 63 15.63 3.28 -2.66
CA ASP A 63 16.33 4.42 -2.07
C ASP A 63 15.65 4.86 -0.78
N TYR A 64 14.35 4.57 -0.68
CA TYR A 64 13.59 4.94 0.51
C TYR A 64 13.53 3.79 1.51
N ASP A 65 14.41 2.80 1.34
CA ASP A 65 14.44 1.65 2.23
C ASP A 65 15.01 2.03 3.59
N ARG A 66 15.83 3.07 3.62
CA ARG A 66 16.45 3.53 4.86
C ARG A 66 15.40 4.00 5.85
N LEU A 67 14.38 4.68 5.36
CA LEU A 67 13.32 5.20 6.22
C LEU A 67 11.97 4.57 5.88
N ARG A 68 12.01 3.38 5.29
CA ARG A 68 10.78 2.67 4.92
C ARG A 68 10.14 1.98 6.13
N PRO A 69 10.93 1.31 6.98
CA PRO A 69 10.42 0.63 8.17
C PRO A 69 9.91 1.62 9.21
N LEU A 70 10.45 2.84 9.16
CA LEU A 70 10.05 3.89 10.07
C LEU A 70 8.55 4.15 9.98
N SER A 71 7.95 3.77 8.86
CA SER A 71 6.52 3.99 8.65
C SER A 71 5.69 2.81 9.15
N TYR A 72 6.28 1.98 10.01
CA TYR A 72 5.58 0.82 10.55
C TYR A 72 5.44 0.90 12.07
N PRO A 73 5.01 2.05 12.60
CA PRO A 73 4.83 2.24 14.05
C PRO A 73 3.72 1.36 14.60
N GLN A 74 4.10 0.15 15.03
CA GLN A 74 3.14 -0.80 15.57
C GLN A 74 2.01 -1.04 14.58
N THR A 75 2.37 -1.13 13.29
CA THR A 75 1.39 -1.35 12.23
C THR A 75 0.44 -2.50 12.58
N ASP A 76 -0.81 -2.36 12.16
CA ASP A 76 -1.81 -3.40 12.41
C ASP A 76 -1.91 -4.35 11.23
N VAL A 77 -2.54 -3.88 10.14
CA VAL A 77 -2.68 -4.69 8.94
C VAL A 77 -1.70 -4.24 7.87
N PHE A 78 -1.68 -4.96 6.75
CA PHE A 78 -0.76 -4.64 5.67
C PHE A 78 -1.46 -4.73 4.31
N LEU A 79 -1.38 -3.65 3.54
CA LEU A 79 -1.98 -3.63 2.22
C LEU A 79 -0.97 -4.02 1.15
N VAL A 80 -1.03 -5.29 0.74
CA VAL A 80 -0.11 -5.79 -0.28
C VAL A 80 -0.69 -5.63 -1.68
N CYS A 81 -0.47 -4.47 -2.27
CA CYS A 81 -0.95 -4.19 -3.62
C CYS A 81 0.00 -4.76 -4.66
N PHE A 82 -0.44 -5.79 -5.36
CA PHE A 82 0.38 -6.43 -6.39
C PHE A 82 -0.32 -6.36 -7.75
N SER A 83 0.45 -6.06 -8.79
CA SER A 83 -0.10 -5.96 -10.14
C SER A 83 -0.69 -7.30 -10.58
N VAL A 84 -1.99 -7.29 -10.86
CA VAL A 84 -2.68 -8.49 -11.31
C VAL A 84 -2.24 -8.88 -12.71
N VAL A 85 -1.85 -7.88 -13.50
CA VAL A 85 -1.38 -8.10 -14.87
C VAL A 85 0.12 -8.31 -14.92
N SER A 86 0.66 -9.01 -13.93
CA SER A 86 2.09 -9.28 -13.86
C SER A 86 2.40 -10.31 -12.77
N PRO A 87 2.82 -11.53 -13.16
CA PRO A 87 3.14 -12.59 -12.21
C PRO A 87 4.30 -12.23 -11.28
N SER A 88 5.09 -11.25 -11.70
CA SER A 88 6.22 -10.80 -10.91
C SER A 88 5.80 -10.48 -9.48
N SER A 89 4.95 -9.48 -9.33
CA SER A 89 4.46 -9.08 -8.02
C SER A 89 3.83 -10.28 -7.31
N PHE A 90 3.04 -11.05 -8.04
CA PHE A 90 2.36 -12.22 -7.49
C PHE A 90 3.37 -13.23 -6.94
N GLU A 91 4.50 -13.38 -7.63
CA GLU A 91 5.54 -14.30 -7.19
C GLU A 91 6.11 -13.87 -5.86
N ASN A 92 6.51 -12.61 -5.78
CA ASN A 92 7.06 -12.04 -4.55
C ASN A 92 5.96 -11.86 -3.52
N VAL A 93 4.75 -11.64 -4.00
CA VAL A 93 3.58 -11.48 -3.13
C VAL A 93 3.51 -12.61 -2.11
N LYS A 94 3.68 -13.84 -2.60
CA LYS A 94 3.62 -15.01 -1.73
C LYS A 94 5.00 -15.35 -1.17
N GLU A 95 6.05 -14.86 -1.84
CA GLU A 95 7.41 -15.14 -1.40
C GLU A 95 8.27 -13.87 -1.37
N LYS A 96 7.82 -12.87 -0.63
CA LYS A 96 8.57 -11.63 -0.53
C LYS A 96 7.86 -10.62 0.39
N TRP A 97 6.75 -10.07 -0.08
CA TRP A 97 6.02 -9.06 0.69
C TRP A 97 5.44 -9.64 1.97
N VAL A 98 4.78 -10.79 1.86
CA VAL A 98 4.17 -11.42 3.02
C VAL A 98 5.22 -11.97 4.00
N PRO A 99 6.08 -12.90 3.55
CA PRO A 99 7.11 -13.50 4.41
C PRO A 99 7.97 -12.46 5.11
N GLU A 100 8.03 -11.26 4.54
CA GLU A 100 8.83 -10.18 5.11
C GLU A 100 8.17 -9.60 6.35
N ILE A 101 6.85 -9.62 6.38
CA ILE A 101 6.10 -9.09 7.51
C ILE A 101 5.72 -10.20 8.49
N THR A 102 5.34 -11.36 7.96
CA THR A 102 4.97 -12.49 8.79
C THR A 102 6.08 -12.79 9.80
N HIS A 103 7.31 -12.46 9.41
CA HIS A 103 8.47 -12.68 10.28
C HIS A 103 8.53 -11.61 11.37
N HIS A 104 8.20 -10.38 11.01
CA HIS A 104 8.20 -9.28 11.96
C HIS A 104 6.93 -9.30 12.81
N CYS A 105 5.86 -9.81 12.21
CA CYS A 105 4.57 -9.89 12.90
C CYS A 105 3.73 -11.03 12.32
N PRO A 106 3.81 -12.23 12.92
CA PRO A 106 3.06 -13.40 12.47
C PRO A 106 1.63 -13.42 13.02
N LYS A 107 1.20 -12.31 13.61
CA LYS A 107 -0.14 -12.20 14.17
C LYS A 107 -0.93 -11.13 13.45
N THR A 108 -0.24 -10.06 13.07
CA THR A 108 -0.86 -8.94 12.37
C THR A 108 -1.60 -9.40 11.13
N PRO A 109 -2.80 -8.83 10.86
CA PRO A 109 -3.58 -9.17 9.68
C PRO A 109 -2.85 -8.83 8.38
N PHE A 110 -3.19 -9.53 7.31
CA PHE A 110 -2.55 -9.30 6.02
C PHE A 110 -3.57 -9.12 4.91
N LEU A 111 -3.93 -7.87 4.64
CA LEU A 111 -4.88 -7.56 3.57
C LEU A 111 -4.23 -7.76 2.21
N LEU A 112 -4.82 -8.64 1.39
CA LEU A 112 -4.29 -8.91 0.06
C LEU A 112 -4.94 -7.99 -0.97
N VAL A 113 -4.11 -7.20 -1.66
CA VAL A 113 -4.61 -6.27 -2.65
C VAL A 113 -4.04 -6.55 -4.05
N GLY A 114 -4.93 -6.71 -5.01
CA GLY A 114 -4.52 -6.95 -6.38
C GLY A 114 -4.86 -5.77 -7.27
N THR A 115 -3.86 -4.93 -7.54
CA THR A 115 -4.07 -3.74 -8.35
C THR A 115 -3.80 -4.00 -9.82
N GLN A 116 -4.01 -2.98 -10.65
CA GLN A 116 -3.80 -3.09 -12.09
C GLN A 116 -4.93 -3.88 -12.75
N ILE A 117 -6.17 -3.45 -12.50
CA ILE A 117 -7.33 -4.10 -13.08
C ILE A 117 -7.70 -3.47 -14.42
N ASP A 118 -7.46 -2.17 -14.53
CA ASP A 118 -7.77 -1.44 -15.76
C ASP A 118 -7.22 -2.16 -16.99
N LEU A 119 -6.18 -2.96 -16.79
CA LEU A 119 -5.59 -3.73 -17.88
C LEU A 119 -6.12 -5.16 -17.89
N ARG A 120 -6.40 -5.69 -16.71
CA ARG A 120 -6.92 -7.05 -16.58
C ARG A 120 -8.20 -7.22 -17.39
N ASP A 121 -8.89 -6.11 -17.66
CA ASP A 121 -10.12 -6.14 -18.42
C ASP A 121 -9.89 -5.73 -19.88
N ASP A 122 -8.62 -5.49 -20.25
CA ASP A 122 -8.30 -5.10 -21.62
C ASP A 122 -7.62 -6.26 -22.35
N PRO A 123 -8.35 -6.95 -23.24
CA PRO A 123 -7.81 -8.09 -23.99
C PRO A 123 -6.64 -7.69 -24.88
N SER A 124 -6.74 -6.51 -25.48
CA SER A 124 -5.68 -6.02 -26.36
C SER A 124 -4.32 -6.13 -25.70
N THR A 125 -4.28 -5.89 -24.40
CA THR A 125 -3.04 -5.98 -23.64
C THR A 125 -2.88 -7.37 -23.05
N ILE A 126 -3.96 -7.86 -22.46
CA ILE A 126 -3.96 -9.20 -21.87
C ILE A 126 -3.45 -10.22 -22.88
N GLU A 127 -4.00 -10.17 -24.09
CA GLU A 127 -3.61 -11.10 -25.14
C GLU A 127 -2.22 -10.76 -25.68
N LYS A 128 -1.84 -9.49 -25.59
CA LYS A 128 -0.54 -9.05 -26.09
C LYS A 128 0.61 -9.67 -25.29
N LEU A 129 0.48 -9.67 -23.97
CA LEU A 129 1.53 -10.24 -23.12
C LEU A 129 1.19 -11.66 -22.69
N ALA A 130 -0.09 -12.01 -22.77
CA ALA A 130 -0.56 -13.35 -22.39
C ALA A 130 0.40 -14.44 -22.84
N LYS A 131 1.12 -14.21 -23.93
CA LYS A 131 2.04 -15.21 -24.45
C LYS A 131 3.39 -14.60 -24.83
N ASN A 132 3.79 -13.54 -24.14
CA ASN A 132 5.06 -12.90 -24.40
C ASN A 132 6.00 -12.99 -23.21
N LYS A 133 5.43 -12.99 -22.01
CA LYS A 133 6.24 -13.08 -20.80
C LYS A 133 5.41 -12.89 -19.52
N GLN A 134 4.26 -12.26 -19.65
CA GLN A 134 3.41 -11.99 -18.51
C GLN A 134 2.02 -12.61 -18.68
N LYS A 135 1.19 -12.44 -17.67
CA LYS A 135 -0.17 -12.98 -17.69
C LYS A 135 -0.97 -12.47 -16.49
N PRO A 136 -2.28 -12.28 -16.66
CA PRO A 136 -3.16 -11.79 -15.58
C PRO A 136 -3.47 -12.87 -14.55
N ILE A 137 -3.60 -12.46 -13.30
CA ILE A 137 -3.90 -13.39 -12.22
C ILE A 137 -5.40 -13.48 -11.98
N THR A 138 -5.89 -14.70 -11.80
CA THR A 138 -7.31 -14.92 -11.56
C THR A 138 -7.67 -14.70 -10.10
N PRO A 139 -8.90 -14.24 -9.81
CA PRO A 139 -9.35 -13.99 -8.44
C PRO A 139 -9.09 -15.17 -7.51
N GLU A 140 -9.24 -16.38 -8.05
CA GLU A 140 -9.01 -17.59 -7.27
C GLU A 140 -7.52 -17.76 -6.95
N THR A 141 -6.69 -17.62 -7.98
CA THR A 141 -5.25 -17.76 -7.80
C THR A 141 -4.74 -16.83 -6.69
N ALA A 142 -5.27 -15.60 -6.68
CA ALA A 142 -4.88 -14.64 -5.66
C ALA A 142 -5.44 -15.02 -4.30
N GLU A 143 -6.72 -15.38 -4.26
CA GLU A 143 -7.35 -15.81 -3.03
C GLU A 143 -6.56 -16.95 -2.41
N LYS A 144 -5.94 -17.76 -3.27
CA LYS A 144 -5.11 -18.87 -2.82
C LYS A 144 -4.02 -18.36 -1.90
N LEU A 145 -3.29 -17.34 -2.36
CA LEU A 145 -2.24 -16.73 -1.55
C LEU A 145 -2.85 -16.17 -0.26
N ALA A 146 -3.97 -15.48 -0.41
CA ALA A 146 -4.68 -14.90 0.72
C ALA A 146 -5.07 -15.98 1.73
N ARG A 147 -5.22 -17.21 1.24
CA ARG A 147 -5.59 -18.33 2.09
C ARG A 147 -4.36 -19.12 2.53
N ASP A 148 -3.35 -19.17 1.67
CA ASP A 148 -2.12 -19.89 1.96
C ASP A 148 -1.26 -19.08 2.92
N LEU A 149 -1.44 -17.76 2.92
CA LEU A 149 -0.67 -16.89 3.79
C LEU A 149 -1.50 -16.42 4.98
N LYS A 150 -2.64 -17.07 5.21
CA LYS A 150 -3.51 -16.73 6.33
C LYS A 150 -4.02 -15.30 6.22
N ALA A 151 -4.00 -14.74 5.01
CA ALA A 151 -4.46 -13.39 4.78
C ALA A 151 -5.87 -13.20 5.32
N VAL A 152 -6.13 -12.04 5.90
CA VAL A 152 -7.44 -11.74 6.46
C VAL A 152 -8.53 -11.83 5.40
N LYS A 153 -8.18 -11.51 4.16
CA LYS A 153 -9.14 -11.57 3.06
C LYS A 153 -8.51 -11.06 1.77
N TYR A 154 -8.98 -11.60 0.65
CA TYR A 154 -8.49 -11.20 -0.67
C TYR A 154 -9.42 -10.18 -1.31
N VAL A 155 -8.85 -9.07 -1.78
CA VAL A 155 -9.64 -8.04 -2.44
C VAL A 155 -8.83 -7.34 -3.52
N GLU A 156 -9.37 -7.30 -4.74
CA GLU A 156 -8.72 -6.64 -5.85
C GLU A 156 -9.32 -5.25 -6.06
N CYS A 157 -8.49 -4.30 -6.47
CA CYS A 157 -8.98 -2.94 -6.68
C CYS A 157 -8.00 -2.07 -7.45
N SER A 158 -8.56 -1.09 -8.15
CA SER A 158 -7.79 -0.11 -8.90
C SER A 158 -8.37 1.28 -8.65
N ALA A 159 -7.77 2.30 -9.24
CA ALA A 159 -8.30 3.65 -9.06
C ALA A 159 -8.93 4.17 -10.36
N LEU A 160 -8.48 3.62 -11.48
CA LEU A 160 -9.03 4.00 -12.78
C LEU A 160 -10.48 3.56 -12.88
N THR A 161 -10.72 2.29 -12.59
CA THR A 161 -12.06 1.72 -12.66
C THR A 161 -12.75 1.77 -11.29
N GLN A 162 -11.96 1.71 -10.23
CA GLN A 162 -12.48 1.76 -8.87
C GLN A 162 -13.24 0.47 -8.52
N LYS A 163 -12.84 -0.62 -9.15
CA LYS A 163 -13.45 -1.92 -8.90
C LYS A 163 -13.16 -2.38 -7.48
N GLY A 164 -14.21 -2.62 -6.70
CA GLY A 164 -14.04 -3.03 -5.31
C GLY A 164 -13.07 -2.13 -4.58
N LEU A 165 -13.06 -0.87 -4.97
CA LEU A 165 -12.16 0.13 -4.38
C LEU A 165 -12.46 0.37 -2.90
N LYS A 166 -13.74 0.42 -2.56
CA LYS A 166 -14.15 0.67 -1.19
C LYS A 166 -14.02 -0.57 -0.31
N ASN A 167 -14.45 -1.71 -0.84
CA ASN A 167 -14.40 -2.97 -0.11
C ASN A 167 -13.01 -3.24 0.47
N VAL A 168 -11.99 -3.05 -0.36
CA VAL A 168 -10.61 -3.30 0.05
C VAL A 168 -10.31 -2.68 1.41
N PHE A 169 -10.22 -1.35 1.46
CA PHE A 169 -9.92 -0.65 2.70
C PHE A 169 -10.85 -1.10 3.81
N ASP A 170 -12.14 -1.17 3.48
CA ASP A 170 -13.15 -1.60 4.45
C ASP A 170 -12.77 -2.96 5.03
N GLU A 171 -12.09 -3.77 4.24
CA GLU A 171 -11.66 -5.09 4.68
C GLU A 171 -10.37 -4.99 5.48
N ALA A 172 -9.54 -3.99 5.16
CA ALA A 172 -8.29 -3.77 5.86
C ALA A 172 -8.55 -3.37 7.31
N ILE A 173 -9.11 -2.18 7.52
CA ILE A 173 -9.43 -1.70 8.86
C ILE A 173 -10.11 -2.79 9.68
N LEU A 174 -11.18 -3.34 9.13
CA LEU A 174 -11.92 -4.42 9.76
C LEU A 174 -10.98 -5.53 10.19
N ALA A 175 -9.87 -5.68 9.46
CA ALA A 175 -8.87 -6.71 9.76
C ALA A 175 -7.80 -6.16 10.70
N ALA A 176 -7.28 -4.99 10.39
CA ALA A 176 -6.25 -4.35 11.21
C ALA A 176 -6.65 -4.35 12.68
N LEU A 177 -7.94 -4.18 12.92
CA LEU A 177 -8.46 -4.15 14.28
C LEU A 177 -8.70 -5.57 14.79
N GLU A 178 -9.32 -5.69 15.96
CA GLU A 178 -9.57 -7.01 16.56
C GLU A 178 -10.65 -6.92 17.63
N PRO A 179 -11.27 -8.07 17.99
CA PRO A 179 -12.29 -8.12 19.05
C PRO A 179 -11.89 -7.30 20.27
N LYS B 1 -16.66 -5.33 23.59
CA LYS B 1 -15.84 -5.98 22.53
C LYS B 1 -15.31 -4.94 21.54
N LYS B 2 -14.43 -5.37 20.65
CA LYS B 2 -13.85 -4.46 19.66
C LYS B 2 -13.87 -5.08 18.26
N LYS B 3 -14.81 -6.00 18.06
CA LYS B 3 -14.96 -6.66 16.77
C LYS B 3 -15.58 -5.76 15.74
N ILE B 4 -14.81 -5.51 14.71
CA ILE B 4 -15.26 -4.75 13.58
C ILE B 4 -15.96 -5.69 12.63
N SER B 5 -16.93 -5.19 11.91
CA SER B 5 -17.62 -6.03 10.95
C SER B 5 -17.68 -5.32 9.60
N LYS B 6 -18.13 -6.03 8.57
CA LYS B 6 -18.23 -5.46 7.25
C LYS B 6 -19.22 -4.29 7.22
N ALA B 7 -20.21 -4.35 8.11
CA ALA B 7 -21.24 -3.31 8.16
C ALA B 7 -20.94 -2.25 9.22
N ASP B 8 -19.85 -2.41 9.96
CA ASP B 8 -19.51 -1.46 11.00
C ASP B 8 -18.85 -0.21 10.43
N ILE B 9 -17.65 -0.36 9.88
CA ILE B 9 -16.93 0.78 9.32
C ILE B 9 -17.80 1.54 8.33
N GLY B 10 -18.38 2.64 8.78
CA GLY B 10 -19.23 3.44 7.93
C GLY B 10 -18.48 4.12 6.81
N ALA B 11 -18.91 5.31 6.44
CA ALA B 11 -18.26 6.07 5.37
C ALA B 11 -17.12 6.93 5.92
N PRO B 12 -15.98 6.97 5.22
CA PRO B 12 -14.82 7.76 5.65
C PRO B 12 -15.13 9.26 5.70
N SER B 13 -14.30 10.00 6.43
CA SER B 13 -14.48 11.43 6.57
C SER B 13 -13.34 12.04 7.37
N GLY B 14 -13.52 13.30 7.78
CA GLY B 14 -12.49 13.97 8.55
C GLY B 14 -11.11 13.84 7.93
N PHE B 15 -11.07 13.72 6.60
CA PHE B 15 -9.79 13.61 5.88
C PHE B 15 -8.76 14.59 6.44
N LYS B 16 -7.77 14.06 7.15
CA LYS B 16 -6.75 14.89 7.77
C LYS B 16 -5.38 14.66 7.17
N HIS B 17 -4.62 15.74 7.01
CA HIS B 17 -3.25 15.65 6.53
C HIS B 17 -2.30 15.78 7.71
N VAL B 18 -2.06 14.65 8.36
CA VAL B 18 -1.23 14.62 9.56
C VAL B 18 0.24 14.86 9.25
N SER B 19 0.71 14.31 8.13
CA SER B 19 2.10 14.48 7.73
C SER B 19 2.22 14.51 6.20
N HIS B 20 2.81 15.57 5.69
CA HIS B 20 2.97 15.73 4.25
C HIS B 20 4.45 15.89 3.88
N VAL B 21 4.97 14.93 3.13
CA VAL B 21 6.35 14.96 2.68
C VAL B 21 6.42 15.22 1.18
N GLY B 22 7.12 16.28 0.80
CA GLY B 22 7.21 16.63 -0.61
C GLY B 22 8.57 16.35 -1.21
N TRP B 23 8.69 15.24 -1.92
CA TRP B 23 9.94 14.88 -2.56
C TRP B 23 9.96 15.31 -4.03
N ASP B 24 10.52 16.49 -4.28
CA ASP B 24 10.61 17.01 -5.64
C ASP B 24 11.60 16.18 -6.45
N PRO B 25 11.26 15.86 -7.71
CA PRO B 25 12.14 15.07 -8.58
C PRO B 25 13.37 15.86 -9.03
N GLN B 26 13.38 17.15 -8.75
CA GLN B 26 14.51 18.01 -9.12
C GLN B 26 15.24 18.50 -7.87
N ASN B 27 14.48 18.95 -6.89
CA ASN B 27 15.03 19.48 -5.65
C ASN B 27 15.15 18.39 -4.58
N GLY B 28 15.10 17.13 -5.01
CA GLY B 28 15.19 16.03 -4.06
C GLY B 28 14.05 16.02 -3.07
N PHE B 29 14.38 15.92 -1.79
CA PHE B 29 13.37 15.91 -0.74
C PHE B 29 12.95 17.33 -0.37
N ASP B 30 11.71 17.46 0.10
CA ASP B 30 11.18 18.76 0.49
C ASP B 30 10.06 18.58 1.50
N VAL B 31 10.40 18.04 2.66
CA VAL B 31 9.44 17.80 3.73
C VAL B 31 8.89 19.12 4.27
N ASN B 32 7.56 19.22 4.30
CA ASN B 32 6.90 20.43 4.78
C ASN B 32 6.27 20.18 6.15
N ASN B 33 5.76 18.97 6.36
CA ASN B 33 5.11 18.62 7.63
C ASN B 33 5.40 17.18 8.02
N LEU B 34 6.57 16.96 8.62
CA LEU B 34 6.93 15.62 9.08
C LEU B 34 6.55 15.43 10.54
N ASP B 35 6.90 14.28 11.10
CA ASP B 35 6.59 13.98 12.49
C ASP B 35 7.76 14.34 13.39
N PRO B 36 7.49 14.66 14.67
CA PRO B 36 8.54 15.02 15.63
C PRO B 36 9.57 13.92 15.79
N ASP B 37 9.10 12.71 16.12
CA ASP B 37 9.99 11.57 16.29
C ASP B 37 10.56 11.13 14.95
N LEU B 38 9.72 11.15 13.92
CA LEU B 38 10.15 10.76 12.59
C LEU B 38 11.13 11.78 12.02
N ARG B 39 11.04 13.02 12.49
CA ARG B 39 11.92 14.08 12.03
C ARG B 39 13.38 13.72 12.26
N SER B 40 13.65 13.09 13.41
CA SER B 40 15.00 12.69 13.75
C SER B 40 15.41 11.41 13.02
N LEU B 41 14.42 10.58 12.71
CA LEU B 41 14.68 9.33 12.02
C LEU B 41 14.72 9.51 10.50
N PHE B 42 13.96 10.49 9.99
CA PHE B 42 13.94 10.76 8.55
C PHE B 42 15.28 11.29 8.08
N SER B 43 15.75 12.37 8.72
CA SER B 43 17.04 12.95 8.38
C SER B 43 18.15 11.95 8.63
N ARG B 44 17.92 11.02 9.55
CA ARG B 44 18.90 10.01 9.89
C ARG B 44 18.74 8.74 9.05
N ALA B 45 17.55 8.56 8.49
CA ALA B 45 17.27 7.36 7.71
C ALA B 45 17.30 7.61 6.21
N GLY B 46 18.49 7.82 5.69
CA GLY B 46 18.65 8.00 4.26
C GLY B 46 18.58 9.46 3.84
N ILE B 47 17.89 10.27 4.64
CA ILE B 47 17.77 11.69 4.35
C ILE B 47 18.81 12.49 5.13
N SER B 48 19.94 11.85 5.37
CA SER B 48 21.04 12.47 6.08
C SER B 48 21.87 13.31 5.11
N GLU B 49 23.17 13.36 5.31
CA GLU B 49 24.06 14.14 4.45
C GLU B 49 23.73 13.92 2.95
N ALA B 50 23.11 12.79 2.62
CA ALA B 50 22.77 12.49 1.24
C ALA B 50 24.01 12.17 0.42
N GLN B 51 24.21 10.89 0.16
CA GLN B 51 25.37 10.43 -0.61
C GLN B 51 25.01 10.23 -2.08
N LEU B 52 26.02 10.04 -2.91
CA LEU B 52 25.82 9.84 -4.35
C LEU B 52 26.03 8.38 -4.74
N THR B 53 26.54 7.57 -3.81
CA THR B 53 26.78 6.17 -4.06
C THR B 53 27.76 5.97 -5.20
N ASP B 54 28.92 5.47 -4.85
CA ASP B 54 29.99 5.22 -5.81
C ASP B 54 29.71 3.96 -6.63
N ALA B 55 29.49 4.14 -7.92
CA ALA B 55 29.22 3.01 -8.82
C ALA B 55 30.47 2.60 -9.59
N GLU B 56 31.64 3.02 -9.09
CA GLU B 56 32.91 2.69 -9.73
C GLU B 56 33.31 1.24 -9.44
N THR B 57 34.36 0.78 -10.11
CA THR B 57 34.86 -0.58 -9.92
C THR B 57 33.91 -1.60 -10.54
N SER B 58 33.04 -1.15 -11.43
CA SER B 58 32.09 -2.04 -12.09
C SER B 58 32.75 -2.81 -13.22
N LYS B 59 33.72 -3.65 -12.88
CA LYS B 59 34.43 -4.44 -13.88
C LYS B 59 34.47 -5.91 -13.49
N MET A 1 16.36 -5.90 -14.86
CA MET A 1 15.47 -6.51 -13.84
C MET A 1 14.12 -5.81 -13.80
N GLN A 2 13.05 -6.60 -13.99
CA GLN A 2 11.70 -6.04 -13.97
C GLN A 2 11.17 -5.96 -12.54
N THR A 3 10.62 -4.80 -12.20
CA THR A 3 10.09 -4.57 -10.86
C THR A 3 8.79 -3.78 -10.91
N ILE A 4 7.82 -4.18 -10.11
CA ILE A 4 6.53 -3.50 -10.05
C ILE A 4 6.52 -2.47 -8.93
N LYS A 5 6.12 -1.25 -9.26
CA LYS A 5 6.05 -0.18 -8.28
C LYS A 5 4.68 -0.19 -7.58
N CYS A 6 4.59 -0.97 -6.51
CA CYS A 6 3.34 -1.07 -5.76
C CYS A 6 3.30 -0.02 -4.66
N VAL A 7 2.38 0.93 -4.80
CA VAL A 7 2.23 2.00 -3.83
C VAL A 7 0.91 1.88 -3.07
N VAL A 8 1.01 1.84 -1.75
CA VAL A 8 -0.19 1.73 -0.92
C VAL A 8 -0.78 3.11 -0.64
N VAL A 9 -1.94 3.36 -1.22
CA VAL A 9 -2.61 4.66 -1.07
C VAL A 9 -3.89 4.53 -0.25
N GLY A 10 -4.20 5.59 0.48
CA GLY A 10 -5.41 5.60 1.31
C GLY A 10 -5.30 6.51 2.50
N ASP A 11 -6.44 6.99 2.99
CA ASP A 11 -6.46 7.89 4.14
C ASP A 11 -6.57 7.10 5.45
N GLY A 12 -5.67 7.37 6.38
CA GLY A 12 -5.68 6.68 7.65
C GLY A 12 -4.91 5.38 7.62
N ALA A 13 -4.89 4.67 8.75
CA ALA A 13 -4.17 3.41 8.84
C ALA A 13 -4.93 2.30 8.12
N VAL A 14 -4.19 1.36 7.54
CA VAL A 14 -4.79 0.25 6.82
C VAL A 14 -3.91 -1.00 6.91
N GLY A 15 -3.20 -1.14 8.02
CA GLY A 15 -2.34 -2.29 8.21
C GLY A 15 -1.08 -2.21 7.36
N LYS A 16 -0.25 -1.22 7.65
CA LYS A 16 0.99 -1.02 6.90
C LYS A 16 1.99 -2.14 7.15
N THR A 17 2.60 -2.12 8.32
CA THR A 17 3.61 -3.11 8.69
C THR A 17 3.01 -4.51 8.90
N CYS A 18 1.69 -4.57 9.02
CA CYS A 18 1.01 -5.84 9.28
C CYS A 18 0.96 -6.73 8.05
N LEU A 19 0.21 -6.31 7.03
CA LEU A 19 0.05 -7.12 5.83
C LEU A 19 1.32 -7.07 4.97
N LEU A 20 1.98 -5.92 4.95
CA LEU A 20 3.21 -5.77 4.19
C LEU A 20 4.20 -6.87 4.55
N ILE A 21 4.34 -7.13 5.84
CA ILE A 21 5.24 -8.17 6.33
C ILE A 21 4.60 -9.54 6.17
N SER A 22 3.33 -9.64 6.57
CA SER A 22 2.59 -10.90 6.46
C SER A 22 2.53 -11.35 5.00
N TYR A 23 2.65 -10.40 4.09
CA TYR A 23 2.62 -10.69 2.66
C TYR A 23 3.96 -11.25 2.18
N THR A 24 5.02 -10.90 2.88
CA THR A 24 6.36 -11.33 2.51
C THR A 24 6.87 -12.46 3.40
N THR A 25 6.44 -12.45 4.66
CA THR A 25 6.88 -13.45 5.62
C THR A 25 5.80 -14.50 5.88
N ASN A 26 4.55 -14.13 5.63
CA ASN A 26 3.43 -15.04 5.85
C ASN A 26 3.24 -15.31 7.34
N LYS A 27 3.77 -14.43 8.18
CA LYS A 27 3.66 -14.57 9.62
C LYS A 27 3.29 -13.25 10.28
N PHE A 28 2.11 -13.20 10.88
CA PHE A 28 1.65 -11.98 11.53
C PHE A 28 2.63 -11.54 12.62
N PRO A 29 3.35 -10.42 12.39
CA PRO A 29 4.34 -9.91 13.35
C PRO A 29 3.69 -9.36 14.63
N SER A 30 4.52 -9.14 15.65
CA SER A 30 4.04 -8.62 16.92
C SER A 30 4.63 -7.24 17.21
N GLU A 31 5.78 -6.95 16.61
CA GLU A 31 6.46 -5.68 16.82
C GLU A 31 5.50 -4.51 16.55
N TYR A 32 5.82 -3.35 17.09
CA TYR A 32 5.01 -2.16 16.90
C TYR A 32 5.84 -0.90 17.08
N VAL A 33 5.78 -0.02 16.08
CA VAL A 33 6.52 1.23 16.13
C VAL A 33 6.09 2.16 14.98
N PRO A 34 5.94 3.46 15.27
CA PRO A 34 5.53 4.45 14.26
C PRO A 34 6.34 4.34 12.98
N THR A 35 5.75 3.70 11.97
CA THR A 35 6.41 3.54 10.68
C THR A 35 6.02 4.66 9.72
N VAL A 36 7.00 5.45 9.31
CA VAL A 36 6.73 6.56 8.39
C VAL A 36 6.82 6.10 6.93
N PHE A 37 7.82 5.29 6.64
CA PHE A 37 8.03 4.78 5.29
C PHE A 37 9.03 3.63 5.27
N ASP A 38 8.77 2.64 4.43
CA ASP A 38 9.65 1.48 4.31
C ASP A 38 9.51 0.84 2.94
N ASN A 39 10.65 0.59 2.28
CA ASN A 39 10.64 -0.01 0.96
C ASN A 39 11.16 -1.44 0.99
N TYR A 40 10.31 -2.38 0.59
CA TYR A 40 10.67 -3.79 0.57
C TYR A 40 10.66 -4.31 -0.86
N ALA A 41 11.32 -5.44 -1.10
CA ALA A 41 11.36 -6.03 -2.43
C ALA A 41 11.04 -7.52 -2.40
N VAL A 42 9.98 -7.91 -3.09
CA VAL A 42 9.56 -9.31 -3.12
C VAL A 42 9.98 -9.97 -4.44
N THR A 43 10.29 -11.26 -4.36
CA THR A 43 10.68 -12.03 -5.53
C THR A 43 9.60 -13.04 -5.88
N VAL A 44 9.05 -12.92 -7.08
CA VAL A 44 7.99 -13.83 -7.51
C VAL A 44 8.24 -14.34 -8.93
N MET A 45 7.64 -15.49 -9.24
CA MET A 45 7.78 -16.08 -10.56
C MET A 45 6.66 -15.61 -11.47
N ILE A 46 6.88 -14.48 -12.15
CA ILE A 46 5.88 -13.92 -13.04
C ILE A 46 6.24 -14.16 -14.50
N GLY A 47 5.31 -14.75 -15.23
CA GLY A 47 5.54 -15.03 -16.64
C GLY A 47 6.66 -16.02 -16.85
N GLY A 48 6.66 -17.09 -16.06
CA GLY A 48 7.70 -18.10 -16.19
C GLY A 48 9.09 -17.52 -15.98
N GLU A 49 9.18 -16.48 -15.17
CA GLU A 49 10.46 -15.82 -14.90
C GLU A 49 10.43 -15.13 -13.54
N PRO A 50 11.56 -15.16 -12.82
CA PRO A 50 11.67 -14.53 -11.50
C PRO A 50 11.68 -13.01 -11.58
N TYR A 51 10.73 -12.38 -10.91
CA TYR A 51 10.63 -10.92 -10.90
C TYR A 51 10.97 -10.37 -9.53
N THR A 52 10.85 -9.05 -9.38
CA THR A 52 11.14 -8.41 -8.10
C THR A 52 10.08 -7.34 -7.80
N LEU A 53 8.99 -7.76 -7.19
CA LEU A 53 7.90 -6.84 -6.85
C LEU A 53 8.37 -5.75 -5.90
N GLY A 54 8.15 -4.50 -6.30
CA GLY A 54 8.55 -3.38 -5.46
C GLY A 54 7.43 -2.92 -4.55
N LEU A 55 7.63 -3.06 -3.25
CA LEU A 55 6.63 -2.66 -2.27
C LEU A 55 6.98 -1.32 -1.64
N PHE A 56 5.98 -0.43 -1.54
CA PHE A 56 6.19 0.89 -0.96
C PHE A 56 4.99 1.30 -0.12
N ASP A 57 5.26 1.73 1.11
CA ASP A 57 4.21 2.18 2.03
C ASP A 57 4.33 3.67 2.30
N THR A 58 3.29 4.42 1.96
CA THR A 58 3.29 5.87 2.16
C THR A 58 2.67 6.23 3.51
N ALA A 59 3.09 7.36 4.06
CA ALA A 59 2.58 7.82 5.35
C ALA A 59 1.14 8.30 5.21
N GLY A 60 0.36 8.08 6.27
CA GLY A 60 -1.03 8.50 6.26
C GLY A 60 -1.29 9.73 7.11
N GLN A 61 -0.58 10.81 6.83
CA GLN A 61 -0.74 12.05 7.58
C GLN A 61 -0.53 13.26 6.68
N GLU A 62 -1.03 14.41 7.13
CA GLU A 62 -0.91 15.65 6.36
C GLU A 62 0.48 16.26 6.51
N ASP A 63 1.05 16.14 7.71
CA ASP A 63 2.36 16.69 7.98
C ASP A 63 3.44 15.99 7.16
N TYR A 64 3.16 14.76 6.75
CA TYR A 64 4.10 13.98 5.95
C TYR A 64 3.74 14.01 4.47
N ASP A 65 2.89 14.96 4.08
CA ASP A 65 2.49 15.08 2.68
C ASP A 65 3.66 15.50 1.79
N ARG A 66 4.74 15.97 2.41
CA ARG A 66 5.92 16.41 1.67
C ARG A 66 6.62 15.22 1.00
N LEU A 67 7.08 14.28 1.81
CA LEU A 67 7.78 13.11 1.28
C LEU A 67 6.81 11.97 0.97
N ARG A 68 5.51 12.28 0.91
CA ARG A 68 4.49 11.29 0.62
C ARG A 68 4.53 10.85 -0.85
N PRO A 69 4.44 11.80 -1.80
CA PRO A 69 4.43 11.49 -3.23
C PRO A 69 5.76 10.90 -3.72
N LEU A 70 6.76 10.90 -2.86
CA LEU A 70 8.07 10.35 -3.22
C LEU A 70 7.94 8.97 -3.83
N SER A 71 6.86 8.27 -3.49
CA SER A 71 6.61 6.93 -4.01
C SER A 71 5.65 6.96 -5.20
N TYR A 72 5.45 8.13 -5.77
CA TYR A 72 4.54 8.29 -6.90
C TYR A 72 5.26 8.14 -8.24
N PRO A 73 6.44 8.76 -8.40
CA PRO A 73 7.20 8.69 -9.64
C PRO A 73 7.30 7.27 -10.20
N GLN A 74 6.78 7.09 -11.41
CA GLN A 74 6.81 5.79 -12.08
C GLN A 74 6.00 4.74 -11.32
N THR A 75 4.75 5.08 -11.00
CA THR A 75 3.87 4.16 -10.30
C THR A 75 3.15 3.24 -11.29
N ASP A 76 3.25 1.94 -11.07
CA ASP A 76 2.62 0.96 -11.95
C ASP A 76 1.19 0.67 -11.52
N VAL A 77 0.90 0.83 -10.24
CA VAL A 77 -0.44 0.58 -9.73
C VAL A 77 -0.69 1.34 -8.42
N PHE A 78 -1.91 1.28 -7.92
CA PHE A 78 -2.28 1.97 -6.69
C PHE A 78 -3.14 1.09 -5.79
N LEU A 79 -2.63 0.78 -4.60
CA LEU A 79 -3.37 -0.03 -3.64
C LEU A 79 -4.25 0.85 -2.75
N VAL A 80 -5.56 0.78 -2.98
CA VAL A 80 -6.50 1.55 -2.17
C VAL A 80 -7.13 0.68 -1.10
N CYS A 81 -6.45 0.56 0.03
CA CYS A 81 -6.92 -0.25 1.14
C CYS A 81 -7.96 0.49 1.97
N PHE A 82 -9.20 0.02 1.91
CA PHE A 82 -10.28 0.63 2.67
C PHE A 82 -10.91 -0.39 3.63
N SER A 83 -11.43 0.10 4.74
CA SER A 83 -12.04 -0.77 5.73
C SER A 83 -13.39 -1.30 5.25
N VAL A 84 -13.55 -2.62 5.34
CA VAL A 84 -14.78 -3.27 4.90
C VAL A 84 -15.90 -3.08 5.93
N VAL A 85 -15.51 -2.93 7.19
CA VAL A 85 -16.47 -2.75 8.27
C VAL A 85 -16.72 -1.27 8.55
N SER A 86 -16.44 -0.43 7.55
CA SER A 86 -16.62 1.01 7.69
C SER A 86 -17.19 1.61 6.40
N PRO A 87 -18.47 2.03 6.39
CA PRO A 87 -19.10 2.61 5.21
C PRO A 87 -18.65 4.04 4.94
N SER A 88 -18.31 4.76 6.00
CA SER A 88 -17.87 6.14 5.87
C SER A 88 -16.56 6.23 5.10
N SER A 89 -15.72 5.22 5.26
CA SER A 89 -14.47 5.17 4.54
C SER A 89 -14.73 4.72 3.10
N PHE A 90 -15.57 3.70 2.96
CA PHE A 90 -15.95 3.19 1.65
C PHE A 90 -16.67 4.28 0.87
N GLU A 91 -17.52 5.04 1.56
CA GLU A 91 -18.24 6.14 0.93
C GLU A 91 -17.25 7.15 0.36
N ASN A 92 -16.06 7.20 0.97
CA ASN A 92 -15.01 8.08 0.50
C ASN A 92 -14.18 7.35 -0.54
N VAL A 93 -13.91 6.08 -0.27
CA VAL A 93 -13.16 5.25 -1.18
C VAL A 93 -13.81 5.21 -2.55
N LYS A 94 -15.13 5.39 -2.57
CA LYS A 94 -15.88 5.44 -3.80
C LYS A 94 -15.82 6.85 -4.40
N GLU A 95 -15.62 7.83 -3.52
CA GLU A 95 -15.54 9.23 -3.95
C GLU A 95 -14.62 10.02 -3.01
N LYS A 96 -13.32 9.76 -3.11
CA LYS A 96 -12.33 10.41 -2.25
C LYS A 96 -10.97 9.74 -2.39
N TRP A 97 -10.94 8.41 -2.27
CA TRP A 97 -9.70 7.67 -2.43
C TRP A 97 -9.46 7.45 -3.91
N VAL A 98 -10.55 7.27 -4.63
CA VAL A 98 -10.48 7.00 -6.06
C VAL A 98 -9.76 8.14 -6.81
N PRO A 99 -10.28 9.38 -6.71
CA PRO A 99 -9.70 10.54 -7.40
C PRO A 99 -8.33 10.94 -6.85
N GLU A 100 -8.13 10.73 -5.56
CA GLU A 100 -6.86 11.09 -4.92
C GLU A 100 -5.67 10.59 -5.75
N ILE A 101 -5.86 9.45 -6.42
CA ILE A 101 -4.81 8.87 -7.27
C ILE A 101 -5.00 9.27 -8.72
N THR A 102 -6.26 9.30 -9.17
CA THR A 102 -6.56 9.66 -10.54
C THR A 102 -6.08 11.08 -10.85
N HIS A 103 -6.03 11.91 -9.82
CA HIS A 103 -5.57 13.29 -9.98
C HIS A 103 -4.09 13.33 -10.31
N HIS A 104 -3.35 12.31 -9.86
CA HIS A 104 -1.92 12.23 -10.13
C HIS A 104 -1.65 11.41 -11.39
N CYS A 105 -2.50 10.41 -11.63
CA CYS A 105 -2.38 9.56 -12.80
C CYS A 105 -3.70 8.88 -13.13
N PRO A 106 -4.52 9.50 -13.99
CA PRO A 106 -5.82 8.96 -14.38
C PRO A 106 -5.72 7.82 -15.40
N LYS A 107 -4.50 7.43 -15.74
CA LYS A 107 -4.28 6.35 -16.70
C LYS A 107 -3.78 5.10 -16.00
N THR A 108 -3.10 5.29 -14.88
CA THR A 108 -2.54 4.17 -14.13
C THR A 108 -3.65 3.27 -13.58
N PRO A 109 -3.36 1.96 -13.44
CA PRO A 109 -4.32 0.99 -12.91
C PRO A 109 -4.63 1.24 -11.44
N PHE A 110 -5.82 0.86 -11.02
CA PHE A 110 -6.24 1.07 -9.64
C PHE A 110 -6.70 -0.22 -8.99
N LEU A 111 -5.86 -0.75 -8.11
CA LEU A 111 -6.16 -1.98 -7.40
C LEU A 111 -7.07 -1.72 -6.20
N LEU A 112 -8.25 -2.34 -6.20
CA LEU A 112 -9.20 -2.16 -5.11
C LEU A 112 -8.95 -3.17 -4.00
N VAL A 113 -8.26 -2.73 -2.95
CA VAL A 113 -7.94 -3.59 -1.82
C VAL A 113 -8.93 -3.42 -0.67
N GLY A 114 -9.60 -4.51 -0.32
CA GLY A 114 -10.55 -4.47 0.78
C GLY A 114 -9.99 -5.08 2.05
N THR A 115 -9.78 -4.24 3.07
CA THR A 115 -9.21 -4.71 4.32
C THR A 115 -10.25 -4.74 5.42
N GLN A 116 -9.89 -5.37 6.54
CA GLN A 116 -10.77 -5.46 7.71
C GLN A 116 -11.78 -6.60 7.57
N ILE A 117 -11.33 -7.73 7.02
CA ILE A 117 -12.18 -8.91 6.90
C ILE A 117 -12.19 -9.67 8.21
N ASP A 118 -11.07 -9.59 8.91
CA ASP A 118 -10.89 -10.28 10.19
C ASP A 118 -12.06 -9.96 11.13
N LEU A 119 -12.69 -8.81 10.91
CA LEU A 119 -13.82 -8.39 11.71
C LEU A 119 -15.13 -8.69 10.99
N ARG A 120 -15.10 -8.57 9.66
CA ARG A 120 -16.26 -8.84 8.84
C ARG A 120 -16.78 -10.25 9.07
N ASP A 121 -15.87 -11.13 9.44
CA ASP A 121 -16.21 -12.52 9.72
C ASP A 121 -16.43 -12.75 11.21
N ASP A 122 -16.46 -11.66 11.99
CA ASP A 122 -16.66 -11.75 13.43
C ASP A 122 -18.02 -11.19 13.82
N PRO A 123 -19.05 -12.06 13.89
CA PRO A 123 -20.41 -11.63 14.25
C PRO A 123 -20.45 -10.71 15.46
N SER A 124 -19.64 -11.03 16.47
CA SER A 124 -19.59 -10.24 17.69
C SER A 124 -19.37 -8.77 17.40
N THR A 125 -18.62 -8.48 16.34
CA THR A 125 -18.32 -7.10 15.97
C THR A 125 -19.30 -6.62 14.91
N ILE A 126 -19.57 -7.46 13.92
CA ILE A 126 -20.50 -7.12 12.88
C ILE A 126 -21.85 -6.73 13.47
N GLU A 127 -22.31 -7.54 14.43
CA GLU A 127 -23.58 -7.27 15.10
C GLU A 127 -23.45 -6.10 16.07
N LYS A 128 -22.24 -5.90 16.58
CA LYS A 128 -21.99 -4.82 17.54
C LYS A 128 -22.24 -3.45 16.92
N LEU A 129 -21.72 -3.23 15.72
CA LEU A 129 -21.91 -1.96 15.04
C LEU A 129 -23.08 -2.01 14.06
N ALA A 130 -23.43 -3.21 13.64
CA ALA A 130 -24.53 -3.41 12.70
C ALA A 130 -25.75 -2.56 13.07
N LYS A 131 -25.89 -2.24 14.36
CA LYS A 131 -27.04 -1.47 14.81
C LYS A 131 -26.61 -0.25 15.64
N ASN A 132 -25.37 0.20 15.47
CA ASN A 132 -24.89 1.37 16.21
C ASN A 132 -24.63 2.54 15.27
N LYS A 133 -24.20 2.23 14.05
CA LYS A 133 -23.91 3.25 13.04
C LYS A 133 -23.11 2.70 11.88
N GLN A 134 -22.33 1.66 12.16
CA GLN A 134 -21.47 1.06 11.16
C GLN A 134 -22.06 -0.20 10.56
N LYS A 135 -21.69 -0.49 9.32
CA LYS A 135 -22.15 -1.68 8.62
C LYS A 135 -21.05 -2.23 7.72
N PRO A 136 -20.98 -3.57 7.56
CA PRO A 136 -19.96 -4.21 6.73
C PRO A 136 -20.26 -4.12 5.23
N ILE A 137 -19.21 -4.12 4.41
CA ILE A 137 -19.36 -4.04 2.97
C ILE A 137 -19.24 -5.41 2.33
N THR A 138 -20.12 -5.71 1.38
CA THR A 138 -20.11 -7.00 0.69
C THR A 138 -19.18 -6.97 -0.52
N PRO A 139 -18.66 -8.14 -0.92
CA PRO A 139 -17.76 -8.25 -2.08
C PRO A 139 -18.40 -7.71 -3.35
N GLU A 140 -19.71 -7.86 -3.45
CA GLU A 140 -20.46 -7.38 -4.60
C GLU A 140 -20.51 -5.85 -4.61
N THR A 141 -20.57 -5.27 -3.42
CA THR A 141 -20.62 -3.83 -3.27
C THR A 141 -19.31 -3.19 -3.75
N ALA A 142 -18.20 -3.65 -3.18
CA ALA A 142 -16.89 -3.14 -3.54
C ALA A 142 -16.59 -3.41 -5.01
N GLU A 143 -16.75 -4.67 -5.42
CA GLU A 143 -16.50 -5.07 -6.81
C GLU A 143 -17.21 -4.12 -7.77
N LYS A 144 -18.46 -3.77 -7.44
CA LYS A 144 -19.23 -2.85 -8.27
C LYS A 144 -18.44 -1.58 -8.52
N LEU A 145 -17.85 -1.05 -7.46
CA LEU A 145 -17.03 0.15 -7.58
C LEU A 145 -15.80 -0.14 -8.43
N ALA A 146 -15.18 -1.29 -8.17
CA ALA A 146 -14.00 -1.71 -8.92
C ALA A 146 -14.25 -1.57 -10.42
N ARG A 147 -15.49 -1.77 -10.81
CA ARG A 147 -15.88 -1.66 -12.22
C ARG A 147 -16.45 -0.27 -12.52
N ASP A 148 -17.15 0.29 -11.53
CA ASP A 148 -17.75 1.62 -11.69
C ASP A 148 -16.68 2.70 -11.70
N LEU A 149 -15.51 2.40 -11.16
CA LEU A 149 -14.42 3.36 -11.12
C LEU A 149 -13.26 2.92 -12.01
N LYS A 150 -13.54 2.04 -12.95
CA LYS A 150 -12.52 1.57 -13.89
C LYS A 150 -11.36 0.88 -13.16
N ALA A 151 -11.61 0.42 -11.95
CA ALA A 151 -10.59 -0.27 -11.17
C ALA A 151 -10.13 -1.54 -11.87
N VAL A 152 -8.84 -1.81 -11.85
CA VAL A 152 -8.29 -2.99 -12.49
C VAL A 152 -9.00 -4.25 -12.02
N LYS A 153 -9.39 -4.27 -10.75
CA LYS A 153 -10.09 -5.42 -10.19
C LYS A 153 -10.30 -5.24 -8.69
N TYR A 154 -11.16 -6.07 -8.11
CA TYR A 154 -11.44 -6.00 -6.69
C TYR A 154 -10.79 -7.16 -5.95
N VAL A 155 -10.03 -6.82 -4.90
CA VAL A 155 -9.33 -7.83 -4.11
C VAL A 155 -9.54 -7.59 -2.62
N GLU A 156 -8.89 -8.41 -1.79
CA GLU A 156 -9.00 -8.29 -0.35
C GLU A 156 -7.76 -8.84 0.33
N CYS A 157 -7.58 -8.52 1.61
CA CYS A 157 -6.42 -9.01 2.33
C CYS A 157 -6.58 -8.89 3.84
N SER A 158 -6.09 -9.90 4.54
CA SER A 158 -6.13 -9.93 5.99
C SER A 158 -4.79 -10.39 6.54
N ALA A 159 -4.10 -9.52 7.26
CA ALA A 159 -2.81 -9.87 7.83
C ALA A 159 -2.98 -10.73 9.07
N LEU A 160 -4.17 -10.70 9.67
CA LEU A 160 -4.45 -11.48 10.86
C LEU A 160 -4.58 -12.96 10.52
N THR A 161 -5.35 -13.25 9.48
CA THR A 161 -5.58 -14.64 9.06
C THR A 161 -5.06 -14.91 7.64
N GLN A 162 -4.42 -13.93 7.03
CA GLN A 162 -3.87 -14.09 5.69
C GLN A 162 -4.98 -14.29 4.66
N LYS A 163 -6.19 -13.84 4.99
CA LYS A 163 -7.31 -13.97 4.06
C LYS A 163 -7.04 -13.22 2.77
N GLY A 164 -6.83 -13.97 1.69
CA GLY A 164 -6.56 -13.38 0.40
C GLY A 164 -5.50 -12.28 0.46
N LEU A 165 -4.64 -12.33 1.48
CA LEU A 165 -3.58 -11.35 1.65
C LEU A 165 -2.71 -11.27 0.40
N LYS A 166 -1.84 -12.26 0.23
CA LYS A 166 -0.94 -12.31 -0.90
C LYS A 166 -1.73 -12.22 -2.20
N ASN A 167 -2.84 -12.95 -2.25
CA ASN A 167 -3.70 -12.95 -3.41
C ASN A 167 -4.10 -11.52 -3.77
N VAL A 168 -4.09 -10.64 -2.78
CA VAL A 168 -4.44 -9.24 -2.98
C VAL A 168 -3.36 -8.53 -3.80
N PHE A 169 -2.11 -8.92 -3.56
CA PHE A 169 -0.96 -8.34 -4.26
C PHE A 169 -0.83 -8.94 -5.65
N ASP A 170 -1.10 -10.24 -5.75
CA ASP A 170 -1.03 -10.93 -7.02
C ASP A 170 -1.90 -10.20 -8.06
N GLU A 171 -2.99 -9.64 -7.58
CA GLU A 171 -3.91 -8.89 -8.43
C GLU A 171 -3.33 -7.53 -8.79
N ALA A 172 -2.59 -6.93 -7.86
CA ALA A 172 -1.98 -5.63 -8.08
C ALA A 172 -0.92 -5.70 -9.18
N ILE A 173 0.10 -6.54 -8.95
CA ILE A 173 1.16 -6.73 -9.94
C ILE A 173 0.55 -7.01 -11.32
N LEU A 174 -0.32 -8.01 -11.37
CA LEU A 174 -1.01 -8.37 -12.60
C LEU A 174 -1.65 -7.12 -13.22
N ALA A 175 -2.06 -6.19 -12.37
CA ALA A 175 -2.67 -4.95 -12.83
C ALA A 175 -1.61 -3.93 -13.21
N ALA A 176 -0.62 -3.76 -12.36
CA ALA A 176 0.46 -2.82 -12.62
C ALA A 176 1.12 -3.09 -13.97
N LEU A 177 1.55 -4.33 -14.17
CA LEU A 177 2.20 -4.72 -15.42
C LEU A 177 1.23 -4.58 -16.59
N GLU A 178 1.65 -5.05 -17.76
CA GLU A 178 0.83 -4.94 -18.97
C GLU A 178 1.30 -5.93 -20.05
N PRO A 179 0.45 -6.21 -21.05
CA PRO A 179 0.79 -7.07 -22.17
C PRO A 179 2.18 -6.78 -22.72
N LYS B 1 4.91 -11.45 -25.68
CA LYS B 1 3.86 -10.72 -24.91
C LYS B 1 4.31 -10.53 -23.46
N LYS B 2 3.61 -9.68 -22.73
CA LYS B 2 3.94 -9.41 -21.33
C LYS B 2 2.69 -9.41 -20.45
N LYS B 3 1.67 -10.11 -20.90
CA LYS B 3 0.42 -10.24 -20.15
C LYS B 3 0.58 -11.14 -18.96
N ILE B 4 0.39 -10.55 -17.81
CA ILE B 4 0.40 -11.28 -16.57
C ILE B 4 -0.95 -11.92 -16.38
N SER B 5 -0.98 -13.06 -15.76
CA SER B 5 -2.22 -13.73 -15.51
C SER B 5 -2.31 -14.14 -14.05
N LYS B 6 -3.53 -14.18 -13.51
CA LYS B 6 -3.72 -14.55 -12.12
C LYS B 6 -2.91 -15.79 -11.74
N ALA B 7 -2.65 -16.64 -12.73
CA ALA B 7 -1.90 -17.88 -12.49
C ALA B 7 -0.40 -17.73 -12.79
N ASP B 8 0.01 -16.56 -13.26
CA ASP B 8 1.41 -16.31 -13.57
C ASP B 8 2.21 -16.00 -12.32
N ILE B 9 1.91 -14.85 -11.70
CA ILE B 9 2.61 -14.43 -10.48
C ILE B 9 2.63 -15.58 -9.47
N GLY B 10 3.73 -16.32 -9.44
CA GLY B 10 3.85 -17.45 -8.54
C GLY B 10 3.70 -17.06 -7.08
N ALA B 11 4.37 -17.80 -6.20
CA ALA B 11 4.30 -17.54 -4.77
C ALA B 11 5.38 -16.55 -4.33
N PRO B 12 4.98 -15.38 -3.80
CA PRO B 12 5.92 -14.36 -3.33
C PRO B 12 6.97 -14.93 -2.39
N SER B 13 8.14 -14.31 -2.37
CA SER B 13 9.24 -14.76 -1.51
C SER B 13 10.48 -13.90 -1.73
N GLY B 14 11.47 -14.05 -0.86
CA GLY B 14 12.69 -13.28 -1.00
C GLY B 14 12.55 -11.88 -0.43
N PHE B 15 11.74 -11.74 0.62
CA PHE B 15 11.52 -10.46 1.28
C PHE B 15 12.82 -9.65 1.37
N LYS B 16 12.86 -8.52 0.69
CA LYS B 16 14.05 -7.68 0.65
C LYS B 16 13.80 -6.34 1.31
N HIS B 17 14.34 -6.17 2.51
CA HIS B 17 14.25 -4.89 3.21
C HIS B 17 15.16 -3.89 2.53
N VAL B 18 14.64 -3.25 1.50
CA VAL B 18 15.42 -2.31 0.70
C VAL B 18 15.74 -1.04 1.46
N SER B 19 14.73 -0.46 2.12
CA SER B 19 14.92 0.76 2.89
C SER B 19 14.05 0.75 4.15
N HIS B 20 14.64 1.16 5.26
CA HIS B 20 13.92 1.21 6.53
C HIS B 20 14.12 2.58 7.20
N VAL B 21 13.00 3.18 7.61
CA VAL B 21 13.05 4.49 8.27
C VAL B 21 12.85 4.35 9.77
N GLY B 22 13.48 5.26 10.53
CA GLY B 22 13.37 5.21 11.97
C GLY B 22 12.91 6.53 12.56
N TRP B 23 11.61 6.67 12.77
CA TRP B 23 11.06 7.90 13.33
C TRP B 23 10.63 7.69 14.79
N ASP B 24 11.55 7.98 15.71
CA ASP B 24 11.26 7.86 17.13
C ASP B 24 10.46 9.07 17.61
N PRO B 25 9.34 8.85 18.32
CA PRO B 25 8.52 9.95 18.83
C PRO B 25 9.28 10.86 19.79
N GLN B 26 10.43 10.38 20.28
CA GLN B 26 11.24 11.16 21.20
C GLN B 26 12.57 11.56 20.57
N ASN B 27 13.12 10.68 19.75
CA ASN B 27 14.40 10.93 19.10
C ASN B 27 14.23 11.51 17.69
N GLY B 28 12.99 11.51 17.19
CA GLY B 28 12.73 12.03 15.86
C GLY B 28 13.08 11.04 14.78
N PHE B 29 13.27 11.53 13.55
CA PHE B 29 13.60 10.66 12.43
C PHE B 29 14.88 9.87 12.71
N ASP B 30 15.29 9.06 11.74
CA ASP B 30 16.51 8.26 11.88
C ASP B 30 16.77 7.45 10.61
N VAL B 31 16.80 8.14 9.48
CA VAL B 31 17.06 7.51 8.20
C VAL B 31 18.49 6.94 8.15
N ASN B 32 18.59 5.63 8.30
CA ASN B 32 19.90 4.97 8.26
C ASN B 32 20.07 4.19 6.95
N ASN B 33 18.98 3.60 6.47
CA ASN B 33 19.01 2.85 5.23
C ASN B 33 17.97 3.36 4.24
N LEU B 34 18.23 4.53 3.67
CA LEU B 34 17.32 5.12 2.70
C LEU B 34 17.72 4.72 1.29
N ASP B 35 16.75 4.69 0.39
CA ASP B 35 17.02 4.37 -1.00
C ASP B 35 17.94 5.43 -1.60
N PRO B 36 18.69 5.08 -2.65
CA PRO B 36 19.61 6.02 -3.28
C PRO B 36 18.94 7.32 -3.68
N ASP B 37 17.75 7.21 -4.29
CA ASP B 37 17.00 8.39 -4.70
C ASP B 37 16.22 8.94 -3.50
N LEU B 38 15.43 8.08 -2.86
CA LEU B 38 14.67 8.48 -1.69
C LEU B 38 15.58 9.13 -0.67
N ARG B 39 16.86 8.73 -0.69
CA ARG B 39 17.85 9.30 0.20
C ARG B 39 17.79 10.83 0.17
N SER B 40 17.92 11.36 -1.04
CA SER B 40 17.89 12.81 -1.26
C SER B 40 16.47 13.35 -1.12
N LEU B 41 15.52 12.71 -1.80
CA LEU B 41 14.14 13.14 -1.76
C LEU B 41 13.64 13.28 -0.33
N PHE B 42 14.15 12.43 0.56
CA PHE B 42 13.77 12.49 1.96
C PHE B 42 14.25 13.79 2.59
N SER B 43 15.57 13.96 2.63
CA SER B 43 16.16 15.18 3.18
C SER B 43 15.57 16.41 2.50
N ARG B 44 15.08 16.22 1.27
CA ARG B 44 14.49 17.31 0.50
C ARG B 44 12.99 17.43 0.72
N ALA B 45 12.36 16.33 1.12
CA ALA B 45 10.91 16.30 1.30
C ALA B 45 10.51 16.39 2.77
N GLY B 46 10.71 17.56 3.35
CA GLY B 46 10.31 17.76 4.74
C GLY B 46 11.43 17.52 5.71
N ILE B 47 12.32 16.60 5.37
CA ILE B 47 13.46 16.27 6.23
C ILE B 47 14.68 17.11 5.85
N SER B 48 14.42 18.35 5.46
CA SER B 48 15.47 19.28 5.05
C SER B 48 15.80 20.24 6.16
N GLU B 49 15.69 19.77 7.39
CA GLU B 49 16.01 20.57 8.55
C GLU B 49 17.33 21.30 8.37
N ALA B 50 18.19 20.76 7.51
CA ALA B 50 19.48 21.38 7.23
C ALA B 50 19.38 22.36 6.06
N GLN B 51 19.54 23.65 6.37
CA GLN B 51 19.43 24.69 5.34
C GLN B 51 20.78 24.91 4.66
N LEU B 52 20.74 25.17 3.37
CA LEU B 52 21.95 25.42 2.59
C LEU B 52 22.29 26.90 2.56
N THR B 53 23.27 27.30 3.36
CA THR B 53 23.69 28.70 3.41
C THR B 53 25.04 28.91 2.73
N ASP B 54 25.53 27.87 2.07
CA ASP B 54 26.81 27.94 1.38
C ASP B 54 26.72 28.85 0.16
N ALA B 55 27.68 29.76 0.04
CA ALA B 55 27.70 30.69 -1.07
C ALA B 55 27.95 29.98 -2.40
N GLU B 56 29.22 29.71 -2.70
CA GLU B 56 29.59 29.04 -3.93
C GLU B 56 30.39 27.77 -3.65
N THR B 57 29.73 26.78 -3.05
CA THR B 57 30.38 25.51 -2.72
C THR B 57 29.64 24.34 -3.36
N SER B 58 28.32 24.35 -3.24
CA SER B 58 27.49 23.29 -3.80
C SER B 58 26.17 23.85 -4.32
N LYS B 59 26.24 24.94 -5.08
CA LYS B 59 25.06 25.57 -5.63
C LYS B 59 24.82 25.09 -7.07
N MET A 1 9.88 -11.83 -19.75
CA MET A 1 9.86 -11.32 -18.35
C MET A 1 8.80 -10.22 -18.19
N GLN A 2 8.11 -10.24 -17.05
CA GLN A 2 7.08 -9.25 -16.78
C GLN A 2 7.15 -8.78 -15.33
N THR A 3 6.80 -7.51 -15.10
CA THR A 3 6.83 -6.95 -13.76
C THR A 3 5.65 -6.01 -13.55
N ILE A 4 5.03 -6.11 -12.37
CA ILE A 4 3.89 -5.30 -12.03
C ILE A 4 4.29 -4.10 -11.19
N LYS A 5 3.94 -2.90 -11.64
CA LYS A 5 4.24 -1.70 -10.91
C LYS A 5 3.17 -1.48 -9.84
N CYS A 6 3.28 -2.23 -8.76
CA CYS A 6 2.32 -2.14 -7.67
C CYS A 6 2.77 -1.10 -6.65
N VAL A 7 1.81 -0.35 -6.14
CA VAL A 7 2.10 0.69 -5.17
C VAL A 7 0.92 0.87 -4.22
N VAL A 8 1.22 1.01 -2.93
CA VAL A 8 0.18 1.16 -1.92
C VAL A 8 -0.18 2.63 -1.75
N VAL A 9 -1.48 2.89 -1.71
CA VAL A 9 -1.99 4.26 -1.56
C VAL A 9 -2.98 4.36 -0.41
N GLY A 10 -2.96 5.50 0.28
CA GLY A 10 -3.87 5.70 1.39
C GLY A 10 -3.40 6.80 2.32
N ASP A 11 -4.35 7.47 2.97
CA ASP A 11 -4.03 8.56 3.89
C ASP A 11 -4.43 8.20 5.32
N GLY A 12 -3.45 8.03 6.18
CA GLY A 12 -3.73 7.71 7.57
C GLY A 12 -2.90 6.56 8.09
N ALA A 13 -3.56 5.64 8.80
CA ALA A 13 -2.88 4.48 9.37
C ALA A 13 -3.80 3.26 9.43
N VAL A 14 -3.60 2.33 8.50
CA VAL A 14 -4.43 1.13 8.45
C VAL A 14 -3.62 -0.12 8.76
N GLY A 15 -2.33 -0.08 8.40
CA GLY A 15 -1.46 -1.21 8.64
C GLY A 15 -1.02 -1.89 7.35
N LYS A 16 -1.13 -1.17 6.23
CA LYS A 16 -0.74 -1.72 4.94
C LYS A 16 0.72 -2.15 4.95
N THR A 17 1.60 -1.27 5.44
CA THR A 17 3.03 -1.57 5.48
C THR A 17 3.29 -2.84 6.30
N CYS A 18 2.53 -3.01 7.38
CA CYS A 18 2.69 -4.18 8.24
C CYS A 18 2.43 -5.46 7.47
N LEU A 19 1.61 -5.38 6.43
CA LEU A 19 1.27 -6.55 5.62
C LEU A 19 2.37 -6.83 4.59
N LEU A 20 2.88 -5.77 3.96
CA LEU A 20 3.92 -5.91 2.96
C LEU A 20 5.09 -6.75 3.50
N ILE A 21 5.40 -6.54 4.77
CA ILE A 21 6.49 -7.28 5.42
C ILE A 21 6.08 -8.72 5.69
N SER A 22 4.86 -8.92 6.16
CA SER A 22 4.37 -10.26 6.48
C SER A 22 3.92 -11.01 5.22
N TYR A 23 3.87 -10.32 4.09
CA TYR A 23 3.45 -10.95 2.84
C TYR A 23 4.65 -11.54 2.10
N THR A 24 5.83 -11.00 2.35
CA THR A 24 7.05 -11.47 1.70
C THR A 24 7.95 -12.20 2.71
N THR A 25 7.87 -11.79 3.96
CA THR A 25 8.71 -12.39 5.01
C THR A 25 7.88 -13.31 5.92
N ASN A 26 6.57 -13.13 5.90
CA ASN A 26 5.68 -13.94 6.74
C ASN A 26 5.86 -13.61 8.22
N LYS A 27 6.44 -12.44 8.50
CA LYS A 27 6.68 -12.02 9.87
C LYS A 27 6.00 -10.68 10.17
N PHE A 28 5.11 -10.70 11.16
CA PHE A 28 4.38 -9.49 11.55
C PHE A 28 5.28 -8.54 12.33
N PRO A 29 5.63 -7.37 11.74
CA PRO A 29 6.49 -6.38 12.40
C PRO A 29 5.88 -5.86 13.69
N SER A 30 6.42 -4.74 14.19
CA SER A 30 5.92 -4.15 15.43
C SER A 30 6.05 -2.62 15.38
N GLU A 31 7.20 -2.14 14.91
CA GLU A 31 7.45 -0.71 14.83
C GLU A 31 6.58 -0.05 13.76
N TYR A 32 6.28 1.23 13.96
CA TYR A 32 5.46 1.99 13.02
C TYR A 32 5.85 3.47 13.06
N VAL A 33 6.24 3.99 11.88
CA VAL A 33 6.64 5.39 11.70
C VAL A 33 7.71 5.53 10.60
N PRO A 34 8.60 4.54 10.39
CA PRO A 34 9.65 4.63 9.36
C PRO A 34 9.08 4.67 7.94
N THR A 35 7.81 4.31 7.79
CA THR A 35 7.19 4.30 6.47
C THR A 35 7.41 5.63 5.76
N VAL A 36 8.04 5.56 4.59
CA VAL A 36 8.32 6.74 3.79
C VAL A 36 8.47 6.34 2.33
N PHE A 37 9.28 5.32 2.09
CA PHE A 37 9.50 4.81 0.75
C PHE A 37 10.31 3.52 0.78
N ASP A 38 9.62 2.38 0.85
CA ASP A 38 10.28 1.09 0.87
C ASP A 38 9.82 0.24 -0.31
N ASN A 39 10.75 -0.05 -1.22
CA ASN A 39 10.42 -0.82 -2.41
C ASN A 39 10.96 -2.26 -2.32
N TYR A 40 10.11 -3.21 -2.71
CA TYR A 40 10.48 -4.62 -2.70
C TYR A 40 10.06 -5.29 -4.00
N ALA A 41 10.66 -6.43 -4.31
CA ALA A 41 10.32 -7.16 -5.52
C ALA A 41 10.03 -8.62 -5.19
N VAL A 42 8.80 -9.06 -5.48
CA VAL A 42 8.39 -10.43 -5.19
C VAL A 42 8.37 -11.27 -6.47
N THR A 43 8.77 -12.53 -6.34
CA THR A 43 8.80 -13.45 -7.46
C THR A 43 7.66 -14.45 -7.36
N VAL A 44 6.71 -14.37 -8.29
CA VAL A 44 5.57 -15.27 -8.30
C VAL A 44 5.44 -15.97 -9.65
N MET A 45 4.80 -17.13 -9.64
CA MET A 45 4.59 -17.89 -10.87
C MET A 45 3.27 -17.50 -11.52
N ILE A 46 3.33 -16.48 -12.37
CA ILE A 46 2.14 -15.97 -13.06
C ILE A 46 2.10 -16.44 -14.50
N GLY A 47 0.96 -17.00 -14.90
CA GLY A 47 0.80 -17.48 -16.26
C GLY A 47 1.78 -18.59 -16.62
N GLY A 48 2.31 -19.26 -15.61
CA GLY A 48 3.26 -20.34 -15.85
C GLY A 48 4.68 -19.83 -16.05
N GLU A 49 4.92 -18.56 -15.73
CA GLU A 49 6.24 -17.97 -15.87
C GLU A 49 6.63 -17.19 -14.62
N PRO A 50 7.83 -17.45 -14.06
CA PRO A 50 8.29 -16.76 -12.85
C PRO A 50 8.31 -15.24 -13.03
N TYR A 51 7.21 -14.60 -12.65
CA TYR A 51 7.09 -13.15 -12.77
C TYR A 51 7.75 -12.45 -11.59
N THR A 52 7.70 -11.12 -11.60
CA THR A 52 8.29 -10.31 -10.53
C THR A 52 7.40 -9.13 -10.19
N LEU A 53 6.62 -9.27 -9.12
CA LEU A 53 5.72 -8.22 -8.68
C LEU A 53 6.50 -7.03 -8.11
N GLY A 54 6.12 -5.82 -8.51
CA GLY A 54 6.79 -4.63 -8.03
C GLY A 54 6.06 -3.99 -6.85
N LEU A 55 6.68 -4.03 -5.68
CA LEU A 55 6.08 -3.48 -4.48
C LEU A 55 6.56 -2.04 -4.23
N PHE A 56 5.63 -1.15 -3.93
CA PHE A 56 5.94 0.24 -3.65
C PHE A 56 5.14 0.76 -2.46
N ASP A 57 5.82 1.46 -1.54
CA ASP A 57 5.15 2.02 -0.37
C ASP A 57 5.27 3.55 -0.37
N THR A 58 4.13 4.23 -0.31
CA THR A 58 4.12 5.69 -0.31
C THR A 58 4.06 6.23 1.11
N ALA A 59 4.16 7.54 1.24
CA ALA A 59 4.11 8.19 2.55
C ALA A 59 2.88 9.08 2.68
N GLY A 60 2.13 8.88 3.76
CA GLY A 60 0.93 9.68 3.98
C GLY A 60 1.24 11.14 4.20
N GLN A 61 0.45 11.79 5.04
CA GLN A 61 0.65 13.20 5.35
C GLN A 61 0.78 14.02 4.07
N GLU A 62 1.09 15.31 4.22
CA GLU A 62 1.24 16.21 3.08
C GLU A 62 2.69 16.64 2.91
N ASP A 63 3.47 16.56 3.98
CA ASP A 63 4.87 16.96 3.95
C ASP A 63 5.63 16.22 2.85
N TYR A 64 5.20 15.00 2.54
CA TYR A 64 5.84 14.19 1.53
C TYR A 64 5.15 14.38 0.17
N ASP A 65 4.46 15.50 0.00
CA ASP A 65 3.77 15.79 -1.24
C ASP A 65 4.75 16.04 -2.38
N ARG A 66 5.94 16.54 -2.03
CA ARG A 66 6.97 16.84 -3.01
C ARG A 66 7.48 15.57 -3.67
N LEU A 67 7.92 14.61 -2.87
CA LEU A 67 8.47 13.37 -3.38
C LEU A 67 7.44 12.25 -3.39
N ARG A 68 6.16 12.61 -3.38
CA ARG A 68 5.09 11.61 -3.36
C ARG A 68 4.86 11.03 -4.75
N PRO A 69 4.65 11.88 -5.77
CA PRO A 69 4.39 11.43 -7.14
C PRO A 69 5.54 10.59 -7.70
N LEU A 70 6.73 10.80 -7.15
CA LEU A 70 7.91 10.06 -7.58
C LEU A 70 7.66 8.57 -7.61
N SER A 71 6.71 8.11 -6.77
CA SER A 71 6.42 6.69 -6.66
C SER A 71 5.32 6.25 -7.63
N TYR A 72 4.84 7.17 -8.47
CA TYR A 72 3.79 6.83 -9.41
C TYR A 72 4.26 6.67 -10.87
N PRO A 73 5.59 6.68 -11.18
CA PRO A 73 6.04 6.51 -12.57
C PRO A 73 5.33 5.34 -13.27
N GLN A 74 4.41 5.67 -14.18
CA GLN A 74 3.67 4.65 -14.93
C GLN A 74 3.20 3.53 -13.99
N THR A 75 2.26 3.86 -13.13
CA THR A 75 1.74 2.90 -12.15
C THR A 75 0.68 1.99 -12.79
N ASP A 76 0.63 0.75 -12.33
CA ASP A 76 -0.34 -0.22 -12.83
C ASP A 76 -1.60 -0.20 -11.99
N VAL A 77 -1.51 -0.69 -10.77
CA VAL A 77 -2.66 -0.72 -9.87
C VAL A 77 -2.44 0.20 -8.67
N PHE A 78 -3.48 0.36 -7.86
CA PHE A 78 -3.41 1.18 -6.67
C PHE A 78 -4.09 0.50 -5.50
N LEU A 79 -3.32 0.20 -4.47
CA LEU A 79 -3.84 -0.46 -3.29
C LEU A 79 -4.36 0.55 -2.28
N VAL A 80 -5.68 0.72 -2.26
CA VAL A 80 -6.32 1.64 -1.34
C VAL A 80 -6.74 0.91 -0.06
N CYS A 81 -5.82 0.80 0.88
CA CYS A 81 -6.08 0.10 2.13
C CYS A 81 -6.73 1.04 3.15
N PHE A 82 -8.00 0.79 3.45
CA PHE A 82 -8.72 1.61 4.42
C PHE A 82 -8.97 0.82 5.72
N SER A 83 -9.49 1.51 6.72
CA SER A 83 -9.76 0.88 8.01
C SER A 83 -11.21 0.37 8.07
N VAL A 84 -11.37 -0.94 8.00
CA VAL A 84 -12.70 -1.56 8.07
C VAL A 84 -13.39 -1.21 9.39
N VAL A 85 -12.60 -1.04 10.43
CA VAL A 85 -13.15 -0.72 11.75
C VAL A 85 -13.12 0.79 11.99
N SER A 86 -13.35 1.56 10.94
CA SER A 86 -13.35 3.01 11.03
C SER A 86 -14.28 3.62 9.99
N PRO A 87 -15.54 3.90 10.36
CA PRO A 87 -16.53 4.49 9.45
C PRO A 87 -15.99 5.72 8.73
N SER A 88 -15.06 6.41 9.37
CA SER A 88 -14.46 7.60 8.78
C SER A 88 -13.73 7.27 7.49
N SER A 89 -12.78 6.33 7.56
CA SER A 89 -12.02 5.93 6.39
C SER A 89 -12.96 5.66 5.22
N PHE A 90 -13.99 4.87 5.48
CA PHE A 90 -14.98 4.51 4.46
C PHE A 90 -15.53 5.76 3.77
N GLU A 91 -15.80 6.81 4.55
CA GLU A 91 -16.34 8.04 4.00
C GLU A 91 -15.37 8.67 3.01
N ASN A 92 -14.10 8.75 3.41
CA ASN A 92 -13.06 9.31 2.56
C ASN A 92 -12.68 8.31 1.47
N VAL A 93 -12.74 7.04 1.82
CA VAL A 93 -12.43 5.95 0.91
C VAL A 93 -13.06 6.19 -0.47
N LYS A 94 -14.32 6.60 -0.46
CA LYS A 94 -15.06 6.88 -1.69
C LYS A 94 -14.97 8.35 -2.07
N GLU A 95 -14.58 9.20 -1.12
CA GLU A 95 -14.50 10.63 -1.38
C GLU A 95 -13.18 11.23 -0.86
N LYS A 96 -12.07 10.60 -1.19
CA LYS A 96 -10.76 11.10 -0.77
C LYS A 96 -9.63 10.15 -1.16
N TRP A 97 -9.72 8.89 -0.76
CA TRP A 97 -8.66 7.92 -1.03
C TRP A 97 -8.49 7.63 -2.52
N VAL A 98 -9.59 7.32 -3.20
CA VAL A 98 -9.54 7.01 -4.62
C VAL A 98 -9.58 8.27 -5.48
N PRO A 99 -10.49 9.21 -5.19
CA PRO A 99 -10.61 10.45 -5.95
C PRO A 99 -9.27 11.14 -6.17
N GLU A 100 -8.33 10.90 -5.27
CA GLU A 100 -7.00 11.51 -5.36
C GLU A 100 -6.20 10.93 -6.52
N ILE A 101 -6.38 9.64 -6.79
CA ILE A 101 -5.67 9.00 -7.89
C ILE A 101 -6.46 9.09 -9.18
N THR A 102 -7.78 9.12 -9.06
CA THR A 102 -8.65 9.23 -10.22
C THR A 102 -8.29 10.47 -11.03
N HIS A 103 -7.76 11.48 -10.34
CA HIS A 103 -7.36 12.72 -11.00
C HIS A 103 -6.08 12.52 -11.79
N HIS A 104 -5.18 11.69 -11.27
CA HIS A 104 -3.91 11.42 -11.92
C HIS A 104 -4.05 10.28 -12.94
N CYS A 105 -4.79 9.25 -12.57
CA CYS A 105 -5.01 8.11 -13.45
C CYS A 105 -6.28 7.36 -13.08
N PRO A 106 -7.44 7.83 -13.57
CA PRO A 106 -8.74 7.20 -13.29
C PRO A 106 -9.02 5.99 -14.18
N LYS A 107 -8.05 5.62 -15.00
CA LYS A 107 -8.21 4.49 -15.91
C LYS A 107 -7.53 3.25 -15.35
N THR A 108 -6.42 3.46 -14.64
CA THR A 108 -5.66 2.37 -14.05
C THR A 108 -6.48 1.59 -13.03
N PRO A 109 -6.21 0.28 -12.89
CA PRO A 109 -6.90 -0.58 -11.92
C PRO A 109 -6.81 -0.02 -10.50
N PHE A 110 -7.78 -0.35 -9.66
CA PHE A 110 -7.79 0.12 -8.28
C PHE A 110 -8.24 -0.98 -7.32
N LEU A 111 -7.30 -1.56 -6.59
CA LEU A 111 -7.61 -2.60 -5.62
C LEU A 111 -8.15 -2.00 -4.33
N LEU A 112 -9.32 -2.47 -3.90
CA LEU A 112 -9.94 -1.99 -2.68
C LEU A 112 -9.59 -2.91 -1.51
N VAL A 113 -8.52 -2.58 -0.79
CA VAL A 113 -8.07 -3.39 0.33
C VAL A 113 -8.66 -2.90 1.66
N GLY A 114 -8.91 -3.85 2.56
CA GLY A 114 -9.44 -3.51 3.87
C GLY A 114 -8.62 -4.14 4.97
N THR A 115 -7.94 -3.31 5.75
CA THR A 115 -7.08 -3.80 6.83
C THR A 115 -7.74 -3.58 8.19
N GLN A 116 -7.08 -4.05 9.24
CA GLN A 116 -7.58 -3.91 10.60
C GLN A 116 -8.67 -4.94 10.89
N ILE A 117 -8.41 -6.19 10.50
CA ILE A 117 -9.36 -7.28 10.75
C ILE A 117 -9.28 -7.74 12.19
N ASP A 118 -8.10 -7.57 12.79
CA ASP A 118 -7.88 -7.98 14.18
C ASP A 118 -9.00 -7.45 15.07
N LEU A 119 -9.55 -6.29 14.70
CA LEU A 119 -10.65 -5.71 15.45
C LEU A 119 -12.00 -6.22 14.91
N ARG A 120 -12.07 -6.40 13.60
CA ARG A 120 -13.29 -6.90 12.96
C ARG A 120 -13.65 -8.27 13.50
N ASP A 121 -12.65 -9.01 13.98
CA ASP A 121 -12.87 -10.34 14.53
C ASP A 121 -12.88 -10.30 16.05
N ASP A 122 -12.99 -9.10 16.63
CA ASP A 122 -13.01 -8.95 18.08
C ASP A 122 -14.39 -8.49 18.55
N PRO A 123 -15.30 -9.43 18.84
CA PRO A 123 -16.65 -9.10 19.31
C PRO A 123 -16.62 -8.13 20.48
N SER A 124 -15.75 -8.39 21.44
CA SER A 124 -15.61 -7.53 22.62
C SER A 124 -15.43 -6.08 22.20
N THR A 125 -14.76 -5.88 21.08
CA THR A 125 -14.51 -4.53 20.57
C THR A 125 -15.59 -4.13 19.58
N ILE A 126 -15.92 -5.05 18.68
CA ILE A 126 -16.96 -4.80 17.69
C ILE A 126 -18.25 -4.35 18.37
N GLU A 127 -18.66 -5.08 19.40
CA GLU A 127 -19.86 -4.77 20.14
C GLU A 127 -19.65 -3.54 21.03
N LYS A 128 -18.40 -3.30 21.42
CA LYS A 128 -18.07 -2.18 22.28
C LYS A 128 -18.35 -0.85 21.59
N LEU A 129 -17.93 -0.72 20.34
CA LEU A 129 -18.15 0.52 19.60
C LEU A 129 -19.38 0.42 18.69
N ALA A 130 -19.77 -0.80 18.37
CA ALA A 130 -20.92 -1.03 17.49
C ALA A 130 -22.10 -0.13 17.84
N LYS A 131 -22.18 0.28 19.10
CA LYS A 131 -23.28 1.11 19.56
C LYS A 131 -22.79 2.34 20.32
N ASN A 132 -21.57 2.78 20.02
CA ASN A 132 -21.01 3.97 20.67
C ASN A 132 -20.73 5.08 19.67
N LYS A 133 -20.38 4.70 18.46
CA LYS A 133 -20.07 5.67 17.42
C LYS A 133 -19.44 5.03 16.19
N GLN A 134 -18.74 3.94 16.42
CA GLN A 134 -18.05 3.23 15.34
C GLN A 134 -18.79 1.95 14.96
N LYS A 135 -18.34 1.33 13.87
CA LYS A 135 -18.94 0.09 13.38
C LYS A 135 -18.13 -0.50 12.23
N PRO A 136 -17.73 -1.79 12.32
CA PRO A 136 -16.94 -2.44 11.27
C PRO A 136 -17.70 -2.55 9.96
N ILE A 137 -17.00 -2.29 8.85
CA ILE A 137 -17.59 -2.36 7.52
C ILE A 137 -17.59 -3.80 6.99
N THR A 138 -18.74 -4.25 6.51
CA THR A 138 -18.88 -5.61 5.99
C THR A 138 -18.51 -5.66 4.51
N PRO A 139 -18.23 -6.87 3.98
CA PRO A 139 -17.87 -7.05 2.57
C PRO A 139 -18.85 -6.33 1.65
N GLU A 140 -20.14 -6.46 1.94
CA GLU A 140 -21.18 -5.82 1.16
C GLU A 140 -20.87 -4.35 0.93
N THR A 141 -20.99 -3.56 1.99
CA THR A 141 -20.74 -2.13 1.92
C THR A 141 -19.42 -1.84 1.21
N ALA A 142 -18.38 -2.60 1.54
CA ALA A 142 -17.07 -2.43 0.92
C ALA A 142 -17.15 -2.73 -0.56
N GLU A 143 -17.81 -3.82 -0.92
CA GLU A 143 -17.98 -4.20 -2.32
C GLU A 143 -18.53 -3.03 -3.12
N LYS A 144 -19.68 -2.52 -2.67
CA LYS A 144 -20.31 -1.38 -3.32
C LYS A 144 -19.29 -0.32 -3.70
N LEU A 145 -18.37 -0.03 -2.79
CA LEU A 145 -17.30 0.93 -3.06
C LEU A 145 -16.39 0.39 -4.16
N ALA A 146 -16.02 -0.89 -4.03
CA ALA A 146 -15.17 -1.53 -5.02
C ALA A 146 -15.79 -1.41 -6.41
N ARG A 147 -17.11 -1.29 -6.46
CA ARG A 147 -17.82 -1.15 -7.73
C ARG A 147 -18.06 0.31 -8.05
N ASP A 148 -18.34 1.10 -7.02
CA ASP A 148 -18.60 2.52 -7.20
C ASP A 148 -17.36 3.23 -7.75
N LEU A 149 -16.19 2.76 -7.38
CA LEU A 149 -14.94 3.34 -7.85
C LEU A 149 -14.28 2.49 -8.92
N LYS A 150 -15.07 1.59 -9.53
CA LYS A 150 -14.56 0.73 -10.58
C LYS A 150 -13.34 -0.06 -10.10
N ALA A 151 -13.26 -0.28 -8.79
CA ALA A 151 -12.14 -1.03 -8.22
C ALA A 151 -12.04 -2.41 -8.86
N VAL A 152 -10.81 -2.82 -9.16
CA VAL A 152 -10.58 -4.12 -9.78
C VAL A 152 -11.27 -5.23 -8.99
N LYS A 153 -11.31 -5.11 -7.67
CA LYS A 153 -11.93 -6.11 -6.81
C LYS A 153 -11.68 -5.82 -5.35
N TYR A 154 -12.67 -6.12 -4.51
CA TYR A 154 -12.55 -5.91 -3.07
C TYR A 154 -11.77 -7.05 -2.43
N VAL A 155 -10.70 -6.71 -1.71
CA VAL A 155 -9.86 -7.71 -1.06
C VAL A 155 -9.76 -7.46 0.45
N GLU A 156 -8.99 -8.32 1.13
CA GLU A 156 -8.81 -8.20 2.57
C GLU A 156 -7.47 -8.79 2.99
N CYS A 157 -6.90 -8.26 4.07
CA CYS A 157 -5.61 -8.76 4.55
C CYS A 157 -5.31 -8.25 5.95
N SER A 158 -4.63 -9.09 6.73
CA SER A 158 -4.24 -8.72 8.08
C SER A 158 -2.79 -9.13 8.35
N ALA A 159 -2.05 -8.28 9.04
CA ALA A 159 -0.65 -8.56 9.35
C ALA A 159 -0.52 -9.34 10.66
N LEU A 160 -1.51 -9.18 11.53
CA LEU A 160 -1.51 -9.86 12.82
C LEU A 160 -2.22 -11.22 12.71
N THR A 161 -3.17 -11.31 11.80
CA THR A 161 -3.93 -12.56 11.61
C THR A 161 -3.51 -13.28 10.33
N GLN A 162 -3.07 -12.51 9.34
CA GLN A 162 -2.69 -13.08 8.06
C GLN A 162 -3.90 -13.56 7.28
N LYS A 163 -5.07 -13.03 7.63
CA LYS A 163 -6.32 -13.40 6.97
C LYS A 163 -6.36 -12.83 5.55
N GLY A 164 -6.07 -13.66 4.57
CA GLY A 164 -6.05 -13.21 3.19
C GLY A 164 -4.90 -12.25 2.91
N LEU A 165 -3.88 -12.33 3.75
CA LEU A 165 -2.71 -11.47 3.60
C LEU A 165 -2.08 -11.62 2.22
N LYS A 166 -2.06 -12.85 1.71
CA LYS A 166 -1.47 -13.13 0.42
C LYS A 166 -2.48 -12.93 -0.72
N ASN A 167 -3.66 -13.51 -0.55
CA ASN A 167 -4.71 -13.42 -1.57
C ASN A 167 -4.94 -11.98 -2.00
N VAL A 168 -5.02 -11.07 -1.04
CA VAL A 168 -5.23 -9.65 -1.34
C VAL A 168 -4.26 -9.19 -2.41
N PHE A 169 -3.03 -9.66 -2.32
CA PHE A 169 -1.99 -9.32 -3.30
C PHE A 169 -2.22 -10.05 -4.61
N ASP A 170 -2.66 -11.30 -4.52
CA ASP A 170 -2.94 -12.09 -5.72
C ASP A 170 -3.97 -11.38 -6.58
N GLU A 171 -4.81 -10.57 -5.95
CA GLU A 171 -5.83 -9.81 -6.65
C GLU A 171 -5.23 -8.56 -7.27
N ALA A 172 -4.21 -8.02 -6.62
CA ALA A 172 -3.53 -6.83 -7.13
C ALA A 172 -2.88 -7.11 -8.47
N ILE A 173 -1.85 -7.96 -8.47
CA ILE A 173 -1.16 -8.34 -9.70
C ILE A 173 -2.18 -8.68 -10.79
N LEU A 174 -3.03 -9.65 -10.49
CA LEU A 174 -4.10 -10.06 -11.41
C LEU A 174 -4.86 -8.84 -11.91
N ALA A 175 -5.02 -7.85 -11.04
CA ALA A 175 -5.73 -6.62 -11.40
C ALA A 175 -4.85 -5.73 -12.26
N ALA A 176 -3.66 -5.43 -11.75
CA ALA A 176 -2.70 -4.60 -12.47
C ALA A 176 -2.54 -5.08 -13.91
N LEU A 177 -2.22 -6.37 -14.04
CA LEU A 177 -2.02 -6.98 -15.34
C LEU A 177 -3.29 -6.90 -16.18
N GLU A 178 -3.29 -7.57 -17.34
CA GLU A 178 -4.42 -7.55 -18.25
C GLU A 178 -4.23 -8.57 -19.36
N PRO A 179 -5.32 -8.94 -20.09
CA PRO A 179 -5.25 -9.88 -21.21
C PRO A 179 -4.06 -9.60 -22.11
N LYS B 1 -2.01 -14.70 -24.96
CA LYS B 1 -2.85 -13.84 -24.08
C LYS B 1 -2.12 -13.54 -22.77
N LYS B 2 -2.50 -12.45 -22.12
CA LYS B 2 -1.89 -12.07 -20.86
C LYS B 2 -2.92 -12.00 -19.74
N LYS B 3 -4.01 -12.76 -19.90
CA LYS B 3 -5.04 -12.82 -18.88
C LYS B 3 -4.58 -13.60 -17.68
N ILE B 4 -4.45 -12.89 -16.59
CA ILE B 4 -4.09 -13.47 -15.34
C ILE B 4 -5.34 -13.97 -14.67
N SER B 5 -5.22 -15.06 -13.95
CA SER B 5 -6.37 -15.60 -13.26
C SER B 5 -6.01 -15.82 -11.78
N LYS B 6 -7.02 -15.84 -10.93
CA LYS B 6 -6.79 -16.02 -9.51
C LYS B 6 -5.95 -17.26 -9.23
N ALA B 7 -6.01 -18.24 -10.14
CA ALA B 7 -5.26 -19.48 -9.98
C ALA B 7 -3.91 -19.43 -10.70
N ASP B 8 -3.63 -18.33 -11.39
CA ASP B 8 -2.37 -18.17 -12.12
C ASP B 8 -1.25 -17.74 -11.19
N ILE B 9 -1.35 -16.52 -10.65
CA ILE B 9 -0.33 -16.01 -9.75
C ILE B 9 -0.05 -17.00 -8.62
N GLY B 10 0.98 -17.82 -8.80
CA GLY B 10 1.32 -18.82 -7.81
C GLY B 10 1.65 -18.20 -6.47
N ALA B 11 2.49 -18.89 -5.70
CA ALA B 11 2.89 -18.41 -4.38
C ALA B 11 4.01 -17.38 -4.49
N PRO B 12 3.86 -16.21 -3.85
CA PRO B 12 4.88 -15.17 -3.89
C PRO B 12 6.11 -15.53 -3.07
N SER B 13 7.25 -14.96 -3.43
CA SER B 13 8.49 -15.21 -2.73
C SER B 13 9.64 -14.42 -3.34
N GLY B 14 10.87 -14.83 -3.06
CA GLY B 14 12.02 -14.15 -3.60
C GLY B 14 12.06 -12.68 -3.18
N PHE B 15 11.60 -12.40 -1.96
CA PHE B 15 11.58 -11.04 -1.41
C PHE B 15 12.85 -10.28 -1.80
N LYS B 16 12.69 -9.28 -2.66
CA LYS B 16 13.83 -8.50 -3.13
C LYS B 16 13.77 -7.06 -2.62
N HIS B 17 14.54 -6.77 -1.59
CA HIS B 17 14.60 -5.42 -1.05
C HIS B 17 15.26 -4.51 -2.07
N VAL B 18 14.45 -4.00 -2.98
CA VAL B 18 14.92 -3.16 -4.07
C VAL B 18 15.47 -1.82 -3.56
N SER B 19 14.61 -1.06 -2.89
CA SER B 19 15.01 0.24 -2.35
C SER B 19 14.62 0.36 -0.88
N HIS B 20 15.39 1.15 -0.13
CA HIS B 20 15.13 1.35 1.29
C HIS B 20 15.49 2.77 1.72
N VAL B 21 14.55 3.46 2.36
CA VAL B 21 14.78 4.81 2.84
C VAL B 21 14.82 4.83 4.38
N GLY B 22 15.71 5.65 4.93
CA GLY B 22 15.83 5.75 6.37
C GLY B 22 15.43 7.11 6.91
N TRP B 23 14.16 7.24 7.30
CA TRP B 23 13.66 8.50 7.82
C TRP B 23 13.65 8.51 9.35
N ASP B 24 14.58 9.26 9.93
CA ASP B 24 14.66 9.39 11.38
C ASP B 24 14.04 10.71 11.83
N PRO B 25 13.24 10.70 12.91
CA PRO B 25 12.60 11.90 13.42
C PRO B 25 13.57 12.81 14.17
N GLN B 26 14.80 12.34 14.35
CA GLN B 26 15.82 13.12 15.05
C GLN B 26 16.93 13.54 14.09
N ASN B 27 17.18 12.71 13.08
CA ASN B 27 18.22 12.99 12.10
C ASN B 27 17.63 13.36 10.75
N GLY B 28 16.50 12.75 10.42
CA GLY B 28 15.85 13.03 9.15
C GLY B 28 15.96 11.87 8.18
N PHE B 29 15.85 12.16 6.88
CA PHE B 29 15.93 11.13 5.85
C PHE B 29 17.29 10.45 5.88
N ASP B 30 17.40 9.32 5.16
CA ASP B 30 18.65 8.57 5.11
C ASP B 30 18.62 7.57 3.95
N VAL B 31 18.51 8.09 2.73
CA VAL B 31 18.49 7.25 1.54
C VAL B 31 19.84 6.55 1.35
N ASN B 32 19.84 5.24 1.61
CA ASN B 32 21.05 4.44 1.44
C ASN B 32 20.95 3.58 0.19
N ASN B 33 19.73 3.19 -0.15
CA ASN B 33 19.49 2.34 -1.32
C ASN B 33 18.24 2.78 -2.08
N LEU B 34 18.36 3.87 -2.83
CA LEU B 34 17.25 4.36 -3.63
C LEU B 34 17.35 3.82 -5.06
N ASP B 35 16.45 4.27 -5.93
CA ASP B 35 16.47 3.86 -7.32
C ASP B 35 17.41 4.74 -8.11
N PRO B 36 18.21 4.15 -9.02
CA PRO B 36 19.17 4.90 -9.82
C PRO B 36 18.60 6.22 -10.34
N ASP B 37 17.30 6.22 -10.62
CA ASP B 37 16.62 7.42 -11.08
C ASP B 37 16.00 8.18 -9.91
N LEU B 38 15.08 7.52 -9.20
CA LEU B 38 14.44 8.13 -8.04
C LEU B 38 15.46 8.78 -7.12
N ARG B 39 16.61 8.12 -6.98
CA ARG B 39 17.72 8.64 -6.16
C ARG B 39 17.85 10.15 -6.33
N SER B 40 17.86 10.57 -7.59
CA SER B 40 17.97 11.98 -7.94
C SER B 40 16.66 12.71 -7.65
N LEU B 41 15.56 12.05 -7.97
CA LEU B 41 14.23 12.63 -7.75
C LEU B 41 14.01 12.94 -6.28
N PHE B 42 14.45 12.03 -5.41
CA PHE B 42 14.32 12.23 -3.98
C PHE B 42 14.99 13.53 -3.56
N SER B 43 16.24 13.69 -3.96
CA SER B 43 16.96 14.93 -3.68
C SER B 43 16.35 16.10 -4.46
N ARG B 44 15.55 15.77 -5.47
CA ARG B 44 14.90 16.77 -6.30
C ARG B 44 13.53 17.16 -5.74
N ALA B 45 12.97 16.32 -4.88
CA ALA B 45 11.64 16.56 -4.33
C ALA B 45 11.69 17.14 -2.91
N GLY B 46 11.58 16.27 -1.90
CA GLY B 46 11.57 16.75 -0.52
C GLY B 46 12.90 16.59 0.16
N ILE B 47 13.80 15.81 -0.45
CA ILE B 47 15.12 15.59 0.12
C ILE B 47 16.13 16.59 -0.45
N SER B 48 15.67 17.81 -0.66
CA SER B 48 16.52 18.87 -1.19
C SER B 48 17.47 19.38 -0.11
N GLU B 49 17.87 20.64 -0.20
CA GLU B 49 18.78 21.24 0.78
C GLU B 49 18.43 20.81 2.20
N ALA B 50 17.16 20.53 2.45
CA ALA B 50 16.70 20.09 3.76
C ALA B 50 16.96 21.17 4.81
N GLN B 51 15.89 21.66 5.42
CA GLN B 51 16.00 22.70 6.46
C GLN B 51 16.74 23.92 5.93
N LEU B 52 16.84 24.95 6.77
CA LEU B 52 17.52 26.18 6.39
C LEU B 52 19.00 26.13 6.77
N THR B 53 19.87 25.91 5.78
CA THR B 53 21.31 25.86 6.00
C THR B 53 21.72 24.71 6.90
N ASP B 54 20.80 23.81 7.15
CA ASP B 54 21.09 22.66 8.01
C ASP B 54 21.98 21.67 7.30
N ALA B 55 23.14 21.39 7.89
CA ALA B 55 24.10 20.46 7.31
C ALA B 55 25.13 20.02 8.34
N GLU B 56 26.00 20.94 8.75
CA GLU B 56 27.04 20.66 9.72
C GLU B 56 26.46 20.54 11.13
N THR B 57 26.26 19.32 11.58
CA THR B 57 25.72 19.08 12.91
C THR B 57 26.65 19.64 13.99
N SER B 58 26.27 20.77 14.56
CA SER B 58 27.07 21.42 15.59
C SER B 58 26.43 21.23 16.96
N LYS B 59 26.08 19.99 17.29
CA LYS B 59 25.47 19.68 18.57
C LYS B 59 24.21 20.51 18.80
N MET A 1 9.63 -12.58 -18.65
CA MET A 1 10.05 -11.63 -17.58
C MET A 1 8.99 -10.57 -17.34
N GLN A 2 7.78 -11.00 -17.02
CA GLN A 2 6.66 -10.07 -16.78
C GLN A 2 6.66 -9.61 -15.32
N THR A 3 6.28 -8.35 -15.12
CA THR A 3 6.23 -7.79 -13.77
C THR A 3 5.01 -6.87 -13.59
N ILE A 4 4.39 -6.97 -12.42
CA ILE A 4 3.23 -6.15 -12.08
C ILE A 4 3.65 -4.89 -11.34
N LYS A 5 2.91 -3.80 -11.54
CA LYS A 5 3.20 -2.56 -10.86
C LYS A 5 2.04 -2.17 -9.95
N CYS A 6 2.33 -1.97 -8.68
CA CYS A 6 1.29 -1.62 -7.71
C CYS A 6 1.77 -0.55 -6.74
N VAL A 7 0.84 0.29 -6.28
CA VAL A 7 1.16 1.36 -5.34
C VAL A 7 0.26 1.26 -4.12
N VAL A 8 0.87 1.21 -2.94
CA VAL A 8 0.10 1.08 -1.71
C VAL A 8 -0.34 2.44 -1.19
N VAL A 9 -1.65 2.68 -1.23
CA VAL A 9 -2.20 3.96 -0.79
C VAL A 9 -3.06 3.78 0.46
N GLY A 10 -2.77 4.58 1.49
CA GLY A 10 -3.54 4.50 2.72
C GLY A 10 -3.68 5.83 3.42
N ASP A 11 -4.61 5.91 4.37
CA ASP A 11 -4.84 7.15 5.11
C ASP A 11 -4.16 7.10 6.48
N GLY A 12 -3.47 8.18 6.82
CA GLY A 12 -2.79 8.25 8.10
C GLY A 12 -2.04 6.97 8.44
N ALA A 13 -2.61 6.18 9.33
CA ALA A 13 -1.99 4.93 9.73
C ALA A 13 -3.01 3.79 9.79
N VAL A 14 -2.94 2.88 8.81
CA VAL A 14 -3.86 1.76 8.73
C VAL A 14 -3.13 0.43 8.94
N GLY A 15 -1.84 0.41 8.65
CA GLY A 15 -1.06 -0.80 8.80
C GLY A 15 -0.70 -1.43 7.46
N LYS A 16 -0.13 -0.61 6.59
CA LYS A 16 0.26 -1.07 5.26
C LYS A 16 1.68 -1.60 5.25
N THR A 17 2.64 -0.73 5.48
CA THR A 17 4.04 -1.15 5.50
C THR A 17 4.22 -2.40 6.35
N CYS A 18 3.33 -2.59 7.31
CA CYS A 18 3.39 -3.77 8.16
C CYS A 18 2.74 -4.97 7.48
N LEU A 19 1.74 -4.70 6.64
CA LEU A 19 1.02 -5.76 5.95
C LEU A 19 1.86 -6.30 4.79
N LEU A 20 2.63 -5.41 4.17
CA LEU A 20 3.52 -5.79 3.07
C LEU A 20 4.66 -6.66 3.58
N ILE A 21 5.15 -6.33 4.78
CA ILE A 21 6.25 -7.07 5.38
C ILE A 21 5.87 -8.53 5.67
N SER A 22 4.78 -8.72 6.42
CA SER A 22 4.34 -10.06 6.77
C SER A 22 3.83 -10.83 5.54
N TYR A 23 3.68 -10.14 4.42
CA TYR A 23 3.20 -10.75 3.19
C TYR A 23 4.31 -11.55 2.49
N THR A 24 5.54 -11.07 2.62
CA THR A 24 6.68 -11.72 1.96
C THR A 24 7.73 -12.15 2.97
N THR A 25 7.71 -11.57 4.16
CA THR A 25 8.67 -11.93 5.19
C THR A 25 8.00 -12.71 6.32
N ASN A 26 6.69 -12.55 6.44
CA ASN A 26 5.93 -13.25 7.46
C ASN A 26 6.27 -12.72 8.86
N LYS A 27 6.82 -11.50 8.92
CA LYS A 27 7.19 -10.89 10.20
C LYS A 27 6.19 -9.82 10.61
N PHE A 28 6.12 -9.56 11.91
CA PHE A 28 5.22 -8.53 12.44
C PHE A 28 6.00 -7.29 12.86
N PRO A 29 6.25 -6.37 11.91
CA PRO A 29 6.98 -5.13 12.18
C PRO A 29 6.24 -4.24 13.19
N SER A 30 6.94 -3.26 13.74
CA SER A 30 6.34 -2.34 14.71
C SER A 30 6.68 -0.89 14.38
N GLU A 31 7.91 -0.65 13.93
CA GLU A 31 8.35 0.70 13.60
C GLU A 31 7.38 1.37 12.63
N TYR A 32 7.10 2.64 12.86
CA TYR A 32 6.20 3.39 12.00
C TYR A 32 6.80 4.75 11.65
N VAL A 33 7.41 4.86 10.48
CA VAL A 33 8.04 6.10 10.04
C VAL A 33 8.53 5.99 8.60
N PRO A 34 9.49 5.08 8.33
CA PRO A 34 10.04 4.89 6.99
C PRO A 34 9.03 4.32 6.01
N THR A 35 8.20 5.19 5.45
CA THR A 35 7.23 4.78 4.45
C THR A 35 7.13 5.79 3.32
N VAL A 36 8.14 6.64 3.19
CA VAL A 36 8.16 7.63 2.11
C VAL A 36 7.98 6.93 0.77
N PHE A 37 9.00 6.19 0.38
CA PHE A 37 8.96 5.43 -0.86
C PHE A 37 9.92 4.25 -0.80
N ASP A 38 9.41 3.11 -0.35
CA ASP A 38 10.19 1.88 -0.28
C ASP A 38 9.81 0.95 -1.41
N ASN A 39 10.78 0.52 -2.20
CA ASN A 39 10.51 -0.36 -3.34
C ASN A 39 10.99 -1.78 -3.07
N TYR A 40 10.06 -2.72 -3.08
CA TYR A 40 10.37 -4.13 -2.87
C TYR A 40 9.84 -4.96 -4.05
N ALA A 41 10.48 -6.09 -4.34
CA ALA A 41 10.05 -6.93 -5.45
C ALA A 41 9.92 -8.39 -5.01
N VAL A 42 8.71 -8.91 -5.17
CA VAL A 42 8.42 -10.29 -4.79
C VAL A 42 8.38 -11.20 -6.02
N THR A 43 8.74 -12.47 -5.83
CA THR A 43 8.77 -13.44 -6.92
C THR A 43 7.76 -14.55 -6.67
N VAL A 44 6.62 -14.49 -7.37
CA VAL A 44 5.57 -15.49 -7.21
C VAL A 44 5.48 -16.38 -8.45
N MET A 45 5.00 -17.60 -8.27
CA MET A 45 4.82 -18.52 -9.39
C MET A 45 3.48 -18.28 -10.06
N ILE A 46 3.46 -17.38 -11.02
CA ILE A 46 2.23 -17.04 -11.73
C ILE A 46 2.22 -17.66 -13.12
N GLY A 47 1.06 -18.18 -13.52
CA GLY A 47 0.92 -18.79 -14.83
C GLY A 47 1.91 -19.92 -15.06
N GLY A 48 2.44 -20.48 -13.98
CA GLY A 48 3.39 -21.57 -14.10
C GLY A 48 4.81 -21.08 -14.31
N GLU A 49 5.06 -19.83 -13.95
CA GLU A 49 6.38 -19.25 -14.09
C GLU A 49 6.67 -18.26 -12.97
N PRO A 50 7.95 -18.08 -12.61
CA PRO A 50 8.36 -17.15 -11.56
C PRO A 50 8.17 -15.70 -11.99
N TYR A 51 7.01 -15.14 -11.68
CA TYR A 51 6.71 -13.75 -12.01
C TYR A 51 7.28 -12.80 -10.97
N THR A 52 7.07 -11.51 -11.17
CA THR A 52 7.57 -10.48 -10.25
C THR A 52 6.49 -9.47 -9.91
N LEU A 53 6.33 -9.20 -8.62
CA LEU A 53 5.33 -8.23 -8.18
C LEU A 53 5.99 -6.91 -7.83
N GLY A 54 5.45 -5.82 -8.38
CA GLY A 54 5.99 -4.51 -8.10
C GLY A 54 5.39 -3.90 -6.86
N LEU A 55 6.12 -3.97 -5.75
CA LEU A 55 5.64 -3.45 -4.48
C LEU A 55 6.14 -2.03 -4.25
N PHE A 56 5.20 -1.08 -4.20
CA PHE A 56 5.54 0.33 -4.00
C PHE A 56 4.68 0.93 -2.89
N ASP A 57 5.34 1.39 -1.81
CA ASP A 57 4.63 2.00 -0.70
C ASP A 57 4.87 3.51 -0.68
N THR A 58 3.78 4.26 -0.54
CA THR A 58 3.87 5.72 -0.53
C THR A 58 3.49 6.29 0.83
N ALA A 59 3.72 7.58 1.03
CA ALA A 59 3.42 8.24 2.30
C ALA A 59 1.91 8.43 2.49
N GLY A 60 1.52 8.98 3.65
CA GLY A 60 0.12 9.19 3.93
C GLY A 60 -0.20 10.60 4.37
N GLN A 61 0.63 11.54 3.95
CA GLN A 61 0.42 12.94 4.29
C GLN A 61 0.30 13.79 3.04
N GLU A 62 0.03 15.08 3.22
CA GLU A 62 -0.12 16.00 2.09
C GLU A 62 1.21 16.67 1.76
N ASP A 63 2.03 16.89 2.77
CA ASP A 63 3.33 17.53 2.59
C ASP A 63 4.17 16.76 1.59
N TYR A 64 3.88 15.46 1.46
CA TYR A 64 4.62 14.61 0.53
C TYR A 64 3.90 14.50 -0.81
N ASP A 65 2.99 15.44 -1.09
CA ASP A 65 2.25 15.43 -2.35
C ASP A 65 3.16 15.78 -3.51
N ARG A 66 4.17 16.60 -3.22
CA ARG A 66 5.11 17.03 -4.25
C ARG A 66 5.75 15.84 -4.95
N LEU A 67 6.14 14.83 -4.18
CA LEU A 67 6.81 13.66 -4.72
C LEU A 67 5.94 12.41 -4.62
N ARG A 68 4.65 12.59 -4.35
CA ARG A 68 3.75 11.46 -4.23
C ARG A 68 3.50 10.80 -5.59
N PRO A 69 2.98 11.55 -6.57
CA PRO A 69 2.69 11.00 -7.90
C PRO A 69 3.88 10.31 -8.54
N LEU A 70 5.08 10.61 -8.04
CA LEU A 70 6.30 10.02 -8.56
C LEU A 70 6.28 8.49 -8.42
N SER A 71 5.37 7.98 -7.59
CA SER A 71 5.28 6.55 -7.34
C SER A 71 4.25 5.87 -8.25
N TYR A 72 3.75 6.59 -9.26
CA TYR A 72 2.77 6.01 -10.18
C TYR A 72 3.15 6.24 -11.64
N PRO A 73 4.45 6.08 -12.01
CA PRO A 73 4.90 6.28 -13.39
C PRO A 73 3.92 5.70 -14.41
N GLN A 74 3.20 4.67 -13.99
CA GLN A 74 2.21 4.03 -14.84
C GLN A 74 1.56 2.87 -14.10
N THR A 75 1.33 3.07 -12.80
CA THR A 75 0.74 2.03 -11.96
C THR A 75 -0.43 1.32 -12.65
N ASP A 76 -0.54 0.01 -12.40
CA ASP A 76 -1.63 -0.79 -12.95
C ASP A 76 -2.79 -0.84 -11.97
N VAL A 77 -2.55 -1.46 -10.81
CA VAL A 77 -3.56 -1.58 -9.78
C VAL A 77 -3.24 -0.65 -8.61
N PHE A 78 -4.15 -0.57 -7.63
CA PHE A 78 -3.94 0.29 -6.49
C PHE A 78 -4.39 -0.37 -5.19
N LEU A 79 -3.57 -0.25 -4.15
CA LEU A 79 -3.89 -0.84 -2.85
C LEU A 79 -4.38 0.23 -1.87
N VAL A 80 -5.70 0.33 -1.75
CA VAL A 80 -6.30 1.30 -0.83
C VAL A 80 -6.69 0.63 0.48
N CYS A 81 -5.73 0.55 1.40
CA CYS A 81 -5.96 -0.07 2.69
C CYS A 81 -6.61 0.91 3.65
N PHE A 82 -7.87 0.63 4.00
CA PHE A 82 -8.62 1.50 4.91
C PHE A 82 -8.93 0.76 6.21
N SER A 83 -8.82 1.46 7.32
CA SER A 83 -9.09 0.87 8.63
C SER A 83 -10.54 0.44 8.75
N VAL A 84 -10.77 -0.87 8.84
CA VAL A 84 -12.12 -1.40 8.96
C VAL A 84 -12.83 -0.87 10.20
N VAL A 85 -12.05 -0.60 11.26
CA VAL A 85 -12.61 -0.06 12.50
C VAL A 85 -12.52 1.46 12.51
N SER A 86 -12.57 2.06 11.33
CA SER A 86 -12.50 3.52 11.20
C SER A 86 -13.23 4.00 9.95
N PRO A 87 -14.52 4.35 10.06
CA PRO A 87 -15.32 4.82 8.92
C PRO A 87 -14.68 6.01 8.21
N SER A 88 -13.86 6.76 8.92
CA SER A 88 -13.20 7.93 8.35
C SER A 88 -12.43 7.56 7.08
N SER A 89 -11.47 6.65 7.22
CA SER A 89 -10.68 6.21 6.07
C SER A 89 -11.56 5.67 4.97
N PHE A 90 -12.55 4.86 5.36
CA PHE A 90 -13.48 4.28 4.40
C PHE A 90 -14.30 5.37 3.72
N GLU A 91 -14.78 6.31 4.51
CA GLU A 91 -15.54 7.44 3.98
C GLU A 91 -14.72 8.19 2.92
N ASN A 92 -13.39 8.13 3.08
CA ASN A 92 -12.48 8.78 2.14
C ASN A 92 -12.14 7.84 1.00
N VAL A 93 -12.20 6.55 1.28
CA VAL A 93 -11.90 5.53 0.30
C VAL A 93 -12.95 5.53 -0.79
N LYS A 94 -14.19 5.74 -0.40
CA LYS A 94 -15.30 5.78 -1.33
C LYS A 94 -15.49 7.18 -1.91
N GLU A 95 -14.84 8.17 -1.31
CA GLU A 95 -15.02 9.54 -1.78
C GLU A 95 -13.79 10.41 -1.51
N LYS A 96 -12.61 9.88 -1.80
CA LYS A 96 -11.37 10.64 -1.61
C LYS A 96 -10.19 9.94 -2.27
N TRP A 97 -10.00 8.66 -1.95
CA TRP A 97 -8.89 7.91 -2.49
C TRP A 97 -9.15 7.48 -3.93
N VAL A 98 -10.12 6.60 -4.10
CA VAL A 98 -10.45 6.10 -5.44
C VAL A 98 -10.77 7.24 -6.41
N PRO A 99 -11.59 8.23 -5.99
CA PRO A 99 -11.95 9.37 -6.83
C PRO A 99 -10.72 10.13 -7.29
N GLU A 100 -9.74 10.25 -6.40
CA GLU A 100 -8.51 10.98 -6.69
C GLU A 100 -7.76 10.33 -7.84
N ILE A 101 -7.88 9.01 -7.97
CA ILE A 101 -7.19 8.29 -9.04
C ILE A 101 -8.11 8.10 -10.23
N THR A 102 -9.40 8.01 -9.97
CA THR A 102 -10.39 7.87 -11.04
C THR A 102 -10.22 8.99 -12.06
N HIS A 103 -9.65 10.10 -11.62
CA HIS A 103 -9.43 11.24 -12.49
C HIS A 103 -8.18 11.04 -13.37
N HIS A 104 -7.16 10.41 -12.78
CA HIS A 104 -5.91 10.16 -13.51
C HIS A 104 -6.01 8.86 -14.29
N CYS A 105 -6.76 7.90 -13.76
CA CYS A 105 -6.93 6.60 -14.41
C CYS A 105 -8.14 5.86 -13.86
N PRO A 106 -9.35 6.19 -14.35
CA PRO A 106 -10.59 5.55 -13.90
C PRO A 106 -10.76 4.13 -14.43
N LYS A 107 -9.80 3.67 -15.25
CA LYS A 107 -9.87 2.34 -15.83
C LYS A 107 -8.93 1.38 -15.10
N THR A 108 -7.79 1.90 -14.65
CA THR A 108 -6.81 1.08 -13.95
C THR A 108 -7.47 0.28 -12.82
N PRO A 109 -7.08 -1.00 -12.66
CA PRO A 109 -7.60 -1.86 -11.59
C PRO A 109 -7.46 -1.21 -10.22
N PHE A 110 -8.41 -1.50 -9.33
CA PHE A 110 -8.39 -0.94 -7.98
C PHE A 110 -8.61 -2.01 -6.92
N LEU A 111 -7.52 -2.44 -6.28
CA LEU A 111 -7.58 -3.45 -5.23
C LEU A 111 -8.05 -2.84 -3.92
N LEU A 112 -9.22 -3.25 -3.44
CA LEU A 112 -9.76 -2.73 -2.19
C LEU A 112 -9.32 -3.56 -1.00
N VAL A 113 -8.53 -2.93 -0.13
CA VAL A 113 -8.01 -3.62 1.05
C VAL A 113 -8.51 -2.98 2.35
N GLY A 114 -8.66 -3.82 3.37
CA GLY A 114 -9.11 -3.34 4.67
C GLY A 114 -8.23 -3.86 5.79
N THR A 115 -7.39 -2.98 6.33
CA THR A 115 -6.47 -3.38 7.39
C THR A 115 -7.07 -3.15 8.76
N GLN A 116 -6.39 -3.66 9.79
CA GLN A 116 -6.83 -3.51 11.18
C GLN A 116 -7.97 -4.46 11.51
N ILE A 117 -7.73 -5.76 11.29
CA ILE A 117 -8.74 -6.78 11.59
C ILE A 117 -8.67 -7.21 13.05
N ASP A 118 -7.49 -7.03 13.65
CA ASP A 118 -7.27 -7.41 15.05
C ASP A 118 -8.35 -6.82 15.96
N LEU A 119 -8.86 -5.64 15.60
CA LEU A 119 -9.91 -5.00 16.39
C LEU A 119 -11.29 -5.48 15.95
N ARG A 120 -11.43 -5.70 14.65
CA ARG A 120 -12.70 -6.14 14.09
C ARG A 120 -13.17 -7.43 14.75
N ASP A 121 -12.22 -8.24 15.21
CA ASP A 121 -12.54 -9.48 15.90
C ASP A 121 -12.41 -9.32 17.40
N ASP A 122 -12.42 -8.07 17.85
CA ASP A 122 -12.31 -7.78 19.27
C ASP A 122 -13.56 -7.05 19.77
N PRO A 123 -14.63 -7.79 20.09
CA PRO A 123 -15.89 -7.20 20.57
C PRO A 123 -15.63 -6.12 21.61
N SER A 124 -14.77 -6.43 22.57
CA SER A 124 -14.42 -5.50 23.63
C SER A 124 -14.09 -4.11 23.07
N THR A 125 -13.50 -4.10 21.88
CA THR A 125 -13.12 -2.86 21.23
C THR A 125 -14.24 -2.40 20.28
N ILE A 126 -14.80 -3.34 19.54
CA ILE A 126 -15.89 -3.04 18.63
C ILE A 126 -17.06 -2.42 19.39
N GLU A 127 -17.39 -2.99 20.53
CA GLU A 127 -18.47 -2.46 21.36
C GLU A 127 -18.03 -1.18 22.05
N LYS A 128 -16.73 -1.05 22.28
CA LYS A 128 -16.17 0.12 22.94
C LYS A 128 -16.40 1.39 22.12
N LEU A 129 -16.09 1.33 20.83
CA LEU A 129 -16.26 2.50 19.95
C LEU A 129 -17.59 2.46 19.22
N ALA A 130 -18.15 1.26 19.08
CA ALA A 130 -19.42 1.09 18.39
C ALA A 130 -20.43 2.17 18.78
N LYS A 131 -20.33 2.63 20.02
CA LYS A 131 -21.25 3.65 20.52
C LYS A 131 -20.53 4.89 21.02
N ASN A 132 -19.30 5.10 20.59
CA ASN A 132 -18.55 6.29 21.01
C ASN A 132 -18.31 7.24 19.84
N LYS A 133 -18.19 6.70 18.62
CA LYS A 133 -17.99 7.51 17.42
C LYS A 133 -17.47 6.67 16.26
N GLN A 134 -16.80 5.58 16.60
CA GLN A 134 -16.23 4.69 15.60
C GLN A 134 -17.09 3.44 15.43
N LYS A 135 -17.07 2.90 14.22
CA LYS A 135 -17.82 1.70 13.89
C LYS A 135 -17.05 0.85 12.90
N PRO A 136 -17.17 -0.48 12.99
CA PRO A 136 -16.47 -1.40 12.09
C PRO A 136 -17.20 -1.57 10.77
N ILE A 137 -16.46 -1.52 9.67
CA ILE A 137 -17.05 -1.65 8.35
C ILE A 137 -17.33 -3.11 8.02
N THR A 138 -18.56 -3.39 7.60
CA THR A 138 -18.97 -4.74 7.24
C THR A 138 -18.47 -5.11 5.85
N PRO A 139 -18.17 -6.40 5.63
CA PRO A 139 -17.68 -6.89 4.33
C PRO A 139 -18.61 -6.50 3.18
N GLU A 140 -19.92 -6.54 3.42
CA GLU A 140 -20.88 -6.17 2.38
C GLU A 140 -20.79 -4.68 2.08
N THR A 141 -20.35 -3.91 3.07
CA THR A 141 -20.20 -2.47 2.92
C THR A 141 -18.98 -2.14 2.07
N ALA A 142 -17.84 -2.77 2.37
CA ALA A 142 -16.62 -2.51 1.62
C ALA A 142 -16.67 -3.16 0.25
N GLU A 143 -17.27 -4.35 0.17
CA GLU A 143 -17.40 -5.04 -1.10
C GLU A 143 -18.28 -4.26 -2.06
N LYS A 144 -19.35 -3.67 -1.52
CA LYS A 144 -20.26 -2.87 -2.32
C LYS A 144 -19.51 -1.81 -3.08
N LEU A 145 -18.69 -1.05 -2.36
CA LEU A 145 -17.88 -0.02 -2.99
C LEU A 145 -16.99 -0.66 -4.05
N ALA A 146 -16.34 -1.76 -3.68
CA ALA A 146 -15.49 -2.50 -4.59
C ALA A 146 -16.20 -2.72 -5.93
N ARG A 147 -17.53 -2.78 -5.87
CA ARG A 147 -18.34 -2.97 -7.07
C ARG A 147 -18.76 -1.62 -7.66
N ASP A 148 -19.07 -0.67 -6.79
CA ASP A 148 -19.50 0.66 -7.21
C ASP A 148 -18.37 1.41 -7.89
N LEU A 149 -17.15 1.18 -7.44
CA LEU A 149 -15.98 1.86 -7.99
C LEU A 149 -15.26 0.99 -9.01
N LYS A 150 -15.94 -0.03 -9.53
CA LYS A 150 -15.35 -0.91 -10.52
C LYS A 150 -14.08 -1.56 -9.99
N ALA A 151 -13.97 -1.65 -8.67
CA ALA A 151 -12.80 -2.27 -8.04
C ALA A 151 -12.64 -3.70 -8.52
N VAL A 152 -11.40 -4.13 -8.69
CA VAL A 152 -11.13 -5.48 -9.14
C VAL A 152 -11.63 -6.53 -8.14
N LYS A 153 -11.61 -6.17 -6.86
CA LYS A 153 -12.09 -7.05 -5.81
C LYS A 153 -11.77 -6.50 -4.43
N TYR A 154 -12.52 -6.95 -3.44
CA TYR A 154 -12.32 -6.52 -2.06
C TYR A 154 -11.52 -7.57 -1.29
N VAL A 155 -10.45 -7.15 -0.62
CA VAL A 155 -9.62 -8.06 0.16
C VAL A 155 -9.48 -7.57 1.59
N GLU A 156 -8.74 -8.33 2.41
CA GLU A 156 -8.51 -7.96 3.80
C GLU A 156 -7.18 -8.55 4.27
N CYS A 157 -6.48 -7.86 5.16
CA CYS A 157 -5.20 -8.35 5.63
C CYS A 157 -4.70 -7.61 6.86
N SER A 158 -4.09 -8.37 7.77
CA SER A 158 -3.50 -7.81 8.98
C SER A 158 -2.15 -8.46 9.25
N ALA A 159 -1.19 -7.68 9.71
CA ALA A 159 0.14 -8.19 10.00
C ALA A 159 0.22 -8.75 11.41
N LEU A 160 -0.74 -8.37 12.25
CA LEU A 160 -0.80 -8.85 13.62
C LEU A 160 -1.48 -10.22 13.68
N THR A 161 -2.59 -10.35 12.98
CA THR A 161 -3.34 -11.60 12.96
C THR A 161 -2.94 -12.47 11.78
N GLN A 162 -2.51 -11.84 10.70
CA GLN A 162 -2.10 -12.55 9.49
C GLN A 162 -3.31 -13.08 8.72
N LYS A 163 -4.49 -12.61 9.07
CA LYS A 163 -5.70 -13.05 8.39
C LYS A 163 -5.70 -12.57 6.94
N GLY A 164 -5.60 -13.52 6.03
CA GLY A 164 -5.57 -13.20 4.61
C GLY A 164 -4.51 -12.16 4.28
N LEU A 165 -3.44 -12.15 5.07
CA LEU A 165 -2.33 -11.22 4.86
C LEU A 165 -1.69 -11.45 3.50
N LYS A 166 -1.69 -12.71 3.06
CA LYS A 166 -1.11 -13.09 1.78
C LYS A 166 -2.11 -12.95 0.64
N ASN A 167 -3.26 -13.60 0.79
CA ASN A 167 -4.31 -13.59 -0.23
C ASN A 167 -4.53 -12.20 -0.81
N VAL A 168 -4.68 -11.22 0.08
CA VAL A 168 -4.91 -9.82 -0.33
C VAL A 168 -4.08 -9.43 -1.54
N PHE A 169 -2.81 -9.79 -1.52
CA PHE A 169 -1.90 -9.47 -2.61
C PHE A 169 -2.13 -10.38 -3.81
N ASP A 170 -2.59 -11.60 -3.55
CA ASP A 170 -2.87 -12.53 -4.63
C ASP A 170 -3.93 -11.96 -5.55
N GLU A 171 -4.85 -11.20 -4.96
CA GLU A 171 -5.92 -10.57 -5.71
C GLU A 171 -5.40 -9.37 -6.49
N ALA A 172 -4.40 -8.69 -5.92
CA ALA A 172 -3.80 -7.52 -6.56
C ALA A 172 -3.16 -7.88 -7.89
N ILE A 173 -2.09 -8.67 -7.83
CA ILE A 173 -1.40 -9.13 -9.03
C ILE A 173 -2.39 -9.60 -10.08
N LEU A 174 -3.23 -10.55 -9.70
CA LEU A 174 -4.26 -11.08 -10.60
C LEU A 174 -5.14 -9.94 -11.13
N ALA A 175 -5.31 -8.91 -10.30
CA ALA A 175 -6.13 -7.76 -10.68
C ALA A 175 -5.36 -6.84 -11.63
N ALA A 176 -4.14 -6.47 -11.23
CA ALA A 176 -3.32 -5.58 -12.04
C ALA A 176 -3.09 -6.18 -13.43
N LEU A 177 -2.80 -7.47 -13.45
CA LEU A 177 -2.54 -8.18 -14.70
C LEU A 177 -3.81 -8.34 -15.52
N GLU A 178 -3.70 -9.07 -16.63
CA GLU A 178 -4.84 -9.29 -17.52
C GLU A 178 -4.47 -10.32 -18.60
N PRO A 179 -5.48 -10.88 -19.28
CA PRO A 179 -5.25 -11.84 -20.36
C PRO A 179 -4.07 -11.46 -21.26
N LYS B 1 -1.40 -16.45 -23.79
CA LYS B 1 -2.33 -15.61 -22.98
C LYS B 1 -1.66 -15.16 -21.69
N LYS B 2 -2.23 -14.14 -21.05
CA LYS B 2 -1.68 -13.62 -19.80
C LYS B 2 -2.75 -13.61 -18.71
N LYS B 3 -3.72 -14.52 -18.84
CA LYS B 3 -4.80 -14.62 -17.88
C LYS B 3 -4.33 -15.23 -16.59
N ILE B 4 -4.35 -14.40 -15.57
CA ILE B 4 -4.05 -14.81 -14.23
C ILE B 4 -5.32 -15.28 -13.57
N SER B 5 -5.20 -16.24 -12.69
CA SER B 5 -6.36 -16.73 -12.00
C SER B 5 -6.10 -16.73 -10.49
N LYS B 6 -7.06 -17.19 -9.72
CA LYS B 6 -6.93 -17.22 -8.28
C LYS B 6 -5.96 -18.34 -7.85
N ALA B 7 -5.85 -19.37 -8.67
CA ALA B 7 -4.97 -20.50 -8.38
C ALA B 7 -3.61 -20.37 -9.09
N ASP B 8 -3.43 -19.31 -9.88
CA ASP B 8 -2.20 -19.15 -10.64
C ASP B 8 -1.06 -18.58 -9.79
N ILE B 9 -1.22 -17.35 -9.30
CA ILE B 9 -0.20 -16.73 -8.48
C ILE B 9 0.18 -17.66 -7.32
N GLY B 10 1.25 -18.41 -7.51
CA GLY B 10 1.70 -19.32 -6.48
C GLY B 10 2.03 -18.60 -5.19
N ALA B 11 3.04 -19.08 -4.48
CA ALA B 11 3.46 -18.44 -3.25
C ALA B 11 4.57 -17.44 -3.52
N PRO B 12 4.48 -16.23 -2.94
CA PRO B 12 5.52 -15.23 -3.12
C PRO B 12 6.79 -15.58 -2.37
N SER B 13 7.89 -14.92 -2.73
CA SER B 13 9.17 -15.18 -2.09
C SER B 13 10.27 -14.42 -2.81
N GLY B 14 11.48 -14.50 -2.28
CA GLY B 14 12.61 -13.83 -2.87
C GLY B 14 12.51 -12.32 -2.74
N PHE B 15 12.08 -11.86 -1.57
CA PHE B 15 11.94 -10.42 -1.29
C PHE B 15 13.11 -9.63 -1.88
N LYS B 16 12.80 -8.68 -2.76
CA LYS B 16 13.83 -7.89 -3.42
C LYS B 16 13.75 -6.41 -3.06
N HIS B 17 14.72 -5.94 -2.26
CA HIS B 17 14.78 -4.52 -1.91
C HIS B 17 15.23 -3.70 -3.12
N VAL B 18 14.27 -3.32 -3.95
CA VAL B 18 14.56 -2.56 -5.15
C VAL B 18 14.97 -1.12 -4.82
N SER B 19 14.61 -0.66 -3.62
CA SER B 19 14.95 0.69 -3.18
C SER B 19 14.57 0.89 -1.71
N HIS B 20 15.02 2.01 -1.14
CA HIS B 20 14.71 2.30 0.27
C HIS B 20 14.94 3.78 0.59
N VAL B 21 13.96 4.38 1.25
CA VAL B 21 14.04 5.79 1.64
C VAL B 21 13.87 5.95 3.14
N GLY B 22 14.91 6.48 3.79
CA GLY B 22 14.87 6.64 5.24
C GLY B 22 14.74 8.08 5.69
N TRP B 23 13.51 8.51 5.97
CA TRP B 23 13.27 9.86 6.44
C TRP B 23 13.57 9.97 7.94
N ASP B 24 13.70 11.21 8.42
CA ASP B 24 14.02 11.45 9.82
C ASP B 24 13.73 12.91 10.18
N PRO B 25 12.90 13.15 11.21
CA PRO B 25 12.56 14.51 11.64
C PRO B 25 13.68 15.21 12.40
N GLN B 26 14.75 14.47 12.70
CA GLN B 26 15.88 15.04 13.42
C GLN B 26 17.10 15.16 12.53
N ASN B 27 17.21 14.25 11.58
CA ASN B 27 18.34 14.23 10.65
C ASN B 27 17.91 14.60 9.24
N GLY B 28 16.64 14.35 8.91
CA GLY B 28 16.14 14.63 7.58
C GLY B 28 16.15 13.40 6.69
N PHE B 29 15.84 13.56 5.40
CA PHE B 29 15.83 12.44 4.47
C PHE B 29 17.15 11.67 4.54
N ASP B 30 17.08 10.36 4.34
CA ASP B 30 18.25 9.50 4.40
C ASP B 30 18.20 8.43 3.31
N VAL B 31 17.92 8.87 2.08
CA VAL B 31 17.82 7.97 0.95
C VAL B 31 19.18 7.34 0.64
N ASN B 32 19.27 6.01 0.79
CA ASN B 32 20.51 5.30 0.52
C ASN B 32 20.47 4.63 -0.85
N ASN B 33 19.28 4.20 -1.26
CA ASN B 33 19.12 3.52 -2.54
C ASN B 33 17.80 3.88 -3.23
N LEU B 34 17.79 5.03 -3.91
CA LEU B 34 16.62 5.49 -4.63
C LEU B 34 16.73 5.18 -6.13
N ASP B 35 15.59 5.10 -6.80
CA ASP B 35 15.57 4.84 -8.24
C ASP B 35 16.35 5.92 -8.98
N PRO B 36 17.09 5.53 -10.03
CA PRO B 36 17.88 6.49 -10.82
C PRO B 36 17.06 7.69 -11.27
N ASP B 37 15.86 7.43 -11.80
CA ASP B 37 14.97 8.49 -12.25
C ASP B 37 14.33 9.20 -11.06
N LEU B 38 13.71 8.42 -10.16
CA LEU B 38 13.09 8.98 -8.97
C LEU B 38 14.09 9.81 -8.18
N ARG B 39 15.38 9.52 -8.37
CA ARG B 39 16.45 10.25 -7.71
C ARG B 39 16.39 11.73 -8.06
N SER B 40 16.35 12.00 -9.36
CA SER B 40 16.29 13.38 -9.86
C SER B 40 14.96 14.03 -9.49
N LEU B 41 13.87 13.29 -9.68
CA LEU B 41 12.54 13.81 -9.40
C LEU B 41 12.33 14.02 -7.90
N PHE B 42 13.02 13.23 -7.07
CA PHE B 42 12.90 13.36 -5.62
C PHE B 42 13.34 14.74 -5.16
N SER B 43 14.59 15.09 -5.49
CA SER B 43 15.11 16.40 -5.15
C SER B 43 14.35 17.50 -5.87
N ARG B 44 13.67 17.13 -6.97
CA ARG B 44 12.90 18.07 -7.77
C ARG B 44 11.45 18.14 -7.28
N ALA B 45 11.04 17.17 -6.48
CA ALA B 45 9.65 17.10 -6.04
C ALA B 45 9.46 17.74 -4.65
N GLY B 46 9.52 16.91 -3.60
CA GLY B 46 9.31 17.42 -2.26
C GLY B 46 10.59 17.64 -1.50
N ILE B 47 11.70 17.12 -2.02
CA ILE B 47 12.98 17.28 -1.37
C ILE B 47 13.76 18.43 -2.01
N SER B 48 13.02 19.41 -2.50
CA SER B 48 13.60 20.59 -3.14
C SER B 48 13.66 21.77 -2.19
N GLU B 49 12.92 21.67 -1.12
CA GLU B 49 12.88 22.70 -0.10
C GLU B 49 13.79 22.34 1.07
N ALA B 50 14.06 21.04 1.21
CA ALA B 50 14.95 20.56 2.27
C ALA B 50 16.20 21.42 2.37
N GLN B 51 16.45 21.92 3.57
CA GLN B 51 17.61 22.76 3.82
C GLN B 51 18.88 21.91 3.93
N LEU B 52 19.98 22.55 4.30
CA LEU B 52 21.27 21.86 4.42
C LEU B 52 21.98 22.26 5.71
N THR B 53 21.56 21.67 6.83
CA THR B 53 22.14 21.98 8.12
C THR B 53 23.04 20.85 8.64
N ASP B 54 23.25 19.86 7.80
CA ASP B 54 24.06 18.70 8.17
C ASP B 54 25.54 19.08 8.25
N ALA B 55 26.05 19.19 9.47
CA ALA B 55 27.44 19.55 9.68
C ALA B 55 27.82 19.41 11.14
N GLU B 56 27.61 18.22 11.69
CA GLU B 56 27.91 17.96 13.09
C GLU B 56 29.37 17.55 13.26
N THR B 57 30.11 18.36 14.01
CA THR B 57 31.53 18.11 14.24
C THR B 57 31.74 17.15 15.40
N SER B 58 32.24 15.95 15.09
CA SER B 58 32.49 14.94 16.11
C SER B 58 33.85 14.29 15.90
N LYS B 59 34.85 15.11 15.61
CA LYS B 59 36.21 14.60 15.40
C LYS B 59 37.08 14.83 16.63
N MET A 1 1.87 -13.98 -20.69
CA MET A 1 2.79 -12.93 -20.18
C MET A 1 2.05 -11.63 -19.89
N GLN A 2 2.22 -11.11 -18.68
CA GLN A 2 1.57 -9.87 -18.27
C GLN A 2 2.10 -9.40 -16.92
N THR A 3 2.01 -8.10 -16.68
CA THR A 3 2.50 -7.52 -15.43
C THR A 3 1.58 -6.40 -14.95
N ILE A 4 1.16 -6.48 -13.68
CA ILE A 4 0.29 -5.47 -13.10
C ILE A 4 1.12 -4.43 -12.36
N LYS A 5 0.61 -3.20 -12.30
CA LYS A 5 1.32 -2.13 -11.63
C LYS A 5 0.58 -1.72 -10.36
N CYS A 6 0.87 -2.42 -9.27
CA CYS A 6 0.24 -2.13 -7.98
C CYS A 6 1.04 -1.09 -7.20
N VAL A 7 0.33 -0.12 -6.63
CA VAL A 7 0.98 0.93 -5.87
C VAL A 7 0.28 1.15 -4.54
N VAL A 8 1.05 1.17 -3.46
CA VAL A 8 0.50 1.37 -2.14
C VAL A 8 0.36 2.85 -1.83
N VAL A 9 -0.88 3.28 -1.59
CA VAL A 9 -1.16 4.68 -1.31
C VAL A 9 -1.81 4.85 0.06
N GLY A 10 -1.44 5.92 0.75
CA GLY A 10 -2.00 6.18 2.07
C GLY A 10 -1.01 6.86 2.99
N ASP A 11 -1.53 7.60 3.97
CA ASP A 11 -0.69 8.30 4.93
C ASP A 11 -0.74 7.63 6.30
N GLY A 12 0.39 7.09 6.74
CA GLY A 12 0.45 6.42 8.03
C GLY A 12 1.57 5.39 8.10
N ALA A 13 1.51 4.53 9.11
CA ALA A 13 2.51 3.49 9.28
C ALA A 13 2.02 2.15 8.76
N VAL A 14 1.26 1.44 9.59
CA VAL A 14 0.73 0.12 9.23
C VAL A 14 1.79 -0.76 8.59
N GLY A 15 3.06 -0.48 8.93
CA GLY A 15 4.18 -1.25 8.40
C GLY A 15 3.98 -1.75 6.98
N LYS A 16 4.43 -0.96 6.01
CA LYS A 16 4.30 -1.33 4.60
C LYS A 16 5.12 -2.58 4.29
N THR A 17 6.14 -2.82 5.11
CA THR A 17 7.02 -3.98 4.92
C THR A 17 6.46 -5.23 5.60
N CYS A 18 5.46 -5.05 6.45
CA CYS A 18 4.88 -6.18 7.18
C CYS A 18 3.86 -6.92 6.32
N LEU A 19 2.89 -6.19 5.79
CA LEU A 19 1.84 -6.81 4.98
C LEU A 19 2.38 -7.18 3.60
N LEU A 20 3.23 -6.32 3.05
CA LEU A 20 3.82 -6.57 1.74
C LEU A 20 4.58 -7.88 1.74
N ILE A 21 5.29 -8.16 2.83
CA ILE A 21 6.07 -9.38 2.95
C ILE A 21 5.19 -10.56 3.34
N SER A 22 4.19 -10.31 4.18
CA SER A 22 3.27 -11.35 4.61
C SER A 22 2.39 -11.84 3.48
N TYR A 23 2.38 -11.11 2.37
CA TYR A 23 1.58 -11.48 1.21
C TYR A 23 2.42 -12.22 0.17
N THR A 24 3.66 -11.77 -0.01
CA THR A 24 4.56 -12.38 -0.97
C THR A 24 5.15 -13.68 -0.45
N THR A 25 5.54 -13.69 0.81
CA THR A 25 6.13 -14.88 1.42
C THR A 25 5.16 -15.59 2.37
N ASN A 26 3.93 -15.08 2.46
CA ASN A 26 2.93 -15.67 3.33
C ASN A 26 3.47 -15.86 4.74
N LYS A 27 4.47 -15.06 5.10
CA LYS A 27 5.07 -15.14 6.43
C LYS A 27 5.21 -13.76 7.06
N PHE A 28 5.08 -13.70 8.37
CA PHE A 28 5.19 -12.45 9.11
C PHE A 28 6.63 -12.25 9.62
N PRO A 29 7.35 -11.26 9.10
CA PRO A 29 8.73 -10.97 9.52
C PRO A 29 8.78 -10.27 10.88
N SER A 30 10.00 -10.10 11.39
CA SER A 30 10.19 -9.45 12.68
C SER A 30 11.09 -8.22 12.56
N GLU A 31 12.18 -8.37 11.81
CA GLU A 31 13.13 -7.28 11.60
C GLU A 31 12.52 -6.18 10.74
N TYR A 32 12.74 -4.93 11.14
CA TYR A 32 12.22 -3.80 10.40
C TYR A 32 13.02 -2.53 10.70
N VAL A 33 13.54 -1.90 9.67
CA VAL A 33 14.31 -0.67 9.83
C VAL A 33 14.46 0.06 8.49
N PRO A 34 15.10 -0.58 7.49
CA PRO A 34 15.28 0.02 6.17
C PRO A 34 14.11 -0.27 5.24
N THR A 35 13.56 0.78 4.62
CA THR A 35 12.44 0.61 3.70
C THR A 35 12.29 1.83 2.80
N VAL A 36 11.38 2.75 3.17
CA VAL A 36 11.11 3.97 2.38
C VAL A 36 10.49 3.63 1.02
N PHE A 37 11.18 2.82 0.21
CA PHE A 37 10.68 2.43 -1.09
C PHE A 37 11.32 1.13 -1.56
N ASP A 38 10.50 0.15 -1.89
CA ASP A 38 11.00 -1.15 -2.33
C ASP A 38 10.11 -1.73 -3.42
N ASN A 39 10.73 -2.19 -4.50
CA ASN A 39 9.99 -2.77 -5.61
C ASN A 39 10.20 -4.28 -5.66
N TYR A 40 9.11 -5.02 -5.51
CA TYR A 40 9.15 -6.47 -5.56
C TYR A 40 8.31 -7.00 -6.70
N ALA A 41 8.54 -8.26 -7.10
CA ALA A 41 7.77 -8.85 -8.18
C ALA A 41 7.26 -10.23 -7.77
N VAL A 42 5.94 -10.38 -7.77
CA VAL A 42 5.31 -11.65 -7.38
C VAL A 42 4.79 -12.38 -8.61
N THR A 43 4.91 -13.71 -8.59
CA THR A 43 4.43 -14.55 -9.67
C THR A 43 3.19 -15.32 -9.25
N VAL A 44 2.05 -14.98 -9.84
CA VAL A 44 0.80 -15.62 -9.48
C VAL A 44 0.19 -16.36 -10.68
N MET A 45 -0.64 -17.35 -10.39
CA MET A 45 -1.32 -18.11 -11.43
C MET A 45 -2.68 -17.48 -11.73
N ILE A 46 -2.70 -16.53 -12.65
CA ILE A 46 -3.93 -15.84 -13.00
C ILE A 46 -4.60 -16.47 -14.21
N GLY A 47 -5.90 -16.74 -14.09
CA GLY A 47 -6.63 -17.35 -15.18
C GLY A 47 -5.94 -18.57 -15.74
N GLY A 48 -5.28 -19.34 -14.87
CA GLY A 48 -4.58 -20.53 -15.30
C GLY A 48 -3.31 -20.21 -16.07
N GLU A 49 -2.78 -19.01 -15.86
CA GLU A 49 -1.57 -18.59 -16.54
C GLU A 49 -0.62 -17.86 -15.58
N PRO A 50 0.70 -18.07 -15.74
CA PRO A 50 1.70 -17.43 -14.88
C PRO A 50 1.83 -15.93 -15.14
N TYR A 51 1.52 -15.13 -14.13
CA TYR A 51 1.60 -13.68 -14.26
C TYR A 51 2.68 -13.12 -13.33
N THR A 52 2.86 -11.80 -13.37
CA THR A 52 3.85 -11.14 -12.52
C THR A 52 3.28 -9.85 -11.94
N LEU A 53 2.92 -9.90 -10.66
CA LEU A 53 2.36 -8.74 -9.99
C LEU A 53 3.46 -7.75 -9.59
N GLY A 54 3.42 -6.57 -10.21
CA GLY A 54 4.40 -5.54 -9.90
C GLY A 54 4.13 -4.88 -8.56
N LEU A 55 4.99 -5.15 -7.59
CA LEU A 55 4.83 -4.58 -6.25
C LEU A 55 5.62 -3.28 -6.10
N PHE A 56 4.91 -2.21 -5.74
CA PHE A 56 5.53 -0.91 -5.55
C PHE A 56 5.17 -0.33 -4.20
N ASP A 57 6.16 -0.16 -3.33
CA ASP A 57 5.93 0.38 -1.99
C ASP A 57 6.37 1.85 -1.91
N THR A 58 5.47 2.71 -1.47
CA THR A 58 5.76 4.12 -1.34
C THR A 58 5.87 4.52 0.13
N ALA A 59 6.76 5.47 0.42
CA ALA A 59 6.97 5.94 1.78
C ALA A 59 5.87 6.89 2.21
N GLY A 60 5.45 6.78 3.47
CA GLY A 60 4.40 7.65 3.98
C GLY A 60 4.91 9.03 4.32
N GLN A 61 4.14 9.78 5.09
CA GLN A 61 4.51 11.13 5.48
C GLN A 61 4.71 12.01 4.25
N GLU A 62 4.73 13.32 4.47
CA GLU A 62 4.92 14.28 3.38
C GLU A 62 6.40 14.46 3.05
N ASP A 63 7.26 14.11 4.00
CA ASP A 63 8.69 14.24 3.80
C ASP A 63 9.15 13.41 2.60
N TYR A 64 8.42 12.34 2.31
CA TYR A 64 8.76 11.48 1.18
C TYR A 64 7.80 11.69 0.02
N ASP A 65 7.04 12.78 0.04
CA ASP A 65 6.10 13.08 -1.02
C ASP A 65 6.82 13.54 -2.29
N ARG A 66 8.11 13.85 -2.17
CA ARG A 66 8.89 14.30 -3.31
C ARG A 66 9.17 13.16 -4.28
N LEU A 67 9.67 12.05 -3.75
CA LEU A 67 9.99 10.89 -4.59
C LEU A 67 8.95 9.79 -4.47
N ARG A 68 7.81 10.10 -3.86
CA ARG A 68 6.74 9.11 -3.69
C ARG A 68 5.87 9.02 -4.94
N PRO A 69 5.44 10.16 -5.50
CA PRO A 69 4.60 10.17 -6.71
C PRO A 69 5.24 9.41 -7.87
N LEU A 70 6.55 9.21 -7.79
CA LEU A 70 7.29 8.51 -8.83
C LEU A 70 6.63 7.18 -9.20
N SER A 71 5.85 6.63 -8.27
CA SER A 71 5.17 5.36 -8.51
C SER A 71 3.72 5.56 -8.92
N TYR A 72 3.37 6.79 -9.30
CA TYR A 72 2.00 7.09 -9.72
C TYR A 72 1.82 6.95 -11.23
N PRO A 73 2.75 7.50 -12.03
CA PRO A 73 2.66 7.42 -13.50
C PRO A 73 2.46 6.00 -14.00
N GLN A 74 1.44 5.82 -14.83
CA GLN A 74 1.14 4.51 -15.40
C GLN A 74 0.76 3.50 -14.32
N THR A 75 0.02 3.95 -13.32
CA THR A 75 -0.40 3.08 -12.23
C THR A 75 -1.80 2.53 -12.51
N ASP A 76 -1.94 1.21 -12.38
CA ASP A 76 -3.22 0.55 -12.62
C ASP A 76 -4.15 0.72 -11.43
N VAL A 77 -3.91 -0.05 -10.38
CA VAL A 77 -4.73 0.02 -9.18
C VAL A 77 -4.07 0.89 -8.10
N PHE A 78 -4.78 1.09 -6.99
CA PHE A 78 -4.25 1.90 -5.90
C PHE A 78 -4.71 1.36 -4.55
N LEU A 79 -3.75 0.94 -3.73
CA LEU A 79 -4.05 0.38 -2.42
C LEU A 79 -4.18 1.47 -1.37
N VAL A 80 -5.42 1.81 -1.05
CA VAL A 80 -5.69 2.82 -0.03
C VAL A 80 -5.97 2.17 1.32
N CYS A 81 -4.92 1.90 2.06
CA CYS A 81 -5.05 1.25 3.37
C CYS A 81 -5.36 2.27 4.47
N PHE A 82 -6.57 2.21 5.00
CA PHE A 82 -6.98 3.13 6.05
C PHE A 82 -7.08 2.41 7.39
N SER A 83 -7.32 3.17 8.46
CA SER A 83 -7.43 2.60 9.79
C SER A 83 -8.88 2.30 10.17
N VAL A 84 -9.27 1.05 10.04
CA VAL A 84 -10.63 0.63 10.38
C VAL A 84 -10.98 1.02 11.80
N VAL A 85 -9.98 1.07 12.67
CA VAL A 85 -10.17 1.44 14.06
C VAL A 85 -9.82 2.90 14.29
N SER A 86 -9.98 3.72 13.26
CA SER A 86 -9.68 5.14 13.34
C SER A 86 -10.67 5.95 12.51
N PRO A 87 -11.71 6.50 13.14
CA PRO A 87 -12.73 7.30 12.45
C PRO A 87 -12.11 8.41 11.60
N SER A 88 -10.97 8.93 12.04
CA SER A 88 -10.29 9.99 11.33
C SER A 88 -9.92 9.56 9.92
N SER A 89 -9.28 8.41 9.82
CA SER A 89 -8.89 7.87 8.51
C SER A 89 -10.09 7.83 7.58
N PHE A 90 -11.18 7.25 8.06
CA PHE A 90 -12.41 7.15 7.28
C PHE A 90 -12.85 8.52 6.76
N GLU A 91 -12.57 9.56 7.51
CA GLU A 91 -12.94 10.92 7.14
C GLU A 91 -12.13 11.39 5.93
N ASN A 92 -10.82 11.19 6.00
CA ASN A 92 -9.93 11.58 4.92
C ASN A 92 -9.95 10.54 3.80
N VAL A 93 -10.21 9.30 4.18
CA VAL A 93 -10.30 8.20 3.22
C VAL A 93 -11.17 8.59 2.03
N LYS A 94 -12.22 9.35 2.30
CA LYS A 94 -13.14 9.79 1.25
C LYS A 94 -12.85 11.24 0.85
N GLU A 95 -12.11 11.96 1.69
CA GLU A 95 -11.79 13.35 1.39
C GLU A 95 -10.30 13.65 1.60
N LYS A 96 -9.44 12.79 1.06
CA LYS A 96 -8.00 12.98 1.19
C LYS A 96 -7.21 11.84 0.56
N TRP A 97 -7.50 10.60 0.94
CA TRP A 97 -6.76 9.45 0.44
C TRP A 97 -7.07 9.17 -1.02
N VAL A 98 -8.36 9.12 -1.37
CA VAL A 98 -8.75 8.83 -2.75
C VAL A 98 -8.67 10.07 -3.64
N PRO A 99 -9.17 11.23 -3.18
CA PRO A 99 -9.14 12.47 -3.95
C PRO A 99 -7.75 12.77 -4.50
N GLU A 100 -6.72 12.49 -3.70
CA GLU A 100 -5.35 12.73 -4.11
C GLU A 100 -5.02 11.92 -5.36
N ILE A 101 -5.65 10.76 -5.50
CA ILE A 101 -5.43 9.91 -6.65
C ILE A 101 -6.34 10.30 -7.81
N THR A 102 -7.60 10.57 -7.49
CA THR A 102 -8.58 10.95 -8.50
C THR A 102 -8.10 12.16 -9.29
N HIS A 103 -7.22 12.96 -8.69
CA HIS A 103 -6.69 14.14 -9.35
C HIS A 103 -5.74 13.75 -10.48
N HIS A 104 -4.99 12.67 -10.26
CA HIS A 104 -4.05 12.18 -11.25
C HIS A 104 -4.71 11.15 -12.18
N CYS A 105 -5.55 10.31 -11.60
CA CYS A 105 -6.25 9.28 -12.37
C CYS A 105 -7.56 8.89 -11.68
N PRO A 106 -8.68 9.53 -12.07
CA PRO A 106 -9.99 9.26 -11.48
C PRO A 106 -10.66 8.01 -12.07
N LYS A 107 -10.01 7.39 -13.04
CA LYS A 107 -10.55 6.21 -13.70
C LYS A 107 -9.86 4.94 -13.19
N THR A 108 -8.57 5.06 -12.88
CA THR A 108 -7.80 3.92 -12.39
C THR A 108 -8.52 3.20 -11.26
N PRO A 109 -8.50 1.85 -11.27
CA PRO A 109 -9.13 1.04 -10.21
C PRO A 109 -8.63 1.43 -8.82
N PHE A 110 -9.53 1.43 -7.85
CA PHE A 110 -9.17 1.80 -6.47
C PHE A 110 -9.64 0.75 -5.47
N LEU A 111 -8.71 -0.09 -5.03
CA LEU A 111 -9.01 -1.11 -4.04
C LEU A 111 -9.07 -0.51 -2.63
N LEU A 112 -10.28 -0.37 -2.09
CA LEU A 112 -10.45 0.18 -0.75
C LEU A 112 -9.93 -0.79 0.31
N VAL A 113 -8.67 -0.60 0.69
CA VAL A 113 -8.04 -1.47 1.68
C VAL A 113 -8.26 -0.97 3.10
N GLY A 114 -8.69 -1.87 3.98
CA GLY A 114 -8.91 -1.51 5.37
C GLY A 114 -7.95 -2.24 6.30
N THR A 115 -7.17 -1.47 7.05
CA THR A 115 -6.18 -2.06 7.95
C THR A 115 -6.67 -2.05 9.40
N GLN A 116 -5.91 -2.70 10.28
CA GLN A 116 -6.24 -2.75 11.70
C GLN A 116 -7.42 -3.70 11.95
N ILE A 117 -7.32 -4.91 11.42
CA ILE A 117 -8.36 -5.92 11.62
C ILE A 117 -8.11 -6.70 12.89
N ASP A 118 -6.84 -6.98 13.16
CA ASP A 118 -6.44 -7.72 14.36
C ASP A 118 -7.11 -7.13 15.59
N LEU A 119 -7.07 -5.81 15.71
CA LEU A 119 -7.70 -5.12 16.83
C LEU A 119 -9.20 -5.08 16.65
N ARG A 120 -9.63 -4.84 15.41
CA ARG A 120 -11.05 -4.81 15.09
C ARG A 120 -11.74 -6.08 15.56
N ASP A 121 -10.98 -7.15 15.62
CA ASP A 121 -11.50 -8.44 16.06
C ASP A 121 -11.23 -8.66 17.55
N ASP A 122 -10.77 -7.62 18.25
CA ASP A 122 -10.48 -7.72 19.68
C ASP A 122 -11.41 -6.82 20.48
N PRO A 123 -12.52 -7.36 21.01
CA PRO A 123 -13.47 -6.59 21.80
C PRO A 123 -12.80 -5.78 22.91
N SER A 124 -11.81 -6.38 23.56
CA SER A 124 -11.09 -5.71 24.64
C SER A 124 -10.57 -4.35 24.20
N THR A 125 -10.23 -4.24 22.92
CA THR A 125 -9.72 -2.99 22.37
C THR A 125 -10.85 -2.18 21.74
N ILE A 126 -11.69 -2.86 20.98
CA ILE A 126 -12.82 -2.21 20.33
C ILE A 126 -13.67 -1.48 21.35
N GLU A 127 -13.90 -2.11 22.50
CA GLU A 127 -14.70 -1.52 23.56
C GLU A 127 -13.89 -0.50 24.35
N LYS A 128 -12.57 -0.70 24.39
CA LYS A 128 -11.69 0.19 25.13
C LYS A 128 -11.71 1.60 24.55
N LEU A 129 -11.63 1.72 23.23
CA LEU A 129 -11.63 3.03 22.60
C LEU A 129 -13.02 3.44 22.14
N ALA A 130 -13.87 2.44 21.95
CA ALA A 130 -15.24 2.69 21.50
C ALA A 130 -15.91 3.79 22.33
N LYS A 131 -15.43 3.98 23.56
CA LYS A 131 -16.01 4.98 24.44
C LYS A 131 -14.96 5.96 24.97
N ASN A 132 -13.77 5.96 24.38
CA ASN A 132 -12.73 6.87 24.81
C ASN A 132 -12.48 7.96 23.78
N LYS A 133 -12.67 7.63 22.51
CA LYS A 133 -12.47 8.60 21.44
C LYS A 133 -12.44 7.96 20.06
N GLN A 134 -12.17 6.66 20.02
CA GLN A 134 -12.08 5.95 18.74
C GLN A 134 -13.25 4.97 18.55
N LYS A 135 -13.52 4.66 17.29
CA LYS A 135 -14.60 3.74 16.95
C LYS A 135 -14.20 2.89 15.73
N PRO A 136 -14.64 1.63 15.69
CA PRO A 136 -14.32 0.71 14.60
C PRO A 136 -15.26 0.86 13.41
N ILE A 137 -14.75 0.60 12.21
CA ILE A 137 -15.55 0.68 10.99
C ILE A 137 -15.88 -0.73 10.49
N THR A 138 -17.13 -0.93 10.10
CA THR A 138 -17.58 -2.23 9.63
C THR A 138 -17.33 -2.39 8.13
N PRO A 139 -17.20 -3.65 7.66
CA PRO A 139 -16.98 -3.93 6.23
C PRO A 139 -18.04 -3.30 5.35
N GLU A 140 -19.28 -3.31 5.84
CA GLU A 140 -20.40 -2.73 5.11
C GLU A 140 -20.25 -1.22 5.03
N THR A 141 -19.69 -0.63 6.09
CA THR A 141 -19.47 0.81 6.14
C THR A 141 -18.39 1.22 5.14
N ALA A 142 -17.28 0.50 5.15
CA ALA A 142 -16.18 0.77 4.23
C ALA A 142 -16.63 0.51 2.79
N GLU A 143 -17.48 -0.50 2.63
CA GLU A 143 -18.02 -0.82 1.31
C GLU A 143 -18.63 0.42 0.68
N LYS A 144 -19.49 1.07 1.46
CA LYS A 144 -20.16 2.30 1.03
C LYS A 144 -19.17 3.24 0.36
N LEU A 145 -18.05 3.51 1.04
CA LEU A 145 -17.01 4.36 0.46
C LEU A 145 -16.52 3.77 -0.84
N ALA A 146 -16.27 2.47 -0.83
CA ALA A 146 -15.83 1.76 -2.02
C ALA A 146 -16.85 1.88 -3.15
N ARG A 147 -18.10 2.12 -2.76
CA ARG A 147 -19.18 2.26 -3.73
C ARG A 147 -19.35 3.72 -4.15
N ASP A 148 -19.10 4.63 -3.21
CA ASP A 148 -19.21 6.06 -3.48
C ASP A 148 -18.05 6.54 -4.33
N LEU A 149 -16.87 5.97 -4.08
CA LEU A 149 -15.67 6.34 -4.82
C LEU A 149 -15.46 5.41 -6.01
N LYS A 150 -16.52 4.73 -6.43
CA LYS A 150 -16.44 3.81 -7.56
C LYS A 150 -15.30 2.81 -7.38
N ALA A 151 -14.92 2.57 -6.13
CA ALA A 151 -13.84 1.64 -5.83
C ALA A 151 -14.11 0.28 -6.47
N VAL A 152 -13.05 -0.35 -6.96
CA VAL A 152 -13.16 -1.66 -7.59
C VAL A 152 -13.83 -2.67 -6.66
N LYS A 153 -13.57 -2.52 -5.37
CA LYS A 153 -14.14 -3.42 -4.35
C LYS A 153 -13.47 -3.21 -3.00
N TYR A 154 -14.21 -3.46 -1.93
CA TYR A 154 -13.68 -3.29 -0.58
C TYR A 154 -12.83 -4.49 -0.18
N VAL A 155 -11.64 -4.21 0.34
CA VAL A 155 -10.72 -5.25 0.77
C VAL A 155 -10.17 -4.95 2.16
N GLU A 156 -9.46 -5.90 2.74
CA GLU A 156 -8.90 -5.74 4.06
C GLU A 156 -7.65 -6.59 4.22
N CYS A 157 -6.73 -6.15 5.07
CA CYS A 157 -5.50 -6.89 5.29
C CYS A 157 -4.75 -6.40 6.53
N SER A 158 -4.36 -7.34 7.37
CA SER A 158 -3.61 -7.04 8.56
C SER A 158 -2.47 -8.04 8.73
N ALA A 159 -1.23 -7.57 8.63
CA ALA A 159 -0.07 -8.46 8.76
C ALA A 159 0.02 -9.06 10.16
N LEU A 160 -0.65 -8.43 11.12
CA LEU A 160 -0.63 -8.91 12.49
C LEU A 160 -1.23 -10.32 12.59
N THR A 161 -2.45 -10.47 12.08
CA THR A 161 -3.13 -11.76 12.11
C THR A 161 -3.17 -12.41 10.73
N GLN A 162 -2.85 -11.64 9.69
CA GLN A 162 -2.88 -12.14 8.32
C GLN A 162 -4.31 -12.22 7.79
N LYS A 163 -5.23 -11.51 8.45
CA LYS A 163 -6.62 -11.50 8.04
C LYS A 163 -6.78 -10.80 6.69
N GLY A 164 -7.15 -11.57 5.67
CA GLY A 164 -7.30 -11.00 4.34
C GLY A 164 -6.00 -10.40 3.81
N LEU A 165 -4.89 -10.75 4.44
CA LEU A 165 -3.59 -10.24 4.05
C LEU A 165 -3.26 -10.59 2.60
N LYS A 166 -3.59 -11.81 2.21
CA LYS A 166 -3.33 -12.28 0.85
C LYS A 166 -4.48 -11.93 -0.09
N ASN A 167 -5.69 -12.34 0.28
CA ASN A 167 -6.87 -12.09 -0.56
C ASN A 167 -6.93 -10.63 -1.01
N VAL A 168 -6.67 -9.71 -0.09
CA VAL A 168 -6.73 -8.28 -0.39
C VAL A 168 -5.98 -7.96 -1.68
N PHE A 169 -4.83 -8.58 -1.86
CA PHE A 169 -4.02 -8.36 -3.05
C PHE A 169 -4.60 -9.10 -4.24
N ASP A 170 -5.22 -10.25 -3.97
CA ASP A 170 -5.86 -11.03 -5.02
C ASP A 170 -6.96 -10.21 -5.69
N GLU A 171 -7.53 -9.29 -4.93
CA GLU A 171 -8.59 -8.41 -5.44
C GLU A 171 -7.99 -7.28 -6.26
N ALA A 172 -6.85 -6.76 -5.81
CA ALA A 172 -6.18 -5.68 -6.51
C ALA A 172 -5.89 -6.06 -7.96
N ILE A 173 -5.04 -7.08 -8.15
CA ILE A 173 -4.72 -7.56 -9.49
C ILE A 173 -6.00 -7.75 -10.31
N LEU A 174 -6.95 -8.46 -9.73
CA LEU A 174 -8.24 -8.68 -10.37
C LEU A 174 -8.85 -7.36 -10.82
N ALA A 175 -8.54 -6.29 -10.08
CA ALA A 175 -9.04 -4.96 -10.41
C ALA A 175 -8.10 -4.24 -11.36
N ALA A 176 -6.81 -4.25 -11.03
CA ALA A 176 -5.80 -3.60 -11.86
C ALA A 176 -5.92 -4.06 -13.31
N LEU A 177 -6.08 -5.36 -13.50
CA LEU A 177 -6.22 -5.93 -14.84
C LEU A 177 -7.56 -5.55 -15.47
N GLU A 178 -7.86 -6.12 -16.63
CA GLU A 178 -9.08 -5.79 -17.36
C GLU A 178 -9.47 -6.92 -18.32
N PRO A 179 -10.73 -6.93 -18.79
CA PRO A 179 -11.19 -7.92 -19.77
C PRO A 179 -10.21 -8.09 -20.92
N LYS B 1 -10.50 -13.38 -23.88
CA LYS B 1 -10.52 -12.11 -23.09
C LYS B 1 -9.42 -12.10 -22.04
N LYS B 2 -9.50 -11.15 -21.11
CA LYS B 2 -8.52 -11.02 -20.05
C LYS B 2 -9.18 -10.72 -18.71
N LYS B 3 -10.46 -11.07 -18.61
CA LYS B 3 -11.23 -10.87 -17.39
C LYS B 3 -10.76 -11.77 -16.27
N ILE B 4 -10.23 -11.12 -15.26
CA ILE B 4 -9.80 -11.79 -14.06
C ILE B 4 -11.00 -11.93 -13.16
N SER B 5 -10.99 -12.94 -12.34
CA SER B 5 -12.07 -13.13 -11.41
C SER B 5 -11.52 -13.36 -10.01
N LYS B 6 -12.36 -13.81 -9.09
CA LYS B 6 -11.93 -14.06 -7.72
C LYS B 6 -11.18 -15.38 -7.61
N ALA B 7 -11.49 -16.31 -8.50
CA ALA B 7 -10.86 -17.63 -8.50
C ALA B 7 -9.69 -17.72 -9.48
N ASP B 8 -9.41 -16.62 -10.19
CA ASP B 8 -8.35 -16.62 -11.19
C ASP B 8 -6.98 -16.49 -10.53
N ILE B 9 -6.70 -15.33 -9.94
CA ILE B 9 -5.41 -15.11 -9.30
C ILE B 9 -5.14 -16.16 -8.23
N GLY B 10 -4.31 -17.14 -8.57
CA GLY B 10 -4.01 -18.19 -7.61
C GLY B 10 -3.17 -17.70 -6.45
N ALA B 11 -2.30 -18.55 -5.93
CA ALA B 11 -1.44 -18.18 -4.81
C ALA B 11 -0.15 -17.55 -5.33
N PRO B 12 0.29 -16.43 -4.73
CA PRO B 12 1.51 -15.74 -5.14
C PRO B 12 2.76 -16.58 -4.91
N SER B 13 3.88 -16.13 -5.48
CA SER B 13 5.14 -16.84 -5.35
C SER B 13 6.22 -16.17 -6.19
N GLY B 14 7.37 -16.82 -6.29
CA GLY B 14 8.46 -16.28 -7.07
C GLY B 14 8.84 -14.87 -6.64
N PHE B 15 8.65 -14.58 -5.34
CA PHE B 15 8.99 -13.26 -4.79
C PHE B 15 10.29 -12.73 -5.36
N LYS B 16 10.22 -11.57 -6.01
CA LYS B 16 11.39 -10.99 -6.66
C LYS B 16 11.71 -9.63 -6.10
N HIS B 17 12.81 -9.53 -5.34
CA HIS B 17 13.25 -8.26 -4.80
C HIS B 17 13.84 -7.41 -5.92
N VAL B 18 12.96 -6.69 -6.61
CA VAL B 18 13.37 -5.88 -7.76
C VAL B 18 14.22 -4.69 -7.34
N SER B 19 13.83 -4.02 -6.26
CA SER B 19 14.57 -2.87 -5.77
C SER B 19 14.41 -2.70 -4.26
N HIS B 20 15.52 -2.50 -3.58
CA HIS B 20 15.52 -2.32 -2.13
C HIS B 20 16.30 -1.07 -1.74
N VAL B 21 15.64 -0.18 -1.01
CA VAL B 21 16.26 1.06 -0.56
C VAL B 21 16.60 0.99 0.93
N GLY B 22 17.71 1.62 1.32
CA GLY B 22 18.12 1.60 2.70
C GLY B 22 18.30 3.00 3.27
N TRP B 23 17.36 3.40 4.12
CA TRP B 23 17.41 4.72 4.74
C TRP B 23 17.84 4.63 6.21
N ASP B 24 19.10 4.93 6.48
CA ASP B 24 19.61 4.89 7.85
C ASP B 24 19.04 6.05 8.65
N PRO B 25 18.65 5.81 9.91
CA PRO B 25 18.09 6.86 10.77
C PRO B 25 19.15 7.85 11.23
N GLN B 26 20.43 7.52 10.96
CA GLN B 26 21.53 8.40 11.34
C GLN B 26 22.23 8.96 10.11
N ASN B 27 22.54 8.07 9.16
CA ASN B 27 23.24 8.46 7.94
C ASN B 27 22.27 8.85 6.83
N GLY B 28 21.04 9.19 7.20
CA GLY B 28 20.05 9.57 6.21
C GLY B 28 19.72 8.42 5.27
N PHE B 29 19.67 8.71 3.97
CA PHE B 29 19.38 7.67 2.98
C PHE B 29 20.56 6.73 2.80
N ASP B 30 20.39 5.74 1.94
CA ASP B 30 21.43 4.76 1.67
C ASP B 30 20.94 3.71 0.68
N VAL B 31 20.51 4.17 -0.48
CA VAL B 31 20.00 3.28 -1.52
C VAL B 31 21.10 2.35 -2.03
N ASN B 32 20.78 1.06 -2.12
CA ASN B 32 21.74 0.07 -2.60
C ASN B 32 21.27 -0.54 -3.92
N ASN B 33 19.96 -0.67 -4.07
CA ASN B 33 19.40 -1.25 -5.29
C ASN B 33 18.08 -0.57 -5.66
N LEU B 34 18.18 0.57 -6.33
CA LEU B 34 17.01 1.32 -6.76
C LEU B 34 16.67 0.96 -8.21
N ASP B 35 15.70 1.68 -8.78
CA ASP B 35 15.30 1.46 -10.17
C ASP B 35 16.11 2.35 -11.11
N PRO B 36 16.51 1.83 -12.27
CA PRO B 36 17.29 2.57 -13.25
C PRO B 36 16.78 4.00 -13.43
N ASP B 37 15.48 4.13 -13.65
CA ASP B 37 14.87 5.44 -13.83
C ASP B 37 14.72 6.15 -12.48
N LEU B 38 14.07 5.48 -11.53
CA LEU B 38 13.87 6.05 -10.22
C LEU B 38 15.20 6.51 -9.61
N ARG B 39 16.28 5.90 -10.07
CA ARG B 39 17.61 6.28 -9.59
C ARG B 39 17.82 7.78 -9.78
N SER B 40 17.45 8.26 -10.97
CA SER B 40 17.55 9.67 -11.28
C SER B 40 16.52 10.46 -10.49
N LEU B 41 15.30 9.95 -10.49
CA LEU B 41 14.18 10.59 -9.85
C LEU B 41 14.37 10.68 -8.34
N PHE B 42 15.04 9.69 -7.76
CA PHE B 42 15.29 9.67 -6.32
C PHE B 42 16.21 10.81 -5.92
N SER B 43 17.37 10.88 -6.58
CA SER B 43 18.33 11.94 -6.30
C SER B 43 17.73 13.30 -6.63
N ARG B 44 16.79 13.33 -7.56
CA ARG B 44 16.16 14.57 -7.97
C ARG B 44 14.91 14.86 -7.14
N ALA B 45 14.33 13.82 -6.54
CA ALA B 45 13.10 13.97 -5.79
C ALA B 45 13.33 14.00 -4.28
N GLY B 46 13.93 15.08 -3.80
CA GLY B 46 14.13 15.22 -2.37
C GLY B 46 15.48 14.69 -1.93
N ILE B 47 16.00 13.71 -2.66
CA ILE B 47 17.31 13.15 -2.34
C ILE B 47 18.39 13.82 -3.15
N SER B 48 18.22 15.11 -3.38
CA SER B 48 19.17 15.91 -4.12
C SER B 48 20.27 16.42 -3.20
N GLU B 49 20.75 17.64 -3.43
CA GLU B 49 21.81 18.22 -2.61
C GLU B 49 21.59 17.95 -1.11
N ALA B 50 20.33 17.76 -0.72
CA ALA B 50 20.00 17.48 0.67
C ALA B 50 20.48 18.60 1.60
N GLN B 51 19.54 19.38 2.10
CA GLN B 51 19.86 20.47 3.02
C GLN B 51 19.88 19.99 4.46
N LEU B 52 20.25 20.87 5.38
CA LEU B 52 20.31 20.53 6.79
C LEU B 52 20.47 21.78 7.66
N THR B 53 19.82 22.86 7.25
CA THR B 53 19.89 24.12 7.99
C THR B 53 18.70 24.30 8.92
N ASP B 54 17.90 23.26 9.05
CA ASP B 54 16.73 23.28 9.92
C ASP B 54 17.11 23.64 11.35
N ALA B 55 16.16 24.18 12.10
CA ALA B 55 16.40 24.56 13.48
C ALA B 55 15.14 25.15 14.12
N GLU B 56 14.93 26.45 13.89
CA GLU B 56 13.77 27.13 14.44
C GLU B 56 12.50 26.70 13.73
N THR B 57 11.50 26.29 14.52
CA THR B 57 10.22 25.85 13.97
C THR B 57 9.14 26.90 14.21
N SER B 58 9.55 28.16 14.28
CA SER B 58 8.62 29.26 14.51
C SER B 58 7.51 29.26 13.45
N LYS B 59 6.35 29.78 13.84
CA LYS B 59 5.21 29.85 12.92
C LYS B 59 5.57 30.66 11.67
N MET A 1 11.15 -6.38 -22.07
CA MET A 1 10.68 -6.91 -20.77
C MET A 1 9.39 -6.22 -20.34
N GLN A 2 8.98 -6.47 -19.09
CA GLN A 2 7.75 -5.88 -18.55
C GLN A 2 7.88 -5.61 -17.07
N THR A 3 7.49 -4.43 -16.64
CA THR A 3 7.56 -4.05 -15.22
C THR A 3 6.31 -3.27 -14.81
N ILE A 4 5.65 -3.74 -13.76
CA ILE A 4 4.45 -3.09 -13.25
C ILE A 4 4.78 -2.11 -12.14
N LYS A 5 4.14 -0.96 -12.15
CA LYS A 5 4.34 0.05 -11.13
C LYS A 5 3.21 -0.02 -10.10
N CYS A 6 3.55 -0.46 -8.90
CA CYS A 6 2.57 -0.58 -7.83
C CYS A 6 2.99 0.27 -6.63
N VAL A 7 2.03 0.92 -6.00
CA VAL A 7 2.31 1.76 -4.86
C VAL A 7 1.18 1.68 -3.83
N VAL A 8 1.55 1.58 -2.56
CA VAL A 8 0.57 1.49 -1.49
C VAL A 8 0.12 2.87 -1.05
N VAL A 9 -1.18 3.10 -1.13
CA VAL A 9 -1.76 4.39 -0.76
C VAL A 9 -2.77 4.24 0.37
N GLY A 10 -2.71 5.15 1.34
CA GLY A 10 -3.62 5.10 2.47
C GLY A 10 -3.10 5.85 3.67
N ASP A 11 -4.02 6.32 4.50
CA ASP A 11 -3.65 7.06 5.71
C ASP A 11 -3.74 6.17 6.94
N GLY A 12 -2.61 5.97 7.59
CA GLY A 12 -2.57 5.13 8.78
C GLY A 12 -1.36 4.21 8.81
N ALA A 13 -1.14 3.56 9.95
CA ALA A 13 -0.02 2.64 10.09
C ALA A 13 -0.43 1.21 9.77
N VAL A 14 -0.63 0.93 8.48
CA VAL A 14 -1.02 -0.40 8.04
C VAL A 14 0.16 -1.36 8.04
N GLY A 15 1.35 -0.87 8.38
CA GLY A 15 2.53 -1.71 8.39
C GLY A 15 3.06 -2.00 7.01
N LYS A 16 3.72 -1.02 6.41
CA LYS A 16 4.26 -1.15 5.07
C LYS A 16 5.17 -2.37 4.94
N THR A 17 6.04 -2.56 5.91
CA THR A 17 7.01 -3.65 5.90
C THR A 17 6.38 -4.99 6.29
N CYS A 18 5.18 -4.96 6.86
CA CYS A 18 4.53 -6.18 7.32
C CYS A 18 3.97 -7.02 6.17
N LEU A 19 3.01 -6.47 5.44
CA LEU A 19 2.35 -7.23 4.37
C LEU A 19 3.26 -7.32 3.14
N LEU A 20 3.95 -6.23 2.83
CA LEU A 20 4.84 -6.20 1.68
C LEU A 20 5.85 -7.34 1.75
N ILE A 21 6.37 -7.60 2.94
CA ILE A 21 7.35 -8.68 3.14
C ILE A 21 6.65 -10.04 3.17
N SER A 22 5.53 -10.11 3.86
CA SER A 22 4.77 -11.35 3.96
C SER A 22 4.23 -11.78 2.59
N TYR A 23 4.31 -10.89 1.60
CA TYR A 23 3.82 -11.19 0.26
C TYR A 23 4.91 -11.81 -0.60
N THR A 24 6.03 -11.12 -0.73
CA THR A 24 7.13 -11.61 -1.57
C THR A 24 8.08 -12.52 -0.77
N THR A 25 8.21 -12.25 0.52
CA THR A 25 9.09 -13.05 1.37
C THR A 25 8.31 -14.07 2.19
N ASN A 26 6.99 -13.94 2.22
CA ASN A 26 6.15 -14.87 2.97
C ASN A 26 6.50 -14.86 4.45
N LYS A 27 7.09 -13.77 4.91
CA LYS A 27 7.48 -13.64 6.31
C LYS A 27 6.66 -12.56 7.01
N PHE A 28 6.63 -12.61 8.33
CA PHE A 28 5.86 -11.66 9.12
C PHE A 28 6.75 -10.99 10.18
N PRO A 29 7.43 -9.88 9.80
CA PRO A 29 8.31 -9.14 10.71
C PRO A 29 7.54 -8.35 11.76
N SER A 30 8.20 -8.05 12.88
CA SER A 30 7.57 -7.29 13.95
C SER A 30 8.38 -6.04 14.33
N GLU A 31 9.58 -5.91 13.79
CA GLU A 31 10.43 -4.76 14.07
C GLU A 31 9.70 -3.45 13.79
N TYR A 32 9.85 -2.48 14.69
CA TYR A 32 9.19 -1.19 14.53
C TYR A 32 10.13 -0.05 14.91
N VAL A 33 10.73 0.58 13.91
CA VAL A 33 11.63 1.71 14.13
C VAL A 33 12.05 2.34 12.80
N PRO A 34 12.81 1.61 11.97
CA PRO A 34 13.26 2.10 10.66
C PRO A 34 12.12 2.11 9.64
N THR A 35 12.47 2.16 8.35
CA THR A 35 11.49 2.16 7.28
C THR A 35 10.90 3.54 7.03
N VAL A 36 11.14 4.06 5.84
CA VAL A 36 10.63 5.37 5.43
C VAL A 36 10.11 5.30 4.01
N PHE A 37 10.95 4.77 3.12
CA PHE A 37 10.60 4.59 1.72
C PHE A 37 11.49 3.53 1.09
N ASP A 38 11.04 2.29 1.15
CA ASP A 38 11.81 1.17 0.62
C ASP A 38 11.20 0.64 -0.68
N ASN A 39 11.99 0.62 -1.74
CA ASN A 39 11.54 0.13 -3.03
C ASN A 39 12.07 -1.26 -3.31
N TYR A 40 11.16 -2.21 -3.47
CA TYR A 40 11.53 -3.60 -3.76
C TYR A 40 11.07 -4.00 -5.16
N ALA A 41 11.71 -5.03 -5.71
CA ALA A 41 11.35 -5.51 -7.04
C ALA A 41 11.16 -7.02 -7.04
N VAL A 42 9.95 -7.46 -7.38
CA VAL A 42 9.64 -8.88 -7.42
C VAL A 42 9.65 -9.41 -8.86
N THR A 43 9.75 -10.72 -8.99
CA THR A 43 9.77 -11.38 -10.29
C THR A 43 8.74 -12.50 -10.35
N VAL A 44 7.92 -12.51 -11.40
CA VAL A 44 6.89 -13.53 -11.53
C VAL A 44 6.46 -13.71 -12.97
N MET A 45 5.88 -14.87 -13.26
CA MET A 45 5.43 -15.21 -14.60
C MET A 45 4.07 -14.58 -14.88
N ILE A 46 4.09 -13.36 -15.39
CA ILE A 46 2.87 -12.64 -15.72
C ILE A 46 2.59 -12.74 -17.21
N GLY A 47 1.68 -13.62 -17.59
CA GLY A 47 1.37 -13.82 -18.99
C GLY A 47 2.31 -14.79 -19.69
N GLY A 48 3.31 -15.27 -18.95
CA GLY A 48 4.26 -16.21 -19.53
C GLY A 48 5.68 -15.68 -19.51
N GLU A 49 5.98 -14.82 -18.55
CA GLU A 49 7.33 -14.24 -18.44
C GLU A 49 7.57 -13.70 -17.03
N PRO A 50 8.77 -13.97 -16.46
CA PRO A 50 9.14 -13.47 -15.13
C PRO A 50 9.26 -11.96 -15.08
N TYR A 51 8.14 -11.27 -15.27
CA TYR A 51 8.14 -9.82 -15.27
C TYR A 51 8.73 -9.28 -13.97
N THR A 52 8.71 -7.97 -13.82
CA THR A 52 9.25 -7.33 -12.62
C THR A 52 8.20 -6.44 -11.97
N LEU A 53 7.71 -6.85 -10.80
CA LEU A 53 6.71 -6.08 -10.08
C LEU A 53 7.35 -5.02 -9.20
N GLY A 54 7.15 -3.75 -9.56
CA GLY A 54 7.71 -2.66 -8.79
C GLY A 54 6.98 -2.45 -7.48
N LEU A 55 7.65 -2.74 -6.37
CA LEU A 55 7.05 -2.59 -5.05
C LEU A 55 7.41 -1.23 -4.44
N PHE A 56 6.39 -0.43 -4.15
CA PHE A 56 6.60 0.88 -3.54
C PHE A 56 5.84 1.01 -2.24
N ASP A 57 6.47 1.63 -1.25
CA ASP A 57 5.84 1.82 0.06
C ASP A 57 5.91 3.28 0.50
N THR A 58 4.74 3.87 0.74
CA THR A 58 4.66 5.26 1.17
C THR A 58 4.34 5.36 2.65
N ALA A 59 4.84 6.41 3.30
CA ALA A 59 4.59 6.62 4.72
C ALA A 59 3.28 7.36 4.94
N GLY A 60 2.20 6.60 5.03
CA GLY A 60 0.89 7.20 5.24
C GLY A 60 0.87 8.15 6.42
N GLN A 61 1.02 9.44 6.14
CA GLN A 61 1.01 10.46 7.19
C GLN A 61 1.06 11.86 6.59
N GLU A 62 1.03 12.86 7.45
CA GLU A 62 1.07 14.25 7.02
C GLU A 62 2.47 14.83 7.13
N ASP A 63 3.26 14.26 8.04
CA ASP A 63 4.62 14.73 8.26
C ASP A 63 5.51 14.43 7.05
N TYR A 64 5.25 13.30 6.39
CA TYR A 64 6.04 12.90 5.23
C TYR A 64 5.29 13.21 3.93
N ASP A 65 4.36 14.15 3.99
CA ASP A 65 3.58 14.54 2.82
C ASP A 65 4.47 15.30 1.83
N ARG A 66 5.52 15.91 2.34
CA ARG A 66 6.46 16.67 1.51
C ARG A 66 7.04 15.79 0.41
N LEU A 67 7.36 14.54 0.75
CA LEU A 67 7.95 13.62 -0.20
C LEU A 67 7.05 12.43 -0.49
N ARG A 68 5.76 12.57 -0.15
CA ARG A 68 4.81 11.49 -0.36
C ARG A 68 4.40 11.37 -1.83
N PRO A 69 4.11 12.49 -2.52
CA PRO A 69 3.73 12.47 -3.93
C PRO A 69 4.84 11.92 -4.83
N LEU A 70 6.07 12.01 -4.35
CA LEU A 70 7.23 11.54 -5.09
C LEU A 70 7.21 10.02 -5.27
N SER A 71 6.31 9.34 -4.55
CA SER A 71 6.22 7.89 -4.63
C SER A 71 5.21 7.44 -5.67
N TYR A 72 4.84 8.34 -6.58
CA TYR A 72 3.87 8.00 -7.62
C TYR A 72 4.32 8.49 -9.00
N PRO A 73 5.62 8.41 -9.34
CA PRO A 73 6.14 8.85 -10.64
C PRO A 73 5.19 8.52 -11.79
N GLN A 74 4.94 7.23 -11.98
CA GLN A 74 4.02 6.78 -13.01
C GLN A 74 3.16 5.64 -12.49
N THR A 75 2.53 5.87 -11.35
CA THR A 75 1.69 4.86 -10.71
C THR A 75 0.76 4.19 -11.71
N ASP A 76 0.84 2.86 -11.79
CA ASP A 76 -0.02 2.09 -12.71
C ASP A 76 -1.31 1.68 -12.02
N VAL A 77 -1.25 1.55 -10.69
CA VAL A 77 -2.42 1.19 -9.91
C VAL A 77 -2.28 1.73 -8.48
N PHE A 78 -3.33 1.58 -7.68
CA PHE A 78 -3.31 2.10 -6.33
C PHE A 78 -3.88 1.12 -5.31
N LEU A 79 -3.07 0.75 -4.33
CA LEU A 79 -3.51 -0.15 -3.27
C LEU A 79 -4.13 0.64 -2.13
N VAL A 80 -5.45 0.73 -2.12
CA VAL A 80 -6.15 1.45 -1.07
C VAL A 80 -6.46 0.54 0.11
N CYS A 81 -5.53 0.47 1.05
CA CYS A 81 -5.71 -0.37 2.22
C CYS A 81 -6.57 0.34 3.26
N PHE A 82 -7.80 -0.16 3.45
CA PHE A 82 -8.71 0.44 4.41
C PHE A 82 -9.07 -0.58 5.51
N SER A 83 -9.37 -0.08 6.71
CA SER A 83 -9.73 -0.95 7.82
C SER A 83 -11.16 -1.46 7.69
N VAL A 84 -11.30 -2.75 7.47
CA VAL A 84 -12.60 -3.38 7.34
C VAL A 84 -13.38 -3.30 8.66
N VAL A 85 -12.64 -3.32 9.76
CA VAL A 85 -13.24 -3.24 11.09
C VAL A 85 -13.29 -1.81 11.59
N SER A 86 -13.59 -0.88 10.69
CA SER A 86 -13.67 0.54 11.04
C SER A 86 -14.52 1.31 10.04
N PRO A 87 -15.79 1.58 10.39
CA PRO A 87 -16.72 2.32 9.52
C PRO A 87 -16.13 3.65 9.08
N SER A 88 -15.17 4.16 9.84
CA SER A 88 -14.54 5.44 9.52
C SER A 88 -13.80 5.37 8.21
N SER A 89 -12.90 4.39 8.09
CA SER A 89 -12.14 4.21 6.86
C SER A 89 -13.09 4.13 5.67
N PHE A 90 -14.09 3.27 5.79
CA PHE A 90 -15.08 3.08 4.73
C PHE A 90 -15.62 4.41 4.24
N GLU A 91 -15.83 5.34 5.17
CA GLU A 91 -16.34 6.66 4.83
C GLU A 91 -15.36 7.42 3.94
N ASN A 92 -14.13 7.57 4.43
CA ASN A 92 -13.09 8.26 3.69
C ASN A 92 -12.74 7.46 2.43
N VAL A 93 -12.70 6.15 2.58
CA VAL A 93 -12.42 5.25 1.46
C VAL A 93 -13.21 5.66 0.21
N LYS A 94 -14.48 6.01 0.41
CA LYS A 94 -15.34 6.42 -0.68
C LYS A 94 -15.27 7.93 -0.92
N GLU A 95 -14.82 8.67 0.10
CA GLU A 95 -14.73 10.13 -0.01
C GLU A 95 -13.45 10.66 0.63
N LYS A 96 -12.30 10.20 0.15
CA LYS A 96 -11.01 10.66 0.68
C LYS A 96 -9.85 9.88 0.09
N TRP A 97 -9.88 8.56 0.23
CA TRP A 97 -8.81 7.71 -0.26
C TRP A 97 -8.79 7.65 -1.79
N VAL A 98 -9.94 7.30 -2.37
CA VAL A 98 -10.05 7.19 -3.83
C VAL A 98 -10.04 8.57 -4.50
N PRO A 99 -10.99 9.46 -4.17
CA PRO A 99 -11.07 10.79 -4.78
C PRO A 99 -9.74 11.53 -4.76
N GLU A 100 -8.92 11.23 -3.76
CA GLU A 100 -7.61 11.86 -3.65
C GLU A 100 -6.73 11.50 -4.84
N ILE A 101 -6.90 10.29 -5.34
CA ILE A 101 -6.12 9.81 -6.48
C ILE A 101 -6.77 10.23 -7.79
N THR A 102 -8.10 10.15 -7.85
CA THR A 102 -8.85 10.49 -9.05
C THR A 102 -8.57 11.94 -9.47
N HIS A 103 -8.30 12.80 -8.50
CA HIS A 103 -8.02 14.20 -8.78
C HIS A 103 -6.74 14.34 -9.60
N HIS A 104 -5.87 13.34 -9.48
CA HIS A 104 -4.60 13.34 -10.21
C HIS A 104 -4.65 12.35 -11.37
N CYS A 105 -5.16 11.16 -11.10
CA CYS A 105 -5.27 10.12 -12.11
C CYS A 105 -6.48 9.22 -11.84
N PRO A 106 -7.64 9.58 -12.41
CA PRO A 106 -8.88 8.83 -12.21
C PRO A 106 -8.98 7.61 -13.13
N LYS A 107 -8.34 7.69 -14.30
CA LYS A 107 -8.39 6.60 -15.27
C LYS A 107 -7.58 5.39 -14.80
N THR A 108 -6.58 5.66 -13.96
CA THR A 108 -5.73 4.59 -13.43
C THR A 108 -6.53 3.65 -12.55
N PRO A 109 -6.18 2.35 -12.54
CA PRO A 109 -6.86 1.35 -11.72
C PRO A 109 -6.75 1.67 -10.23
N PHE A 110 -7.66 1.11 -9.44
CA PHE A 110 -7.66 1.34 -8.00
C PHE A 110 -8.07 0.08 -7.25
N LEU A 111 -7.09 -0.67 -6.79
CA LEU A 111 -7.35 -1.90 -6.05
C LEU A 111 -7.88 -1.60 -4.65
N LEU A 112 -9.11 -2.02 -4.39
CA LEU A 112 -9.73 -1.82 -3.09
C LEU A 112 -9.21 -2.85 -2.10
N VAL A 113 -8.13 -2.51 -1.41
CA VAL A 113 -7.51 -3.42 -0.45
C VAL A 113 -8.16 -3.30 0.92
N GLY A 114 -8.72 -4.40 1.40
CA GLY A 114 -9.33 -4.40 2.72
C GLY A 114 -8.43 -5.05 3.76
N THR A 115 -7.90 -4.23 4.66
CA THR A 115 -6.99 -4.72 5.69
C THR A 115 -7.74 -4.91 7.01
N GLN A 116 -7.05 -5.51 7.98
CA GLN A 116 -7.63 -5.76 9.29
C GLN A 116 -8.69 -6.86 9.21
N ILE A 117 -8.39 -7.92 8.47
CA ILE A 117 -9.31 -9.05 8.33
C ILE A 117 -9.23 -9.94 9.57
N ASP A 118 -8.03 -10.03 10.13
CA ASP A 118 -7.78 -10.84 11.30
C ASP A 118 -8.76 -10.51 12.43
N LEU A 119 -9.32 -9.30 12.39
CA LEU A 119 -10.27 -8.87 13.42
C LEU A 119 -11.70 -9.18 12.99
N ARG A 120 -12.00 -9.01 11.71
CA ARG A 120 -13.33 -9.27 11.20
C ARG A 120 -13.72 -10.73 11.42
N ASP A 121 -12.72 -11.60 11.45
CA ASP A 121 -12.96 -13.02 11.68
C ASP A 121 -12.67 -13.39 13.13
N ASP A 122 -12.59 -12.38 14.00
CA ASP A 122 -12.32 -12.61 15.42
C ASP A 122 -13.42 -12.02 16.28
N PRO A 123 -14.41 -12.83 16.68
CA PRO A 123 -15.53 -12.39 17.51
C PRO A 123 -15.07 -11.53 18.69
N SER A 124 -13.88 -11.83 19.20
CA SER A 124 -13.32 -11.08 20.32
C SER A 124 -13.32 -9.59 20.05
N THR A 125 -13.11 -9.23 18.78
CA THR A 125 -13.11 -7.82 18.39
C THR A 125 -14.47 -7.42 17.85
N ILE A 126 -15.05 -8.28 17.02
CA ILE A 126 -16.37 -8.03 16.47
C ILE A 126 -17.37 -7.79 17.58
N GLU A 127 -17.27 -8.60 18.63
CA GLU A 127 -18.15 -8.44 19.79
C GLU A 127 -17.68 -7.28 20.67
N LYS A 128 -16.39 -6.96 20.58
CA LYS A 128 -15.81 -5.88 21.37
C LYS A 128 -16.42 -4.53 20.98
N LEU A 129 -16.53 -4.28 19.68
CA LEU A 129 -17.11 -3.02 19.20
C LEU A 129 -18.61 -3.17 19.02
N ALA A 130 -19.05 -4.39 18.78
CA ALA A 130 -20.46 -4.68 18.59
C ALA A 130 -21.29 -4.00 19.70
N LYS A 131 -20.65 -3.76 20.84
CA LYS A 131 -21.30 -3.09 21.96
C LYS A 131 -20.87 -1.64 22.09
N ASN A 132 -19.70 -1.29 21.53
CA ASN A 132 -19.20 0.08 21.58
C ASN A 132 -19.79 0.94 20.48
N LYS A 133 -20.41 0.30 19.48
CA LYS A 133 -21.08 0.98 18.37
C LYS A 133 -20.20 1.04 17.13
N GLN A 134 -19.36 0.02 16.96
CA GLN A 134 -18.52 -0.09 15.77
C GLN A 134 -18.75 -1.45 15.13
N LYS A 135 -18.75 -1.49 13.79
CA LYS A 135 -19.00 -2.74 13.09
C LYS A 135 -18.09 -2.87 11.87
N PRO A 136 -17.76 -4.12 11.49
CA PRO A 136 -16.91 -4.39 10.32
C PRO A 136 -17.69 -4.25 9.01
N ILE A 137 -16.97 -4.25 7.90
CA ILE A 137 -17.60 -4.13 6.59
C ILE A 137 -17.79 -5.50 5.94
N THR A 138 -18.97 -5.73 5.40
CA THR A 138 -19.28 -7.01 4.76
C THR A 138 -18.69 -7.07 3.36
N PRO A 139 -18.46 -8.30 2.85
CA PRO A 139 -17.90 -8.49 1.51
C PRO A 139 -18.67 -7.73 0.43
N GLU A 140 -19.99 -7.68 0.59
CA GLU A 140 -20.84 -6.98 -0.35
C GLU A 140 -20.73 -5.47 -0.18
N THR A 141 -20.65 -5.03 1.08
CA THR A 141 -20.51 -3.61 1.38
C THR A 141 -19.26 -3.03 0.76
N ALA A 142 -18.15 -3.77 0.88
CA ALA A 142 -16.88 -3.34 0.31
C ALA A 142 -16.91 -3.45 -1.20
N GLU A 143 -17.54 -4.51 -1.71
CA GLU A 143 -17.68 -4.71 -3.15
C GLU A 143 -18.24 -3.46 -3.80
N LYS A 144 -19.43 -3.07 -3.35
CA LYS A 144 -20.10 -1.88 -3.87
C LYS A 144 -19.11 -0.73 -4.08
N LEU A 145 -18.32 -0.43 -3.05
CA LEU A 145 -17.31 0.61 -3.15
C LEU A 145 -16.35 0.31 -4.28
N ALA A 146 -15.92 -0.94 -4.35
CA ALA A 146 -15.01 -1.39 -5.40
C ALA A 146 -15.59 -1.05 -6.77
N ARG A 147 -16.91 -1.03 -6.86
CA ARG A 147 -17.58 -0.73 -8.12
C ARG A 147 -17.98 0.75 -8.19
N ASP A 148 -18.22 1.34 -7.02
CA ASP A 148 -18.62 2.74 -6.94
C ASP A 148 -17.44 3.66 -7.28
N LEU A 149 -16.23 3.21 -6.96
CA LEU A 149 -15.03 4.00 -7.22
C LEU A 149 -14.24 3.43 -8.40
N LYS A 150 -14.90 2.63 -9.23
CA LYS A 150 -14.27 2.03 -10.40
C LYS A 150 -13.06 1.19 -10.00
N ALA A 151 -13.08 0.66 -8.78
CA ALA A 151 -11.99 -0.18 -8.29
C ALA A 151 -11.82 -1.41 -9.16
N VAL A 152 -10.59 -1.65 -9.61
CA VAL A 152 -10.30 -2.80 -10.47
C VAL A 152 -10.90 -4.09 -9.90
N LYS A 153 -10.93 -4.19 -8.57
CA LYS A 153 -11.48 -5.37 -7.92
C LYS A 153 -11.27 -5.31 -6.41
N TYR A 154 -12.27 -5.77 -5.66
CA TYR A 154 -12.19 -5.77 -4.20
C TYR A 154 -11.39 -6.97 -3.71
N VAL A 155 -10.32 -6.69 -2.96
CA VAL A 155 -9.48 -7.75 -2.41
C VAL A 155 -9.24 -7.52 -0.92
N GLU A 156 -8.52 -8.45 -0.29
CA GLU A 156 -8.25 -8.35 1.14
C GLU A 156 -6.92 -9.02 1.50
N CYS A 157 -6.15 -8.35 2.35
CA CYS A 157 -4.85 -8.89 2.79
C CYS A 157 -4.55 -8.48 4.23
N SER A 158 -4.06 -9.44 5.01
CA SER A 158 -3.69 -9.19 6.39
C SER A 158 -2.35 -9.86 6.71
N ALA A 159 -1.34 -9.04 6.99
CA ALA A 159 -0.02 -9.57 7.29
C ALA A 159 0.01 -10.28 8.64
N LEU A 160 -0.97 -10.00 9.49
CA LEU A 160 -1.04 -10.61 10.80
C LEU A 160 -1.20 -12.13 10.69
N THR A 161 -2.18 -12.56 9.91
CA THR A 161 -2.44 -13.99 9.72
C THR A 161 -2.15 -14.43 8.29
N GLN A 162 -1.72 -13.50 7.44
CA GLN A 162 -1.42 -13.81 6.05
C GLN A 162 -2.70 -14.12 5.26
N LYS A 163 -3.82 -13.63 5.76
CA LYS A 163 -5.11 -13.83 5.11
C LYS A 163 -5.21 -13.00 3.83
N GLY A 164 -5.17 -13.67 2.68
CA GLY A 164 -5.22 -12.96 1.41
C GLY A 164 -4.06 -11.99 1.25
N LEU A 165 -2.97 -12.28 1.96
CA LEU A 165 -1.79 -11.44 1.93
C LEU A 165 -1.19 -11.35 0.52
N LYS A 166 -1.07 -12.50 -0.14
CA LYS A 166 -0.47 -12.54 -1.47
C LYS A 166 -1.51 -12.29 -2.56
N ASN A 167 -2.64 -12.97 -2.47
CA ASN A 167 -3.69 -12.85 -3.47
C ASN A 167 -3.94 -11.39 -3.87
N VAL A 168 -3.99 -10.51 -2.88
CA VAL A 168 -4.23 -9.09 -3.13
C VAL A 168 -3.25 -8.53 -4.16
N PHE A 169 -1.97 -8.68 -3.89
CA PHE A 169 -0.93 -8.18 -4.80
C PHE A 169 -1.15 -8.74 -6.21
N ASP A 170 -1.46 -10.02 -6.28
CA ASP A 170 -1.70 -10.68 -7.56
C ASP A 170 -2.77 -9.94 -8.35
N GLU A 171 -3.73 -9.35 -7.64
CA GLU A 171 -4.82 -8.62 -8.27
C GLU A 171 -4.33 -7.26 -8.76
N ALA A 172 -3.48 -6.61 -7.97
CA ALA A 172 -2.95 -5.31 -8.32
C ALA A 172 -2.31 -5.35 -9.71
N ILE A 173 -1.20 -6.08 -9.84
CA ILE A 173 -0.52 -6.22 -11.12
C ILE A 173 -1.52 -6.52 -12.23
N LEU A 174 -2.29 -7.58 -12.04
CA LEU A 174 -3.34 -7.97 -12.98
C LEU A 174 -4.22 -6.78 -13.31
N ALA A 175 -4.33 -5.84 -12.37
CA ALA A 175 -5.12 -4.64 -12.56
C ALA A 175 -4.30 -3.56 -13.26
N ALA A 176 -3.15 -3.23 -12.68
CA ALA A 176 -2.27 -2.22 -13.26
C ALA A 176 -1.96 -2.54 -14.72
N LEU A 177 -1.71 -3.80 -15.01
CA LEU A 177 -1.43 -4.24 -16.37
C LEU A 177 -2.67 -4.09 -17.25
N GLU A 178 -2.59 -4.58 -18.48
CA GLU A 178 -3.69 -4.46 -19.41
C GLU A 178 -3.44 -5.30 -20.67
N PRO A 179 -4.50 -5.58 -21.45
CA PRO A 179 -4.39 -6.34 -22.70
C PRO A 179 -3.19 -5.89 -23.53
N LYS B 1 -1.14 -10.42 -27.11
CA LYS B 1 -1.86 -9.55 -26.15
C LYS B 1 -1.12 -9.46 -24.82
N LYS B 2 -1.62 -8.63 -23.92
CA LYS B 2 -1.00 -8.45 -22.61
C LYS B 2 -2.05 -8.57 -21.50
N LYS B 3 -3.09 -9.35 -21.78
CA LYS B 3 -4.15 -9.59 -20.80
C LYS B 3 -3.70 -10.51 -19.72
N ILE B 4 -3.61 -9.94 -18.54
CA ILE B 4 -3.28 -10.70 -17.35
C ILE B 4 -4.55 -11.26 -16.77
N SER B 5 -4.46 -12.40 -16.13
CA SER B 5 -5.62 -12.97 -15.51
C SER B 5 -5.29 -13.34 -14.08
N LYS B 6 -6.19 -14.08 -13.42
CA LYS B 6 -5.95 -14.48 -12.04
C LYS B 6 -4.95 -15.64 -11.98
N ALA B 7 -4.89 -16.43 -13.06
CA ALA B 7 -4.00 -17.58 -13.13
C ALA B 7 -2.69 -17.28 -13.85
N ASP B 8 -2.53 -16.05 -14.34
CA ASP B 8 -1.33 -15.69 -15.10
C ASP B 8 -0.15 -15.42 -14.17
N ILE B 9 -0.25 -14.35 -13.37
CA ILE B 9 0.82 -14.00 -12.46
C ILE B 9 1.18 -15.20 -11.57
N GLY B 10 2.24 -15.92 -11.95
CA GLY B 10 2.65 -17.08 -11.19
C GLY B 10 3.01 -16.75 -9.76
N ALA B 11 4.11 -17.32 -9.28
CA ALA B 11 4.57 -17.09 -7.92
C ALA B 11 5.56 -15.93 -7.87
N PRO B 12 5.25 -14.86 -7.11
CA PRO B 12 6.14 -13.71 -6.99
C PRO B 12 7.42 -14.06 -6.24
N SER B 13 8.56 -13.62 -6.78
CA SER B 13 9.85 -13.94 -6.18
C SER B 13 10.91 -12.94 -6.61
N GLY B 14 12.18 -13.38 -6.65
CA GLY B 14 13.25 -12.49 -7.05
C GLY B 14 13.26 -11.21 -6.25
N PHE B 15 12.96 -11.33 -4.95
CA PHE B 15 12.94 -10.17 -4.06
C PHE B 15 14.15 -9.29 -4.28
N LYS B 16 13.92 -8.09 -4.79
CA LYS B 16 15.00 -7.16 -5.10
C LYS B 16 14.90 -5.88 -4.28
N HIS B 17 15.80 -5.73 -3.30
CA HIS B 17 15.85 -4.50 -2.52
C HIS B 17 16.49 -3.40 -3.35
N VAL B 18 15.66 -2.74 -4.15
CA VAL B 18 16.16 -1.72 -5.07
C VAL B 18 16.61 -0.46 -4.32
N SER B 19 15.69 0.13 -3.55
CA SER B 19 16.00 1.34 -2.80
C SER B 19 15.74 1.14 -1.31
N HIS B 20 16.38 1.96 -0.49
CA HIS B 20 16.22 1.88 0.96
C HIS B 20 16.65 3.18 1.63
N VAL B 21 15.80 3.70 2.51
CA VAL B 21 16.10 4.94 3.22
C VAL B 21 16.54 4.67 4.65
N GLY B 22 17.38 5.54 5.19
CA GLY B 22 17.86 5.38 6.55
C GLY B 22 17.44 6.52 7.44
N TRP B 23 16.31 6.36 8.11
CA TRP B 23 15.80 7.40 9.01
C TRP B 23 15.99 7.03 10.47
N ASP B 24 17.03 7.59 11.08
CA ASP B 24 17.30 7.36 12.50
C ASP B 24 16.63 8.43 13.35
N PRO B 25 16.03 8.04 14.48
CA PRO B 25 15.35 8.98 15.37
C PRO B 25 16.32 9.88 16.14
N GLN B 26 17.61 9.58 16.04
CA GLN B 26 18.63 10.38 16.72
C GLN B 26 19.51 11.12 15.72
N ASN B 27 19.63 10.57 14.52
CA ASN B 27 20.46 11.19 13.48
C ASN B 27 19.61 11.76 12.36
N GLY B 28 18.43 11.19 12.15
CA GLY B 28 17.55 11.66 11.10
C GLY B 28 17.61 10.79 9.85
N PHE B 29 17.24 11.36 8.72
CA PHE B 29 17.28 10.62 7.46
C PHE B 29 18.70 10.19 7.11
N ASP B 30 18.83 9.42 6.04
CA ASP B 30 20.13 8.94 5.59
C ASP B 30 20.01 8.21 4.26
N VAL B 31 19.57 8.93 3.24
CA VAL B 31 19.39 8.37 1.91
C VAL B 31 20.75 7.96 1.32
N ASN B 32 20.94 6.65 1.14
CA ASN B 32 22.19 6.14 0.59
C ASN B 32 21.93 5.37 -0.70
N ASN B 33 20.79 4.67 -0.77
CA ASN B 33 20.45 3.89 -1.95
C ASN B 33 19.12 4.34 -2.55
N LEU B 34 19.04 5.61 -2.93
CA LEU B 34 17.84 6.16 -3.54
C LEU B 34 17.93 6.11 -5.06
N ASP B 35 16.80 6.36 -5.73
CA ASP B 35 16.78 6.40 -7.19
C ASP B 35 17.48 7.67 -7.66
N PRO B 36 18.19 7.60 -8.79
CA PRO B 36 18.91 8.75 -9.32
C PRO B 36 18.07 10.02 -9.31
N ASP B 37 16.77 9.86 -9.51
CA ASP B 37 15.85 11.00 -9.48
C ASP B 37 15.31 11.22 -8.08
N LEU B 38 14.67 10.20 -7.52
CA LEU B 38 14.13 10.29 -6.17
C LEU B 38 15.19 10.76 -5.19
N ARG B 39 16.45 10.47 -5.51
CA ARG B 39 17.57 10.87 -4.67
C ARG B 39 17.51 12.37 -4.40
N SER B 40 17.26 13.14 -5.45
CA SER B 40 17.18 14.59 -5.36
C SER B 40 15.82 15.04 -4.84
N LEU B 41 14.76 14.44 -5.37
CA LEU B 41 13.41 14.78 -4.97
C LEU B 41 13.26 14.66 -3.45
N PHE B 42 13.90 13.64 -2.88
CA PHE B 42 13.84 13.44 -1.43
C PHE B 42 14.55 14.58 -0.71
N SER B 43 15.81 14.80 -1.07
CA SER B 43 16.57 15.90 -0.49
C SER B 43 15.82 17.21 -0.66
N ARG B 44 15.01 17.27 -1.70
CA ARG B 44 14.22 18.46 -2.01
C ARG B 44 12.86 18.42 -1.33
N ALA B 45 12.40 17.22 -0.99
CA ALA B 45 11.08 17.05 -0.41
C ALA B 45 11.13 16.85 1.09
N GLY B 46 11.44 17.92 1.81
CA GLY B 46 11.48 17.85 3.26
C GLY B 46 12.85 17.56 3.80
N ILE B 47 13.62 16.76 3.06
CA ILE B 47 14.97 16.42 3.46
C ILE B 47 15.96 17.39 2.84
N SER B 48 15.62 18.68 2.93
CA SER B 48 16.45 19.72 2.34
C SER B 48 17.36 20.36 3.37
N GLU B 49 16.83 21.36 4.04
CA GLU B 49 17.59 22.07 5.06
C GLU B 49 17.25 21.55 6.46
N ALA B 50 16.08 20.94 6.60
CA ALA B 50 15.64 20.38 7.87
C ALA B 50 14.18 19.98 7.83
N GLN B 51 13.84 18.94 8.57
CA GLN B 51 12.46 18.44 8.63
C GLN B 51 11.70 19.09 9.78
N LEU B 52 10.37 19.03 9.69
CA LEU B 52 9.52 19.60 10.73
C LEU B 52 9.94 19.12 12.12
N THR B 53 9.42 19.77 13.15
CA THR B 53 9.73 19.41 14.52
C THR B 53 8.73 20.04 15.46
N ASP B 54 7.89 19.21 16.03
CA ASP B 54 6.86 19.65 16.96
C ASP B 54 5.93 20.67 16.31
N ALA B 55 4.90 20.19 15.63
CA ALA B 55 3.95 21.06 14.96
C ALA B 55 3.29 22.01 15.95
N GLU B 56 3.78 23.25 15.99
CA GLU B 56 3.23 24.25 16.89
C GLU B 56 1.88 24.75 16.41
N THR B 57 0.82 24.40 17.14
CA THR B 57 -0.53 24.81 16.79
C THR B 57 -0.84 26.19 17.35
N SER B 58 -1.15 27.13 16.45
CA SER B 58 -1.47 28.49 16.85
C SER B 58 -2.80 28.55 17.59
N LYS B 59 -2.75 28.86 18.87
CA LYS B 59 -3.95 28.95 19.70
C LYS B 59 -4.24 30.39 20.10
N MET A 1 10.94 -8.87 -19.60
CA MET A 1 10.83 -8.99 -18.12
C MET A 1 9.63 -8.20 -17.60
N GLN A 2 8.43 -8.76 -17.80
CA GLN A 2 7.20 -8.10 -17.36
C GLN A 2 7.27 -7.81 -15.86
N THR A 3 6.93 -6.58 -15.49
CA THR A 3 6.96 -6.16 -14.10
C THR A 3 5.69 -5.38 -13.73
N ILE A 4 5.04 -5.81 -12.65
CA ILE A 4 3.84 -5.15 -12.16
C ILE A 4 4.19 -4.12 -11.09
N LYS A 5 3.81 -2.87 -11.33
CA LYS A 5 4.10 -1.81 -10.38
C LYS A 5 2.95 -1.65 -9.39
N CYS A 6 2.98 -2.44 -8.33
CA CYS A 6 1.96 -2.37 -7.29
C CYS A 6 2.34 -1.31 -6.26
N VAL A 7 1.44 -0.37 -6.02
CA VAL A 7 1.71 0.71 -5.08
C VAL A 7 0.63 0.76 -4.00
N VAL A 8 1.06 0.93 -2.77
CA VAL A 8 0.14 1.01 -1.64
C VAL A 8 -0.33 2.44 -1.43
N VAL A 9 -1.62 2.66 -1.65
CA VAL A 9 -2.21 3.99 -1.50
C VAL A 9 -3.08 4.06 -0.27
N GLY A 10 -2.97 5.18 0.45
CA GLY A 10 -3.76 5.37 1.66
C GLY A 10 -3.10 6.34 2.62
N ASP A 11 -3.91 7.20 3.24
CA ASP A 11 -3.41 8.18 4.19
C ASP A 11 -3.92 7.89 5.59
N GLY A 12 -3.01 7.71 6.54
CA GLY A 12 -3.40 7.43 7.91
C GLY A 12 -2.56 6.34 8.54
N ALA A 13 -3.20 5.21 8.86
CA ALA A 13 -2.49 4.09 9.47
C ALA A 13 -3.44 2.91 9.70
N VAL A 14 -3.23 1.84 8.95
CA VAL A 14 -4.06 0.64 9.08
C VAL A 14 -3.18 -0.61 9.24
N GLY A 15 -2.20 -0.76 8.36
CA GLY A 15 -1.30 -1.90 8.44
C GLY A 15 -0.93 -2.47 7.08
N LYS A 16 -0.67 -1.59 6.12
CA LYS A 16 -0.30 -2.02 4.78
C LYS A 16 1.11 -2.61 4.76
N THR A 17 2.09 -1.84 5.22
CA THR A 17 3.47 -2.31 5.26
C THR A 17 3.57 -3.68 5.92
N CYS A 18 3.17 -3.74 7.19
CA CYS A 18 3.23 -4.97 7.96
C CYS A 18 2.72 -6.17 7.16
N LEU A 19 1.76 -5.94 6.28
CA LEU A 19 1.20 -7.03 5.48
C LEU A 19 2.09 -7.30 4.27
N LEU A 20 2.69 -6.24 3.74
CA LEU A 20 3.60 -6.37 2.60
C LEU A 20 4.74 -7.32 2.93
N ILE A 21 5.29 -7.19 4.13
CA ILE A 21 6.39 -8.03 4.58
C ILE A 21 5.91 -9.46 4.82
N SER A 22 4.99 -9.61 5.76
CA SER A 22 4.43 -10.92 6.09
C SER A 22 3.90 -11.62 4.83
N TYR A 23 3.58 -10.82 3.82
CA TYR A 23 3.05 -11.35 2.56
C TYR A 23 4.09 -12.22 1.85
N THR A 24 5.25 -11.64 1.57
CA THR A 24 6.31 -12.36 0.85
C THR A 24 7.33 -12.97 1.80
N THR A 25 7.35 -12.51 3.04
CA THR A 25 8.30 -13.01 4.02
C THR A 25 7.64 -13.99 4.99
N ASN A 26 6.33 -13.89 5.13
CA ASN A 26 5.59 -14.75 6.04
C ASN A 26 5.93 -14.43 7.49
N LYS A 27 6.52 -13.27 7.72
CA LYS A 27 6.91 -12.85 9.07
C LYS A 27 6.41 -11.45 9.37
N PHE A 28 5.59 -11.34 10.41
CA PHE A 28 5.03 -10.05 10.80
C PHE A 28 6.03 -9.27 11.66
N PRO A 29 6.52 -8.11 11.18
CA PRO A 29 7.47 -7.28 11.93
C PRO A 29 6.83 -6.62 13.15
N SER A 30 7.66 -6.04 14.01
CA SER A 30 7.18 -5.38 15.20
C SER A 30 7.65 -3.93 15.28
N GLU A 31 8.48 -3.51 14.32
CA GLU A 31 8.98 -2.14 14.29
C GLU A 31 7.84 -1.14 14.35
N TYR A 32 8.11 0.04 14.92
CA TYR A 32 7.11 1.08 15.05
C TYR A 32 7.56 2.37 14.39
N VAL A 33 7.06 2.62 13.18
CA VAL A 33 7.40 3.81 12.43
C VAL A 33 6.71 3.82 11.07
N PRO A 34 5.95 4.89 10.75
CA PRO A 34 5.24 4.99 9.47
C PRO A 34 6.17 4.85 8.28
N THR A 35 5.63 4.38 7.17
CA THR A 35 6.41 4.19 5.95
C THR A 35 6.51 5.49 5.16
N VAL A 36 7.66 5.70 4.52
CA VAL A 36 7.88 6.90 3.71
C VAL A 36 8.09 6.53 2.25
N PHE A 37 8.94 5.53 2.01
CA PHE A 37 9.21 5.07 0.65
C PHE A 37 10.06 3.81 0.66
N ASP A 38 9.39 2.66 0.66
CA ASP A 38 10.07 1.38 0.65
C ASP A 38 9.62 0.52 -0.54
N ASN A 39 10.47 0.42 -1.55
CA ASN A 39 10.14 -0.34 -2.75
C ASN A 39 10.81 -1.71 -2.74
N TYR A 40 9.99 -2.75 -2.75
CA TYR A 40 10.50 -4.12 -2.78
C TYR A 40 10.06 -4.81 -4.07
N ALA A 41 10.73 -5.89 -4.43
CA ALA A 41 10.38 -6.62 -5.65
C ALA A 41 10.26 -8.12 -5.39
N VAL A 42 9.07 -8.65 -5.67
CA VAL A 42 8.82 -10.07 -5.47
C VAL A 42 8.82 -10.80 -6.82
N THR A 43 9.35 -12.02 -6.81
CA THR A 43 9.41 -12.83 -8.01
C THR A 43 8.37 -13.95 -7.94
N VAL A 44 7.38 -13.88 -8.82
CA VAL A 44 6.31 -14.88 -8.85
C VAL A 44 6.18 -15.50 -10.22
N MET A 45 5.59 -16.70 -10.27
CA MET A 45 5.39 -17.41 -11.52
C MET A 45 4.05 -17.04 -12.14
N ILE A 46 4.05 -15.98 -12.95
CA ILE A 46 2.82 -15.51 -13.59
C ILE A 46 2.77 -15.91 -15.05
N GLY A 47 1.66 -16.54 -15.45
CA GLY A 47 1.51 -16.97 -16.83
C GLY A 47 2.58 -17.97 -17.25
N GLY A 48 3.09 -18.71 -16.28
CA GLY A 48 4.11 -19.70 -16.58
C GLY A 48 5.46 -19.07 -16.88
N GLU A 49 5.66 -17.85 -16.40
CA GLU A 49 6.91 -17.13 -16.61
C GLU A 49 7.36 -16.44 -15.34
N PRO A 50 8.69 -16.39 -15.09
CA PRO A 50 9.24 -15.75 -13.89
C PRO A 50 9.10 -14.24 -13.92
N TYR A 51 7.93 -13.75 -13.50
CA TYR A 51 7.66 -12.32 -13.48
C TYR A 51 8.24 -11.68 -12.23
N THR A 52 8.00 -10.38 -12.07
CA THR A 52 8.51 -9.65 -10.92
C THR A 52 7.50 -8.62 -10.43
N LEU A 53 6.82 -8.95 -9.34
CA LEU A 53 5.81 -8.06 -8.77
C LEU A 53 6.48 -6.92 -8.00
N GLY A 54 6.49 -5.73 -8.60
CA GLY A 54 7.07 -4.58 -7.95
C GLY A 54 6.22 -4.03 -6.82
N LEU A 55 6.68 -4.24 -5.60
CA LEU A 55 5.94 -3.76 -4.43
C LEU A 55 6.37 -2.35 -4.05
N PHE A 56 5.46 -1.40 -4.19
CA PHE A 56 5.75 0.00 -3.87
C PHE A 56 4.97 0.43 -2.64
N ASP A 57 5.67 1.01 -1.67
CA ASP A 57 5.04 1.48 -0.44
C ASP A 57 5.26 2.98 -0.25
N THR A 58 4.19 3.74 -0.44
CA THR A 58 4.27 5.19 -0.30
C THR A 58 3.85 5.63 1.10
N ALA A 59 4.03 6.91 1.40
CA ALA A 59 3.67 7.46 2.71
C ALA A 59 2.23 7.95 2.72
N GLY A 60 1.64 7.99 3.92
CA GLY A 60 0.26 8.43 4.05
C GLY A 60 0.16 9.80 4.69
N GLN A 61 1.22 10.23 5.36
CA GLN A 61 1.23 11.53 6.02
C GLN A 61 0.85 12.64 5.05
N GLU A 62 1.01 13.89 5.49
CA GLU A 62 0.68 15.05 4.66
C GLU A 62 1.94 15.84 4.31
N ASP A 63 3.00 15.65 5.08
CA ASP A 63 4.26 16.35 4.84
C ASP A 63 4.94 15.86 3.57
N TYR A 64 4.73 14.59 3.25
CA TYR A 64 5.32 14.00 2.06
C TYR A 64 4.46 14.24 0.82
N ASP A 65 3.46 15.11 0.94
CA ASP A 65 2.58 15.42 -0.18
C ASP A 65 3.38 15.83 -1.41
N ARG A 66 4.56 16.40 -1.18
CA ARG A 66 5.42 16.84 -2.27
C ARG A 66 6.07 15.65 -2.97
N LEU A 67 6.59 14.71 -2.17
CA LEU A 67 7.25 13.53 -2.71
C LEU A 67 6.28 12.34 -2.76
N ARG A 68 4.98 12.63 -2.74
CA ARG A 68 3.96 11.58 -2.77
C ARG A 68 3.76 11.03 -4.19
N PRO A 69 3.51 11.91 -5.17
CA PRO A 69 3.28 11.49 -6.56
C PRO A 69 4.56 11.02 -7.26
N LEU A 70 5.69 11.06 -6.55
CA LEU A 70 6.96 10.63 -7.10
C LEU A 70 7.08 9.11 -7.14
N SER A 71 6.03 8.40 -6.69
CA SER A 71 6.07 6.95 -6.66
C SER A 71 5.05 6.32 -7.61
N TYR A 72 4.54 7.11 -8.55
CA TYR A 72 3.56 6.60 -9.50
C TYR A 72 3.94 6.92 -10.96
N PRO A 73 5.23 6.85 -11.33
CA PRO A 73 5.67 7.13 -12.70
C PRO A 73 4.72 6.54 -13.75
N GLN A 74 4.18 5.38 -13.44
CA GLN A 74 3.24 4.69 -14.32
C GLN A 74 2.57 3.53 -13.59
N THR A 75 2.13 3.81 -12.36
CA THR A 75 1.50 2.80 -11.53
C THR A 75 0.47 1.96 -12.32
N ASP A 76 0.50 0.65 -12.10
CA ASP A 76 -0.45 -0.25 -12.72
C ASP A 76 -1.71 -0.37 -11.88
N VAL A 77 -1.60 -1.05 -10.75
CA VAL A 77 -2.73 -1.19 -9.84
C VAL A 77 -2.53 -0.29 -8.62
N PHE A 78 -3.53 -0.22 -7.75
CA PHE A 78 -3.46 0.61 -6.56
C PHE A 78 -4.06 -0.10 -5.36
N LEU A 79 -3.29 -0.19 -4.28
CA LEU A 79 -3.76 -0.84 -3.06
C LEU A 79 -4.36 0.18 -2.10
N VAL A 80 -5.69 0.30 -2.14
CA VAL A 80 -6.40 1.21 -1.24
C VAL A 80 -6.82 0.48 0.02
N CYS A 81 -5.91 0.42 0.99
CA CYS A 81 -6.20 -0.26 2.25
C CYS A 81 -6.72 0.73 3.28
N PHE A 82 -8.00 0.60 3.62
CA PHE A 82 -8.63 1.48 4.58
C PHE A 82 -8.98 0.72 5.86
N SER A 83 -9.15 1.44 6.95
CA SER A 83 -9.48 0.83 8.23
C SER A 83 -10.95 0.39 8.26
N VAL A 84 -11.17 -0.90 8.51
CA VAL A 84 -12.51 -1.45 8.56
C VAL A 84 -13.29 -0.92 9.76
N VAL A 85 -12.58 -0.68 10.85
CA VAL A 85 -13.20 -0.17 12.07
C VAL A 85 -13.11 1.35 12.14
N SER A 86 -13.23 2.02 11.00
CA SER A 86 -13.17 3.46 10.94
C SER A 86 -14.00 3.99 9.76
N PRO A 87 -15.31 4.18 9.98
CA PRO A 87 -16.21 4.68 8.93
C PRO A 87 -15.70 5.95 8.28
N SER A 88 -14.88 6.70 9.01
CA SER A 88 -14.32 7.95 8.49
C SER A 88 -13.34 7.68 7.36
N SER A 89 -12.55 6.63 7.51
CA SER A 89 -11.58 6.26 6.48
C SER A 89 -12.28 5.72 5.24
N PHE A 90 -13.28 4.87 5.47
CA PHE A 90 -14.05 4.29 4.37
C PHE A 90 -14.86 5.36 3.66
N GLU A 91 -15.41 6.29 4.44
CA GLU A 91 -16.17 7.40 3.87
C GLU A 91 -15.29 8.23 2.95
N ASN A 92 -13.99 8.22 3.23
CA ASN A 92 -13.04 8.94 2.41
C ASN A 92 -12.59 8.07 1.25
N VAL A 93 -12.59 6.77 1.48
CA VAL A 93 -12.21 5.82 0.46
C VAL A 93 -13.17 5.91 -0.72
N LYS A 94 -14.45 6.03 -0.41
CA LYS A 94 -15.47 6.17 -1.43
C LYS A 94 -15.45 7.56 -2.03
N GLU A 95 -14.87 8.51 -1.31
CA GLU A 95 -14.80 9.89 -1.79
C GLU A 95 -13.51 10.59 -1.33
N LYS A 96 -12.36 10.07 -1.78
CA LYS A 96 -11.08 10.66 -1.41
C LYS A 96 -9.90 9.78 -1.86
N TRP A 97 -9.93 8.49 -1.51
CA TRP A 97 -8.86 7.59 -1.87
C TRP A 97 -8.85 7.30 -3.37
N VAL A 98 -9.97 6.79 -3.89
CA VAL A 98 -10.07 6.45 -5.31
C VAL A 98 -10.04 7.70 -6.20
N PRO A 99 -10.81 8.74 -5.85
CA PRO A 99 -10.85 9.98 -6.63
C PRO A 99 -9.45 10.54 -6.90
N GLU A 100 -8.63 10.61 -5.85
CA GLU A 100 -7.27 11.10 -5.96
C GLU A 100 -6.53 10.39 -7.10
N ILE A 101 -6.82 9.09 -7.25
CA ILE A 101 -6.20 8.29 -8.29
C ILE A 101 -6.90 8.50 -9.63
N THR A 102 -8.22 8.58 -9.58
CA THR A 102 -9.03 8.76 -10.79
C THR A 102 -8.73 10.10 -11.44
N HIS A 103 -8.31 11.07 -10.64
CA HIS A 103 -7.99 12.40 -11.15
C HIS A 103 -6.74 12.36 -12.03
N HIS A 104 -5.91 11.35 -11.82
CA HIS A 104 -4.69 11.19 -12.60
C HIS A 104 -4.76 9.98 -13.52
N CYS A 105 -5.21 8.86 -12.97
CA CYS A 105 -5.32 7.62 -13.73
C CYS A 105 -6.58 6.86 -13.35
N PRO A 106 -7.74 7.25 -13.92
CA PRO A 106 -9.02 6.60 -13.63
C PRO A 106 -9.24 5.31 -14.41
N LYS A 107 -8.24 4.92 -15.21
CA LYS A 107 -8.34 3.70 -16.01
C LYS A 107 -7.54 2.57 -15.36
N THR A 108 -6.47 2.94 -14.66
CA THR A 108 -5.62 1.97 -14.00
C THR A 108 -6.40 1.11 -13.01
N PRO A 109 -6.07 -0.18 -12.92
CA PRO A 109 -6.73 -1.11 -11.97
C PRO A 109 -6.70 -0.56 -10.54
N PHE A 110 -7.79 -0.79 -9.80
CA PHE A 110 -7.89 -0.32 -8.42
C PHE A 110 -8.37 -1.41 -7.47
N LEU A 111 -7.43 -2.08 -6.80
CA LEU A 111 -7.78 -3.11 -5.83
C LEU A 111 -8.32 -2.49 -4.55
N LEU A 112 -9.48 -2.96 -4.10
CA LEU A 112 -10.09 -2.44 -2.87
C LEU A 112 -9.65 -3.27 -1.68
N VAL A 113 -8.80 -2.69 -0.84
CA VAL A 113 -8.28 -3.40 0.32
C VAL A 113 -8.90 -2.90 1.62
N GLY A 114 -8.96 -3.78 2.61
CA GLY A 114 -9.48 -3.42 3.92
C GLY A 114 -8.70 -4.08 5.03
N THR A 115 -7.96 -3.29 5.80
CA THR A 115 -7.14 -3.83 6.87
C THR A 115 -7.71 -3.47 8.24
N GLN A 116 -7.08 -4.00 9.29
CA GLN A 116 -7.51 -3.75 10.67
C GLN A 116 -8.68 -4.67 11.04
N ILE A 117 -8.52 -5.96 10.76
CA ILE A 117 -9.54 -6.94 11.10
C ILE A 117 -9.49 -7.26 12.59
N ASP A 118 -8.30 -7.16 13.14
CA ASP A 118 -8.07 -7.43 14.57
C ASP A 118 -9.17 -6.81 15.43
N LEU A 119 -9.39 -5.51 15.25
CA LEU A 119 -10.42 -4.80 16.00
C LEU A 119 -11.80 -5.32 15.66
N ARG A 120 -12.06 -5.52 14.37
CA ARG A 120 -13.36 -6.02 13.93
C ARG A 120 -13.68 -7.34 14.59
N ASP A 121 -12.63 -8.09 14.94
CA ASP A 121 -12.79 -9.36 15.63
C ASP A 121 -12.48 -9.22 17.12
N ASP A 122 -12.51 -7.97 17.61
CA ASP A 122 -12.23 -7.70 19.01
C ASP A 122 -13.42 -7.01 19.68
N PRO A 123 -14.39 -7.80 20.18
CA PRO A 123 -15.58 -7.26 20.84
C PRO A 123 -15.25 -6.08 21.75
N SER A 124 -14.13 -6.18 22.48
CA SER A 124 -13.71 -5.14 23.39
C SER A 124 -13.70 -3.78 22.69
N THR A 125 -13.44 -3.78 21.39
CA THR A 125 -13.43 -2.55 20.61
C THR A 125 -14.77 -2.35 19.94
N ILE A 126 -15.29 -3.41 19.32
CA ILE A 126 -16.59 -3.35 18.67
C ILE A 126 -17.64 -2.84 19.63
N GLU A 127 -17.55 -3.28 20.88
CA GLU A 127 -18.46 -2.83 21.92
C GLU A 127 -18.04 -1.46 22.45
N LYS A 128 -16.76 -1.15 22.30
CA LYS A 128 -16.21 0.13 22.76
C LYS A 128 -16.80 1.28 21.95
N LEU A 129 -16.92 1.10 20.64
CA LEU A 129 -17.49 2.14 19.78
C LEU A 129 -18.96 1.90 19.54
N ALA A 130 -19.40 0.66 19.69
CA ALA A 130 -20.80 0.31 19.51
C ALA A 130 -21.70 1.30 20.25
N LYS A 131 -21.15 1.94 21.28
CA LYS A 131 -21.90 2.92 22.06
C LYS A 131 -21.46 4.35 21.74
N ASN A 132 -20.25 4.50 21.18
CA ASN A 132 -19.75 5.82 20.81
C ASN A 132 -20.26 6.26 19.45
N LYS A 133 -20.80 5.31 18.68
CA LYS A 133 -21.40 5.56 17.36
C LYS A 133 -20.43 5.29 16.23
N GLN A 134 -19.52 4.34 16.45
CA GLN A 134 -18.60 3.91 15.42
C GLN A 134 -18.83 2.43 15.13
N LYS A 135 -18.73 2.04 13.87
CA LYS A 135 -18.98 0.65 13.49
C LYS A 135 -17.97 0.15 12.47
N PRO A 136 -17.78 -1.18 12.39
CA PRO A 136 -16.86 -1.80 11.44
C PRO A 136 -17.49 -2.02 10.08
N ILE A 137 -16.72 -1.77 9.02
CA ILE A 137 -17.22 -1.96 7.66
C ILE A 137 -17.25 -3.43 7.28
N THR A 138 -18.37 -3.87 6.75
CA THR A 138 -18.54 -5.26 6.34
C THR A 138 -18.12 -5.45 4.88
N PRO A 139 -17.74 -6.68 4.50
CA PRO A 139 -17.34 -6.99 3.13
C PRO A 139 -18.30 -6.39 2.10
N GLU A 140 -19.59 -6.53 2.36
CA GLU A 140 -20.61 -6.01 1.47
C GLU A 140 -20.32 -4.57 1.07
N THR A 141 -20.46 -3.66 2.03
CA THR A 141 -20.22 -2.24 1.80
C THR A 141 -18.99 -2.01 0.92
N ALA A 142 -17.84 -2.46 1.39
CA ALA A 142 -16.60 -2.32 0.63
C ALA A 142 -16.77 -2.89 -0.77
N GLU A 143 -17.28 -4.11 -0.85
CA GLU A 143 -17.52 -4.76 -2.14
C GLU A 143 -18.32 -3.86 -3.05
N LYS A 144 -19.49 -3.43 -2.56
CA LYS A 144 -20.37 -2.55 -3.32
C LYS A 144 -19.58 -1.41 -3.98
N LEU A 145 -18.64 -0.85 -3.23
CA LEU A 145 -17.81 0.23 -3.76
C LEU A 145 -16.79 -0.33 -4.75
N ALA A 146 -16.27 -1.51 -4.44
CA ALA A 146 -15.30 -2.16 -5.33
C ALA A 146 -15.85 -2.25 -6.74
N ARG A 147 -17.17 -2.32 -6.86
CA ARG A 147 -17.83 -2.39 -8.15
C ARG A 147 -18.28 -1.00 -8.60
N ASP A 148 -18.66 -0.17 -7.63
CA ASP A 148 -19.11 1.18 -7.92
C ASP A 148 -17.95 2.05 -8.38
N LEU A 149 -16.79 1.87 -7.77
CA LEU A 149 -15.61 2.64 -8.11
C LEU A 149 -14.77 1.93 -9.19
N LYS A 150 -15.41 1.00 -9.90
CA LYS A 150 -14.72 0.27 -10.96
C LYS A 150 -13.49 -0.46 -10.42
N ALA A 151 -13.49 -0.72 -9.12
CA ALA A 151 -12.37 -1.41 -8.49
C ALA A 151 -12.22 -2.81 -9.05
N VAL A 152 -11.01 -3.17 -9.43
CA VAL A 152 -10.74 -4.48 -10.00
C VAL A 152 -11.31 -5.60 -9.13
N LYS A 153 -11.35 -5.37 -7.83
CA LYS A 153 -11.89 -6.35 -6.90
C LYS A 153 -11.66 -5.92 -5.45
N TYR A 154 -12.51 -6.42 -4.55
CA TYR A 154 -12.39 -6.09 -3.13
C TYR A 154 -11.74 -7.25 -2.37
N VAL A 155 -10.83 -6.92 -1.46
CA VAL A 155 -10.13 -7.92 -0.67
C VAL A 155 -9.84 -7.43 0.73
N GLU A 156 -10.09 -8.29 1.72
CA GLU A 156 -9.83 -7.96 3.12
C GLU A 156 -8.84 -8.95 3.73
N CYS A 157 -7.95 -8.46 4.57
CA CYS A 157 -6.95 -9.32 5.19
C CYS A 157 -6.24 -8.61 6.34
N SER A 158 -5.34 -9.34 6.99
CA SER A 158 -4.55 -8.80 8.09
C SER A 158 -3.09 -9.20 7.95
N ALA A 159 -2.21 -8.44 8.58
CA ALA A 159 -0.78 -8.72 8.51
C ALA A 159 -0.31 -9.48 9.75
N LEU A 160 -1.02 -9.31 10.86
CA LEU A 160 -0.67 -9.98 12.09
C LEU A 160 -1.23 -11.40 12.13
N THR A 161 -2.40 -11.58 11.52
CA THR A 161 -3.05 -12.88 11.48
C THR A 161 -2.85 -13.55 10.13
N GLN A 162 -2.65 -12.74 9.10
CA GLN A 162 -2.45 -13.27 7.74
C GLN A 162 -3.75 -13.79 7.16
N LYS A 163 -4.86 -13.27 7.66
CA LYS A 163 -6.19 -13.67 7.17
C LYS A 163 -6.34 -13.31 5.69
N GLY A 164 -6.26 -14.33 4.83
CA GLY A 164 -6.36 -14.09 3.40
C GLY A 164 -5.37 -13.06 2.91
N LEU A 165 -4.30 -12.87 3.69
CA LEU A 165 -3.27 -11.90 3.36
C LEU A 165 -2.67 -12.13 1.98
N LYS A 166 -1.95 -13.24 1.84
CA LYS A 166 -1.28 -13.58 0.58
C LYS A 166 -2.28 -13.61 -0.58
N ASN A 167 -3.49 -14.07 -0.29
CA ASN A 167 -4.54 -14.16 -1.29
C ASN A 167 -4.90 -12.78 -1.83
N VAL A 168 -4.72 -11.76 -0.98
CA VAL A 168 -5.02 -10.38 -1.36
C VAL A 168 -4.14 -9.90 -2.50
N PHE A 169 -2.84 -10.03 -2.32
CA PHE A 169 -1.87 -9.60 -3.33
C PHE A 169 -2.12 -10.33 -4.65
N ASP A 170 -2.45 -11.61 -4.56
CA ASP A 170 -2.71 -12.41 -5.75
C ASP A 170 -3.76 -11.75 -6.64
N GLU A 171 -4.66 -11.00 -6.01
CA GLU A 171 -5.72 -10.31 -6.75
C GLU A 171 -5.19 -9.02 -7.37
N ALA A 172 -4.21 -8.40 -6.71
CA ALA A 172 -3.63 -7.16 -7.21
C ALA A 172 -2.95 -7.38 -8.56
N ILE A 173 -1.84 -8.12 -8.55
CA ILE A 173 -1.10 -8.41 -9.78
C ILE A 173 -2.05 -8.90 -10.87
N LEU A 174 -2.87 -9.88 -10.52
CA LEU A 174 -3.86 -10.42 -11.43
C LEU A 174 -4.70 -9.30 -12.04
N ALA A 175 -4.86 -8.22 -11.28
CA ALA A 175 -5.62 -7.07 -11.72
C ALA A 175 -4.73 -6.06 -12.45
N ALA A 176 -3.59 -5.76 -11.83
CA ALA A 176 -2.64 -4.79 -12.39
C ALA A 176 -2.42 -5.03 -13.87
N LEU A 177 -2.35 -6.30 -14.26
CA LEU A 177 -2.12 -6.66 -15.66
C LEU A 177 -3.46 -6.77 -16.41
N GLU A 178 -3.41 -7.37 -17.60
CA GLU A 178 -4.59 -7.52 -18.43
C GLU A 178 -4.32 -8.50 -19.57
N PRO A 179 -5.37 -8.99 -20.26
CA PRO A 179 -5.20 -9.91 -21.40
C PRO A 179 -4.08 -9.47 -22.33
N LYS B 1 -1.47 -14.02 -25.46
CA LYS B 1 -2.32 -13.21 -24.55
C LYS B 1 -1.54 -12.80 -23.30
N LYS B 2 -2.23 -12.12 -22.38
CA LYS B 2 -1.60 -11.67 -21.15
C LYS B 2 -2.59 -11.72 -19.99
N LYS B 3 -3.57 -12.61 -20.09
CA LYS B 3 -4.57 -12.80 -19.05
C LYS B 3 -4.01 -13.52 -17.86
N ILE B 4 -4.03 -12.83 -16.74
CA ILE B 4 -3.62 -13.40 -15.49
C ILE B 4 -4.84 -14.02 -14.86
N SER B 5 -4.65 -15.08 -14.10
CA SER B 5 -5.76 -15.71 -13.45
C SER B 5 -5.45 -15.92 -11.97
N LYS B 6 -6.36 -16.55 -11.25
CA LYS B 6 -6.16 -16.83 -9.84
C LYS B 6 -5.13 -17.93 -9.64
N ALA B 7 -5.03 -18.83 -10.62
CA ALA B 7 -4.09 -19.94 -10.55
C ALA B 7 -2.79 -19.66 -11.29
N ASP B 8 -2.67 -18.50 -11.92
CA ASP B 8 -1.47 -18.15 -12.65
C ASP B 8 -0.36 -17.68 -11.72
N ILE B 9 -0.56 -16.52 -11.09
CA ILE B 9 0.44 -15.99 -10.17
C ILE B 9 0.80 -17.02 -9.12
N GLY B 10 1.89 -17.75 -9.35
CA GLY B 10 2.32 -18.76 -8.41
C GLY B 10 2.62 -18.20 -7.03
N ALA B 11 3.55 -18.83 -6.33
CA ALA B 11 3.94 -18.39 -5.00
C ALA B 11 5.06 -17.35 -5.09
N PRO B 12 4.97 -16.27 -4.30
CA PRO B 12 5.98 -15.21 -4.31
C PRO B 12 7.32 -15.69 -3.80
N SER B 13 8.37 -14.94 -4.11
CA SER B 13 9.72 -15.29 -3.69
C SER B 13 10.73 -14.30 -4.24
N GLY B 14 12.01 -14.56 -4.00
CA GLY B 14 13.06 -13.67 -4.48
C GLY B 14 12.86 -12.25 -4.02
N PHE B 15 12.32 -12.08 -2.81
CA PHE B 15 12.08 -10.75 -2.25
C PHE B 15 13.30 -9.85 -2.45
N LYS B 16 13.09 -8.71 -3.08
CA LYS B 16 14.18 -7.78 -3.37
C LYS B 16 13.95 -6.41 -2.74
N HIS B 17 14.99 -5.90 -2.09
CA HIS B 17 14.94 -4.57 -1.51
C HIS B 17 15.48 -3.57 -2.52
N VAL B 18 14.59 -3.13 -3.40
CA VAL B 18 14.96 -2.24 -4.49
C VAL B 18 15.29 -0.83 -4.01
N SER B 19 14.59 -0.36 -2.99
CA SER B 19 14.82 0.98 -2.46
C SER B 19 14.29 1.10 -1.03
N HIS B 20 15.08 1.74 -0.18
CA HIS B 20 14.69 1.93 1.21
C HIS B 20 15.01 3.36 1.67
N VAL B 21 14.01 4.04 2.20
CA VAL B 21 14.18 5.40 2.68
C VAL B 21 14.02 5.46 4.20
N GLY B 22 15.13 5.69 4.90
CA GLY B 22 15.10 5.74 6.35
C GLY B 22 14.86 7.12 6.88
N TRP B 23 13.60 7.46 7.17
CA TRP B 23 13.26 8.78 7.68
C TRP B 23 13.32 8.82 9.20
N ASP B 24 14.43 9.35 9.72
CA ASP B 24 14.61 9.47 11.16
C ASP B 24 14.05 10.80 11.66
N PRO B 25 13.32 10.78 12.80
CA PRO B 25 12.74 12.00 13.36
C PRO B 25 13.77 12.90 14.06
N GLN B 26 15.00 12.41 14.15
CA GLN B 26 16.07 13.17 14.79
C GLN B 26 17.11 13.64 13.78
N ASN B 27 17.23 12.92 12.66
CA ASN B 27 18.20 13.25 11.63
C ASN B 27 17.51 13.82 10.39
N GLY B 28 16.26 13.44 10.18
CA GLY B 28 15.52 13.93 9.03
C GLY B 28 15.95 13.27 7.73
N PHE B 29 15.26 12.19 7.37
CA PHE B 29 15.56 11.47 6.13
C PHE B 29 16.98 10.92 6.14
N ASP B 30 17.11 9.65 5.80
CA ASP B 30 18.40 8.98 5.75
C ASP B 30 18.42 7.94 4.63
N VAL B 31 18.12 8.38 3.42
CA VAL B 31 18.08 7.51 2.26
C VAL B 31 19.47 6.96 1.95
N ASN B 32 19.55 5.65 1.79
CA ASN B 32 20.81 4.98 1.49
C ASN B 32 20.77 4.31 0.12
N ASN B 33 19.57 3.96 -0.34
CA ASN B 33 19.41 3.31 -1.63
C ASN B 33 18.15 3.79 -2.35
N LEU B 34 18.22 4.98 -2.94
CA LEU B 34 17.10 5.53 -3.68
C LEU B 34 17.26 5.25 -5.18
N ASP B 35 16.33 5.75 -5.97
CA ASP B 35 16.37 5.54 -7.41
C ASP B 35 17.10 6.69 -8.11
N PRO B 36 17.80 6.41 -9.22
CA PRO B 36 18.54 7.43 -9.97
C PRO B 36 17.66 8.61 -10.36
N ASP B 37 16.48 8.31 -10.90
CA ASP B 37 15.54 9.35 -11.31
C ASP B 37 14.86 9.98 -10.11
N LEU B 38 14.53 9.16 -9.12
CA LEU B 38 13.86 9.64 -7.92
C LEU B 38 14.83 10.47 -7.06
N ARG B 39 16.11 10.14 -7.16
CA ARG B 39 17.14 10.86 -6.39
C ARG B 39 17.02 12.36 -6.64
N SER B 40 16.61 12.72 -7.85
CA SER B 40 16.45 14.12 -8.21
C SER B 40 15.12 14.66 -7.71
N LEU B 41 14.07 13.87 -7.86
CA LEU B 41 12.73 14.27 -7.42
C LEU B 41 12.64 14.28 -5.90
N PHE B 42 13.03 13.18 -5.27
CA PHE B 42 13.00 13.08 -3.81
C PHE B 42 13.67 14.30 -3.17
N SER B 43 14.94 14.51 -3.51
CA SER B 43 15.69 15.64 -2.98
C SER B 43 14.96 16.95 -3.26
N ARG B 44 14.19 16.97 -4.33
CA ARG B 44 13.45 18.15 -4.74
C ARG B 44 12.05 18.20 -4.15
N ALA B 45 11.57 17.06 -3.66
CA ALA B 45 10.20 16.98 -3.14
C ALA B 45 10.17 17.02 -1.62
N GLY B 46 10.48 18.17 -1.07
CA GLY B 46 10.44 18.35 0.37
C GLY B 46 11.77 18.04 1.02
N ILE B 47 12.60 17.24 0.34
CA ILE B 47 13.91 16.89 0.87
C ILE B 47 14.98 17.79 0.27
N SER B 48 14.57 18.98 -0.12
CA SER B 48 15.47 19.95 -0.73
C SER B 48 15.88 21.03 0.26
N GLU B 49 15.03 21.23 1.24
CA GLU B 49 15.26 22.21 2.29
C GLU B 49 15.76 21.53 3.56
N ALA B 50 15.40 20.26 3.71
CA ALA B 50 15.78 19.50 4.89
C ALA B 50 17.21 18.95 4.79
N GLN B 51 17.86 19.15 3.65
CA GLN B 51 19.21 18.66 3.44
C GLN B 51 19.34 17.19 3.85
N LEU B 52 20.58 16.73 4.00
CA LEU B 52 20.83 15.35 4.39
C LEU B 52 21.81 15.27 5.55
N THR B 53 22.86 16.09 5.48
CA THR B 53 23.88 16.11 6.53
C THR B 53 23.69 17.30 7.46
N ASP B 54 22.58 17.99 7.33
CA ASP B 54 22.28 19.15 8.15
C ASP B 54 23.45 20.13 8.13
N ALA B 55 23.45 21.02 7.15
CA ALA B 55 24.51 22.02 7.02
C ALA B 55 24.68 22.81 8.31
N GLU B 56 25.87 22.72 8.91
CA GLU B 56 26.16 23.43 10.14
C GLU B 56 25.31 22.90 11.29
N THR B 57 25.98 22.42 12.34
CA THR B 57 25.28 21.88 13.51
C THR B 57 24.84 23.01 14.44
N SER B 58 23.53 23.10 14.66
CA SER B 58 22.97 24.13 15.52
C SER B 58 21.72 23.63 16.23
N LYS B 59 21.90 23.07 17.43
CA LYS B 59 20.79 22.56 18.21
C LYS B 59 20.73 23.22 19.58
N MET A 1 4.66 -15.69 -18.61
CA MET A 1 5.54 -14.73 -17.88
C MET A 1 4.84 -13.40 -17.68
N GLN A 2 3.65 -13.44 -17.08
CA GLN A 2 2.87 -12.23 -16.83
C GLN A 2 3.31 -11.58 -15.51
N THR A 3 3.10 -10.28 -15.41
CA THR A 3 3.46 -9.53 -14.20
C THR A 3 2.38 -8.54 -13.82
N ILE A 4 2.03 -8.53 -12.53
CA ILE A 4 1.03 -7.61 -12.02
C ILE A 4 1.68 -6.39 -11.36
N LYS A 5 1.28 -5.20 -11.79
CA LYS A 5 1.85 -3.98 -11.23
C LYS A 5 0.86 -3.29 -10.30
N CYS A 6 0.84 -3.75 -9.06
CA CYS A 6 -0.03 -3.16 -8.05
C CYS A 6 0.75 -2.15 -7.21
N VAL A 7 0.06 -1.10 -6.76
CA VAL A 7 0.71 -0.08 -5.95
C VAL A 7 -0.06 0.15 -4.65
N VAL A 8 0.69 0.25 -3.56
CA VAL A 8 0.07 0.49 -2.26
C VAL A 8 -0.11 1.98 -2.01
N VAL A 9 -1.36 2.42 -2.05
CA VAL A 9 -1.68 3.83 -1.87
C VAL A 9 -2.46 4.06 -0.59
N GLY A 10 -2.29 5.25 -0.01
CA GLY A 10 -2.99 5.58 1.21
C GLY A 10 -2.32 6.69 2.00
N ASP A 11 -3.12 7.56 2.60
CA ASP A 11 -2.59 8.67 3.39
C ASP A 11 -2.87 8.46 4.87
N GLY A 12 -1.88 7.92 5.58
CA GLY A 12 -2.03 7.67 7.00
C GLY A 12 -1.44 6.35 7.43
N ALA A 13 -1.04 6.25 8.70
CA ALA A 13 -0.45 5.03 9.22
C ALA A 13 -1.52 4.01 9.59
N VAL A 14 -1.98 3.26 8.59
CA VAL A 14 -3.00 2.24 8.80
C VAL A 14 -2.37 0.87 9.01
N GLY A 15 -1.24 0.63 8.34
CA GLY A 15 -0.55 -0.63 8.49
C GLY A 15 -0.36 -1.35 7.16
N LYS A 16 0.11 -0.61 6.16
CA LYS A 16 0.33 -1.18 4.83
C LYS A 16 1.62 -1.99 4.77
N THR A 17 2.71 -1.39 5.25
CA THR A 17 4.01 -2.05 5.23
C THR A 17 4.02 -3.29 6.11
N CYS A 18 3.58 -3.13 7.36
CA CYS A 18 3.53 -4.23 8.31
C CYS A 18 2.81 -5.44 7.74
N LEU A 19 1.68 -5.21 7.08
CA LEU A 19 0.89 -6.29 6.53
C LEU A 19 1.62 -6.94 5.35
N LEU A 20 2.31 -6.13 4.57
CA LEU A 20 3.05 -6.61 3.41
C LEU A 20 4.09 -7.66 3.81
N ILE A 21 4.73 -7.43 4.96
CA ILE A 21 5.76 -8.34 5.44
C ILE A 21 5.15 -9.63 6.01
N SER A 22 4.07 -9.48 6.77
CA SER A 22 3.41 -10.64 7.36
C SER A 22 2.64 -11.44 6.31
N TYR A 23 2.59 -10.92 5.08
CA TYR A 23 1.88 -11.59 3.99
C TYR A 23 2.79 -12.58 3.26
N THR A 24 3.72 -12.05 2.48
CA THR A 24 4.63 -12.89 1.70
C THR A 24 5.79 -13.38 2.55
N THR A 25 6.18 -12.61 3.56
CA THR A 25 7.28 -12.98 4.43
C THR A 25 6.77 -13.56 5.75
N ASN A 26 5.49 -13.43 6.02
CA ASN A 26 4.90 -13.96 7.26
C ASN A 26 5.64 -13.43 8.48
N LYS A 27 6.29 -12.28 8.32
CA LYS A 27 7.04 -11.67 9.42
C LYS A 27 6.37 -10.38 9.87
N PHE A 28 6.53 -10.05 11.14
CA PHE A 28 5.93 -8.85 11.71
C PHE A 28 7.01 -7.84 12.11
N PRO A 29 7.17 -6.75 11.35
CA PRO A 29 8.17 -5.73 11.65
C PRO A 29 7.71 -4.79 12.77
N SER A 30 8.67 -4.23 13.49
CA SER A 30 8.37 -3.33 14.59
C SER A 30 9.01 -1.95 14.37
N GLU A 31 9.87 -1.83 13.37
CA GLU A 31 10.53 -0.56 13.07
C GLU A 31 9.51 0.53 12.77
N TYR A 32 9.99 1.76 12.67
CA TYR A 32 9.14 2.90 12.38
C TYR A 32 9.74 3.71 11.24
N VAL A 33 9.19 4.90 11.03
CA VAL A 33 9.64 5.80 9.97
C VAL A 33 8.96 5.46 8.64
N PRO A 34 8.42 6.47 7.93
CA PRO A 34 7.73 6.26 6.66
C PRO A 34 8.44 5.24 5.77
N THR A 35 7.67 4.59 4.90
CA THR A 35 8.21 3.59 3.99
C THR A 35 8.93 4.26 2.82
N VAL A 36 8.49 5.46 2.47
CA VAL A 36 9.09 6.20 1.36
C VAL A 36 8.77 5.53 0.03
N PHE A 37 9.44 4.43 -0.26
CA PHE A 37 9.22 3.69 -1.50
C PHE A 37 9.95 2.36 -1.50
N ASP A 38 9.19 1.28 -1.38
CA ASP A 38 9.77 -0.07 -1.37
C ASP A 38 9.31 -0.84 -2.60
N ASN A 39 10.06 -1.89 -2.95
CA ASN A 39 9.73 -2.69 -4.12
C ASN A 39 9.95 -4.17 -3.84
N TYR A 40 8.87 -4.95 -3.94
CA TYR A 40 8.95 -6.39 -3.73
C TYR A 40 8.28 -7.12 -4.89
N ALA A 41 8.60 -8.40 -5.06
CA ALA A 41 8.01 -9.19 -6.14
C ALA A 41 7.68 -10.59 -5.66
N VAL A 42 6.40 -10.95 -5.74
CA VAL A 42 5.94 -12.26 -5.32
C VAL A 42 5.69 -13.16 -6.53
N THR A 43 5.89 -14.46 -6.34
CA THR A 43 5.69 -15.43 -7.40
C THR A 43 4.49 -16.33 -7.08
N VAL A 44 3.40 -16.13 -7.79
CA VAL A 44 2.19 -16.90 -7.57
C VAL A 44 1.76 -17.65 -8.83
N MET A 45 1.01 -18.73 -8.64
CA MET A 45 0.51 -19.52 -9.75
C MET A 45 -0.84 -19.01 -10.21
N ILE A 46 -0.84 -18.05 -11.12
CA ILE A 46 -2.07 -17.46 -11.61
C ILE A 46 -2.43 -17.99 -13.00
N GLY A 47 -3.68 -18.42 -13.17
CA GLY A 47 -4.13 -18.94 -14.43
C GLY A 47 -3.41 -20.21 -14.83
N GLY A 48 -2.97 -20.98 -13.84
CA GLY A 48 -2.28 -22.22 -14.11
C GLY A 48 -0.87 -22.00 -14.62
N GLU A 49 -0.28 -20.86 -14.28
CA GLU A 49 1.07 -20.54 -14.71
C GLU A 49 1.81 -19.71 -13.67
N PRO A 50 3.15 -19.82 -13.61
CA PRO A 50 3.97 -19.07 -12.65
C PRO A 50 4.00 -17.58 -12.96
N TYR A 51 3.22 -16.81 -12.21
CA TYR A 51 3.16 -15.36 -12.41
C TYR A 51 4.10 -14.65 -11.43
N THR A 52 4.15 -13.33 -11.54
CA THR A 52 4.99 -12.52 -10.65
C THR A 52 4.29 -11.23 -10.25
N LEU A 53 3.80 -11.20 -9.02
CA LEU A 53 3.09 -10.03 -8.51
C LEU A 53 4.06 -8.89 -8.17
N GLY A 54 4.14 -7.91 -9.06
CA GLY A 54 5.00 -6.77 -8.83
C GLY A 54 4.45 -5.86 -7.75
N LEU A 55 5.00 -5.95 -6.55
CA LEU A 55 4.55 -5.15 -5.42
C LEU A 55 5.30 -3.83 -5.33
N PHE A 56 4.57 -2.76 -5.03
CA PHE A 56 5.15 -1.43 -4.89
C PHE A 56 4.50 -0.68 -3.74
N ASP A 57 5.30 -0.24 -2.78
CA ASP A 57 4.77 0.48 -1.62
C ASP A 57 5.17 1.95 -1.66
N THR A 58 4.20 2.81 -1.89
CA THR A 58 4.45 4.25 -1.94
C THR A 58 4.19 4.90 -0.59
N ALA A 59 4.75 6.09 -0.39
CA ALA A 59 4.58 6.81 0.86
C ALA A 59 3.10 7.11 1.13
N GLY A 60 2.85 7.89 2.18
CA GLY A 60 1.47 8.23 2.53
C GLY A 60 1.31 9.70 2.86
N GLN A 61 2.22 10.52 2.34
CA GLN A 61 2.17 11.97 2.59
C GLN A 61 2.22 12.75 1.28
N GLU A 62 2.11 14.07 1.38
CA GLU A 62 2.14 14.93 0.21
C GLU A 62 3.57 15.42 -0.07
N ASP A 63 4.38 15.46 0.98
CA ASP A 63 5.75 15.92 0.85
C ASP A 63 6.56 15.02 -0.08
N TYR A 64 6.05 13.82 -0.33
CA TYR A 64 6.74 12.87 -1.19
C TYR A 64 6.01 12.68 -2.53
N ASP A 65 5.23 13.69 -2.91
CA ASP A 65 4.49 13.64 -4.17
C ASP A 65 5.41 13.87 -5.36
N ARG A 66 6.65 14.28 -5.11
CA ARG A 66 7.61 14.54 -6.17
C ARG A 66 8.08 13.25 -6.82
N LEU A 67 8.34 12.23 -5.99
CA LEU A 67 8.83 10.95 -6.50
C LEU A 67 7.82 9.83 -6.27
N ARG A 68 6.60 10.18 -5.84
CA ARG A 68 5.58 9.18 -5.58
C ARG A 68 4.94 8.68 -6.88
N PRO A 69 4.55 9.60 -7.80
CA PRO A 69 3.96 9.22 -9.08
C PRO A 69 4.88 8.36 -9.94
N LEU A 70 6.17 8.42 -9.63
CA LEU A 70 7.18 7.67 -10.37
C LEU A 70 6.76 6.22 -10.58
N SER A 71 5.95 5.69 -9.67
CA SER A 71 5.49 4.31 -9.76
C SER A 71 4.05 4.22 -10.25
N TYR A 72 3.56 5.31 -10.86
CA TYR A 72 2.19 5.34 -11.36
C TYR A 72 2.11 4.91 -12.82
N PRO A 73 3.00 5.43 -13.69
CA PRO A 73 3.01 5.08 -15.11
C PRO A 73 2.90 3.58 -15.36
N GLN A 74 3.41 2.80 -14.41
CA GLN A 74 3.37 1.35 -14.51
C GLN A 74 2.57 0.74 -13.36
N THR A 75 1.26 0.96 -13.37
CA THR A 75 0.40 0.45 -12.32
C THR A 75 -0.91 -0.10 -12.89
N ASP A 76 -1.29 -1.28 -12.42
CA ASP A 76 -2.53 -1.92 -12.86
C ASP A 76 -3.65 -1.63 -11.87
N VAL A 77 -3.44 -2.01 -10.61
CA VAL A 77 -4.42 -1.77 -9.57
C VAL A 77 -3.84 -0.90 -8.46
N PHE A 78 -4.69 -0.49 -7.52
CA PHE A 78 -4.25 0.36 -6.42
C PHE A 78 -4.77 -0.17 -5.09
N LEU A 79 -3.87 -0.36 -4.13
CA LEU A 79 -4.24 -0.84 -2.82
C LEU A 79 -4.52 0.33 -1.88
N VAL A 80 -5.80 0.57 -1.61
CA VAL A 80 -6.20 1.67 -0.74
C VAL A 80 -6.53 1.16 0.65
N CYS A 81 -5.53 1.14 1.53
CA CYS A 81 -5.71 0.68 2.89
C CYS A 81 -6.06 1.83 3.82
N PHE A 82 -7.29 1.83 4.32
CA PHE A 82 -7.73 2.88 5.23
C PHE A 82 -7.86 2.34 6.65
N SER A 83 -8.00 3.24 7.62
CA SER A 83 -8.12 2.84 9.01
C SER A 83 -9.57 2.56 9.39
N VAL A 84 -9.86 1.32 9.77
CA VAL A 84 -11.21 0.93 10.17
C VAL A 84 -11.58 1.58 11.50
N VAL A 85 -10.59 1.82 12.34
CA VAL A 85 -10.82 2.43 13.65
C VAL A 85 -10.65 3.94 13.61
N SER A 86 -11.06 4.55 12.51
CA SER A 86 -10.96 6.00 12.35
C SER A 86 -12.01 6.50 11.36
N PRO A 87 -13.09 7.13 11.88
CA PRO A 87 -14.16 7.66 11.01
C PRO A 87 -13.67 8.74 10.06
N SER A 88 -12.47 9.27 10.33
CA SER A 88 -11.91 10.31 9.49
C SER A 88 -11.44 9.74 8.15
N SER A 89 -10.61 8.71 8.21
CA SER A 89 -10.12 8.08 7.00
C SER A 89 -11.29 7.66 6.10
N PHE A 90 -12.27 7.00 6.70
CA PHE A 90 -13.46 6.56 5.99
C PHE A 90 -14.06 7.70 5.16
N GLU A 91 -14.04 8.90 5.72
CA GLU A 91 -14.59 10.06 5.03
C GLU A 91 -13.78 10.37 3.78
N ASN A 92 -12.48 10.58 3.95
CA ASN A 92 -11.58 10.85 2.83
C ASN A 92 -11.55 9.64 1.90
N VAL A 93 -11.54 8.45 2.50
CA VAL A 93 -11.53 7.20 1.75
C VAL A 93 -12.46 7.29 0.53
N LYS A 94 -13.62 7.89 0.73
CA LYS A 94 -14.60 8.06 -0.33
C LYS A 94 -14.38 9.35 -1.10
N GLU A 95 -13.74 10.33 -0.45
CA GLU A 95 -13.52 11.63 -1.07
C GLU A 95 -12.07 12.09 -0.90
N LYS A 96 -11.11 11.26 -1.29
CA LYS A 96 -9.70 11.62 -1.16
C LYS A 96 -8.77 10.47 -1.55
N TRP A 97 -8.97 9.30 -0.95
CA TRP A 97 -8.11 8.16 -1.20
C TRP A 97 -8.28 7.61 -2.61
N VAL A 98 -9.50 7.16 -2.94
CA VAL A 98 -9.75 6.60 -4.26
C VAL A 98 -9.87 7.68 -5.34
N PRO A 99 -10.61 8.77 -5.06
CA PRO A 99 -10.78 9.86 -6.03
C PRO A 99 -9.44 10.38 -6.55
N GLU A 100 -8.45 10.41 -5.68
CA GLU A 100 -7.12 10.89 -6.05
C GLU A 100 -6.53 10.07 -7.20
N ILE A 101 -6.80 8.77 -7.20
CA ILE A 101 -6.28 7.89 -8.24
C ILE A 101 -7.28 7.75 -9.39
N THR A 102 -8.56 7.63 -9.05
CA THR A 102 -9.60 7.53 -10.06
C THR A 102 -9.48 8.68 -11.06
N HIS A 103 -9.00 9.82 -10.56
CA HIS A 103 -8.83 10.99 -11.40
C HIS A 103 -7.60 10.84 -12.29
N HIS A 104 -6.54 10.26 -11.74
CA HIS A 104 -5.31 10.04 -12.50
C HIS A 104 -5.48 8.84 -13.43
N CYS A 105 -6.29 7.88 -13.01
CA CYS A 105 -6.56 6.69 -13.79
C CYS A 105 -7.92 6.10 -13.42
N PRO A 106 -9.01 6.62 -14.01
CA PRO A 106 -10.38 6.17 -13.73
C PRO A 106 -10.71 4.82 -14.40
N LYS A 107 -9.73 4.21 -15.04
CA LYS A 107 -9.94 2.94 -15.72
C LYS A 107 -9.29 1.78 -14.95
N THR A 108 -8.24 2.10 -14.20
CA THR A 108 -7.51 1.10 -13.43
C THR A 108 -8.32 0.66 -12.20
N PRO A 109 -8.31 -0.65 -11.90
CA PRO A 109 -9.02 -1.20 -10.73
C PRO A 109 -8.66 -0.48 -9.43
N PHE A 110 -9.52 -0.60 -8.42
CA PHE A 110 -9.28 0.04 -7.12
C PHE A 110 -9.73 -0.86 -5.97
N LEU A 111 -8.75 -1.47 -5.31
CA LEU A 111 -9.04 -2.32 -4.16
C LEU A 111 -9.33 -1.50 -2.91
N LEU A 112 -10.24 -1.98 -2.08
CA LEU A 112 -10.60 -1.29 -0.84
C LEU A 112 -10.16 -2.10 0.37
N VAL A 113 -8.97 -1.81 0.88
CA VAL A 113 -8.42 -2.53 2.01
C VAL A 113 -8.71 -1.83 3.34
N GLY A 114 -9.11 -2.62 4.33
CA GLY A 114 -9.39 -2.06 5.65
C GLY A 114 -8.44 -2.64 6.70
N THR A 115 -7.52 -1.80 7.18
CA THR A 115 -6.54 -2.24 8.16
C THR A 115 -6.93 -1.78 9.56
N GLN A 116 -6.18 -2.26 10.56
CA GLN A 116 -6.44 -1.91 11.95
C GLN A 116 -7.67 -2.63 12.49
N ILE A 117 -7.68 -3.95 12.37
CA ILE A 117 -8.80 -4.76 12.86
C ILE A 117 -8.61 -5.08 14.34
N ASP A 118 -7.36 -5.25 14.74
CA ASP A 118 -7.02 -5.58 16.12
C ASP A 118 -7.61 -4.55 17.08
N LEU A 119 -7.71 -3.31 16.61
CA LEU A 119 -8.25 -2.23 17.42
C LEU A 119 -9.77 -2.32 17.48
N ARG A 120 -10.40 -2.59 16.34
CA ARG A 120 -11.86 -2.72 16.29
C ARG A 120 -12.35 -3.80 17.23
N ASP A 121 -11.51 -4.82 17.43
CA ASP A 121 -11.86 -5.92 18.32
C ASP A 121 -11.16 -5.79 19.68
N ASP A 122 -10.65 -4.60 19.96
CA ASP A 122 -9.97 -4.35 21.22
C ASP A 122 -10.70 -3.27 22.02
N PRO A 123 -11.63 -3.68 22.90
CA PRO A 123 -12.41 -2.74 23.71
C PRO A 123 -11.55 -1.61 24.27
N SER A 124 -10.27 -1.90 24.49
CA SER A 124 -9.36 -0.90 25.04
C SER A 124 -9.39 0.37 24.19
N THR A 125 -9.61 0.20 22.89
CA THR A 125 -9.67 1.33 21.98
C THR A 125 -11.11 1.76 21.74
N ILE A 126 -11.97 0.77 21.52
CA ILE A 126 -13.40 1.02 21.30
C ILE A 126 -14.02 1.69 22.51
N GLU A 127 -13.69 1.18 23.69
CA GLU A 127 -14.18 1.77 24.93
C GLU A 127 -13.47 3.08 25.20
N LYS A 128 -12.22 3.17 24.73
CA LYS A 128 -11.44 4.39 24.87
C LYS A 128 -12.00 5.49 23.98
N LEU A 129 -12.57 5.09 22.84
CA LEU A 129 -13.18 6.04 21.93
C LEU A 129 -14.66 6.18 22.20
N ALA A 130 -15.26 5.11 22.70
CA ALA A 130 -16.67 5.12 23.04
C ALA A 130 -17.01 6.33 23.91
N LYS A 131 -15.99 6.89 24.57
CA LYS A 131 -16.17 8.06 25.41
C LYS A 131 -15.57 9.31 24.74
N ASN A 132 -14.67 9.11 23.76
CA ASN A 132 -14.05 10.23 23.06
C ASN A 132 -14.85 10.62 21.83
N LYS A 133 -15.73 9.73 21.38
CA LYS A 133 -16.63 9.98 20.25
C LYS A 133 -16.08 9.46 18.92
N GLN A 134 -15.21 8.46 18.98
CA GLN A 134 -14.74 7.81 17.76
C GLN A 134 -15.53 6.54 17.55
N LYS A 135 -15.41 5.94 16.37
CA LYS A 135 -16.16 4.73 16.07
C LYS A 135 -15.56 3.96 14.90
N PRO A 136 -15.24 2.67 15.09
CA PRO A 136 -14.69 1.84 14.01
C PRO A 136 -15.71 1.64 12.89
N ILE A 137 -15.23 1.24 11.72
CA ILE A 137 -16.11 1.03 10.58
C ILE A 137 -16.48 -0.45 10.44
N THR A 138 -17.72 -0.70 10.03
CA THR A 138 -18.20 -2.06 9.86
C THR A 138 -18.02 -2.52 8.40
N PRO A 139 -18.02 -3.85 8.17
CA PRO A 139 -17.85 -4.41 6.83
C PRO A 139 -18.90 -3.91 5.86
N GLU A 140 -20.13 -3.75 6.35
CA GLU A 140 -21.23 -3.28 5.52
C GLU A 140 -21.01 -1.83 5.09
N THR A 141 -20.42 -1.04 5.99
CA THR A 141 -20.16 0.37 5.72
C THR A 141 -19.05 0.53 4.68
N ALA A 142 -18.01 -0.29 4.83
CA ALA A 142 -16.87 -0.24 3.91
C ALA A 142 -17.27 -0.71 2.51
N GLU A 143 -18.02 -1.80 2.45
CA GLU A 143 -18.48 -2.35 1.18
C GLU A 143 -19.10 -1.26 0.31
N LYS A 144 -20.09 -0.57 0.86
CA LYS A 144 -20.76 0.51 0.16
C LYS A 144 -19.76 1.42 -0.56
N LEU A 145 -18.71 1.83 0.17
CA LEU A 145 -17.66 2.65 -0.41
C LEU A 145 -16.99 1.90 -1.56
N ALA A 146 -16.67 0.63 -1.31
CA ALA A 146 -16.05 -0.21 -2.32
C ALA A 146 -16.87 -0.22 -3.61
N ARG A 147 -18.18 -0.05 -3.46
CA ARG A 147 -19.08 -0.04 -4.60
C ARG A 147 -19.37 1.39 -5.06
N ASP A 148 -19.26 2.34 -4.14
CA ASP A 148 -19.50 3.74 -4.45
C ASP A 148 -18.33 4.32 -5.25
N LEU A 149 -17.14 3.83 -4.99
CA LEU A 149 -15.94 4.30 -5.69
C LEU A 149 -15.52 3.30 -6.77
N LYS A 150 -16.44 2.44 -7.18
CA LYS A 150 -16.16 1.44 -8.22
C LYS A 150 -15.02 0.52 -7.80
N ALA A 151 -14.78 0.44 -6.49
CA ALA A 151 -13.71 -0.41 -5.97
C ALA A 151 -13.90 -1.86 -6.41
N VAL A 152 -12.82 -2.48 -6.86
CA VAL A 152 -12.87 -3.87 -7.34
C VAL A 152 -13.42 -4.80 -6.27
N LYS A 153 -13.11 -4.52 -5.01
CA LYS A 153 -13.58 -5.36 -3.92
C LYS A 153 -13.12 -4.82 -2.56
N TYR A 154 -13.92 -5.09 -1.53
CA TYR A 154 -13.60 -4.68 -0.18
C TYR A 154 -12.98 -5.83 0.60
N VAL A 155 -11.85 -5.58 1.25
CA VAL A 155 -11.17 -6.62 2.02
C VAL A 155 -10.52 -6.05 3.28
N GLU A 156 -10.71 -6.75 4.39
CA GLU A 156 -10.14 -6.33 5.67
C GLU A 156 -8.95 -7.21 6.02
N CYS A 157 -7.90 -6.62 6.59
CA CYS A 157 -6.71 -7.37 6.96
C CYS A 157 -5.82 -6.63 7.94
N SER A 158 -5.12 -7.39 8.76
CA SER A 158 -4.19 -6.84 9.74
C SER A 158 -2.88 -7.62 9.72
N ALA A 159 -1.85 -7.09 10.36
CA ALA A 159 -0.55 -7.75 10.40
C ALA A 159 -0.38 -8.57 11.67
N LEU A 160 -0.72 -7.98 12.80
CA LEU A 160 -0.61 -8.65 14.09
C LEU A 160 -1.31 -10.00 14.06
N THR A 161 -2.56 -9.97 13.62
CA THR A 161 -3.38 -11.17 13.58
C THR A 161 -3.25 -11.91 12.25
N GLN A 162 -3.11 -11.16 11.16
CA GLN A 162 -2.99 -11.76 9.83
C GLN A 162 -4.36 -12.26 9.33
N LYS A 163 -5.42 -11.67 9.86
CA LYS A 163 -6.78 -12.05 9.47
C LYS A 163 -7.06 -11.62 8.03
N GLY A 164 -7.18 -12.59 7.13
CA GLY A 164 -7.44 -12.28 5.74
C GLY A 164 -6.31 -11.50 5.10
N LEU A 165 -5.13 -11.61 5.69
CA LEU A 165 -3.95 -10.90 5.18
C LEU A 165 -3.63 -11.34 3.75
N LYS A 166 -3.84 -12.61 3.47
CA LYS A 166 -3.56 -13.18 2.15
C LYS A 166 -4.68 -12.87 1.17
N ASN A 167 -5.92 -13.16 1.57
CA ASN A 167 -7.07 -12.95 0.70
C ASN A 167 -7.02 -11.59 0.00
N VAL A 168 -6.60 -10.56 0.73
CA VAL A 168 -6.52 -9.22 0.17
C VAL A 168 -5.72 -9.19 -1.12
N PHE A 169 -4.46 -9.60 -1.04
CA PHE A 169 -3.58 -9.61 -2.20
C PHE A 169 -4.20 -10.43 -3.33
N ASP A 170 -4.92 -11.48 -2.97
CA ASP A 170 -5.58 -12.33 -3.95
C ASP A 170 -6.62 -11.54 -4.74
N GLU A 171 -7.16 -10.51 -4.11
CA GLU A 171 -8.16 -9.65 -4.75
C GLU A 171 -7.50 -8.61 -5.62
N ALA A 172 -6.36 -8.09 -5.18
CA ALA A 172 -5.63 -7.08 -5.93
C ALA A 172 -5.25 -7.60 -7.32
N ILE A 173 -4.40 -8.63 -7.35
CA ILE A 173 -3.98 -9.22 -8.62
C ILE A 173 -5.19 -9.53 -9.49
N LEU A 174 -6.13 -10.26 -8.93
CA LEU A 174 -7.35 -10.63 -9.64
C LEU A 174 -8.03 -9.39 -10.23
N ALA A 175 -7.88 -8.26 -9.52
CA ALA A 175 -8.47 -7.00 -9.97
C ALA A 175 -7.57 -6.29 -10.96
N ALA A 176 -6.28 -6.23 -10.63
CA ALA A 176 -5.30 -5.57 -11.49
C ALA A 176 -5.32 -6.14 -12.91
N LEU A 177 -5.08 -7.44 -13.01
CA LEU A 177 -5.08 -8.13 -14.30
C LEU A 177 -6.41 -7.96 -15.01
N GLU A 178 -6.58 -8.66 -16.13
CA GLU A 178 -7.80 -8.57 -16.92
C GLU A 178 -7.94 -9.80 -17.84
N PRO A 179 -9.12 -9.99 -18.46
CA PRO A 179 -9.35 -11.11 -19.38
C PRO A 179 -8.27 -11.21 -20.44
N LYS B 1 -7.60 -16.65 -22.92
CA LYS B 1 -7.97 -15.42 -22.16
C LYS B 1 -6.97 -15.16 -21.03
N LYS B 2 -7.26 -14.15 -20.22
CA LYS B 2 -6.39 -13.80 -19.11
C LYS B 2 -7.20 -13.45 -17.86
N LYS B 3 -8.41 -14.00 -17.79
CA LYS B 3 -9.30 -13.78 -16.65
C LYS B 3 -8.82 -14.49 -15.42
N ILE B 4 -8.48 -13.70 -14.44
CA ILE B 4 -8.08 -14.22 -13.15
C ILE B 4 -9.33 -14.47 -12.36
N SER B 5 -9.27 -15.43 -11.46
CA SER B 5 -10.41 -15.71 -10.63
C SER B 5 -9.98 -15.76 -9.17
N LYS B 6 -10.91 -16.08 -8.29
CA LYS B 6 -10.60 -16.16 -6.87
C LYS B 6 -9.79 -17.42 -6.56
N ALA B 7 -9.99 -18.45 -7.38
CA ALA B 7 -9.30 -19.73 -7.19
C ALA B 7 -8.06 -19.86 -8.07
N ASP B 8 -7.79 -18.85 -8.89
CA ASP B 8 -6.65 -18.90 -9.80
C ASP B 8 -5.35 -18.57 -9.07
N ILE B 9 -5.21 -17.32 -8.63
CA ILE B 9 -4.00 -16.90 -7.93
C ILE B 9 -3.72 -17.82 -6.76
N GLY B 10 -2.81 -18.78 -6.97
CA GLY B 10 -2.47 -19.73 -5.93
C GLY B 10 -1.83 -19.07 -4.73
N ALA B 11 -0.97 -19.82 -4.04
CA ALA B 11 -0.29 -19.30 -2.86
C ALA B 11 0.97 -18.54 -3.26
N PRO B 12 1.21 -17.36 -2.67
CA PRO B 12 2.37 -16.54 -2.98
C PRO B 12 3.68 -17.16 -2.50
N SER B 13 4.79 -16.79 -3.14
CA SER B 13 6.09 -17.31 -2.78
C SER B 13 7.19 -16.61 -3.58
N GLY B 14 8.41 -17.11 -3.47
CA GLY B 14 9.52 -16.53 -4.20
C GLY B 14 9.66 -15.03 -3.95
N PHE B 15 9.33 -14.59 -2.74
CA PHE B 15 9.44 -13.18 -2.37
C PHE B 15 10.74 -12.58 -2.91
N LYS B 16 10.61 -11.47 -3.63
CA LYS B 16 11.77 -10.81 -4.23
C LYS B 16 11.91 -9.37 -3.78
N HIS B 17 12.95 -9.10 -3.00
CA HIS B 17 13.23 -7.74 -2.57
C HIS B 17 13.84 -6.96 -3.72
N VAL B 18 12.96 -6.41 -4.55
CA VAL B 18 13.38 -5.71 -5.75
C VAL B 18 14.03 -4.36 -5.44
N SER B 19 13.56 -3.70 -4.39
CA SER B 19 14.12 -2.40 -4.03
C SER B 19 13.64 -1.97 -2.63
N HIS B 20 14.54 -1.31 -1.90
CA HIS B 20 14.22 -0.83 -0.56
C HIS B 20 14.89 0.52 -0.29
N VAL B 21 14.10 1.49 0.19
CA VAL B 21 14.61 2.82 0.48
C VAL B 21 14.68 3.06 1.98
N GLY B 22 15.68 3.81 2.41
CA GLY B 22 15.85 4.10 3.83
C GLY B 22 16.02 5.58 4.10
N TRP B 23 14.93 6.25 4.46
CA TRP B 23 14.98 7.69 4.72
C TRP B 23 15.09 7.96 6.22
N ASP B 24 16.27 8.42 6.65
CA ASP B 24 16.52 8.74 8.05
C ASP B 24 16.02 10.15 8.36
N PRO B 25 15.32 10.33 9.48
CA PRO B 25 14.81 11.65 9.89
C PRO B 25 15.90 12.54 10.46
N GLN B 26 17.10 12.00 10.63
CA GLN B 26 18.21 12.77 11.17
C GLN B 26 19.30 12.97 10.13
N ASN B 27 19.45 12.00 9.24
CA ASN B 27 20.48 12.06 8.21
C ASN B 27 19.86 12.31 6.83
N GLY B 28 18.58 11.98 6.69
CA GLY B 28 17.90 12.16 5.42
C GLY B 28 17.77 10.87 4.65
N PHE B 29 17.58 10.97 3.34
CA PHE B 29 17.45 9.79 2.49
C PHE B 29 18.68 8.90 2.59
N ASP B 30 18.47 7.59 2.49
CA ASP B 30 19.55 6.62 2.57
C ASP B 30 19.24 5.39 1.74
N VAL B 31 19.01 5.61 0.45
CA VAL B 31 18.70 4.52 -0.47
C VAL B 31 19.91 3.59 -0.62
N ASN B 32 19.63 2.29 -0.63
CA ASN B 32 20.68 1.29 -0.75
C ASN B 32 20.52 0.47 -2.02
N ASN B 33 19.27 0.21 -2.40
CA ASN B 33 18.98 -0.57 -3.59
C ASN B 33 17.75 -0.03 -4.34
N LEU B 34 17.93 1.08 -5.03
CA LEU B 34 16.84 1.67 -5.80
C LEU B 34 16.81 1.07 -7.21
N ASP B 35 15.75 1.33 -7.95
CA ASP B 35 15.60 0.81 -9.30
C ASP B 35 16.55 1.53 -10.26
N PRO B 36 16.92 0.87 -11.37
CA PRO B 36 17.83 1.46 -12.37
C PRO B 36 17.28 2.75 -12.96
N ASP B 37 16.10 2.66 -13.55
CA ASP B 37 15.46 3.82 -14.14
C ASP B 37 15.05 4.82 -13.06
N LEU B 38 14.69 4.30 -11.89
CA LEU B 38 14.28 5.13 -10.77
C LEU B 38 15.48 5.89 -10.22
N ARG B 39 16.66 5.27 -10.24
CA ARG B 39 17.88 5.91 -9.76
C ARG B 39 18.00 7.33 -10.30
N SER B 40 17.67 7.49 -11.57
CA SER B 40 17.74 8.78 -12.23
C SER B 40 16.60 9.68 -11.80
N LEU B 41 15.38 9.16 -11.84
CA LEU B 41 14.20 9.93 -11.47
C LEU B 41 14.22 10.27 -9.99
N PHE B 42 14.40 9.26 -9.13
CA PHE B 42 14.44 9.48 -7.68
C PHE B 42 15.32 10.67 -7.34
N SER B 43 16.59 10.60 -7.73
CA SER B 43 17.51 11.70 -7.49
C SER B 43 16.97 13.00 -8.06
N ARG B 44 16.11 12.87 -9.07
CA ARG B 44 15.52 14.03 -9.74
C ARG B 44 14.20 14.45 -9.12
N ALA B 45 13.55 13.54 -8.40
CA ALA B 45 12.24 13.80 -7.85
C ALA B 45 12.29 14.11 -6.36
N GLY B 46 12.78 15.30 -6.04
CA GLY B 46 12.83 15.72 -4.65
C GLY B 46 14.16 15.40 -4.00
N ILE B 47 14.83 14.37 -4.51
CA ILE B 47 16.13 13.98 -3.97
C ILE B 47 17.25 14.57 -4.82
N SER B 48 16.96 15.70 -5.43
CA SER B 48 17.91 16.40 -6.28
C SER B 48 18.56 17.56 -5.56
N GLU B 49 18.24 17.70 -4.28
CA GLU B 49 18.83 18.75 -3.46
C GLU B 49 20.31 18.49 -3.22
N ALA B 50 20.75 17.28 -3.57
CA ALA B 50 22.15 16.90 -3.38
C ALA B 50 22.49 16.73 -1.90
N GLN B 51 21.47 16.78 -1.04
CA GLN B 51 21.69 16.65 0.39
C GLN B 51 22.54 17.78 0.94
N LEU B 52 22.96 17.66 2.19
CA LEU B 52 23.79 18.67 2.82
C LEU B 52 25.08 18.89 2.04
N THR B 53 25.64 20.09 2.15
CA THR B 53 26.87 20.43 1.46
C THR B 53 27.88 21.03 2.44
N ASP B 54 28.38 22.22 2.13
CA ASP B 54 29.36 22.88 2.98
C ASP B 54 28.76 23.26 4.33
N ALA B 55 29.28 22.67 5.40
CA ALA B 55 28.81 22.95 6.75
C ALA B 55 29.50 24.18 7.33
N GLU B 56 28.71 25.12 7.83
CA GLU B 56 29.25 26.35 8.41
C GLU B 56 29.91 26.07 9.76
N THR B 57 30.85 26.92 10.14
CA THR B 57 31.56 26.77 11.40
C THR B 57 31.25 27.92 12.35
N SER B 58 30.98 29.09 11.78
CA SER B 58 30.66 30.27 12.58
C SER B 58 31.90 30.76 13.33
N LYS B 59 32.55 31.78 12.77
CA LYS B 59 33.75 32.35 13.39
C LYS B 59 34.81 31.27 13.59
N MET A 1 5.45 -13.81 -20.22
CA MET A 1 5.34 -13.76 -18.74
C MET A 1 4.41 -12.64 -18.30
N GLN A 2 3.27 -13.02 -17.72
CA GLN A 2 2.30 -12.05 -17.24
C GLN A 2 2.68 -11.52 -15.87
N THR A 3 2.42 -10.23 -15.63
CA THR A 3 2.73 -9.61 -14.36
C THR A 3 1.66 -8.59 -13.97
N ILE A 4 1.29 -8.57 -12.70
CA ILE A 4 0.28 -7.64 -12.21
C ILE A 4 0.93 -6.46 -11.51
N LYS A 5 0.42 -5.26 -11.80
CA LYS A 5 0.93 -4.05 -11.19
C LYS A 5 0.03 -3.64 -10.03
N CYS A 6 0.63 -3.55 -8.85
CA CYS A 6 -0.12 -3.18 -7.65
C CYS A 6 0.59 -2.09 -6.86
N VAL A 7 -0.18 -1.12 -6.39
CA VAL A 7 0.35 -0.03 -5.60
C VAL A 7 -0.46 0.16 -4.33
N VAL A 8 0.19 0.00 -3.19
CA VAL A 8 -0.49 0.13 -1.91
C VAL A 8 -0.51 1.58 -1.45
N VAL A 9 -1.70 2.18 -1.49
CA VAL A 9 -1.87 3.57 -1.13
C VAL A 9 -2.72 3.71 0.13
N GLY A 10 -2.37 4.67 0.97
CA GLY A 10 -3.10 4.89 2.20
C GLY A 10 -2.49 5.98 3.07
N ASP A 11 -3.22 6.41 4.09
CA ASP A 11 -2.75 7.46 4.98
C ASP A 11 -1.44 7.05 5.66
N GLY A 12 -0.52 7.99 5.78
CA GLY A 12 0.76 7.73 6.40
C GLY A 12 0.62 7.29 7.85
N ALA A 13 0.33 6.01 8.06
CA ALA A 13 0.16 5.46 9.40
C ALA A 13 -0.21 3.99 9.34
N VAL A 14 -1.00 3.61 8.35
CA VAL A 14 -1.43 2.23 8.19
C VAL A 14 -0.23 1.30 8.09
N GLY A 15 -0.48 -0.01 8.18
CA GLY A 15 0.59 -0.98 8.10
C GLY A 15 0.64 -1.67 6.75
N LYS A 16 0.58 -0.88 5.69
CA LYS A 16 0.63 -1.42 4.33
C LYS A 16 1.87 -2.30 4.13
N THR A 17 3.00 -1.84 4.65
CA THR A 17 4.25 -2.60 4.53
C THR A 17 4.27 -3.78 5.50
N CYS A 18 3.86 -3.52 6.74
CA CYS A 18 3.84 -4.56 7.76
C CYS A 18 3.06 -5.79 7.28
N LEU A 19 1.93 -5.55 6.64
CA LEU A 19 1.09 -6.64 6.14
C LEU A 19 1.74 -7.32 4.94
N LEU A 20 2.38 -6.52 4.09
CA LEU A 20 3.05 -7.04 2.90
C LEU A 20 4.08 -8.10 3.29
N ILE A 21 4.74 -7.88 4.43
CA ILE A 21 5.77 -8.79 4.90
C ILE A 21 5.17 -10.12 5.36
N SER A 22 4.11 -10.06 6.16
CA SER A 22 3.46 -11.26 6.66
C SER A 22 2.61 -11.94 5.58
N TYR A 23 2.46 -11.28 4.43
CA TYR A 23 1.68 -11.84 3.34
C TYR A 23 2.52 -12.80 2.51
N THR A 24 3.84 -12.57 2.49
CA THR A 24 4.75 -13.40 1.71
C THR A 24 5.61 -14.28 2.62
N THR A 25 5.79 -13.85 3.86
CA THR A 25 6.60 -14.60 4.82
C THR A 25 5.78 -15.16 5.97
N ASN A 26 4.54 -14.69 6.11
CA ASN A 26 3.68 -15.15 7.20
C ASN A 26 4.30 -14.84 8.55
N LYS A 27 5.18 -13.85 8.58
CA LYS A 27 5.85 -13.46 9.82
C LYS A 27 5.67 -11.98 10.09
N PHE A 28 5.11 -11.66 11.26
CA PHE A 28 4.89 -10.27 11.65
C PHE A 28 6.20 -9.62 12.11
N PRO A 29 6.67 -8.58 11.40
CA PRO A 29 7.91 -7.89 11.74
C PRO A 29 7.75 -6.98 12.96
N SER A 30 8.88 -6.53 13.50
CA SER A 30 8.87 -5.66 14.68
C SER A 30 9.58 -4.33 14.39
N GLU A 31 10.23 -4.22 13.24
CA GLU A 31 10.94 -3.00 12.88
C GLU A 31 10.03 -1.79 12.99
N TYR A 32 10.62 -0.60 12.88
CA TYR A 32 9.89 0.64 12.97
C TYR A 32 10.36 1.61 11.88
N VAL A 33 9.92 2.85 11.99
CA VAL A 33 10.28 3.87 11.02
C VAL A 33 9.60 3.63 9.68
N PRO A 34 8.60 4.46 9.32
CA PRO A 34 7.87 4.32 8.05
C PRO A 34 8.80 4.16 6.86
N THR A 35 8.40 3.32 5.91
CA THR A 35 9.20 3.08 4.72
C THR A 35 8.95 4.14 3.67
N VAL A 36 9.75 4.14 2.60
CA VAL A 36 9.62 5.12 1.53
C VAL A 36 9.07 4.46 0.27
N PHE A 37 9.64 3.31 -0.09
CA PHE A 37 9.23 2.58 -1.28
C PHE A 37 9.87 1.20 -1.34
N ASP A 38 9.18 0.21 -0.77
CA ASP A 38 9.67 -1.16 -0.77
C ASP A 38 8.98 -1.97 -1.86
N ASN A 39 9.76 -2.50 -2.79
CA ASN A 39 9.21 -3.28 -3.90
C ASN A 39 9.60 -4.75 -3.79
N TYR A 40 8.60 -5.61 -3.69
CA TYR A 40 8.82 -7.05 -3.63
C TYR A 40 8.12 -7.73 -4.81
N ALA A 41 8.53 -8.95 -5.11
CA ALA A 41 7.93 -9.69 -6.21
C ALA A 41 7.47 -11.08 -5.77
N VAL A 42 6.17 -11.32 -5.88
CA VAL A 42 5.59 -12.60 -5.49
C VAL A 42 5.28 -13.45 -6.73
N THR A 43 5.27 -14.77 -6.53
CA THR A 43 4.99 -15.69 -7.62
C THR A 43 3.80 -16.57 -7.27
N VAL A 44 2.62 -16.16 -7.72
CA VAL A 44 1.39 -16.89 -7.43
C VAL A 44 0.95 -17.71 -8.65
N MET A 45 0.22 -18.80 -8.38
CA MET A 45 -0.28 -19.65 -9.45
C MET A 45 -1.67 -19.20 -9.88
N ILE A 46 -1.73 -18.28 -10.83
CA ILE A 46 -3.00 -17.74 -11.30
C ILE A 46 -3.41 -18.38 -12.63
N GLY A 47 -4.70 -18.67 -12.76
CA GLY A 47 -5.19 -19.27 -13.98
C GLY A 47 -4.40 -20.50 -14.41
N GLY A 48 -3.77 -21.14 -13.44
CA GLY A 48 -2.98 -22.33 -13.74
C GLY A 48 -1.60 -21.99 -14.26
N GLU A 49 -1.16 -20.76 -14.00
CA GLU A 49 0.16 -20.31 -14.46
C GLU A 49 0.81 -19.40 -13.41
N PRO A 50 2.16 -19.39 -13.36
CA PRO A 50 2.91 -18.57 -12.41
C PRO A 50 2.85 -17.08 -12.76
N TYR A 51 2.05 -16.32 -12.01
CA TYR A 51 1.91 -14.89 -12.25
C TYR A 51 2.72 -14.09 -11.24
N THR A 52 3.62 -13.25 -11.74
CA THR A 52 4.46 -12.42 -10.87
C THR A 52 3.69 -11.19 -10.40
N LEU A 53 3.41 -11.14 -9.11
CA LEU A 53 2.68 -10.00 -8.54
C LEU A 53 3.63 -8.86 -8.21
N GLY A 54 3.32 -7.68 -8.75
CA GLY A 54 4.15 -6.52 -8.50
C GLY A 54 3.74 -5.78 -7.23
N LEU A 55 4.57 -5.90 -6.20
CA LEU A 55 4.28 -5.25 -4.93
C LEU A 55 4.97 -3.89 -4.83
N PHE A 56 4.18 -2.83 -4.83
CA PHE A 56 4.71 -1.47 -4.75
C PHE A 56 4.10 -0.72 -3.57
N ASP A 57 4.94 -0.38 -2.59
CA ASP A 57 4.49 0.35 -1.42
C ASP A 57 4.83 1.82 -1.54
N THR A 58 3.80 2.66 -1.61
CA THR A 58 3.99 4.10 -1.74
C THR A 58 4.04 4.78 -0.38
N ALA A 59 4.84 5.84 -0.28
CA ALA A 59 4.97 6.58 0.97
C ALA A 59 3.77 7.48 1.20
N GLY A 60 3.77 8.17 2.33
CA GLY A 60 2.66 9.06 2.66
C GLY A 60 3.04 10.53 2.56
N GLN A 61 2.16 11.40 3.03
CA GLN A 61 2.41 12.84 2.98
C GLN A 61 2.62 13.31 1.55
N GLU A 62 3.02 14.58 1.41
CA GLU A 62 3.25 15.16 0.09
C GLU A 62 4.75 15.33 -0.19
N ASP A 63 5.56 15.23 0.86
CA ASP A 63 7.00 15.38 0.72
C ASP A 63 7.54 14.53 -0.43
N TYR A 64 6.97 13.35 -0.60
CA TYR A 64 7.39 12.44 -1.66
C TYR A 64 6.38 12.47 -2.81
N ASP A 65 5.74 13.62 -2.99
CA ASP A 65 4.75 13.79 -4.05
C ASP A 65 5.42 13.84 -5.43
N ARG A 66 6.66 14.29 -5.46
CA ARG A 66 7.41 14.38 -6.72
C ARG A 66 7.85 13.01 -7.18
N LEU A 67 8.29 12.18 -6.24
CA LEU A 67 8.75 10.84 -6.57
C LEU A 67 7.65 9.79 -6.36
N ARG A 68 6.42 10.25 -6.11
CA ARG A 68 5.30 9.34 -5.89
C ARG A 68 4.80 8.74 -7.20
N PRO A 69 4.62 9.57 -8.26
CA PRO A 69 4.14 9.10 -9.56
C PRO A 69 5.00 7.96 -10.11
N LEU A 70 6.22 7.84 -9.59
CA LEU A 70 7.15 6.81 -10.04
C LEU A 70 6.66 5.41 -9.68
N SER A 71 5.60 5.32 -8.86
CA SER A 71 5.09 4.02 -8.43
C SER A 71 3.83 3.63 -9.20
N TYR A 72 3.59 4.26 -10.33
CA TYR A 72 2.42 3.93 -11.15
C TYR A 72 2.77 3.65 -12.62
N PRO A 73 3.93 3.02 -12.91
CA PRO A 73 4.33 2.71 -14.29
C PRO A 73 3.16 2.23 -15.15
N GLN A 74 2.21 1.57 -14.50
CA GLN A 74 1.03 1.05 -15.19
C GLN A 74 0.07 0.46 -14.18
N THR A 75 -0.29 1.25 -13.17
CA THR A 75 -1.19 0.80 -12.12
C THR A 75 -2.35 -0.04 -12.64
N ASP A 76 -2.38 -1.31 -12.23
CA ASP A 76 -3.47 -2.21 -12.61
C ASP A 76 -4.56 -2.21 -11.56
N VAL A 77 -4.23 -1.74 -10.35
CA VAL A 77 -5.20 -1.67 -9.28
C VAL A 77 -4.72 -0.70 -8.19
N PHE A 78 -5.57 -0.44 -7.21
CA PHE A 78 -5.22 0.48 -6.14
C PHE A 78 -5.66 -0.05 -4.78
N LEU A 79 -4.69 -0.30 -3.91
CA LEU A 79 -4.99 -0.77 -2.56
C LEU A 79 -5.10 0.41 -1.60
N VAL A 80 -6.32 0.76 -1.23
CA VAL A 80 -6.55 1.89 -0.32
C VAL A 80 -6.70 1.41 1.12
N CYS A 81 -5.57 1.26 1.81
CA CYS A 81 -5.59 0.84 3.20
C CYS A 81 -5.75 2.04 4.11
N PHE A 82 -6.91 2.12 4.77
CA PHE A 82 -7.19 3.22 5.67
C PHE A 82 -7.42 2.71 7.09
N SER A 83 -6.95 3.48 8.07
CA SER A 83 -7.10 3.10 9.48
C SER A 83 -8.57 2.98 9.85
N VAL A 84 -8.96 1.80 10.29
CA VAL A 84 -10.35 1.54 10.69
C VAL A 84 -10.71 2.36 11.91
N VAL A 85 -9.74 2.59 12.78
CA VAL A 85 -9.95 3.36 14.00
C VAL A 85 -9.61 4.83 13.79
N SER A 86 -9.76 5.30 12.56
CA SER A 86 -9.47 6.69 12.23
C SER A 86 -10.51 7.24 11.25
N PRO A 87 -11.51 7.99 11.76
CA PRO A 87 -12.56 8.56 10.92
C PRO A 87 -12.02 9.53 9.86
N SER A 88 -10.76 9.94 10.03
CA SER A 88 -10.14 10.86 9.09
C SER A 88 -9.77 10.16 7.79
N SER A 89 -8.89 9.17 7.89
CA SER A 89 -8.45 8.41 6.73
C SER A 89 -9.64 7.96 5.88
N PHE A 90 -10.64 7.40 6.54
CA PHE A 90 -11.84 6.95 5.85
C PHE A 90 -12.59 8.13 5.23
N GLU A 91 -12.67 9.22 5.99
CA GLU A 91 -13.32 10.43 5.50
C GLU A 91 -12.66 10.90 4.21
N ASN A 92 -11.37 10.60 4.07
CA ASN A 92 -10.62 10.97 2.88
C ASN A 92 -10.69 9.87 1.84
N VAL A 93 -10.65 8.63 2.31
CA VAL A 93 -10.74 7.48 1.43
C VAL A 93 -11.90 7.65 0.45
N LYS A 94 -13.04 8.06 0.97
CA LYS A 94 -14.22 8.29 0.15
C LYS A 94 -14.12 9.64 -0.55
N GLU A 95 -13.32 10.55 0.01
CA GLU A 95 -13.18 11.88 -0.57
C GLU A 95 -11.73 12.38 -0.50
N LYS A 96 -10.83 11.72 -1.23
CA LYS A 96 -9.42 12.12 -1.22
C LYS A 96 -8.55 11.14 -1.99
N TRP A 97 -8.57 9.87 -1.58
CA TRP A 97 -7.73 8.85 -2.21
C TRP A 97 -8.33 8.38 -3.53
N VAL A 98 -9.58 7.94 -3.49
CA VAL A 98 -10.26 7.46 -4.69
C VAL A 98 -10.29 8.56 -5.77
N PRO A 99 -10.92 9.72 -5.48
CA PRO A 99 -10.98 10.82 -6.43
C PRO A 99 -9.61 11.21 -6.97
N GLU A 100 -8.58 10.90 -6.19
CA GLU A 100 -7.20 11.19 -6.57
C GLU A 100 -6.75 10.29 -7.71
N ILE A 101 -7.24 9.05 -7.71
CA ILE A 101 -6.88 8.10 -8.75
C ILE A 101 -7.85 8.19 -9.92
N THR A 102 -9.12 8.43 -9.61
CA THR A 102 -10.13 8.56 -10.65
C THR A 102 -9.69 9.57 -11.70
N HIS A 103 -8.88 10.53 -11.27
CA HIS A 103 -8.36 11.54 -12.17
C HIS A 103 -7.23 10.96 -13.02
N HIS A 104 -6.44 10.08 -12.41
CA HIS A 104 -5.34 9.44 -13.11
C HIS A 104 -5.85 8.30 -13.99
N CYS A 105 -6.91 7.64 -13.52
CA CYS A 105 -7.51 6.54 -14.26
C CYS A 105 -8.84 6.13 -13.63
N PRO A 106 -9.97 6.68 -14.14
CA PRO A 106 -11.30 6.38 -13.62
C PRO A 106 -11.83 5.03 -14.11
N LYS A 107 -11.00 4.29 -14.84
CA LYS A 107 -11.40 2.99 -15.38
C LYS A 107 -10.75 1.86 -14.59
N THR A 108 -9.55 2.13 -14.07
CA THR A 108 -8.82 1.14 -13.30
C THR A 108 -9.63 0.64 -12.10
N PRO A 109 -9.30 -0.56 -11.60
CA PRO A 109 -9.97 -1.15 -10.44
C PRO A 109 -9.50 -0.51 -9.13
N PHE A 110 -10.34 -0.56 -8.10
CA PHE A 110 -10.00 0.07 -6.82
C PHE A 110 -10.40 -0.79 -5.63
N LEU A 111 -9.41 -1.37 -4.98
CA LEU A 111 -9.64 -2.18 -3.79
C LEU A 111 -9.80 -1.30 -2.55
N LEU A 112 -10.73 -1.66 -1.67
CA LEU A 112 -10.95 -0.92 -0.44
C LEU A 112 -10.41 -1.69 0.76
N VAL A 113 -9.14 -1.46 1.08
CA VAL A 113 -8.49 -2.15 2.18
C VAL A 113 -8.70 -1.41 3.51
N GLY A 114 -8.72 -2.17 4.60
CA GLY A 114 -8.88 -1.58 5.92
C GLY A 114 -7.92 -2.18 6.93
N THR A 115 -6.98 -1.36 7.40
CA THR A 115 -5.98 -1.83 8.35
C THR A 115 -6.30 -1.36 9.76
N GLN A 116 -5.54 -1.84 10.73
CA GLN A 116 -5.73 -1.47 12.13
C GLN A 116 -6.98 -2.14 12.70
N ILE A 117 -7.00 -3.47 12.66
CA ILE A 117 -8.14 -4.23 13.17
C ILE A 117 -7.97 -4.54 14.65
N ASP A 118 -6.74 -4.84 15.04
CA ASP A 118 -6.46 -5.17 16.44
C ASP A 118 -6.87 -4.06 17.38
N LEU A 119 -6.94 -2.84 16.86
CA LEU A 119 -7.33 -1.69 17.66
C LEU A 119 -8.85 -1.62 17.80
N ARG A 120 -9.55 -1.80 16.69
CA ARG A 120 -11.01 -1.76 16.70
C ARG A 120 -11.57 -2.80 17.67
N ASP A 121 -10.80 -3.86 17.90
CA ASP A 121 -11.22 -4.91 18.81
C ASP A 121 -10.54 -4.75 20.18
N ASP A 122 -9.99 -3.56 20.43
CA ASP A 122 -9.33 -3.28 21.70
C ASP A 122 -10.01 -2.14 22.43
N PRO A 123 -10.94 -2.45 23.35
CA PRO A 123 -11.65 -1.45 24.13
C PRO A 123 -10.71 -0.39 24.69
N SER A 124 -9.48 -0.79 24.97
CA SER A 124 -8.48 0.12 25.51
C SER A 124 -8.27 1.31 24.59
N THR A 125 -8.42 1.08 23.29
CA THR A 125 -8.26 2.13 22.31
C THR A 125 -9.62 2.74 21.98
N ILE A 126 -10.59 1.88 21.74
CA ILE A 126 -11.95 2.32 21.47
C ILE A 126 -12.44 3.23 22.59
N GLU A 127 -12.07 2.88 23.82
CA GLU A 127 -12.43 3.67 24.97
C GLU A 127 -11.50 4.87 25.11
N LYS A 128 -10.30 4.75 24.53
CA LYS A 128 -9.31 5.83 24.58
C LYS A 128 -9.76 7.02 23.75
N LEU A 129 -10.35 6.75 22.59
CA LEU A 129 -10.83 7.82 21.72
C LEU A 129 -12.32 8.04 21.90
N ALA A 130 -13.01 7.03 22.41
CA ALA A 130 -14.45 7.15 22.66
C ALA A 130 -14.74 8.45 23.40
N LYS A 131 -13.74 8.94 24.13
CA LYS A 131 -13.87 10.20 24.87
C LYS A 131 -13.26 11.37 24.08
N ASN A 132 -12.29 11.06 23.20
CA ASN A 132 -11.66 12.09 22.39
C ASN A 132 -12.53 12.47 21.20
N LYS A 133 -13.51 11.61 20.89
CA LYS A 133 -14.47 11.85 19.81
C LYS A 133 -14.05 11.17 18.51
N GLN A 134 -13.27 10.11 18.64
CA GLN A 134 -12.87 9.31 17.48
C GLN A 134 -13.59 7.97 17.51
N LYS A 135 -13.96 7.46 16.34
CA LYS A 135 -14.71 6.21 16.27
C LYS A 135 -14.17 5.31 15.17
N PRO A 136 -14.32 3.98 15.35
CA PRO A 136 -13.88 3.00 14.36
C PRO A 136 -14.88 2.84 13.22
N ILE A 137 -14.38 2.47 12.05
CA ILE A 137 -15.24 2.29 10.89
C ILE A 137 -15.81 0.89 10.82
N THR A 138 -17.12 0.79 10.82
CA THR A 138 -17.80 -0.51 10.76
C THR A 138 -17.66 -1.14 9.38
N PRO A 139 -17.72 -2.48 9.31
CA PRO A 139 -17.62 -3.20 8.03
C PRO A 139 -18.58 -2.63 7.00
N GLU A 140 -19.81 -2.36 7.43
CA GLU A 140 -20.83 -1.81 6.55
C GLU A 140 -20.37 -0.50 5.91
N THR A 141 -20.28 0.53 6.73
CA THR A 141 -19.86 1.86 6.27
C THR A 141 -18.74 1.77 5.24
N ALA A 142 -17.77 0.91 5.49
CA ALA A 142 -16.66 0.72 4.57
C ALA A 142 -17.12 0.01 3.30
N GLU A 143 -17.87 -1.08 3.47
CA GLU A 143 -18.40 -1.82 2.35
C GLU A 143 -19.14 -0.89 1.39
N LYS A 144 -20.13 -0.19 1.94
CA LYS A 144 -20.92 0.77 1.17
C LYS A 144 -20.02 1.60 0.25
N LEU A 145 -18.97 2.17 0.82
CA LEU A 145 -18.02 2.96 0.03
C LEU A 145 -17.45 2.09 -1.07
N ALA A 146 -17.06 0.87 -0.73
CA ALA A 146 -16.53 -0.07 -1.71
C ALA A 146 -17.45 -0.18 -2.92
N ARG A 147 -18.74 0.07 -2.69
CA ARG A 147 -19.74 0.03 -3.75
C ARG A 147 -19.98 1.42 -4.32
N ASP A 148 -19.98 2.42 -3.45
CA ASP A 148 -20.20 3.80 -3.85
C ASP A 148 -19.04 4.30 -4.72
N LEU A 149 -17.84 3.85 -4.39
CA LEU A 149 -16.65 4.25 -5.14
C LEU A 149 -16.31 3.24 -6.22
N LYS A 150 -17.28 2.42 -6.60
CA LYS A 150 -17.08 1.41 -7.62
C LYS A 150 -15.84 0.56 -7.31
N ALA A 151 -15.51 0.47 -6.03
CA ALA A 151 -14.35 -0.30 -5.60
C ALA A 151 -14.56 -1.79 -5.89
N VAL A 152 -13.51 -2.46 -6.38
CA VAL A 152 -13.59 -3.87 -6.68
C VAL A 152 -14.20 -4.65 -5.52
N LYS A 153 -13.87 -4.23 -4.30
CA LYS A 153 -14.40 -4.88 -3.11
C LYS A 153 -13.81 -4.27 -1.84
N TYR A 154 -14.34 -4.69 -0.69
CA TYR A 154 -13.88 -4.19 0.59
C TYR A 154 -13.19 -5.30 1.39
N VAL A 155 -12.01 -4.99 1.92
CA VAL A 155 -11.25 -5.97 2.70
C VAL A 155 -10.56 -5.31 3.89
N GLU A 156 -10.53 -6.02 5.01
CA GLU A 156 -9.88 -5.53 6.22
C GLU A 156 -8.83 -6.53 6.69
N CYS A 157 -7.59 -6.06 6.84
CA CYS A 157 -6.51 -6.94 7.25
C CYS A 157 -5.49 -6.21 8.12
N SER A 158 -4.83 -6.98 8.98
CA SER A 158 -3.79 -6.45 9.85
C SER A 158 -2.58 -7.39 9.86
N ALA A 159 -1.40 -6.85 10.09
CA ALA A 159 -0.18 -7.66 10.12
C ALA A 159 -0.06 -8.42 11.43
N LEU A 160 -0.58 -7.83 12.50
CA LEU A 160 -0.53 -8.45 13.81
C LEU A 160 -1.58 -9.55 13.90
N THR A 161 -2.78 -9.25 13.43
CA THR A 161 -3.89 -10.19 13.46
C THR A 161 -3.89 -11.10 12.24
N GLN A 162 -3.42 -10.56 11.12
CA GLN A 162 -3.37 -11.33 9.87
C GLN A 162 -4.78 -11.64 9.38
N LYS A 163 -5.74 -10.80 9.73
CA LYS A 163 -7.12 -10.99 9.32
C LYS A 163 -7.26 -10.88 7.80
N GLY A 164 -7.64 -11.99 7.17
CA GLY A 164 -7.80 -11.99 5.72
C GLY A 164 -6.60 -11.39 5.01
N LEU A 165 -5.45 -11.44 5.66
CA LEU A 165 -4.22 -10.89 5.11
C LEU A 165 -4.00 -11.36 3.67
N LYS A 166 -4.17 -12.66 3.45
CA LYS A 166 -3.98 -13.24 2.13
C LYS A 166 -5.14 -12.91 1.20
N ASN A 167 -6.35 -13.10 1.71
CA ASN A 167 -7.56 -12.84 0.92
C ASN A 167 -7.50 -11.47 0.26
N VAL A 168 -6.91 -10.51 0.96
CA VAL A 168 -6.81 -9.14 0.45
C VAL A 168 -6.02 -9.10 -0.86
N PHE A 169 -4.75 -9.46 -0.80
CA PHE A 169 -3.89 -9.46 -1.98
C PHE A 169 -4.51 -10.29 -3.09
N ASP A 170 -5.23 -11.35 -2.70
CA ASP A 170 -5.88 -12.22 -3.67
C ASP A 170 -6.98 -11.47 -4.43
N GLU A 171 -7.55 -10.47 -3.77
CA GLU A 171 -8.61 -9.66 -4.38
C GLU A 171 -8.02 -8.60 -5.31
N ALA A 172 -6.88 -8.05 -4.91
CA ALA A 172 -6.22 -7.02 -5.71
C ALA A 172 -5.88 -7.53 -7.10
N ILE A 173 -5.00 -8.54 -7.17
CA ILE A 173 -4.62 -9.13 -8.45
C ILE A 173 -5.87 -9.47 -9.26
N LEU A 174 -6.74 -10.29 -8.68
CA LEU A 174 -8.00 -10.68 -9.31
C LEU A 174 -8.73 -9.43 -9.81
N ALA A 175 -8.51 -8.31 -9.13
CA ALA A 175 -9.14 -7.05 -9.50
C ALA A 175 -8.36 -6.35 -10.60
N ALA A 176 -7.04 -6.29 -10.43
CA ALA A 176 -6.17 -5.64 -11.40
C ALA A 176 -6.31 -6.29 -12.78
N LEU A 177 -6.49 -7.59 -12.79
CA LEU A 177 -6.63 -8.33 -14.03
C LEU A 177 -8.05 -8.26 -14.57
N GLU A 178 -8.31 -8.99 -15.66
CA GLU A 178 -9.63 -8.96 -16.28
C GLU A 178 -9.75 -10.10 -17.30
N PRO A 179 -10.99 -10.46 -17.70
CA PRO A 179 -11.22 -11.50 -18.71
C PRO A 179 -10.22 -11.43 -19.86
N LYS B 1 -9.46 -17.13 -22.21
CA LYS B 1 -9.71 -15.80 -21.61
C LYS B 1 -8.69 -15.47 -20.52
N LYS B 2 -8.93 -14.39 -19.81
CA LYS B 2 -8.04 -13.96 -18.73
C LYS B 2 -8.81 -13.66 -17.45
N LYS B 3 -9.95 -14.34 -17.29
CA LYS B 3 -10.77 -14.18 -16.10
C LYS B 3 -10.15 -14.85 -14.91
N ILE B 4 -9.80 -14.02 -13.94
CA ILE B 4 -9.28 -14.49 -12.68
C ILE B 4 -10.43 -14.67 -11.74
N SER B 5 -10.37 -15.66 -10.88
CA SER B 5 -11.41 -15.86 -9.92
C SER B 5 -10.82 -15.92 -8.52
N LYS B 6 -11.66 -16.09 -7.52
CA LYS B 6 -11.19 -16.16 -6.15
C LYS B 6 -10.39 -17.44 -5.90
N ALA B 7 -10.68 -18.47 -6.69
CA ALA B 7 -10.01 -19.77 -6.54
C ALA B 7 -8.84 -19.93 -7.52
N ASP B 8 -8.61 -18.94 -8.37
CA ASP B 8 -7.53 -19.01 -9.35
C ASP B 8 -6.18 -18.69 -8.70
N ILE B 9 -6.00 -17.44 -8.29
CA ILE B 9 -4.75 -17.02 -7.67
C ILE B 9 -4.41 -17.92 -6.49
N GLY B 10 -3.54 -18.90 -6.72
CA GLY B 10 -3.17 -19.82 -5.66
C GLY B 10 -2.47 -19.11 -4.51
N ALA B 11 -1.65 -19.86 -3.77
CA ALA B 11 -0.92 -19.30 -2.64
C ALA B 11 0.38 -18.67 -3.13
N PRO B 12 0.70 -17.45 -2.68
CA PRO B 12 1.91 -16.75 -3.08
C PRO B 12 3.17 -17.58 -2.80
N SER B 13 4.29 -17.13 -3.34
CA SER B 13 5.56 -17.83 -3.15
C SER B 13 6.65 -17.19 -3.98
N GLY B 14 7.90 -17.35 -3.55
CA GLY B 14 9.01 -16.77 -4.26
C GLY B 14 9.23 -15.31 -3.92
N PHE B 15 8.94 -14.95 -2.67
CA PHE B 15 9.13 -13.57 -2.19
C PHE B 15 10.43 -12.99 -2.71
N LYS B 16 10.32 -11.99 -3.57
CA LYS B 16 11.50 -11.38 -4.20
C LYS B 16 11.67 -9.93 -3.78
N HIS B 17 12.66 -9.68 -2.92
CA HIS B 17 12.98 -8.33 -2.49
C HIS B 17 13.61 -7.56 -3.64
N VAL B 18 12.78 -6.99 -4.48
CA VAL B 18 13.25 -6.28 -5.67
C VAL B 18 13.95 -4.98 -5.32
N SER B 19 13.30 -4.13 -4.53
CA SER B 19 13.88 -2.85 -4.14
C SER B 19 13.46 -2.44 -2.74
N HIS B 20 14.36 -1.78 -2.02
CA HIS B 20 14.07 -1.33 -0.65
C HIS B 20 14.70 0.04 -0.41
N VAL B 21 13.87 1.01 -0.05
CA VAL B 21 14.34 2.37 0.22
C VAL B 21 14.29 2.69 1.71
N GLY B 22 15.18 3.58 2.14
CA GLY B 22 15.23 3.95 3.54
C GLY B 22 15.41 5.45 3.74
N TRP B 23 14.54 6.05 4.55
CA TRP B 23 14.62 7.48 4.82
C TRP B 23 15.02 7.74 6.27
N ASP B 24 16.29 8.05 6.49
CA ASP B 24 16.79 8.35 7.83
C ASP B 24 16.51 9.80 8.19
N PRO B 25 15.99 10.07 9.39
CA PRO B 25 15.68 11.43 9.83
C PRO B 25 16.96 12.23 10.17
N GLN B 26 18.09 11.53 10.23
CA GLN B 26 19.36 12.17 10.53
C GLN B 26 20.29 12.11 9.31
N ASN B 27 20.43 10.92 8.75
CA ASN B 27 21.27 10.70 7.59
C ASN B 27 20.50 10.85 6.29
N GLY B 28 19.20 11.10 6.37
CA GLY B 28 18.40 11.24 5.17
C GLY B 28 18.18 9.90 4.49
N PHE B 29 17.91 9.94 3.19
CA PHE B 29 17.68 8.71 2.44
C PHE B 29 18.90 7.78 2.54
N ASP B 30 18.66 6.49 2.40
CA ASP B 30 19.72 5.49 2.47
C ASP B 30 19.41 4.33 1.53
N VAL B 31 19.20 4.65 0.26
CA VAL B 31 18.88 3.64 -0.75
C VAL B 31 20.06 2.70 -0.96
N ASN B 32 19.79 1.40 -0.83
CA ASN B 32 20.82 0.38 -1.00
C ASN B 32 20.52 -0.47 -2.23
N ASN B 33 19.25 -0.57 -2.60
CA ASN B 33 18.84 -1.38 -3.74
C ASN B 33 17.62 -0.77 -4.45
N LEU B 34 17.83 0.30 -5.20
CA LEU B 34 16.76 0.94 -5.95
C LEU B 34 16.67 0.34 -7.35
N ASP B 35 15.73 0.83 -8.15
CA ASP B 35 15.57 0.34 -9.51
C ASP B 35 16.45 1.15 -10.47
N PRO B 36 16.94 0.50 -11.55
CA PRO B 36 17.79 1.17 -12.54
C PRO B 36 17.14 2.41 -13.14
N ASP B 37 15.91 2.24 -13.60
CA ASP B 37 15.16 3.34 -14.20
C ASP B 37 14.66 4.31 -13.12
N LEU B 38 14.42 3.77 -11.93
CA LEU B 38 13.95 4.59 -10.82
C LEU B 38 15.10 5.40 -10.24
N ARG B 39 16.31 4.87 -10.35
CA ARG B 39 17.50 5.54 -9.86
C ARG B 39 17.58 6.96 -10.41
N SER B 40 17.23 7.12 -11.68
CA SER B 40 17.26 8.42 -12.33
C SER B 40 16.11 9.31 -11.85
N LEU B 41 14.92 8.73 -11.79
CA LEU B 41 13.73 9.47 -11.38
C LEU B 41 13.80 9.82 -9.89
N PHE B 42 14.19 8.84 -9.07
CA PHE B 42 14.27 9.05 -7.63
C PHE B 42 15.14 10.26 -7.31
N SER B 43 16.41 10.19 -7.69
CA SER B 43 17.35 11.28 -7.43
C SER B 43 16.88 12.56 -8.13
N ARG B 44 16.05 12.42 -9.14
CA ARG B 44 15.54 13.57 -9.89
C ARG B 44 14.24 14.11 -9.29
N ALA B 45 13.59 13.31 -8.43
CA ALA B 45 12.33 13.73 -7.84
C ALA B 45 12.54 14.43 -6.50
N GLY B 46 12.51 13.67 -5.41
CA GLY B 46 12.69 14.27 -4.10
C GLY B 46 14.06 14.00 -3.51
N ILE B 47 14.74 13.00 -4.03
CA ILE B 47 16.08 12.65 -3.56
C ILE B 47 17.14 13.39 -4.38
N SER B 48 16.92 14.69 -4.57
CA SER B 48 17.84 15.50 -5.34
C SER B 48 18.76 16.32 -4.44
N GLU B 49 18.91 15.87 -3.22
CA GLU B 49 19.79 16.52 -2.27
C GLU B 49 21.26 16.34 -2.66
N ALA B 50 21.50 15.51 -3.68
CA ALA B 50 22.86 15.23 -4.12
C ALA B 50 23.48 16.40 -4.88
N GLN B 51 22.73 17.49 -5.04
CA GLN B 51 23.23 18.66 -5.75
C GLN B 51 24.22 19.44 -4.89
N LEU B 52 24.67 20.58 -5.40
CA LEU B 52 25.63 21.42 -4.68
C LEU B 52 24.93 22.31 -3.67
N THR B 53 25.49 22.39 -2.47
CA THR B 53 24.94 23.21 -1.41
C THR B 53 25.83 23.14 -0.18
N ASP B 54 26.42 24.26 0.14
CA ASP B 54 27.31 24.37 1.30
C ASP B 54 26.50 24.56 2.59
N ALA B 55 27.15 24.31 3.72
CA ALA B 55 26.49 24.46 5.02
C ALA B 55 26.92 25.75 5.70
N GLU B 56 28.09 26.26 5.33
CA GLU B 56 28.61 27.50 5.90
C GLU B 56 28.80 27.38 7.40
N THR B 57 28.93 26.16 7.89
CA THR B 57 29.11 25.92 9.32
C THR B 57 30.59 25.75 9.67
N SER B 58 31.45 26.35 8.85
CA SER B 58 32.89 26.28 9.07
C SER B 58 33.32 27.21 10.20
N LYS B 59 33.99 26.65 11.20
CA LYS B 59 34.46 27.44 12.35
C LYS B 59 35.46 28.49 11.90
N MET A 1 7.53 -12.42 -17.74
CA MET A 1 6.91 -11.82 -18.95
C MET A 1 6.23 -10.49 -18.63
N GLN A 2 5.24 -10.54 -17.75
CA GLN A 2 4.51 -9.34 -17.35
C GLN A 2 4.85 -8.95 -15.92
N THR A 3 4.77 -7.65 -15.64
CA THR A 3 5.07 -7.14 -14.31
C THR A 3 4.11 -5.99 -13.94
N ILE A 4 3.44 -6.14 -12.80
CA ILE A 4 2.50 -5.13 -12.33
C ILE A 4 3.19 -4.17 -11.35
N LYS A 5 3.09 -2.88 -11.63
CA LYS A 5 3.72 -1.86 -10.79
C LYS A 5 2.71 -1.23 -9.84
N CYS A 6 2.25 -2.03 -8.87
CA CYS A 6 1.30 -1.56 -7.88
C CYS A 6 2.03 -0.90 -6.71
N VAL A 7 1.37 0.07 -6.08
CA VAL A 7 1.98 0.78 -4.97
C VAL A 7 1.01 0.92 -3.79
N VAL A 8 1.54 0.85 -2.58
CA VAL A 8 0.73 0.96 -1.38
C VAL A 8 0.62 2.41 -0.91
N VAL A 9 -0.58 2.80 -0.49
CA VAL A 9 -0.82 4.16 -0.03
C VAL A 9 -1.84 4.19 1.10
N GLY A 10 -1.36 4.37 2.32
CA GLY A 10 -2.24 4.42 3.46
C GLY A 10 -1.86 5.51 4.45
N ASP A 11 -2.84 5.98 5.22
CA ASP A 11 -2.61 7.03 6.20
C ASP A 11 -1.79 6.52 7.38
N GLY A 12 -0.47 6.53 7.22
CA GLY A 12 0.41 6.07 8.28
C GLY A 12 0.10 4.66 8.72
N ALA A 13 -0.13 4.48 10.02
CA ALA A 13 -0.43 3.17 10.57
C ALA A 13 -1.50 2.45 9.75
N VAL A 14 -1.05 1.57 8.86
CA VAL A 14 -1.97 0.82 8.01
C VAL A 14 -1.45 -0.60 7.78
N GLY A 15 -0.63 -1.09 8.71
CA GLY A 15 -0.07 -2.42 8.58
C GLY A 15 0.77 -2.55 7.33
N LYS A 16 1.82 -1.74 7.22
CA LYS A 16 2.68 -1.76 6.05
C LYS A 16 3.50 -3.05 5.97
N THR A 17 4.41 -3.23 6.92
CA THR A 17 5.28 -4.39 6.94
C THR A 17 4.54 -5.67 7.34
N CYS A 18 3.33 -5.52 7.87
CA CYS A 18 2.58 -6.68 8.36
C CYS A 18 1.90 -7.46 7.24
N LEU A 19 0.97 -6.84 6.53
CA LEU A 19 0.21 -7.55 5.49
C LEU A 19 1.09 -7.86 4.29
N LEU A 20 2.01 -6.95 3.98
CA LEU A 20 2.92 -7.13 2.86
C LEU A 20 3.74 -8.42 3.02
N ILE A 21 4.19 -8.67 4.25
CA ILE A 21 4.99 -9.84 4.55
C ILE A 21 4.14 -11.10 4.65
N SER A 22 2.99 -10.99 5.30
CA SER A 22 2.11 -12.13 5.47
C SER A 22 1.48 -12.56 4.15
N TYR A 23 1.61 -11.72 3.12
CA TYR A 23 1.07 -12.05 1.80
C TYR A 23 2.10 -12.84 1.00
N THR A 24 3.37 -12.53 1.20
CA THR A 24 4.43 -13.21 0.47
C THR A 24 5.02 -14.36 1.28
N THR A 25 4.97 -14.24 2.60
CA THR A 25 5.49 -15.26 3.49
C THR A 25 4.37 -16.06 4.17
N ASN A 26 3.12 -15.69 3.88
CA ASN A 26 1.97 -16.39 4.47
C ASN A 26 2.12 -16.50 5.98
N LYS A 27 2.87 -15.58 6.58
CA LYS A 27 3.09 -15.59 8.01
C LYS A 27 2.96 -14.19 8.61
N PHE A 28 2.50 -14.13 9.85
CA PHE A 28 2.34 -12.85 10.55
C PHE A 28 3.62 -12.52 11.33
N PRO A 29 4.40 -11.54 10.86
CA PRO A 29 5.63 -11.13 11.54
C PRO A 29 5.36 -10.48 12.89
N SER A 30 6.35 -10.56 13.78
CA SER A 30 6.21 -9.99 15.12
C SER A 30 7.20 -8.85 15.34
N GLU A 31 8.25 -8.80 14.52
CA GLU A 31 9.27 -7.76 14.64
C GLU A 31 8.62 -6.38 14.59
N TYR A 32 9.31 -5.40 15.17
CA TYR A 32 8.81 -4.03 15.19
C TYR A 32 9.95 -3.04 15.00
N VAL A 33 9.93 -2.33 13.88
CA VAL A 33 10.95 -1.34 13.59
C VAL A 33 10.47 -0.36 12.52
N PRO A 34 10.74 0.94 12.71
CA PRO A 34 10.33 1.98 11.77
C PRO A 34 10.60 1.58 10.32
N THR A 35 9.75 2.04 9.41
CA THR A 35 9.90 1.73 7.99
C THR A 35 9.70 2.98 7.14
N VAL A 36 10.31 3.00 5.97
CA VAL A 36 10.22 4.14 5.07
C VAL A 36 9.87 3.71 3.64
N PHE A 37 10.45 2.60 3.19
CA PHE A 37 10.18 2.09 1.85
C PHE A 37 10.77 0.71 1.66
N ASP A 38 10.01 -0.17 1.01
CA ASP A 38 10.46 -1.54 0.76
C ASP A 38 9.86 -2.07 -0.52
N ASN A 39 10.71 -2.62 -1.39
CA ASN A 39 10.27 -3.15 -2.67
C ASN A 39 10.47 -4.66 -2.76
N TYR A 40 9.38 -5.39 -2.97
CA TYR A 40 9.43 -6.84 -3.09
C TYR A 40 8.80 -7.28 -4.42
N ALA A 41 9.04 -8.53 -4.81
CA ALA A 41 8.49 -9.06 -6.05
C ALA A 41 7.92 -10.47 -5.85
N VAL A 42 6.62 -10.62 -6.12
CA VAL A 42 5.95 -11.90 -5.96
C VAL A 42 5.73 -12.56 -7.32
N THR A 43 5.79 -13.89 -7.34
CA THR A 43 5.60 -14.65 -8.57
C THR A 43 4.30 -15.45 -8.50
N VAL A 44 3.32 -15.01 -9.27
CA VAL A 44 2.02 -15.68 -9.29
C VAL A 44 1.68 -16.16 -10.70
N MET A 45 0.78 -17.14 -10.78
CA MET A 45 0.36 -17.66 -12.08
C MET A 45 -0.83 -16.87 -12.60
N ILE A 46 -0.55 -15.80 -13.33
CA ILE A 46 -1.58 -14.94 -13.87
C ILE A 46 -1.82 -15.22 -15.36
N GLY A 47 -3.04 -15.62 -15.69
CA GLY A 47 -3.37 -15.90 -17.08
C GLY A 47 -2.73 -17.17 -17.58
N GLY A 48 -2.37 -18.06 -16.66
CA GLY A 48 -1.75 -19.32 -17.05
C GLY A 48 -0.27 -19.16 -17.33
N GLU A 49 0.37 -18.20 -16.67
CA GLU A 49 1.79 -17.96 -16.86
C GLU A 49 2.43 -17.40 -15.58
N PRO A 50 3.68 -17.78 -15.31
CA PRO A 50 4.41 -17.32 -14.12
C PRO A 50 4.69 -15.82 -14.16
N TYR A 51 3.72 -15.01 -13.75
CA TYR A 51 3.88 -13.56 -13.75
C TYR A 51 4.66 -13.10 -12.53
N THR A 52 4.83 -11.78 -12.41
CA THR A 52 5.55 -11.21 -11.30
C THR A 52 4.89 -9.91 -10.82
N LEU A 53 4.43 -9.90 -9.57
CA LEU A 53 3.78 -8.73 -9.01
C LEU A 53 4.80 -7.76 -8.44
N GLY A 54 4.64 -6.48 -8.78
CA GLY A 54 5.55 -5.46 -8.29
C GLY A 54 5.07 -4.86 -6.98
N LEU A 55 5.67 -5.30 -5.88
CA LEU A 55 5.28 -4.81 -4.55
C LEU A 55 6.08 -3.58 -4.16
N PHE A 56 5.39 -2.45 -4.03
CA PHE A 56 6.03 -1.19 -3.63
C PHE A 56 5.26 -0.54 -2.48
N ASP A 57 5.99 -0.12 -1.45
CA ASP A 57 5.37 0.54 -0.30
C ASP A 57 5.94 1.93 -0.10
N THR A 58 5.05 2.91 0.03
CA THR A 58 5.47 4.29 0.23
C THR A 58 5.35 4.70 1.70
N ALA A 59 6.13 5.69 2.10
CA ALA A 59 6.09 6.17 3.48
C ALA A 59 4.68 6.61 3.87
N GLY A 60 4.53 7.09 5.10
CA GLY A 60 3.23 7.54 5.56
C GLY A 60 3.29 8.88 6.25
N GLN A 61 4.25 9.71 5.85
CA GLN A 61 4.41 11.03 6.44
C GLN A 61 4.42 12.12 5.38
N GLU A 62 4.58 13.36 5.82
CA GLU A 62 4.61 14.50 4.91
C GLU A 62 6.04 14.93 4.63
N ASP A 63 6.93 14.67 5.58
CA ASP A 63 8.35 15.03 5.43
C ASP A 63 8.98 14.31 4.26
N TYR A 64 8.42 13.15 3.91
CA TYR A 64 8.93 12.36 2.80
C TYR A 64 8.18 12.68 1.51
N ASP A 65 7.63 13.89 1.43
CA ASP A 65 6.88 14.32 0.26
C ASP A 65 7.81 14.51 -0.94
N ARG A 66 9.06 14.85 -0.65
CA ARG A 66 10.05 15.07 -1.71
C ARG A 66 10.25 13.79 -2.52
N LEU A 67 10.42 12.67 -1.83
CA LEU A 67 10.62 11.39 -2.48
C LEU A 67 9.36 10.52 -2.39
N ARG A 68 8.22 11.18 -2.21
CA ARG A 68 6.95 10.47 -2.09
C ARG A 68 6.45 9.97 -3.46
N PRO A 69 6.22 10.89 -4.42
CA PRO A 69 5.74 10.51 -5.75
C PRO A 69 6.74 9.65 -6.52
N LEU A 70 8.00 9.72 -6.11
CA LEU A 70 9.06 8.95 -6.76
C LEU A 70 8.67 7.48 -6.92
N SER A 71 7.77 7.02 -6.06
CA SER A 71 7.33 5.62 -6.08
C SER A 71 6.06 5.42 -6.91
N TYR A 72 5.73 6.40 -7.74
CA TYR A 72 4.54 6.30 -8.57
C TYR A 72 4.86 6.35 -10.07
N PRO A 73 5.90 5.63 -10.51
CA PRO A 73 6.29 5.60 -11.92
C PRO A 73 5.21 4.97 -12.79
N GLN A 74 4.37 5.81 -13.38
CA GLN A 74 3.28 5.34 -14.24
C GLN A 74 2.54 4.19 -13.57
N THR A 75 2.43 4.25 -12.25
CA THR A 75 1.76 3.20 -11.48
C THR A 75 0.49 2.72 -12.16
N ASP A 76 0.34 1.40 -12.27
CA ASP A 76 -0.85 0.81 -12.87
C ASP A 76 -2.03 0.93 -11.90
N VAL A 77 -1.99 0.16 -10.82
CA VAL A 77 -3.04 0.20 -9.81
C VAL A 77 -2.49 0.75 -8.50
N PHE A 78 -3.36 0.94 -7.52
CA PHE A 78 -2.94 1.49 -6.23
C PHE A 78 -3.64 0.78 -5.06
N LEU A 79 -2.96 0.76 -3.92
CA LEU A 79 -3.52 0.16 -2.70
C LEU A 79 -3.84 1.23 -1.66
N VAL A 80 -5.11 1.54 -1.50
CA VAL A 80 -5.55 2.51 -0.50
C VAL A 80 -6.10 1.81 0.72
N CYS A 81 -5.21 1.46 1.65
CA CYS A 81 -5.62 0.77 2.87
C CYS A 81 -6.03 1.77 3.94
N PHE A 82 -7.32 1.79 4.25
CA PHE A 82 -7.84 2.71 5.27
C PHE A 82 -8.38 1.92 6.46
N SER A 83 -7.97 2.30 7.66
CA SER A 83 -8.39 1.63 8.88
C SER A 83 -9.92 1.56 8.97
N VAL A 84 -10.45 0.34 8.93
CA VAL A 84 -11.90 0.13 9.03
C VAL A 84 -12.42 0.65 10.36
N VAL A 85 -11.58 0.60 11.39
CA VAL A 85 -11.95 1.06 12.72
C VAL A 85 -11.60 2.54 12.92
N SER A 86 -11.44 3.25 11.81
CA SER A 86 -11.10 4.68 11.87
C SER A 86 -11.68 5.41 10.66
N PRO A 87 -12.76 6.19 10.86
CA PRO A 87 -13.41 6.93 9.76
C PRO A 87 -12.53 8.04 9.21
N SER A 88 -11.52 8.45 9.98
CA SER A 88 -10.61 9.51 9.55
C SER A 88 -9.98 9.18 8.22
N SER A 89 -9.22 8.10 8.17
CA SER A 89 -8.58 7.68 6.93
C SER A 89 -9.62 7.56 5.82
N PHE A 90 -10.72 6.89 6.14
CA PHE A 90 -11.82 6.70 5.19
C PHE A 90 -12.34 8.05 4.73
N GLU A 91 -12.38 9.00 5.65
CA GLU A 91 -12.84 10.35 5.34
C GLU A 91 -11.94 11.00 4.30
N ASN A 92 -10.67 10.61 4.30
CA ASN A 92 -9.71 11.13 3.34
C ASN A 92 -9.68 10.26 2.11
N VAL A 93 -9.73 8.95 2.33
CA VAL A 93 -9.75 7.99 1.24
C VAL A 93 -10.78 8.37 0.19
N LYS A 94 -11.87 8.96 0.64
CA LYS A 94 -12.93 9.41 -0.26
C LYS A 94 -12.68 10.85 -0.71
N GLU A 95 -11.89 11.59 0.07
CA GLU A 95 -11.59 12.97 -0.24
C GLU A 95 -10.15 13.35 0.11
N LYS A 96 -9.18 12.67 -0.52
CA LYS A 96 -7.78 12.94 -0.27
C LYS A 96 -6.87 11.95 -1.01
N TRP A 97 -7.14 10.66 -0.83
CA TRP A 97 -6.35 9.64 -1.52
C TRP A 97 -6.88 9.44 -2.91
N VAL A 98 -8.18 9.67 -3.06
CA VAL A 98 -8.81 9.48 -4.36
C VAL A 98 -8.18 10.36 -5.44
N PRO A 99 -8.24 11.70 -5.29
CA PRO A 99 -7.70 12.65 -6.28
C PRO A 99 -6.18 12.65 -6.35
N GLU A 100 -5.51 12.58 -5.20
CA GLU A 100 -4.05 12.62 -5.17
C GLU A 100 -3.45 11.69 -6.23
N ILE A 101 -4.18 10.63 -6.57
CA ILE A 101 -3.72 9.69 -7.59
C ILE A 101 -4.32 10.03 -8.95
N THR A 102 -5.57 10.48 -8.95
CA THR A 102 -6.26 10.84 -10.18
C THR A 102 -5.57 12.01 -10.87
N HIS A 103 -4.92 12.86 -10.09
CA HIS A 103 -4.23 14.03 -10.63
C HIS A 103 -3.13 13.60 -11.60
N HIS A 104 -2.58 12.42 -11.35
CA HIS A 104 -1.52 11.88 -12.20
C HIS A 104 -2.10 10.89 -13.21
N CYS A 105 -3.09 10.13 -12.77
CA CYS A 105 -3.75 9.15 -13.64
C CYS A 105 -5.17 8.87 -13.17
N PRO A 106 -6.16 9.60 -13.72
CA PRO A 106 -7.56 9.45 -13.34
C PRO A 106 -8.22 8.22 -13.98
N LYS A 107 -7.43 7.44 -14.72
CA LYS A 107 -7.95 6.24 -15.37
C LYS A 107 -7.41 4.98 -14.70
N THR A 108 -6.20 5.08 -14.16
CA THR A 108 -5.56 3.95 -13.50
C THR A 108 -6.48 3.36 -12.42
N PRO A 109 -6.52 2.03 -12.30
CA PRO A 109 -7.35 1.34 -11.30
C PRO A 109 -7.01 1.77 -9.88
N PHE A 110 -8.02 1.74 -9.01
CA PHE A 110 -7.82 2.10 -7.60
C PHE A 110 -8.52 1.10 -6.69
N LEU A 111 -7.78 0.13 -6.19
CA LEU A 111 -8.33 -0.88 -5.30
C LEU A 111 -8.60 -0.30 -3.91
N LEU A 112 -9.86 -0.29 -3.51
CA LEU A 112 -10.24 0.22 -2.20
C LEU A 112 -10.07 -0.87 -1.14
N VAL A 113 -8.95 -0.79 -0.42
CA VAL A 113 -8.64 -1.80 0.59
C VAL A 113 -9.09 -1.38 1.98
N GLY A 114 -9.43 -2.37 2.80
CA GLY A 114 -9.84 -2.11 4.17
C GLY A 114 -9.14 -3.01 5.15
N THR A 115 -8.32 -2.42 6.02
CA THR A 115 -7.54 -3.19 6.99
C THR A 115 -8.15 -3.14 8.38
N GLN A 116 -7.58 -3.93 9.29
CA GLN A 116 -8.04 -3.99 10.68
C GLN A 116 -9.28 -4.87 10.82
N ILE A 117 -9.23 -6.06 10.24
CA ILE A 117 -10.33 -7.01 10.34
C ILE A 117 -10.36 -7.65 11.72
N ASP A 118 -9.24 -8.28 12.08
CA ASP A 118 -9.13 -8.94 13.37
C ASP A 118 -9.46 -7.95 14.50
N LEU A 119 -9.18 -6.67 14.24
CA LEU A 119 -9.48 -5.62 15.20
C LEU A 119 -10.96 -5.27 15.15
N ARG A 120 -11.50 -5.20 13.94
CA ARG A 120 -12.91 -4.90 13.74
C ARG A 120 -13.77 -5.88 14.54
N ASP A 121 -13.21 -7.05 14.84
CA ASP A 121 -13.90 -8.06 15.62
C ASP A 121 -13.45 -8.05 17.08
N ASP A 122 -12.73 -6.99 17.46
CA ASP A 122 -12.24 -6.87 18.84
C ASP A 122 -13.09 -5.87 19.63
N PRO A 123 -14.20 -6.33 20.22
CA PRO A 123 -15.10 -5.47 21.01
C PRO A 123 -14.33 -4.62 22.02
N SER A 124 -13.28 -5.18 22.58
CA SER A 124 -12.48 -4.49 23.58
C SER A 124 -12.08 -3.09 23.12
N THR A 125 -11.71 -2.97 21.85
CA THR A 125 -11.29 -1.68 21.30
C THR A 125 -12.47 -0.97 20.68
N ILE A 126 -13.28 -1.72 19.95
CA ILE A 126 -14.47 -1.20 19.31
C ILE A 126 -15.38 -0.53 20.33
N GLU A 127 -15.62 -1.24 21.42
CA GLU A 127 -16.49 -0.73 22.47
C GLU A 127 -15.82 0.38 23.26
N LYS A 128 -14.49 0.36 23.30
CA LYS A 128 -13.74 1.39 24.01
C LYS A 128 -13.68 2.67 23.18
N LEU A 129 -13.76 2.52 21.86
CA LEU A 129 -13.71 3.66 20.95
C LEU A 129 -15.11 4.07 20.53
N ALA A 130 -16.00 3.08 20.45
CA ALA A 130 -17.37 3.31 20.01
C ALA A 130 -17.96 4.58 20.61
N LYS A 131 -17.47 4.97 21.79
CA LYS A 131 -17.97 6.16 22.45
C LYS A 131 -16.83 7.10 22.84
N ASN A 132 -15.70 7.02 22.13
CA ASN A 132 -14.56 7.88 22.46
C ASN A 132 -14.13 8.74 21.27
N LYS A 133 -14.28 8.23 20.05
CA LYS A 133 -13.92 9.00 18.86
C LYS A 133 -13.90 8.18 17.58
N GLN A 134 -13.63 6.89 17.72
CA GLN A 134 -13.51 6.03 16.54
C GLN A 134 -14.79 5.23 16.30
N LYS A 135 -14.78 4.46 15.22
CA LYS A 135 -15.92 3.64 14.84
C LYS A 135 -15.62 2.80 13.61
N PRO A 136 -16.22 1.59 13.52
CA PRO A 136 -15.99 0.69 12.38
C PRO A 136 -16.77 1.09 11.14
N ILE A 137 -16.15 0.94 9.98
CA ILE A 137 -16.79 1.27 8.71
C ILE A 137 -17.54 0.06 8.16
N THR A 138 -18.71 0.31 7.59
CA THR A 138 -19.54 -0.75 7.04
C THR A 138 -19.14 -1.09 5.60
N PRO A 139 -19.13 -2.38 5.25
CA PRO A 139 -18.77 -2.83 3.90
C PRO A 139 -19.55 -2.08 2.82
N GLU A 140 -20.80 -1.75 3.12
CA GLU A 140 -21.66 -1.04 2.18
C GLU A 140 -21.21 0.42 2.04
N THR A 141 -20.74 0.99 3.14
CA THR A 141 -20.27 2.37 3.14
C THR A 141 -19.00 2.51 2.32
N ALA A 142 -18.08 1.56 2.48
CA ALA A 142 -16.83 1.57 1.72
C ALA A 142 -17.09 1.26 0.25
N GLU A 143 -17.83 0.20 -0.01
CA GLU A 143 -18.16 -0.17 -1.39
C GLU A 143 -18.83 1.00 -2.10
N LYS A 144 -19.66 1.73 -1.36
CA LYS A 144 -20.34 2.88 -1.92
C LYS A 144 -19.36 3.82 -2.61
N LEU A 145 -18.22 4.05 -1.96
CA LEU A 145 -17.18 4.90 -2.53
C LEU A 145 -16.44 4.15 -3.63
N ALA A 146 -16.17 2.87 -3.38
CA ALA A 146 -15.47 2.03 -4.35
C ALA A 146 -16.13 2.13 -5.72
N ARG A 147 -17.44 2.35 -5.72
CA ARG A 147 -18.19 2.49 -6.96
C ARG A 147 -18.32 3.96 -7.34
N ASP A 148 -18.52 4.80 -6.34
CA ASP A 148 -18.66 6.24 -6.53
C ASP A 148 -17.37 6.83 -7.08
N LEU A 149 -16.24 6.32 -6.60
CA LEU A 149 -14.94 6.81 -7.04
C LEU A 149 -14.37 5.98 -8.20
N LYS A 150 -15.25 5.23 -8.86
CA LYS A 150 -14.84 4.40 -9.99
C LYS A 150 -13.77 3.39 -9.57
N ALA A 151 -13.68 3.12 -8.28
CA ALA A 151 -12.70 2.16 -7.76
C ALA A 151 -12.91 0.79 -8.38
N VAL A 152 -11.83 0.15 -8.80
CA VAL A 152 -11.91 -1.17 -9.42
C VAL A 152 -12.73 -2.14 -8.58
N LYS A 153 -12.64 -2.01 -7.26
CA LYS A 153 -13.37 -2.89 -6.36
C LYS A 153 -12.98 -2.64 -4.91
N TYR A 154 -13.91 -2.91 -3.99
CA TYR A 154 -13.64 -2.73 -2.57
C TYR A 154 -13.25 -4.06 -1.94
N VAL A 155 -12.12 -4.08 -1.24
CA VAL A 155 -11.63 -5.29 -0.60
C VAL A 155 -11.19 -5.01 0.84
N GLU A 156 -11.24 -6.05 1.67
CA GLU A 156 -10.83 -5.95 3.07
C GLU A 156 -9.89 -7.09 3.42
N CYS A 157 -8.77 -6.77 4.07
CA CYS A 157 -7.80 -7.79 4.43
C CYS A 157 -7.24 -7.59 5.83
N SER A 158 -6.61 -8.64 6.35
CA SER A 158 -5.99 -8.60 7.66
C SER A 158 -4.62 -9.29 7.61
N ALA A 159 -3.78 -9.02 8.60
CA ALA A 159 -2.47 -9.63 8.67
C ALA A 159 -2.41 -10.64 9.80
N LEU A 160 -3.16 -10.37 10.85
CA LEU A 160 -3.23 -11.28 12.00
C LEU A 160 -3.86 -12.59 11.59
N THR A 161 -5.01 -12.51 10.92
CA THR A 161 -5.74 -13.69 10.49
C THR A 161 -5.47 -14.00 9.02
N GLN A 162 -5.08 -12.98 8.25
CA GLN A 162 -4.80 -13.15 6.83
C GLN A 162 -6.09 -13.30 6.02
N LYS A 163 -7.21 -12.87 6.60
CA LYS A 163 -8.49 -12.96 5.91
C LYS A 163 -8.48 -12.13 4.64
N GLY A 164 -8.60 -12.80 3.49
CA GLY A 164 -8.58 -12.10 2.22
C GLY A 164 -7.27 -11.35 2.00
N LEU A 165 -6.25 -11.71 2.75
CA LEU A 165 -4.95 -11.06 2.64
C LEU A 165 -4.43 -11.13 1.21
N LYS A 166 -4.67 -12.25 0.55
CA LYS A 166 -4.20 -12.45 -0.82
C LYS A 166 -5.17 -11.87 -1.84
N ASN A 167 -6.46 -12.06 -1.58
CA ASN A 167 -7.50 -11.56 -2.49
C ASN A 167 -7.28 -10.11 -2.85
N VAL A 168 -6.59 -9.37 -1.99
CA VAL A 168 -6.31 -7.96 -2.23
C VAL A 168 -5.39 -7.78 -3.43
N PHE A 169 -4.20 -8.36 -3.33
CA PHE A 169 -3.23 -8.28 -4.42
C PHE A 169 -3.78 -8.98 -5.66
N ASP A 170 -4.68 -9.93 -5.43
CA ASP A 170 -5.32 -10.66 -6.51
C ASP A 170 -6.17 -9.71 -7.36
N GLU A 171 -7.04 -8.94 -6.70
CA GLU A 171 -7.88 -7.99 -7.38
C GLU A 171 -7.07 -6.83 -7.93
N ALA A 172 -6.09 -6.38 -7.16
CA ALA A 172 -5.22 -5.28 -7.58
C ALA A 172 -4.62 -5.60 -8.95
N ILE A 173 -3.79 -6.64 -9.02
CA ILE A 173 -3.19 -7.05 -10.28
C ILE A 173 -4.25 -7.17 -11.37
N LEU A 174 -5.32 -7.91 -11.05
CA LEU A 174 -6.43 -8.09 -11.97
C LEU A 174 -6.94 -6.73 -12.47
N ALA A 175 -6.81 -5.72 -11.62
CA ALA A 175 -7.24 -4.37 -11.97
C ALA A 175 -6.11 -3.61 -12.67
N ALA A 176 -4.91 -3.70 -12.12
CA ALA A 176 -3.75 -3.02 -12.69
C ALA A 176 -3.55 -3.43 -14.14
N LEU A 177 -3.93 -4.67 -14.45
CA LEU A 177 -3.79 -5.21 -15.79
C LEU A 177 -5.01 -4.88 -16.64
N GLU A 178 -5.09 -5.45 -17.84
CA GLU A 178 -6.20 -5.17 -18.74
C GLU A 178 -6.24 -6.18 -19.89
N PRO A 179 -7.39 -6.29 -20.59
CA PRO A 179 -7.54 -7.18 -21.74
C PRO A 179 -6.33 -7.14 -22.67
N LYS B 1 -5.57 -12.21 -25.95
CA LYS B 1 -6.04 -11.17 -25.01
C LYS B 1 -5.20 -11.13 -23.75
N LYS B 2 -5.47 -10.16 -22.87
CA LYS B 2 -4.72 -10.03 -21.63
C LYS B 2 -5.66 -9.81 -20.45
N LYS B 3 -6.88 -10.31 -20.58
CA LYS B 3 -7.89 -10.20 -19.52
C LYS B 3 -7.58 -11.11 -18.37
N ILE B 4 -7.34 -10.48 -17.23
CA ILE B 4 -7.13 -11.20 -16.00
C ILE B 4 -8.47 -11.46 -15.37
N SER B 5 -8.60 -12.56 -14.68
CA SER B 5 -9.83 -12.87 -14.01
C SER B 5 -9.57 -13.24 -12.56
N LYS B 6 -10.53 -12.98 -11.68
CA LYS B 6 -10.38 -13.27 -10.26
C LYS B 6 -9.83 -14.68 -10.03
N ALA B 7 -10.10 -15.59 -10.96
CA ALA B 7 -9.64 -16.98 -10.84
C ALA B 7 -8.32 -17.22 -11.57
N ASP B 8 -7.80 -16.19 -12.24
CA ASP B 8 -6.55 -16.33 -12.98
C ASP B 8 -5.34 -16.22 -12.06
N ILE B 9 -5.14 -15.05 -11.48
CA ILE B 9 -4.00 -14.83 -10.58
C ILE B 9 -3.93 -15.92 -9.52
N GLY B 10 -3.08 -16.92 -9.76
CA GLY B 10 -2.94 -18.02 -8.82
C GLY B 10 -2.47 -17.58 -7.46
N ALA B 11 -1.82 -18.49 -6.74
CA ALA B 11 -1.31 -18.19 -5.40
C ALA B 11 0.08 -17.58 -5.48
N PRO B 12 0.37 -16.56 -4.67
CA PRO B 12 1.68 -15.90 -4.65
C PRO B 12 2.81 -16.89 -4.37
N SER B 13 4.03 -16.50 -4.71
CA SER B 13 5.18 -17.36 -4.50
C SER B 13 6.44 -16.75 -5.09
N GLY B 14 7.59 -17.09 -4.51
CA GLY B 14 8.85 -16.56 -4.99
C GLY B 14 9.15 -15.17 -4.47
N PHE B 15 8.77 -14.91 -3.22
CA PHE B 15 9.02 -13.62 -2.58
C PHE B 15 10.40 -13.09 -2.93
N LYS B 16 10.44 -11.95 -3.61
CA LYS B 16 11.70 -11.38 -4.06
C LYS B 16 11.98 -10.04 -3.39
N HIS B 17 12.91 -10.04 -2.44
CA HIS B 17 13.30 -8.80 -1.77
C HIS B 17 14.10 -7.95 -2.75
N VAL B 18 13.38 -7.18 -3.56
CA VAL B 18 14.01 -6.34 -4.58
C VAL B 18 14.82 -5.21 -3.96
N SER B 19 14.14 -4.36 -3.20
CA SER B 19 14.81 -3.24 -2.56
C SER B 19 14.29 -3.05 -1.13
N HIS B 20 15.05 -2.32 -0.32
CA HIS B 20 14.68 -2.08 1.07
C HIS B 20 15.42 -0.87 1.63
N VAL B 21 14.67 0.07 2.19
CA VAL B 21 15.27 1.26 2.78
C VAL B 21 15.21 1.21 4.30
N GLY B 22 16.37 1.34 4.93
CA GLY B 22 16.44 1.26 6.38
C GLY B 22 16.57 2.62 7.03
N TRP B 23 15.44 3.18 7.45
CA TRP B 23 15.44 4.49 8.11
C TRP B 23 15.41 4.33 9.62
N ASP B 24 16.60 4.32 10.23
CA ASP B 24 16.72 4.20 11.68
C ASP B 24 16.36 5.52 12.35
N PRO B 25 15.64 5.47 13.49
CA PRO B 25 15.26 6.67 14.22
C PRO B 25 16.44 7.33 14.93
N GLN B 26 17.57 6.64 14.97
CA GLN B 26 18.78 7.18 15.59
C GLN B 26 19.87 7.42 14.54
N ASN B 27 20.10 6.41 13.71
CA ASN B 27 21.13 6.49 12.68
C ASN B 27 20.58 7.08 11.38
N GLY B 28 19.33 7.53 11.39
CA GLY B 28 18.74 8.10 10.19
C GLY B 28 18.57 7.06 9.09
N PHE B 29 18.64 7.52 7.84
CA PHE B 29 18.48 6.63 6.69
C PHE B 29 19.59 5.59 6.66
N ASP B 30 19.35 4.51 5.91
CA ASP B 30 20.32 3.43 5.79
C ASP B 30 20.00 2.54 4.60
N VAL B 31 19.99 3.14 3.41
CA VAL B 31 19.70 2.43 2.19
C VAL B 31 20.82 1.43 1.85
N ASN B 32 20.53 0.15 2.05
CA ASN B 32 21.50 -0.90 1.77
C ASN B 32 21.24 -1.53 0.41
N ASN B 33 19.99 -1.47 -0.04
CA ASN B 33 19.59 -2.05 -1.32
C ASN B 33 18.41 -1.31 -1.94
N LEU B 34 18.69 -0.17 -2.57
CA LEU B 34 17.64 0.62 -3.22
C LEU B 34 17.52 0.22 -4.69
N ASP B 35 16.66 0.93 -5.41
CA ASP B 35 16.46 0.67 -6.84
C ASP B 35 17.45 1.47 -7.68
N PRO B 36 17.99 0.87 -8.75
CA PRO B 36 18.95 1.55 -9.63
C PRO B 36 18.42 2.88 -10.15
N ASP B 37 17.16 2.89 -10.56
CA ASP B 37 16.54 4.11 -11.08
C ASP B 37 16.13 5.03 -9.93
N LEU B 38 15.59 4.45 -8.87
CA LEU B 38 15.17 5.23 -7.71
C LEU B 38 16.38 5.82 -6.99
N ARG B 39 17.49 5.10 -7.02
CA ARG B 39 18.71 5.56 -6.38
C ARG B 39 19.04 6.99 -6.79
N SER B 40 18.86 7.28 -8.08
CA SER B 40 19.13 8.61 -8.62
C SER B 40 18.13 9.63 -8.10
N LEU B 41 16.85 9.23 -8.06
CA LEU B 41 15.79 10.11 -7.62
C LEU B 41 15.78 10.26 -6.09
N PHE B 42 16.13 9.19 -5.39
CA PHE B 42 16.14 9.21 -3.93
C PHE B 42 17.03 10.35 -3.43
N SER B 43 18.31 10.29 -3.77
CA SER B 43 19.24 11.35 -3.38
C SER B 43 18.80 12.69 -3.97
N ARG B 44 18.02 12.63 -5.02
CA ARG B 44 17.53 13.83 -5.69
C ARG B 44 16.20 14.32 -5.11
N ALA B 45 15.56 13.48 -4.30
CA ALA B 45 14.26 13.82 -3.73
C ALA B 45 14.38 14.35 -2.30
N GLY B 46 14.27 13.45 -1.32
CA GLY B 46 14.37 13.86 0.07
C GLY B 46 15.71 13.54 0.68
N ILE B 47 16.45 12.62 0.04
CA ILE B 47 17.76 12.23 0.52
C ILE B 47 18.85 13.07 -0.13
N SER B 48 18.60 14.36 -0.25
CA SER B 48 19.54 15.29 -0.84
C SER B 48 20.63 15.66 0.17
N GLU B 49 21.18 16.87 0.05
CA GLU B 49 22.23 17.34 0.97
C GLU B 49 21.96 16.93 2.41
N ALA B 50 20.68 16.79 2.76
CA ALA B 50 20.30 16.38 4.10
C ALA B 50 20.62 17.43 5.15
N GLN B 51 20.97 18.64 4.70
CA GLN B 51 21.30 19.72 5.63
C GLN B 51 20.23 19.87 6.70
N LEU B 52 20.53 20.65 7.74
CA LEU B 52 19.60 20.86 8.83
C LEU B 52 19.53 22.34 9.21
N THR B 53 19.84 23.20 8.24
CA THR B 53 19.80 24.63 8.45
C THR B 53 18.57 25.24 7.77
N ASP B 54 18.78 26.18 6.87
CA ASP B 54 17.67 26.81 6.17
C ASP B 54 16.98 25.83 5.23
N ALA B 55 16.06 25.05 5.78
CA ALA B 55 15.33 24.06 4.99
C ALA B 55 14.22 24.72 4.19
N GLU B 56 13.08 24.95 4.83
CA GLU B 56 11.94 25.59 4.17
C GLU B 56 12.19 27.07 3.95
N THR B 57 11.90 27.55 2.74
CA THR B 57 12.09 28.95 2.41
C THR B 57 11.33 29.33 1.13
N SER B 58 11.71 28.70 0.02
CA SER B 58 11.07 28.96 -1.26
C SER B 58 10.94 30.46 -1.52
N LYS B 59 11.96 31.03 -2.17
CA LYS B 59 11.97 32.46 -2.48
C LYS B 59 12.35 32.70 -3.93
N MET A 1 6.43 -12.88 -19.76
CA MET A 1 5.93 -13.14 -18.38
C MET A 1 4.94 -12.07 -17.94
N GLN A 2 3.78 -12.50 -17.45
CA GLN A 2 2.76 -11.56 -16.97
C GLN A 2 3.12 -11.03 -15.59
N THR A 3 2.83 -9.75 -15.37
CA THR A 3 3.14 -9.11 -14.10
C THR A 3 2.05 -8.13 -13.70
N ILE A 4 1.77 -8.05 -12.40
CA ILE A 4 0.77 -7.13 -11.88
C ILE A 4 1.43 -5.90 -11.26
N LYS A 5 1.08 -4.73 -11.77
CA LYS A 5 1.65 -3.49 -11.29
C LYS A 5 0.79 -2.92 -10.16
N CYS A 6 0.98 -3.45 -8.96
CA CYS A 6 0.23 -2.99 -7.80
C CYS A 6 1.00 -1.89 -7.07
N VAL A 7 0.28 -0.88 -6.61
CA VAL A 7 0.89 0.23 -5.90
C VAL A 7 0.13 0.53 -4.61
N VAL A 8 0.87 0.69 -3.52
CA VAL A 8 0.25 0.97 -2.22
C VAL A 8 0.00 2.46 -2.06
N VAL A 9 -1.27 2.84 -2.01
CA VAL A 9 -1.65 4.24 -1.86
C VAL A 9 -2.23 4.53 -0.49
N GLY A 10 -1.88 5.68 0.06
CA GLY A 10 -2.38 6.07 1.36
C GLY A 10 -1.60 7.23 1.96
N ASP A 11 -2.32 8.27 2.36
CA ASP A 11 -1.68 9.44 2.96
C ASP A 11 -1.71 9.37 4.47
N GLY A 12 -0.55 9.11 5.07
CA GLY A 12 -0.48 9.02 6.52
C GLY A 12 0.30 7.80 6.99
N ALA A 13 -0.36 6.93 7.75
CA ALA A 13 0.27 5.73 8.26
C ALA A 13 -0.76 4.76 8.83
N VAL A 14 -0.90 3.61 8.17
CA VAL A 14 -1.84 2.59 8.61
C VAL A 14 -1.12 1.33 9.06
N GLY A 15 -0.14 0.90 8.28
CA GLY A 15 0.61 -0.29 8.64
C GLY A 15 0.63 -1.33 7.53
N LYS A 16 0.58 -0.87 6.28
CA LYS A 16 0.60 -1.78 5.13
C LYS A 16 1.97 -2.43 4.98
N THR A 17 3.02 -1.66 5.21
CA THR A 17 4.38 -2.17 5.10
C THR A 17 4.56 -3.37 6.01
N CYS A 18 3.88 -3.35 7.15
CA CYS A 18 3.95 -4.45 8.10
C CYS A 18 3.20 -5.67 7.59
N LEU A 19 2.25 -5.43 6.68
CA LEU A 19 1.46 -6.53 6.11
C LEU A 19 2.19 -7.13 4.91
N LEU A 20 2.80 -6.27 4.09
CA LEU A 20 3.53 -6.72 2.92
C LEU A 20 4.55 -7.78 3.31
N ILE A 21 5.24 -7.54 4.43
CA ILE A 21 6.24 -8.48 4.93
C ILE A 21 5.59 -9.76 5.43
N SER A 22 4.61 -9.62 6.31
CA SER A 22 3.92 -10.76 6.88
C SER A 22 3.09 -11.50 5.82
N TYR A 23 2.92 -10.88 4.67
CA TYR A 23 2.13 -11.46 3.59
C TYR A 23 2.90 -12.57 2.87
N THR A 24 4.09 -12.24 2.38
CA THR A 24 4.89 -13.19 1.62
C THR A 24 5.98 -13.84 2.48
N THR A 25 6.30 -13.22 3.61
CA THR A 25 7.33 -13.75 4.50
C THR A 25 6.73 -14.45 5.71
N ASN A 26 5.45 -14.18 5.98
CA ASN A 26 4.77 -14.79 7.11
C ASN A 26 5.32 -14.29 8.44
N LYS A 27 6.08 -13.20 8.40
CA LYS A 27 6.66 -12.62 9.61
C LYS A 27 5.99 -11.30 9.95
N PHE A 28 5.83 -11.04 11.24
CA PHE A 28 5.21 -9.81 11.70
C PHE A 28 6.26 -8.84 12.24
N PRO A 29 6.63 -7.82 11.44
CA PRO A 29 7.60 -6.81 11.85
C PRO A 29 7.04 -5.86 12.88
N SER A 30 7.91 -5.13 13.57
CA SER A 30 7.47 -4.19 14.60
C SER A 30 8.09 -2.82 14.37
N GLU A 31 9.35 -2.78 13.99
CA GLU A 31 10.04 -1.53 13.74
C GLU A 31 9.27 -0.65 12.77
N TYR A 32 9.33 0.66 12.99
CA TYR A 32 8.65 1.62 12.14
C TYR A 32 9.60 2.72 11.69
N VAL A 33 10.08 2.62 10.45
CA VAL A 33 11.01 3.61 9.91
C VAL A 33 11.28 3.37 8.42
N PRO A 34 11.83 2.20 8.07
CA PRO A 34 12.16 1.88 6.67
C PRO A 34 10.93 1.66 5.81
N THR A 35 10.80 2.47 4.76
CA THR A 35 9.69 2.36 3.82
C THR A 35 10.01 3.11 2.54
N VAL A 36 9.73 4.41 2.53
CA VAL A 36 9.97 5.28 1.38
C VAL A 36 9.45 4.64 0.09
N PHE A 37 10.25 3.78 -0.53
CA PHE A 37 9.86 3.10 -1.76
C PHE A 37 10.61 1.79 -1.91
N ASP A 38 9.88 0.69 -2.08
CA ASP A 38 10.49 -0.62 -2.24
C ASP A 38 9.69 -1.47 -3.24
N ASN A 39 10.41 -2.21 -4.07
CA ASN A 39 9.76 -3.06 -5.07
C ASN A 39 10.02 -4.53 -4.80
N TYR A 40 8.94 -5.27 -4.55
CA TYR A 40 9.04 -6.71 -4.31
C TYR A 40 8.34 -7.46 -5.43
N ALA A 41 8.65 -8.75 -5.58
CA ALA A 41 8.02 -9.56 -6.61
C ALA A 41 7.59 -10.92 -6.06
N VAL A 42 6.30 -11.19 -6.13
CA VAL A 42 5.75 -12.45 -5.62
C VAL A 42 5.31 -13.36 -6.78
N THR A 43 5.54 -14.65 -6.61
CA THR A 43 5.13 -15.64 -7.60
C THR A 43 3.88 -16.37 -7.13
N VAL A 44 2.84 -16.35 -7.95
CA VAL A 44 1.58 -17.00 -7.60
C VAL A 44 1.03 -17.80 -8.77
N MET A 45 0.21 -18.79 -8.46
CA MET A 45 -0.43 -19.62 -9.47
C MET A 45 -1.71 -18.96 -9.95
N ILE A 46 -1.60 -18.11 -10.96
CA ILE A 46 -2.74 -17.39 -11.49
C ILE A 46 -3.20 -17.98 -12.83
N GLY A 47 -4.48 -18.33 -12.90
CA GLY A 47 -5.02 -18.90 -14.13
C GLY A 47 -4.35 -20.21 -14.51
N GLY A 48 -3.96 -20.98 -13.50
CA GLY A 48 -3.31 -22.26 -13.76
C GLY A 48 -1.94 -22.10 -14.40
N GLU A 49 -1.25 -21.02 -14.05
CA GLU A 49 0.07 -20.76 -14.60
C GLU A 49 0.90 -19.90 -13.65
N PRO A 50 2.24 -20.02 -13.71
CA PRO A 50 3.13 -19.25 -12.84
C PRO A 50 3.18 -17.78 -13.23
N TYR A 51 2.68 -16.93 -12.34
CA TYR A 51 2.66 -15.49 -12.58
C TYR A 51 3.54 -14.76 -11.56
N THR A 52 3.66 -13.45 -11.73
CA THR A 52 4.47 -12.63 -10.83
C THR A 52 3.71 -11.37 -10.43
N LEU A 53 3.69 -11.08 -9.14
CA LEU A 53 3.00 -9.90 -8.63
C LEU A 53 3.96 -8.74 -8.40
N GLY A 54 3.82 -7.69 -9.19
CA GLY A 54 4.67 -6.52 -9.04
C GLY A 54 4.29 -5.69 -7.84
N LEU A 55 4.95 -5.95 -6.72
CA LEU A 55 4.66 -5.23 -5.48
C LEU A 55 5.43 -3.92 -5.41
N PHE A 56 4.73 -2.85 -5.03
CA PHE A 56 5.36 -1.53 -4.93
C PHE A 56 4.74 -0.72 -3.79
N ASP A 57 5.58 -0.35 -2.83
CA ASP A 57 5.13 0.45 -1.70
C ASP A 57 5.58 1.89 -1.84
N THR A 58 4.63 2.82 -1.73
CA THR A 58 4.93 4.25 -1.87
C THR A 58 5.00 4.93 -0.50
N ALA A 59 5.56 6.14 -0.48
CA ALA A 59 5.68 6.90 0.76
C ALA A 59 4.36 7.60 1.09
N GLY A 60 4.08 7.73 2.38
CA GLY A 60 2.86 8.39 2.82
C GLY A 60 3.06 9.86 3.08
N GLN A 61 4.30 10.24 3.39
CA GLN A 61 4.61 11.64 3.67
C GLN A 61 4.34 12.52 2.45
N GLU A 62 4.01 13.78 2.71
CA GLU A 62 3.74 14.73 1.65
C GLU A 62 5.02 15.13 0.92
N ASP A 63 6.14 15.08 1.65
CA ASP A 63 7.43 15.43 1.08
C ASP A 63 7.84 14.44 0.00
N TYR A 64 7.36 13.22 0.11
CA TYR A 64 7.67 12.18 -0.88
C TYR A 64 6.71 12.23 -2.07
N ASP A 65 5.69 13.09 -1.99
CA ASP A 65 4.71 13.23 -3.06
C ASP A 65 5.39 13.51 -4.40
N ARG A 66 6.62 14.03 -4.35
CA ARG A 66 7.35 14.35 -5.57
C ARG A 66 7.73 13.09 -6.35
N LEU A 67 8.28 12.12 -5.63
CA LEU A 67 8.71 10.86 -6.25
C LEU A 67 7.64 9.78 -6.10
N ARG A 68 6.41 10.19 -5.80
CA ARG A 68 5.31 9.25 -5.62
C ARG A 68 4.74 8.79 -6.96
N PRO A 69 4.43 9.74 -7.86
CA PRO A 69 3.87 9.44 -9.18
C PRO A 69 4.74 8.48 -9.98
N LEU A 70 6.00 8.34 -9.59
CA LEU A 70 6.94 7.48 -10.29
C LEU A 70 6.37 6.07 -10.48
N SER A 71 5.41 5.69 -9.64
CA SER A 71 4.81 4.36 -9.73
C SER A 71 3.31 4.44 -10.00
N TYR A 72 2.85 5.61 -10.47
CA TYR A 72 1.42 5.81 -10.74
C TYR A 72 1.04 5.40 -12.18
N PRO A 73 1.86 5.74 -13.19
CA PRO A 73 1.55 5.41 -14.58
C PRO A 73 1.76 3.92 -14.88
N GLN A 74 0.86 3.36 -15.67
CA GLN A 74 0.93 1.95 -16.04
C GLN A 74 0.54 1.06 -14.86
N THR A 75 -0.21 1.63 -13.91
CA THR A 75 -0.65 0.89 -12.74
C THR A 75 -1.84 -0.01 -13.07
N ASP A 76 -1.74 -1.28 -12.66
CA ASP A 76 -2.80 -2.24 -12.90
C ASP A 76 -3.85 -2.21 -11.80
N VAL A 77 -3.46 -1.70 -10.63
CA VAL A 77 -4.38 -1.57 -9.50
C VAL A 77 -3.76 -0.72 -8.40
N PHE A 78 -4.55 -0.40 -7.38
CA PHE A 78 -4.07 0.43 -6.29
C PHE A 78 -4.57 -0.10 -4.95
N LEU A 79 -3.70 -0.02 -3.94
CA LEU A 79 -4.07 -0.46 -2.60
C LEU A 79 -4.32 0.73 -1.68
N VAL A 80 -5.59 1.03 -1.48
CA VAL A 80 -5.98 2.13 -0.61
C VAL A 80 -6.31 1.64 0.79
N CYS A 81 -5.28 1.52 1.62
CA CYS A 81 -5.46 1.04 2.98
C CYS A 81 -5.80 2.19 3.94
N PHE A 82 -7.03 2.21 4.44
CA PHE A 82 -7.46 3.25 5.36
C PHE A 82 -7.51 2.72 6.79
N SER A 83 -7.51 3.63 7.76
CA SER A 83 -7.55 3.25 9.16
C SER A 83 -8.98 3.07 9.64
N VAL A 84 -9.40 1.82 9.81
CA VAL A 84 -10.76 1.51 10.25
C VAL A 84 -11.08 2.22 11.56
N VAL A 85 -10.08 2.34 12.44
CA VAL A 85 -10.28 3.00 13.72
C VAL A 85 -9.90 4.47 13.64
N SER A 86 -10.27 5.11 12.53
CA SER A 86 -9.97 6.52 12.33
C SER A 86 -10.93 7.13 11.32
N PRO A 87 -12.00 7.79 11.79
CA PRO A 87 -12.98 8.43 10.91
C PRO A 87 -12.34 9.34 9.88
N SER A 88 -11.26 10.01 10.29
CA SER A 88 -10.55 10.91 9.39
C SER A 88 -10.12 10.18 8.11
N SER A 89 -9.85 8.89 8.24
CA SER A 89 -9.45 8.08 7.10
C SER A 89 -10.66 7.78 6.20
N PHE A 90 -11.78 7.46 6.84
CA PHE A 90 -13.01 7.15 6.12
C PHE A 90 -13.51 8.38 5.35
N GLU A 91 -13.53 9.52 6.02
CA GLU A 91 -13.99 10.76 5.41
C GLU A 91 -13.15 11.11 4.17
N ASN A 92 -11.84 10.96 4.30
CA ASN A 92 -10.92 11.24 3.21
C ASN A 92 -10.90 10.07 2.23
N VAL A 93 -11.11 8.87 2.76
CA VAL A 93 -11.14 7.66 1.95
C VAL A 93 -12.04 7.86 0.73
N LYS A 94 -13.23 8.40 0.97
CA LYS A 94 -14.19 8.65 -0.10
C LYS A 94 -13.90 9.98 -0.80
N GLU A 95 -13.22 10.88 -0.11
CA GLU A 95 -12.90 12.19 -0.68
C GLU A 95 -11.47 12.61 -0.37
N LYS A 96 -10.49 11.86 -0.88
CA LYS A 96 -9.09 12.17 -0.66
C LYS A 96 -8.19 11.05 -1.18
N TRP A 97 -8.34 9.87 -0.62
CA TRP A 97 -7.52 8.72 -0.99
C TRP A 97 -7.80 8.28 -2.42
N VAL A 98 -9.08 8.09 -2.74
CA VAL A 98 -9.47 7.63 -4.07
C VAL A 98 -9.36 8.76 -5.12
N PRO A 99 -10.10 9.87 -4.93
CA PRO A 99 -10.09 10.97 -5.89
C PRO A 99 -8.68 11.44 -6.23
N GLU A 100 -7.76 11.25 -5.30
CA GLU A 100 -6.37 11.64 -5.50
C GLU A 100 -5.76 10.89 -6.68
N ILE A 101 -6.13 9.61 -6.81
CA ILE A 101 -5.61 8.77 -7.87
C ILE A 101 -6.46 8.87 -9.14
N THR A 102 -7.73 9.23 -8.97
CA THR A 102 -8.64 9.34 -10.09
C THR A 102 -8.17 10.39 -11.09
N HIS A 103 -7.41 11.37 -10.62
CA HIS A 103 -6.91 12.43 -11.48
C HIS A 103 -5.85 11.89 -12.43
N HIS A 104 -5.17 10.82 -12.02
CA HIS A 104 -4.14 10.21 -12.83
C HIS A 104 -4.67 8.95 -13.52
N CYS A 105 -5.50 8.20 -12.79
CA CYS A 105 -6.08 6.97 -13.33
C CYS A 105 -7.43 6.68 -12.66
N PRO A 106 -8.52 7.29 -13.17
CA PRO A 106 -9.85 7.10 -12.63
C PRO A 106 -10.57 5.87 -13.18
N LYS A 107 -9.94 5.18 -14.12
CA LYS A 107 -10.54 4.00 -14.74
C LYS A 107 -9.95 2.73 -14.14
N THR A 108 -8.70 2.81 -13.71
CA THR A 108 -8.02 1.65 -13.14
C THR A 108 -8.76 1.12 -11.91
N PRO A 109 -8.51 -0.14 -11.55
CA PRO A 109 -9.13 -0.77 -10.38
C PRO A 109 -8.59 -0.20 -9.08
N PHE A 110 -9.38 -0.29 -8.00
CA PHE A 110 -8.96 0.23 -6.71
C PHE A 110 -9.43 -0.68 -5.56
N LEU A 111 -8.51 -1.48 -5.05
CA LEU A 111 -8.81 -2.37 -3.93
C LEU A 111 -8.96 -1.57 -2.65
N LEU A 112 -10.09 -1.75 -1.96
CA LEU A 112 -10.34 -1.05 -0.70
C LEU A 112 -9.88 -1.89 0.48
N VAL A 113 -8.79 -1.49 1.10
CA VAL A 113 -8.22 -2.23 2.21
C VAL A 113 -8.39 -1.49 3.54
N GLY A 114 -8.61 -2.26 4.60
CA GLY A 114 -8.77 -1.67 5.92
C GLY A 114 -7.85 -2.32 6.94
N THR A 115 -6.89 -1.56 7.45
CA THR A 115 -5.92 -2.08 8.42
C THR A 115 -6.22 -1.57 9.83
N GLN A 116 -5.47 -2.07 10.80
CA GLN A 116 -5.65 -1.69 12.20
C GLN A 116 -6.84 -2.41 12.81
N ILE A 117 -6.80 -3.73 12.78
CA ILE A 117 -7.87 -4.54 13.35
C ILE A 117 -7.62 -4.81 14.83
N ASP A 118 -6.35 -4.88 15.20
CA ASP A 118 -5.96 -5.15 16.59
C ASP A 118 -6.77 -4.28 17.56
N LEU A 119 -7.07 -3.06 17.14
CA LEU A 119 -7.86 -2.15 17.95
C LEU A 119 -9.35 -2.34 17.67
N ARG A 120 -9.66 -2.58 16.41
CA ARG A 120 -11.04 -2.81 16.00
C ARG A 120 -11.63 -4.00 16.75
N ASP A 121 -10.76 -4.92 17.17
CA ASP A 121 -11.18 -6.09 17.92
C ASP A 121 -10.87 -5.94 19.40
N ASP A 122 -10.59 -4.70 19.82
CA ASP A 122 -10.28 -4.43 21.22
C ASP A 122 -11.34 -3.51 21.83
N PRO A 123 -12.43 -4.10 22.36
CA PRO A 123 -13.54 -3.35 22.96
C PRO A 123 -13.06 -2.20 23.83
N SER A 124 -12.15 -2.49 24.76
CA SER A 124 -11.62 -1.48 25.67
C SER A 124 -11.29 -0.18 24.94
N THR A 125 -10.82 -0.30 23.71
CA THR A 125 -10.46 0.86 22.91
C THR A 125 -11.66 1.33 22.09
N ILE A 126 -12.35 0.39 21.46
CA ILE A 126 -13.52 0.73 20.66
C ILE A 126 -14.52 1.53 21.47
N GLU A 127 -14.79 1.06 22.69
CA GLU A 127 -15.74 1.75 23.57
C GLU A 127 -15.12 2.99 24.18
N LYS A 128 -13.79 3.05 24.21
CA LYS A 128 -13.09 4.19 24.78
C LYS A 128 -13.25 5.44 23.91
N LEU A 129 -13.07 5.27 22.60
CA LEU A 129 -13.19 6.41 21.68
C LEU A 129 -14.58 6.46 21.04
N ALA A 130 -15.26 5.32 21.04
CA ALA A 130 -16.59 5.23 20.45
C ALA A 130 -17.46 6.45 20.76
N LYS A 131 -17.20 7.09 21.90
CA LYS A 131 -18.00 8.24 22.31
C LYS A 131 -17.13 9.43 22.71
N ASN A 132 -15.90 9.49 22.20
CA ASN A 132 -15.00 10.58 22.54
C ASN A 132 -14.67 11.44 21.32
N LYS A 133 -14.67 10.82 20.14
CA LYS A 133 -14.37 11.54 18.90
C LYS A 133 -14.15 10.59 17.74
N GLN A 134 -13.68 9.39 18.06
CA GLN A 134 -13.40 8.38 17.05
C GLN A 134 -14.42 7.25 17.10
N LYS A 135 -14.60 6.59 15.96
CA LYS A 135 -15.53 5.48 15.85
C LYS A 135 -15.02 4.46 14.83
N PRO A 136 -15.16 3.16 15.13
CA PRO A 136 -14.72 2.09 14.22
C PRO A 136 -15.64 1.93 13.03
N ILE A 137 -15.04 1.72 11.85
CA ILE A 137 -15.82 1.55 10.62
C ILE A 137 -16.20 0.09 10.41
N THR A 138 -17.49 -0.15 10.18
CA THR A 138 -17.99 -1.51 9.98
C THR A 138 -17.73 -1.98 8.55
N PRO A 139 -17.65 -3.31 8.34
CA PRO A 139 -17.42 -3.89 7.02
C PRO A 139 -18.47 -3.46 6.00
N GLU A 140 -19.69 -3.26 6.47
CA GLU A 140 -20.78 -2.83 5.60
C GLU A 140 -20.60 -1.37 5.20
N THR A 141 -20.06 -0.58 6.12
CA THR A 141 -19.83 0.85 5.87
C THR A 141 -18.72 1.03 4.84
N ALA A 142 -17.64 0.26 4.99
CA ALA A 142 -16.52 0.34 4.07
C ALA A 142 -16.93 -0.09 2.67
N GLU A 143 -17.77 -1.12 2.60
CA GLU A 143 -18.27 -1.59 1.31
C GLU A 143 -18.84 -0.44 0.51
N LYS A 144 -19.80 0.26 1.10
CA LYS A 144 -20.44 1.42 0.48
C LYS A 144 -19.42 2.30 -0.24
N LEU A 145 -18.32 2.60 0.44
CA LEU A 145 -17.26 3.40 -0.15
C LEU A 145 -16.59 2.65 -1.29
N ALA A 146 -16.39 1.35 -1.09
CA ALA A 146 -15.78 0.51 -2.12
C ALA A 146 -16.59 0.56 -3.41
N ARG A 147 -17.88 0.83 -3.29
CA ARG A 147 -18.76 0.90 -4.45
C ARG A 147 -18.90 2.34 -4.93
N ASP A 148 -18.82 3.29 -4.00
CA ASP A 148 -18.94 4.70 -4.32
C ASP A 148 -17.69 5.20 -5.04
N LEU A 149 -16.57 4.52 -4.83
CA LEU A 149 -15.31 4.89 -5.44
C LEU A 149 -14.90 3.90 -6.53
N LYS A 150 -15.86 3.12 -7.01
CA LYS A 150 -15.59 2.13 -8.05
C LYS A 150 -14.53 1.13 -7.61
N ALA A 151 -14.39 0.96 -6.31
CA ALA A 151 -13.42 0.01 -5.76
C ALA A 151 -13.72 -1.41 -6.23
N VAL A 152 -12.69 -2.10 -6.72
CA VAL A 152 -12.86 -3.46 -7.20
C VAL A 152 -13.47 -4.37 -6.14
N LYS A 153 -13.18 -4.07 -4.88
CA LYS A 153 -13.70 -4.85 -3.77
C LYS A 153 -13.04 -4.44 -2.45
N TYR A 154 -13.78 -4.51 -1.37
CA TYR A 154 -13.27 -4.12 -0.06
C TYR A 154 -12.77 -5.34 0.70
N VAL A 155 -11.60 -5.20 1.32
CA VAL A 155 -10.99 -6.28 2.09
C VAL A 155 -10.27 -5.74 3.33
N GLU A 156 -9.95 -6.64 4.25
CA GLU A 156 -9.25 -6.26 5.48
C GLU A 156 -8.00 -7.10 5.66
N CYS A 157 -7.08 -6.63 6.50
CA CYS A 157 -5.84 -7.35 6.75
C CYS A 157 -5.14 -6.84 8.00
N SER A 158 -4.48 -7.74 8.71
CA SER A 158 -3.75 -7.38 9.92
C SER A 158 -2.37 -8.04 9.94
N ALA A 159 -1.35 -7.27 10.29
CA ALA A 159 0.02 -7.79 10.34
C ALA A 159 0.29 -8.52 11.65
N LEU A 160 -0.53 -8.23 12.67
CA LEU A 160 -0.36 -8.86 13.97
C LEU A 160 -1.24 -10.10 14.11
N THR A 161 -2.39 -10.08 13.44
CA THR A 161 -3.32 -11.19 13.51
C THR A 161 -3.36 -11.98 12.20
N GLN A 162 -3.00 -11.33 11.11
CA GLN A 162 -3.01 -11.97 9.79
C GLN A 162 -4.43 -12.22 9.31
N LYS A 163 -5.40 -11.53 9.90
CA LYS A 163 -6.79 -11.69 9.53
C LYS A 163 -7.01 -11.31 8.07
N GLY A 164 -7.08 -12.31 7.21
CA GLY A 164 -7.28 -12.06 5.79
C GLY A 164 -6.10 -11.32 5.17
N LEU A 165 -4.98 -11.30 5.88
CA LEU A 165 -3.77 -10.63 5.39
C LEU A 165 -3.46 -11.02 3.94
N LYS A 166 -3.83 -12.24 3.58
CA LYS A 166 -3.59 -12.75 2.24
C LYS A 166 -4.73 -12.40 1.29
N ASN A 167 -5.96 -12.70 1.71
CA ASN A 167 -7.15 -12.43 0.90
C ASN A 167 -7.09 -11.06 0.25
N VAL A 168 -6.42 -10.11 0.89
CA VAL A 168 -6.32 -8.75 0.39
C VAL A 168 -5.46 -8.68 -0.86
N PHE A 169 -4.29 -9.30 -0.81
CA PHE A 169 -3.36 -9.28 -1.94
C PHE A 169 -3.93 -10.11 -3.09
N ASP A 170 -4.66 -11.16 -2.74
CA ASP A 170 -5.27 -12.04 -3.72
C ASP A 170 -6.15 -11.25 -4.68
N GLU A 171 -7.07 -10.46 -4.13
CA GLU A 171 -7.98 -9.68 -4.96
C GLU A 171 -7.26 -8.56 -5.69
N ALA A 172 -6.27 -7.95 -5.05
CA ALA A 172 -5.52 -6.87 -5.69
C ALA A 172 -5.04 -7.32 -7.08
N ILE A 173 -4.27 -8.42 -7.10
CA ILE A 173 -3.82 -9.00 -8.35
C ILE A 173 -5.02 -9.35 -9.23
N LEU A 174 -5.95 -10.10 -8.65
CA LEU A 174 -7.18 -10.49 -9.33
C LEU A 174 -7.81 -9.28 -10.02
N ALA A 175 -8.17 -8.28 -9.22
CA ALA A 175 -8.72 -7.04 -9.72
C ALA A 175 -7.82 -6.41 -10.78
N ALA A 176 -6.54 -6.22 -10.43
CA ALA A 176 -5.57 -5.60 -11.33
C ALA A 176 -5.71 -6.13 -12.75
N LEU A 177 -5.62 -7.44 -12.90
CA LEU A 177 -5.75 -8.07 -14.20
C LEU A 177 -7.17 -7.90 -14.74
N GLU A 178 -7.46 -8.54 -15.87
CA GLU A 178 -8.77 -8.42 -16.50
C GLU A 178 -8.98 -9.57 -17.50
N PRO A 179 -10.19 -9.70 -18.09
CA PRO A 179 -10.47 -10.75 -19.06
C PRO A 179 -9.43 -10.78 -20.19
N LYS B 1 -8.81 -16.46 -22.49
CA LYS B 1 -9.22 -15.28 -21.69
C LYS B 1 -8.24 -15.02 -20.55
N LYS B 2 -8.26 -13.81 -20.02
CA LYS B 2 -7.37 -13.44 -18.93
C LYS B 2 -8.17 -13.15 -17.65
N LYS B 3 -9.37 -13.69 -17.58
CA LYS B 3 -10.23 -13.53 -16.41
C LYS B 3 -9.72 -14.30 -15.23
N ILE B 4 -9.30 -13.54 -14.24
CA ILE B 4 -8.86 -14.12 -13.00
C ILE B 4 -10.07 -14.25 -12.10
N SER B 5 -10.03 -15.22 -11.24
CA SER B 5 -11.11 -15.39 -10.31
C SER B 5 -10.55 -15.53 -8.90
N LYS B 6 -11.37 -15.25 -7.91
CA LYS B 6 -10.92 -15.30 -6.53
C LYS B 6 -10.21 -16.62 -6.22
N ALA B 7 -10.56 -17.66 -6.96
CA ALA B 7 -9.98 -18.99 -6.73
C ALA B 7 -8.80 -19.28 -7.66
N ASP B 8 -8.48 -18.35 -8.55
CA ASP B 8 -7.38 -18.55 -9.50
C ASP B 8 -6.04 -18.30 -8.82
N ILE B 9 -5.78 -17.06 -8.45
CA ILE B 9 -4.52 -16.72 -7.80
C ILE B 9 -4.28 -17.63 -6.60
N GLY B 10 -3.46 -18.66 -6.80
CA GLY B 10 -3.19 -19.61 -5.74
C GLY B 10 -2.52 -18.98 -4.55
N ALA B 11 -1.63 -19.73 -3.90
CA ALA B 11 -0.91 -19.25 -2.74
C ALA B 11 0.37 -18.52 -3.16
N PRO B 12 0.59 -17.28 -2.66
CA PRO B 12 1.78 -16.50 -3.00
C PRO B 12 3.06 -17.23 -2.61
N SER B 13 4.19 -16.80 -3.19
CA SER B 13 5.47 -17.42 -2.90
C SER B 13 6.56 -16.91 -3.84
N GLY B 14 7.81 -17.16 -3.49
CA GLY B 14 8.91 -16.70 -4.32
C GLY B 14 9.25 -15.24 -4.07
N PHE B 15 9.09 -14.81 -2.82
CA PHE B 15 9.38 -13.41 -2.45
C PHE B 15 10.67 -12.93 -3.09
N LYS B 16 10.56 -11.93 -3.95
CA LYS B 16 11.71 -11.39 -4.66
C LYS B 16 11.96 -9.93 -4.29
N HIS B 17 13.11 -9.67 -3.67
CA HIS B 17 13.48 -8.32 -3.32
C HIS B 17 14.12 -7.65 -4.53
N VAL B 18 13.27 -7.10 -5.38
CA VAL B 18 13.71 -6.47 -6.63
C VAL B 18 14.45 -5.16 -6.36
N SER B 19 13.76 -4.22 -5.72
CA SER B 19 14.37 -2.92 -5.40
C SER B 19 14.13 -2.57 -3.93
N HIS B 20 15.05 -1.80 -3.35
CA HIS B 20 14.95 -1.39 -1.96
C HIS B 20 15.63 -0.06 -1.73
N VAL B 21 14.96 0.82 -0.97
CA VAL B 21 15.50 2.14 -0.67
C VAL B 21 15.72 2.30 0.84
N GLY B 22 16.87 2.83 1.22
CA GLY B 22 17.17 3.02 2.62
C GLY B 22 17.12 4.48 3.03
N TRP B 23 16.05 4.86 3.72
CA TRP B 23 15.88 6.24 4.17
C TRP B 23 16.19 6.38 5.66
N ASP B 24 17.41 6.84 5.96
CA ASP B 24 17.82 7.05 7.35
C ASP B 24 17.28 8.38 7.85
N PRO B 25 16.78 8.42 9.10
CA PRO B 25 16.25 9.65 9.69
C PRO B 25 17.35 10.66 10.03
N GLN B 26 18.60 10.21 9.97
CA GLN B 26 19.74 11.08 10.24
C GLN B 26 20.57 11.30 8.99
N ASN B 27 20.80 10.22 8.24
CA ASN B 27 21.61 10.28 7.03
C ASN B 27 20.73 10.46 5.79
N GLY B 28 19.53 11.00 5.99
CA GLY B 28 18.61 11.19 4.87
C GLY B 28 18.38 9.90 4.11
N PHE B 29 18.27 9.99 2.79
CA PHE B 29 18.05 8.80 1.97
C PHE B 29 19.28 7.89 2.00
N ASP B 30 19.24 6.85 1.19
CA ASP B 30 20.33 5.89 1.13
C ASP B 30 19.96 4.70 0.24
N VAL B 31 19.68 4.99 -1.02
CA VAL B 31 19.29 3.97 -1.99
C VAL B 31 20.46 3.00 -2.24
N ASN B 32 20.13 1.73 -2.47
CA ASN B 32 21.15 0.71 -2.70
C ASN B 32 20.88 -0.02 -4.01
N ASN B 33 19.64 -0.48 -4.21
CA ASN B 33 19.29 -1.21 -5.42
C ASN B 33 18.01 -0.65 -6.05
N LEU B 34 18.08 0.58 -6.53
CA LEU B 34 16.94 1.21 -7.19
C LEU B 34 16.78 0.66 -8.60
N ASP B 35 15.73 1.09 -9.29
CA ASP B 35 15.48 0.65 -10.66
C ASP B 35 16.23 1.52 -11.66
N PRO B 36 16.51 0.98 -12.86
CA PRO B 36 17.23 1.72 -13.90
C PRO B 36 16.55 3.03 -14.24
N ASP B 37 15.25 2.96 -14.51
CA ASP B 37 14.47 4.16 -14.84
C ASP B 37 14.20 4.97 -13.58
N LEU B 38 13.76 4.28 -12.52
CA LEU B 38 13.48 4.94 -11.26
C LEU B 38 14.70 5.71 -10.76
N ARG B 39 15.88 5.18 -11.05
CA ARG B 39 17.13 5.81 -10.64
C ARG B 39 17.14 7.28 -11.02
N SER B 40 16.90 7.55 -12.31
CA SER B 40 16.89 8.92 -12.80
C SER B 40 15.77 9.73 -12.17
N LEU B 41 14.55 9.21 -12.25
CA LEU B 41 13.39 9.88 -11.70
C LEU B 41 13.55 10.14 -10.20
N PHE B 42 14.06 9.14 -9.48
CA PHE B 42 14.27 9.28 -8.03
C PHE B 42 15.04 10.56 -7.72
N SER B 43 16.22 10.68 -8.32
CA SER B 43 17.05 11.86 -8.12
C SER B 43 16.40 13.09 -8.75
N ARG B 44 15.47 12.87 -9.67
CA ARG B 44 14.78 13.96 -10.35
C ARG B 44 13.51 14.36 -9.62
N ALA B 45 13.05 13.52 -8.69
CA ALA B 45 11.81 13.80 -7.96
C ALA B 45 12.08 14.49 -6.63
N GLY B 46 12.17 13.70 -5.55
CA GLY B 46 12.41 14.29 -4.25
C GLY B 46 13.86 14.17 -3.82
N ILE B 47 14.60 13.28 -4.46
CA ILE B 47 16.00 13.09 -4.15
C ILE B 47 16.89 13.91 -5.05
N SER B 48 16.53 15.17 -5.24
CA SER B 48 17.29 16.07 -6.09
C SER B 48 18.50 16.62 -5.33
N GLU B 49 18.97 17.80 -5.72
CA GLU B 49 20.13 18.42 -5.10
C GLU B 49 20.11 18.26 -3.57
N ALA B 50 18.91 18.17 -3.00
CA ALA B 50 18.76 18.00 -1.55
C ALA B 50 19.29 19.20 -0.79
N GLN B 51 19.57 20.29 -1.49
CA GLN B 51 20.08 21.50 -0.86
C GLN B 51 21.46 21.25 -0.24
N LEU B 52 22.20 22.31 0.03
CA LEU B 52 23.53 22.19 0.60
C LEU B 52 23.71 23.15 1.77
N THR B 53 22.79 23.09 2.73
CA THR B 53 22.84 23.93 3.90
C THR B 53 23.67 23.26 5.00
N ASP B 54 23.04 23.00 6.14
CA ASP B 54 23.72 22.36 7.26
C ASP B 54 24.83 23.25 7.79
N ALA B 55 25.43 22.84 8.91
CA ALA B 55 26.51 23.61 9.53
C ALA B 55 25.96 24.87 10.19
N GLU B 56 24.94 24.71 11.02
CA GLU B 56 24.33 25.83 11.71
C GLU B 56 24.69 25.83 13.19
N THR B 57 24.05 24.95 13.95
CA THR B 57 24.29 24.85 15.38
C THR B 57 25.51 23.98 15.67
N SER B 58 26.55 24.58 16.25
CA SER B 58 27.77 23.86 16.58
C SER B 58 27.75 23.37 18.02
N LYS B 59 26.54 23.16 18.55
CA LYS B 59 26.38 22.67 19.91
C LYS B 59 26.90 23.70 20.92
N MET A 1 -12.32 4.66 21.30
CA MET A 1 -10.97 5.15 20.89
C MET A 1 -10.22 4.09 20.09
N GLN A 2 -10.88 3.57 19.06
CA GLN A 2 -10.28 2.55 18.20
C GLN A 2 -9.59 3.19 17.00
N THR A 3 -8.38 2.74 16.70
CA THR A 3 -7.62 3.27 15.58
C THR A 3 -6.89 2.15 14.83
N ILE A 4 -7.11 2.09 13.51
CA ILE A 4 -6.46 1.08 12.68
C ILE A 4 -5.18 1.64 12.07
N LYS A 5 -4.30 0.74 11.63
CA LYS A 5 -3.04 1.16 11.04
C LYS A 5 -2.83 0.48 9.70
N CYS A 6 -3.48 1.03 8.69
CA CYS A 6 -3.40 0.51 7.34
C CYS A 6 -2.20 1.10 6.61
N VAL A 7 -1.19 0.28 6.36
CA VAL A 7 0.02 0.72 5.68
C VAL A 7 0.19 0.00 4.35
N VAL A 8 0.51 0.76 3.31
CA VAL A 8 0.70 0.18 1.99
C VAL A 8 2.13 -0.30 1.82
N VAL A 9 2.27 -1.59 1.51
CA VAL A 9 3.58 -2.20 1.33
C VAL A 9 3.79 -2.66 -0.12
N GLY A 10 4.98 -2.41 -0.64
CA GLY A 10 5.29 -2.80 -2.01
C GLY A 10 6.43 -2.01 -2.60
N ASP A 11 7.10 -2.59 -3.59
CA ASP A 11 8.21 -1.92 -4.26
C ASP A 11 7.80 -1.41 -5.63
N GLY A 12 7.55 -0.11 -5.73
CA GLY A 12 7.15 0.48 -7.00
C GLY A 12 6.11 1.56 -6.82
N ALA A 13 5.01 1.47 -7.56
CA ALA A 13 3.93 2.45 -7.47
C ALA A 13 2.60 1.77 -7.15
N VAL A 14 2.13 0.93 -8.06
CA VAL A 14 0.88 0.20 -7.88
C VAL A 14 -0.23 1.12 -7.36
N GLY A 15 -0.19 2.39 -7.77
CA GLY A 15 -1.20 3.34 -7.35
C GLY A 15 -1.53 3.25 -5.87
N LYS A 16 -0.53 3.55 -5.02
CA LYS A 16 -0.74 3.45 -3.57
C LYS A 16 -1.81 4.44 -3.07
N THR A 17 -1.48 5.73 -3.08
CA THR A 17 -2.40 6.76 -2.57
C THR A 17 -3.63 6.92 -3.46
N CYS A 18 -3.40 7.01 -4.77
CA CYS A 18 -4.49 7.21 -5.72
C CYS A 18 -5.70 6.32 -5.39
N LEU A 19 -5.43 5.08 -5.02
CA LEU A 19 -6.50 4.16 -4.68
C LEU A 19 -7.09 4.53 -3.32
N LEU A 20 -6.23 5.01 -2.42
CA LEU A 20 -6.66 5.46 -1.11
C LEU A 20 -7.61 6.65 -1.23
N ILE A 21 -7.38 7.49 -2.23
CA ILE A 21 -8.19 8.67 -2.46
C ILE A 21 -9.61 8.28 -2.87
N SER A 22 -9.72 7.49 -3.93
CA SER A 22 -11.03 7.04 -4.41
C SER A 22 -11.75 6.18 -3.37
N TYR A 23 -11.00 5.71 -2.37
CA TYR A 23 -11.57 4.87 -1.32
C TYR A 23 -12.50 5.65 -0.41
N THR A 24 -11.96 6.72 0.20
CA THR A 24 -12.73 7.53 1.14
C THR A 24 -13.48 8.66 0.43
N THR A 25 -12.95 9.11 -0.70
CA THR A 25 -13.58 10.20 -1.44
C THR A 25 -14.49 9.69 -2.54
N ASN A 26 -14.34 8.42 -2.92
CA ASN A 26 -15.15 7.83 -3.96
C ASN A 26 -14.96 8.54 -5.29
N LYS A 27 -13.83 9.22 -5.44
CA LYS A 27 -13.53 9.95 -6.65
C LYS A 27 -12.03 9.90 -6.98
N PHE A 28 -11.72 9.51 -8.21
CA PHE A 28 -10.34 9.42 -8.66
C PHE A 28 -9.75 10.83 -8.81
N PRO A 29 -8.52 11.05 -8.29
CA PRO A 29 -7.86 12.37 -8.34
C PRO A 29 -7.57 12.82 -9.76
N SER A 30 -6.72 13.84 -9.88
CA SER A 30 -6.34 14.37 -11.18
C SER A 30 -4.91 14.87 -11.17
N GLU A 31 -4.55 15.61 -10.13
CA GLU A 31 -3.20 16.14 -9.99
C GLU A 31 -2.18 15.03 -10.07
N TYR A 32 -0.90 15.40 -10.17
CA TYR A 32 0.18 14.43 -10.25
C TYR A 32 1.35 14.84 -9.37
N VAL A 33 1.56 14.08 -8.30
CA VAL A 33 2.67 14.35 -7.38
C VAL A 33 2.88 13.19 -6.42
N PRO A 34 4.14 12.78 -6.20
CA PRO A 34 4.46 11.66 -5.31
C PRO A 34 3.99 11.91 -3.88
N THR A 35 3.14 11.01 -3.37
CA THR A 35 2.62 11.15 -2.01
C THR A 35 3.77 11.21 -1.01
N VAL A 36 4.77 10.36 -1.23
CA VAL A 36 5.93 10.29 -0.34
C VAL A 36 5.54 9.69 1.00
N PHE A 37 4.72 10.43 1.75
CA PHE A 37 4.25 9.98 3.05
C PHE A 37 3.14 10.90 3.55
N ASP A 38 1.90 10.56 3.22
CA ASP A 38 0.76 11.35 3.64
C ASP A 38 -0.15 10.54 4.54
N ASN A 39 -0.44 11.07 5.72
CA ASN A 39 -1.31 10.39 6.67
C ASN A 39 -2.68 11.03 6.72
N TYR A 40 -3.69 10.26 6.37
CA TYR A 40 -5.07 10.73 6.39
C TYR A 40 -5.85 10.00 7.46
N ALA A 41 -6.90 10.62 7.99
CA ALA A 41 -7.71 9.98 9.02
C ALA A 41 -9.17 9.93 8.60
N VAL A 42 -9.70 8.71 8.49
CA VAL A 42 -11.09 8.50 8.10
C VAL A 42 -11.92 8.09 9.32
N THR A 43 -13.18 8.50 9.31
CA THR A 43 -14.09 8.17 10.40
C THR A 43 -15.20 7.24 9.91
N VAL A 44 -15.07 5.95 10.23
CA VAL A 44 -16.03 4.96 9.80
C VAL A 44 -16.84 4.42 10.97
N MET A 45 -18.04 3.94 10.68
CA MET A 45 -18.90 3.37 11.71
C MET A 45 -18.61 1.88 11.88
N ILE A 46 -17.65 1.56 12.73
CA ILE A 46 -17.25 0.18 12.95
C ILE A 46 -17.78 -0.34 14.29
N GLY A 47 -18.37 -1.53 14.26
CA GLY A 47 -18.89 -2.12 15.48
C GLY A 47 -20.07 -1.37 16.05
N GLY A 48 -20.69 -0.52 15.23
CA GLY A 48 -21.83 0.24 15.69
C GLY A 48 -21.46 1.62 16.20
N GLU A 49 -20.15 1.87 16.36
CA GLU A 49 -19.68 3.15 16.85
C GLU A 49 -18.66 3.77 15.89
N PRO A 50 -18.60 5.10 15.83
CA PRO A 50 -17.66 5.81 14.94
C PRO A 50 -16.21 5.55 15.32
N TYR A 51 -15.45 5.04 14.37
CA TYR A 51 -14.03 4.74 14.59
C TYR A 51 -13.15 5.74 13.83
N THR A 52 -11.84 5.50 13.87
CA THR A 52 -10.90 6.38 13.18
C THR A 52 -9.87 5.55 12.42
N LEU A 53 -10.08 5.42 11.12
CA LEU A 53 -9.18 4.64 10.27
C LEU A 53 -7.84 5.35 10.10
N GLY A 54 -6.77 4.65 10.44
CA GLY A 54 -5.44 5.20 10.27
C GLY A 54 -4.87 4.86 8.91
N LEU A 55 -5.00 5.78 7.97
CA LEU A 55 -4.51 5.56 6.61
C LEU A 55 -3.04 5.93 6.49
N PHE A 56 -2.23 5.00 5.95
CA PHE A 56 -0.81 5.24 5.78
C PHE A 56 -0.37 4.91 4.36
N ASP A 57 0.50 5.75 3.82
CA ASP A 57 1.02 5.56 2.46
C ASP A 57 2.53 5.66 2.44
N THR A 58 3.19 4.59 1.99
CA THR A 58 4.65 4.56 1.91
C THR A 58 5.14 5.03 0.55
N ALA A 59 6.37 5.52 0.51
CA ALA A 59 6.96 6.01 -0.74
C ALA A 59 7.36 4.84 -1.64
N GLY A 60 8.33 4.05 -1.17
CA GLY A 60 8.79 2.92 -1.95
C GLY A 60 9.90 3.30 -2.91
N GLN A 61 10.01 2.56 -4.01
CA GLN A 61 11.03 2.82 -5.01
C GLN A 61 12.43 2.57 -4.46
N GLU A 62 12.51 1.77 -3.39
CA GLU A 62 13.78 1.41 -2.77
C GLU A 62 14.46 2.61 -2.12
N ASP A 63 14.76 3.63 -2.92
CA ASP A 63 15.45 4.82 -2.44
C ASP A 63 14.84 5.34 -1.14
N TYR A 64 13.55 5.09 -0.95
CA TYR A 64 12.86 5.56 0.24
C TYR A 64 12.70 4.44 1.27
N ASP A 65 13.55 3.42 1.16
CA ASP A 65 13.51 2.30 2.09
C ASP A 65 14.01 2.70 3.47
N ARG A 66 14.82 3.76 3.51
CA ARG A 66 15.38 4.24 4.76
C ARG A 66 14.29 4.74 5.71
N LEU A 67 13.41 5.59 5.19
CA LEU A 67 12.34 6.15 6.01
C LEU A 67 11.00 5.46 5.73
N ARG A 68 11.05 4.27 5.14
CA ARG A 68 9.85 3.52 4.81
C ARG A 68 9.27 2.78 6.03
N PRO A 69 10.08 1.94 6.71
CA PRO A 69 9.61 1.16 7.86
C PRO A 69 9.26 2.02 9.07
N LEU A 70 9.55 3.31 8.99
CA LEU A 70 9.24 4.22 10.10
C LEU A 70 7.79 4.09 10.53
N SER A 71 6.94 3.66 9.59
CA SER A 71 5.51 3.51 9.86
C SER A 71 5.15 2.05 10.15
N TYR A 72 6.17 1.20 10.33
CA TYR A 72 5.93 -0.21 10.60
C TYR A 72 5.71 -0.46 12.09
N PRO A 73 6.56 0.11 12.96
CA PRO A 73 6.44 -0.06 14.41
C PRO A 73 5.00 0.06 14.89
N GLN A 74 4.26 0.98 14.28
CA GLN A 74 2.86 1.20 14.63
C GLN A 74 1.96 0.78 13.47
N THR A 75 1.84 -0.52 13.24
CA THR A 75 1.02 -1.03 12.16
C THR A 75 0.17 -2.22 12.62
N ASP A 76 -0.93 -2.45 11.93
CA ASP A 76 -1.82 -3.55 12.24
C ASP A 76 -1.92 -4.48 11.05
N VAL A 77 -2.48 -3.97 9.95
CA VAL A 77 -2.60 -4.74 8.73
C VAL A 77 -1.56 -4.29 7.70
N PHE A 78 -1.52 -4.98 6.56
CA PHE A 78 -0.56 -4.64 5.51
C PHE A 78 -1.20 -4.77 4.14
N LEU A 79 -1.03 -3.74 3.31
CA LEU A 79 -1.59 -3.75 1.97
C LEU A 79 -0.52 -4.10 0.93
N VAL A 80 -0.48 -5.36 0.54
CA VAL A 80 0.49 -5.82 -0.45
C VAL A 80 -0.08 -5.68 -1.86
N CYS A 81 0.08 -4.51 -2.44
CA CYS A 81 -0.41 -4.25 -3.79
C CYS A 81 0.62 -4.67 -4.82
N PHE A 82 0.32 -5.73 -5.58
CA PHE A 82 1.24 -6.23 -6.58
C PHE A 82 0.58 -6.25 -7.96
N SER A 83 1.29 -5.73 -8.95
CA SER A 83 0.79 -5.69 -10.31
C SER A 83 0.35 -7.07 -10.78
N VAL A 84 -0.91 -7.18 -11.20
CA VAL A 84 -1.46 -8.45 -11.66
C VAL A 84 -0.79 -8.89 -12.97
N VAL A 85 -0.44 -7.91 -13.81
CA VAL A 85 0.17 -8.20 -15.09
C VAL A 85 1.70 -8.20 -15.00
N SER A 86 2.22 -8.65 -13.87
CA SER A 86 3.67 -8.71 -13.67
C SER A 86 4.04 -9.88 -12.76
N PRO A 87 4.08 -11.10 -13.31
CA PRO A 87 4.43 -12.29 -12.54
C PRO A 87 5.68 -12.09 -11.69
N SER A 88 6.57 -11.22 -12.15
CA SER A 88 7.82 -10.94 -11.43
C SER A 88 7.53 -10.36 -10.05
N SER A 89 6.60 -9.42 -9.99
CA SER A 89 6.22 -8.82 -8.73
C SER A 89 5.55 -9.86 -7.84
N PHE A 90 4.64 -10.63 -8.45
CA PHE A 90 3.93 -11.68 -7.74
C PHE A 90 4.90 -12.71 -7.20
N GLU A 91 5.87 -13.09 -8.02
CA GLU A 91 6.89 -14.05 -7.60
C GLU A 91 7.62 -13.54 -6.36
N ASN A 92 7.67 -12.21 -6.23
CA ASN A 92 8.31 -11.59 -5.08
C ASN A 92 7.31 -11.45 -3.95
N VAL A 93 6.06 -11.21 -4.32
CA VAL A 93 5.00 -11.09 -3.35
C VAL A 93 4.95 -12.31 -2.45
N LYS A 94 5.08 -13.48 -3.06
CA LYS A 94 5.11 -14.72 -2.31
C LYS A 94 6.45 -14.91 -1.61
N GLU A 95 7.47 -14.23 -2.10
CA GLU A 95 8.81 -14.32 -1.52
C GLU A 95 9.54 -12.99 -1.57
N LYS A 96 9.07 -12.02 -0.80
CA LYS A 96 9.69 -10.69 -0.77
C LYS A 96 8.78 -9.67 -0.06
N TRP A 97 7.54 -9.57 -0.52
CA TRP A 97 6.60 -8.62 0.05
C TRP A 97 6.17 -9.04 1.46
N VAL A 98 5.74 -10.29 1.58
CA VAL A 98 5.30 -10.82 2.88
C VAL A 98 6.47 -11.03 3.84
N PRO A 99 7.45 -11.89 3.47
CA PRO A 99 8.60 -12.18 4.33
C PRO A 99 9.18 -10.93 4.97
N GLU A 100 9.15 -9.82 4.22
CA GLU A 100 9.68 -8.56 4.72
C GLU A 100 8.90 -8.09 5.94
N ILE A 101 7.60 -8.42 5.98
CA ILE A 101 6.76 -8.03 7.10
C ILE A 101 6.85 -9.03 8.24
N THR A 102 6.90 -10.32 7.89
CA THR A 102 6.98 -11.38 8.88
C THR A 102 8.14 -11.16 9.83
N HIS A 103 9.21 -10.56 9.33
CA HIS A 103 10.39 -10.29 10.15
C HIS A 103 10.07 -9.26 11.23
N HIS A 104 9.20 -8.31 10.90
CA HIS A 104 8.80 -7.28 11.83
C HIS A 104 7.61 -7.71 12.68
N CYS A 105 6.69 -8.44 12.05
CA CYS A 105 5.50 -8.92 12.73
C CYS A 105 4.84 -10.05 11.95
N PRO A 106 5.18 -11.31 12.28
CA PRO A 106 4.63 -12.48 11.59
C PRO A 106 3.23 -12.85 12.06
N LYS A 107 2.65 -12.02 12.94
CA LYS A 107 1.32 -12.27 13.45
C LYS A 107 0.32 -11.24 12.93
N THR A 108 0.81 -10.03 12.71
CA THR A 108 -0.04 -8.94 12.22
C THR A 108 -0.80 -9.34 10.97
N PRO A 109 -2.07 -8.90 10.85
CA PRO A 109 -2.91 -9.19 9.67
C PRO A 109 -2.25 -8.76 8.37
N PHE A 110 -2.49 -9.53 7.30
CA PHE A 110 -1.91 -9.22 6.01
C PHE A 110 -2.97 -9.18 4.90
N LEU A 111 -3.28 -7.98 4.44
CA LEU A 111 -4.24 -7.79 3.36
C LEU A 111 -3.54 -7.90 2.01
N LEU A 112 -3.94 -8.90 1.21
CA LEU A 112 -3.33 -9.11 -0.10
C LEU A 112 -4.10 -8.36 -1.18
N VAL A 113 -3.46 -7.38 -1.80
CA VAL A 113 -4.10 -6.58 -2.83
C VAL A 113 -3.45 -6.80 -4.20
N GLY A 114 -4.28 -6.83 -5.23
CA GLY A 114 -3.79 -7.00 -6.59
C GLY A 114 -4.20 -5.83 -7.47
N THR A 115 -3.23 -4.98 -7.82
CA THR A 115 -3.51 -3.79 -8.61
C THR A 115 -3.19 -4.02 -10.10
N GLN A 116 -3.49 -3.02 -10.92
CA GLN A 116 -3.25 -3.10 -12.36
C GLN A 116 -4.32 -3.95 -13.05
N ILE A 117 -5.58 -3.67 -12.73
CA ILE A 117 -6.70 -4.39 -13.33
C ILE A 117 -7.06 -3.80 -14.68
N ASP A 118 -7.02 -2.47 -14.77
CA ASP A 118 -7.35 -1.77 -16.02
C ASP A 118 -6.62 -2.40 -17.20
N LEU A 119 -5.48 -3.02 -16.93
CA LEU A 119 -4.71 -3.70 -17.95
C LEU A 119 -5.24 -5.10 -18.16
N ARG A 120 -5.51 -5.79 -17.06
CA ARG A 120 -6.03 -7.15 -17.12
C ARG A 120 -7.30 -7.21 -17.96
N ASP A 121 -8.00 -6.08 -18.04
CA ASP A 121 -9.22 -6.00 -18.83
C ASP A 121 -8.97 -5.22 -20.13
N ASP A 122 -7.70 -4.97 -20.45
CA ASP A 122 -7.35 -4.24 -21.65
C ASP A 122 -6.67 -5.16 -22.66
N PRO A 123 -7.45 -5.74 -23.59
CA PRO A 123 -6.93 -6.64 -24.61
C PRO A 123 -5.66 -6.09 -25.28
N SER A 124 -5.56 -4.77 -25.32
CA SER A 124 -4.40 -4.12 -25.93
C SER A 124 -3.13 -4.49 -25.19
N THR A 125 -3.24 -4.72 -23.89
CA THR A 125 -2.11 -5.10 -23.08
C THR A 125 -2.04 -6.62 -22.94
N ILE A 126 -3.19 -7.22 -22.65
CA ILE A 126 -3.28 -8.66 -22.53
C ILE A 126 -2.79 -9.34 -23.80
N GLU A 127 -3.06 -8.70 -24.93
CA GLU A 127 -2.62 -9.22 -26.21
C GLU A 127 -1.16 -8.84 -26.48
N LYS A 128 -0.72 -7.75 -25.87
CA LYS A 128 0.65 -7.27 -26.03
C LYS A 128 1.65 -8.25 -25.41
N LEU A 129 1.34 -8.72 -24.21
CA LEU A 129 2.23 -9.68 -23.54
C LEU A 129 1.84 -11.10 -23.87
N ALA A 130 0.58 -11.29 -24.25
CA ALA A 130 0.11 -12.60 -24.65
C ALA A 130 1.08 -13.24 -25.65
N LYS A 131 1.84 -12.39 -26.35
CA LYS A 131 2.83 -12.85 -27.31
C LYS A 131 4.25 -12.80 -26.72
N ASN A 132 4.43 -11.96 -25.69
CA ASN A 132 5.74 -11.83 -25.04
C ASN A 132 5.90 -12.80 -23.87
N LYS A 133 4.80 -13.49 -23.51
CA LYS A 133 4.82 -14.54 -22.48
C LYS A 133 4.55 -14.00 -21.09
N GLN A 134 3.96 -12.82 -21.03
CA GLN A 134 3.55 -12.24 -19.75
C GLN A 134 2.04 -12.42 -19.61
N LYS A 135 1.57 -12.65 -18.39
CA LYS A 135 0.14 -12.85 -18.17
C LYS A 135 -0.32 -12.26 -16.84
N PRO A 136 -1.62 -11.94 -16.73
CA PRO A 136 -2.20 -11.38 -15.50
C PRO A 136 -2.45 -12.46 -14.45
N ILE A 137 -1.92 -12.25 -13.26
CA ILE A 137 -2.08 -13.21 -12.17
C ILE A 137 -3.56 -13.43 -11.87
N THR A 138 -3.99 -14.69 -11.87
CA THR A 138 -5.38 -15.04 -11.60
C THR A 138 -5.71 -14.80 -10.13
N PRO A 139 -7.00 -14.56 -9.83
CA PRO A 139 -7.45 -14.33 -8.45
C PRO A 139 -7.23 -15.54 -7.56
N GLU A 140 -7.22 -16.72 -8.16
CA GLU A 140 -7.01 -17.96 -7.42
C GLU A 140 -5.53 -18.16 -7.10
N THR A 141 -4.68 -17.87 -8.08
CA THR A 141 -3.24 -18.00 -7.91
C THR A 141 -2.76 -17.12 -6.75
N ALA A 142 -3.35 -15.93 -6.64
CA ALA A 142 -3.00 -15.01 -5.58
C ALA A 142 -3.57 -15.47 -4.25
N GLU A 143 -4.84 -15.89 -4.28
CA GLU A 143 -5.51 -16.37 -3.08
C GLU A 143 -4.71 -17.49 -2.44
N LYS A 144 -4.09 -18.33 -3.28
CA LYS A 144 -3.28 -19.42 -2.80
C LYS A 144 -2.21 -18.93 -1.84
N LEU A 145 -1.57 -17.81 -2.21
CA LEU A 145 -0.56 -17.20 -1.36
C LEU A 145 -1.21 -16.59 -0.13
N ALA A 146 -2.28 -15.83 -0.36
CA ALA A 146 -3.02 -15.21 0.72
C ALA A 146 -3.39 -16.23 1.79
N ARG A 147 -3.52 -17.49 1.37
CA ARG A 147 -3.87 -18.56 2.28
C ARG A 147 -2.62 -19.28 2.77
N ASP A 148 -1.60 -19.32 1.92
CA ASP A 148 -0.34 -19.98 2.25
C ASP A 148 0.46 -19.12 3.22
N LEU A 149 0.27 -17.81 3.13
CA LEU A 149 0.97 -16.87 3.99
C LEU A 149 0.10 -16.41 5.16
N LYS A 150 -0.98 -17.15 5.42
CA LYS A 150 -1.89 -16.81 6.51
C LYS A 150 -2.51 -15.43 6.33
N ALA A 151 -2.50 -14.93 5.10
CA ALA A 151 -3.07 -13.62 4.80
C ALA A 151 -4.53 -13.56 5.27
N VAL A 152 -4.94 -12.38 5.74
CA VAL A 152 -6.30 -12.20 6.23
C VAL A 152 -7.32 -12.42 5.12
N LYS A 153 -6.93 -12.12 3.89
CA LYS A 153 -7.82 -12.30 2.74
C LYS A 153 -7.20 -11.70 1.48
N TYR A 154 -7.59 -12.24 0.32
CA TYR A 154 -7.08 -11.77 -0.95
C TYR A 154 -8.10 -10.84 -1.63
N VAL A 155 -7.61 -9.71 -2.13
CA VAL A 155 -8.48 -8.74 -2.80
C VAL A 155 -7.77 -8.10 -3.99
N GLU A 156 -8.56 -7.61 -4.95
CA GLU A 156 -8.02 -6.96 -6.14
C GLU A 156 -8.68 -5.60 -6.34
N CYS A 157 -7.89 -4.61 -6.74
CA CYS A 157 -8.44 -3.27 -6.95
C CYS A 157 -7.50 -2.36 -7.74
N SER A 158 -8.11 -1.42 -8.46
CA SER A 158 -7.39 -0.43 -9.23
C SER A 158 -8.01 0.95 -8.98
N ALA A 159 -7.22 2.00 -9.10
CA ALA A 159 -7.73 3.33 -8.82
C ALA A 159 -8.30 4.01 -10.07
N LEU A 160 -8.11 3.39 -11.23
CA LEU A 160 -8.63 3.93 -12.47
C LEU A 160 -10.12 3.63 -12.61
N THR A 161 -10.47 2.36 -12.43
CA THR A 161 -11.86 1.94 -12.55
C THR A 161 -12.52 1.80 -11.18
N GLN A 162 -11.70 1.68 -10.14
CA GLN A 162 -12.20 1.54 -8.77
C GLN A 162 -12.81 0.16 -8.54
N LYS A 163 -12.42 -0.81 -9.37
CA LYS A 163 -12.92 -2.17 -9.26
C LYS A 163 -12.63 -2.73 -7.86
N GLY A 164 -13.68 -2.87 -7.05
CA GLY A 164 -13.51 -3.39 -5.71
C GLY A 164 -12.50 -2.61 -4.89
N LEU A 165 -12.24 -1.36 -5.31
CA LEU A 165 -11.30 -0.50 -4.63
C LEU A 165 -11.71 -0.26 -3.18
N LYS A 166 -12.74 0.55 -3.00
CA LYS A 166 -13.24 0.88 -1.67
C LYS A 166 -13.53 -0.37 -0.87
N ASN A 167 -13.94 -1.42 -1.57
CA ASN A 167 -14.26 -2.69 -0.93
C ASN A 167 -13.04 -3.30 -0.26
N VAL A 168 -11.90 -3.23 -0.92
CA VAL A 168 -10.65 -3.78 -0.38
C VAL A 168 -10.34 -3.21 1.00
N PHE A 169 -10.30 -1.89 1.09
CA PHE A 169 -9.98 -1.23 2.35
C PHE A 169 -10.88 -1.74 3.47
N ASP A 170 -12.12 -2.03 3.12
CA ASP A 170 -13.09 -2.55 4.10
C ASP A 170 -12.57 -3.85 4.69
N GLU A 171 -11.82 -4.60 3.90
CA GLU A 171 -11.26 -5.87 4.34
C GLU A 171 -9.98 -5.67 5.16
N ALA A 172 -9.19 -4.67 4.76
CA ALA A 172 -7.96 -4.36 5.47
C ALA A 172 -8.24 -4.03 6.94
N ILE A 173 -8.99 -2.96 7.16
CA ILE A 173 -9.38 -2.55 8.51
C ILE A 173 -9.98 -3.72 9.26
N LEU A 174 -10.93 -4.39 8.61
CA LEU A 174 -11.58 -5.56 9.19
C LEU A 174 -10.54 -6.58 9.63
N ALA A 175 -9.40 -6.60 8.94
CA ALA A 175 -8.33 -7.53 9.26
C ALA A 175 -7.36 -6.91 10.27
N ALA A 176 -7.03 -5.65 10.07
CA ALA A 176 -6.11 -4.94 10.96
C ALA A 176 -6.48 -5.14 12.41
N LEU A 177 -7.75 -4.92 12.73
CA LEU A 177 -8.24 -5.05 14.10
C LEU A 177 -8.40 -6.53 14.49
N GLU A 178 -9.06 -6.77 15.62
CA GLU A 178 -9.25 -8.12 16.13
C GLU A 178 -10.36 -8.15 17.18
N PRO A 179 -10.90 -9.34 17.49
CA PRO A 179 -11.94 -9.49 18.51
C PRO A 179 -11.67 -8.66 19.75
N LYS B 1 -16.82 -7.06 22.78
CA LYS B 1 -15.95 -7.66 21.72
C LYS B 1 -15.46 -6.59 20.75
N LYS B 2 -14.40 -6.90 20.01
CA LYS B 2 -13.85 -5.96 19.04
C LYS B 2 -13.74 -6.58 17.65
N LYS B 3 -14.58 -7.57 17.40
CA LYS B 3 -14.62 -8.26 16.11
C LYS B 3 -15.26 -7.40 15.04
N ILE B 4 -14.45 -7.09 14.06
CA ILE B 4 -14.91 -6.37 12.90
C ILE B 4 -15.46 -7.37 11.91
N SER B 5 -16.45 -6.97 11.16
CA SER B 5 -17.00 -7.87 10.18
C SER B 5 -17.06 -7.19 8.81
N LYS B 6 -17.82 -7.77 7.89
CA LYS B 6 -17.95 -7.20 6.55
C LYS B 6 -19.03 -6.11 6.53
N ALA B 7 -20.05 -6.27 7.37
CA ALA B 7 -21.15 -5.32 7.44
C ALA B 7 -20.97 -4.31 8.56
N ASP B 8 -19.89 -4.44 9.32
CA ASP B 8 -19.65 -3.54 10.45
C ASP B 8 -19.10 -2.19 9.99
N ILE B 9 -17.89 -2.19 9.44
CA ILE B 9 -17.29 -0.95 8.97
C ILE B 9 -18.24 -0.16 8.08
N GLY B 10 -18.94 0.79 8.68
CA GLY B 10 -19.89 1.59 7.91
C GLY B 10 -19.22 2.35 6.78
N ALA B 11 -19.84 3.44 6.36
CA ALA B 11 -19.29 4.25 5.28
C ALA B 11 -18.29 5.26 5.83
N PRO B 12 -17.08 5.35 5.24
CA PRO B 12 -16.05 6.27 5.70
C PRO B 12 -16.44 7.73 5.46
N SER B 13 -15.78 8.65 6.16
CA SER B 13 -16.07 10.06 6.03
C SER B 13 -15.16 10.90 6.92
N GLY B 14 -15.33 12.20 6.88
CA GLY B 14 -14.52 13.09 7.68
C GLY B 14 -13.05 12.97 7.37
N PHE B 15 -12.72 12.83 6.07
CA PHE B 15 -11.34 12.72 5.63
C PHE B 15 -10.46 13.76 6.32
N LYS B 16 -9.49 13.28 7.10
CA LYS B 16 -8.64 14.18 7.87
C LYS B 16 -7.20 14.14 7.38
N HIS B 17 -6.76 15.27 6.81
CA HIS B 17 -5.39 15.39 6.34
C HIS B 17 -4.46 15.58 7.53
N VAL B 18 -4.03 14.47 8.12
CA VAL B 18 -3.20 14.51 9.31
C VAL B 18 -1.77 14.97 8.99
N SER B 19 -1.15 14.32 8.01
CA SER B 19 0.20 14.66 7.59
C SER B 19 0.27 14.88 6.08
N HIS B 20 1.35 15.51 5.63
CA HIS B 20 1.52 15.78 4.20
C HIS B 20 2.99 15.96 3.84
N VAL B 21 3.53 14.98 3.12
CA VAL B 21 4.92 15.03 2.68
C VAL B 21 4.98 15.18 1.15
N GLY B 22 5.61 16.26 0.71
CA GLY B 22 5.70 16.52 -0.72
C GLY B 22 7.13 16.60 -1.23
N TRP B 23 7.56 15.56 -1.94
CA TRP B 23 8.91 15.52 -2.50
C TRP B 23 8.91 16.01 -3.94
N ASP B 24 9.09 17.32 -4.11
CA ASP B 24 9.12 17.92 -5.44
C ASP B 24 10.42 17.54 -6.16
N PRO B 25 10.34 17.09 -7.42
CA PRO B 25 11.52 16.72 -8.19
C PRO B 25 12.50 17.88 -8.35
N GLN B 26 12.02 19.10 -8.11
CA GLN B 26 12.86 20.28 -8.23
C GLN B 26 13.09 20.94 -6.88
N ASN B 27 12.02 21.15 -6.13
CA ASN B 27 12.09 21.81 -4.82
C ASN B 27 12.33 20.80 -3.69
N GLY B 28 12.84 19.62 -4.04
CA GLY B 28 13.10 18.61 -3.04
C GLY B 28 11.89 18.36 -2.14
N PHE B 29 12.15 18.04 -0.88
CA PHE B 29 11.08 17.76 0.07
C PHE B 29 10.36 19.05 0.46
N ASP B 30 9.06 18.92 0.71
CA ASP B 30 8.23 20.07 1.10
C ASP B 30 7.32 19.69 2.25
N VAL B 31 7.86 18.98 3.23
CA VAL B 31 7.11 18.55 4.39
C VAL B 31 6.66 19.76 5.22
N ASN B 32 5.35 19.86 5.45
CA ASN B 32 4.79 20.98 6.20
C ASN B 32 4.28 20.52 7.56
N ASN B 33 3.68 19.32 7.60
CA ASN B 33 3.13 18.78 8.84
C ASN B 33 3.44 17.31 8.99
N LEU B 34 4.71 16.99 9.24
CA LEU B 34 5.11 15.60 9.45
C LEU B 34 4.84 15.18 10.89
N ASP B 35 4.89 13.89 11.16
CA ASP B 35 4.64 13.39 12.51
C ASP B 35 5.77 13.81 13.45
N PRO B 36 5.50 13.88 14.76
CA PRO B 36 6.50 14.27 15.76
C PRO B 36 7.66 13.28 15.83
N ASP B 37 7.32 12.00 16.02
CA ASP B 37 8.34 10.96 16.11
C ASP B 37 8.97 10.71 14.75
N LEU B 38 8.14 10.64 13.71
CA LEU B 38 8.61 10.40 12.36
C LEU B 38 9.54 11.53 11.92
N ARG B 39 9.33 12.71 12.47
CA ARG B 39 10.15 13.87 12.14
C ARG B 39 11.62 13.58 12.39
N SER B 40 11.93 13.07 13.59
CA SER B 40 13.29 12.73 13.96
C SER B 40 13.80 11.55 13.14
N LEU B 41 12.89 10.62 12.83
CA LEU B 41 13.24 9.45 12.06
C LEU B 41 13.40 9.79 10.58
N PHE B 42 12.73 10.85 10.15
CA PHE B 42 12.81 11.28 8.74
C PHE B 42 14.23 11.71 8.39
N SER B 43 14.64 12.86 8.94
CA SER B 43 15.98 13.37 8.69
C SER B 43 17.02 12.32 9.07
N ARG B 44 16.63 11.39 9.93
CA ARG B 44 17.51 10.32 10.38
C ARG B 44 17.41 9.09 9.48
N ALA B 45 16.34 9.01 8.69
CA ALA B 45 16.12 7.86 7.83
C ALA B 45 16.70 8.05 6.43
N GLY B 46 15.89 8.56 5.50
CA GLY B 46 16.35 8.72 4.14
C GLY B 46 16.69 10.15 3.80
N ILE B 47 16.23 11.09 4.63
CA ILE B 47 16.51 12.50 4.40
C ILE B 47 17.76 12.93 5.14
N SER B 48 18.79 12.09 5.08
CA SER B 48 20.06 12.37 5.71
C SER B 48 20.95 13.16 4.75
N GLU B 49 22.26 12.93 4.80
CA GLU B 49 23.19 13.62 3.92
C GLU B 49 22.71 13.59 2.47
N ALA B 50 21.87 12.62 2.12
CA ALA B 50 21.34 12.49 0.77
C ALA B 50 22.40 11.92 -0.18
N GLN B 51 21.97 10.99 -1.02
CA GLN B 51 22.87 10.35 -1.99
C GLN B 51 23.93 9.52 -1.29
N LEU B 52 24.44 8.51 -1.99
CA LEU B 52 25.47 7.63 -1.45
C LEU B 52 26.85 8.08 -1.89
N THR B 53 27.78 8.15 -0.93
CA THR B 53 29.14 8.56 -1.22
C THR B 53 30.16 7.49 -0.87
N ASP B 54 29.67 6.32 -0.53
CA ASP B 54 30.52 5.20 -0.17
C ASP B 54 31.35 4.73 -1.35
N ALA B 55 31.98 3.56 -1.21
CA ALA B 55 32.80 3.00 -2.27
C ALA B 55 34.01 3.90 -2.56
N GLU B 56 34.97 3.37 -3.32
CA GLU B 56 36.16 4.12 -3.66
C GLU B 56 36.61 3.83 -5.09
N THR B 57 36.77 2.54 -5.41
CA THR B 57 37.18 2.13 -6.74
C THR B 57 36.00 2.11 -7.70
N SER B 58 36.24 2.56 -8.93
CA SER B 58 35.20 2.59 -9.95
C SER B 58 34.07 3.53 -9.55
N LYS B 59 33.34 4.02 -10.55
CA LYS B 59 32.24 4.94 -10.31
C LYS B 59 31.07 4.63 -11.24
N MET A 1 13.98 -8.10 -15.72
CA MET A 1 13.17 -7.93 -16.96
C MET A 1 11.89 -7.17 -16.69
N GLN A 2 10.90 -7.85 -16.11
CA GLN A 2 9.62 -7.23 -15.79
C GLN A 2 9.54 -6.87 -14.31
N THR A 3 8.92 -5.74 -14.02
CA THR A 3 8.78 -5.28 -12.65
C THR A 3 7.43 -4.61 -12.42
N ILE A 4 6.77 -4.96 -11.32
CA ILE A 4 5.47 -4.39 -10.99
C ILE A 4 5.63 -3.19 -10.05
N LYS A 5 4.99 -2.08 -10.41
CA LYS A 5 5.03 -0.89 -9.58
C LYS A 5 3.84 -0.87 -8.65
N CYS A 6 3.94 -1.62 -7.56
CA CYS A 6 2.86 -1.71 -6.58
C CYS A 6 2.96 -0.61 -5.54
N VAL A 7 1.92 0.19 -5.44
CA VAL A 7 1.87 1.28 -4.48
C VAL A 7 0.58 1.22 -3.67
N VAL A 8 0.71 1.22 -2.35
CA VAL A 8 -0.46 1.15 -1.48
C VAL A 8 -1.03 2.54 -1.23
N VAL A 9 -2.34 2.60 -1.03
CA VAL A 9 -3.03 3.85 -0.80
C VAL A 9 -4.25 3.66 0.09
N GLY A 10 -4.18 4.18 1.31
CA GLY A 10 -5.29 4.05 2.24
C GLY A 10 -5.52 5.30 3.05
N ASP A 11 -6.61 5.33 3.81
CA ASP A 11 -6.95 6.47 4.63
C ASP A 11 -6.32 6.36 6.01
N GLY A 12 -5.69 7.45 6.47
CA GLY A 12 -5.06 7.46 7.77
C GLY A 12 -4.20 6.25 8.02
N ALA A 13 -4.76 5.25 8.69
CA ALA A 13 -4.03 4.03 9.00
C ALA A 13 -4.93 2.80 8.86
N VAL A 14 -4.42 1.77 8.18
CA VAL A 14 -5.17 0.54 8.00
C VAL A 14 -4.30 -0.68 8.28
N GLY A 15 -3.13 -0.72 7.65
CA GLY A 15 -2.23 -1.84 7.86
C GLY A 15 -1.54 -2.29 6.58
N LYS A 16 -1.16 -1.32 5.73
CA LYS A 16 -0.49 -1.62 4.48
C LYS A 16 0.99 -1.90 4.70
N THR A 17 1.54 -1.29 5.75
CA THR A 17 2.95 -1.46 6.08
C THR A 17 3.16 -2.71 6.91
N CYS A 18 2.37 -2.87 7.96
CA CYS A 18 2.48 -4.02 8.84
C CYS A 18 2.32 -5.33 8.06
N LEU A 19 1.60 -5.27 6.95
CA LEU A 19 1.36 -6.44 6.13
C LEU A 19 2.52 -6.63 5.14
N LEU A 20 3.00 -5.54 4.57
CA LEU A 20 4.12 -5.60 3.63
C LEU A 20 5.30 -6.35 4.23
N ILE A 21 5.50 -6.17 5.54
CA ILE A 21 6.59 -6.83 6.24
C ILE A 21 6.27 -8.30 6.48
N SER A 22 5.03 -8.57 6.90
CA SER A 22 4.60 -9.94 7.16
C SER A 22 4.40 -10.72 5.86
N TYR A 23 4.52 -10.05 4.72
CA TYR A 23 4.35 -10.71 3.43
C TYR A 23 5.69 -11.03 2.79
N THR A 24 6.69 -10.17 3.04
CA THR A 24 8.02 -10.37 2.47
C THR A 24 8.94 -11.06 3.46
N THR A 25 8.74 -10.79 4.75
CA THR A 25 9.56 -11.38 5.80
C THR A 25 8.80 -12.47 6.56
N ASN A 26 7.47 -12.48 6.41
CA ASN A 26 6.63 -13.46 7.09
C ASN A 26 6.58 -13.20 8.60
N LYS A 27 6.93 -11.98 9.00
CA LYS A 27 6.90 -11.61 10.41
C LYS A 27 6.02 -10.40 10.63
N PHE A 28 5.50 -10.26 11.85
CA PHE A 28 4.63 -9.14 12.19
C PHE A 28 5.32 -8.18 13.17
N PRO A 29 5.86 -7.06 12.67
CA PRO A 29 6.53 -6.06 13.51
C PRO A 29 5.54 -5.26 14.34
N SER A 30 6.02 -4.70 15.45
CA SER A 30 5.17 -3.91 16.34
C SER A 30 5.45 -2.42 16.20
N GLU A 31 6.60 -2.08 15.62
CA GLU A 31 6.98 -0.69 15.45
C GLU A 31 5.88 0.10 14.72
N TYR A 32 5.62 1.32 15.19
CA TYR A 32 4.61 2.18 14.61
C TYR A 32 5.18 3.58 14.35
N VAL A 33 5.44 3.89 13.09
CA VAL A 33 6.00 5.19 12.72
C VAL A 33 6.45 5.18 11.25
N PRO A 34 7.22 4.16 10.83
CA PRO A 34 7.74 4.06 9.47
C PRO A 34 6.67 4.33 8.41
N THR A 35 6.76 5.51 7.80
CA THR A 35 5.83 5.91 6.75
C THR A 35 6.27 7.22 6.11
N VAL A 36 6.92 7.11 4.96
CA VAL A 36 7.39 8.26 4.21
C VAL A 36 7.63 7.86 2.76
N PHE A 37 8.56 6.92 2.58
CA PHE A 37 8.87 6.38 1.27
C PHE A 37 9.81 5.19 1.41
N ASP A 38 9.23 4.00 1.52
CA ASP A 38 10.01 2.78 1.67
C ASP A 38 9.87 1.91 0.43
N ASN A 39 10.97 1.74 -0.29
CA ASN A 39 10.97 0.94 -1.50
C ASN A 39 11.65 -0.41 -1.29
N TYR A 40 10.89 -1.48 -1.46
CA TYR A 40 11.42 -2.83 -1.33
C TYR A 40 11.20 -3.60 -2.63
N ALA A 41 12.06 -4.57 -2.90
CA ALA A 41 11.92 -5.36 -4.12
C ALA A 41 11.85 -6.84 -3.81
N VAL A 42 10.73 -7.47 -4.17
CA VAL A 42 10.53 -8.89 -3.94
C VAL A 42 10.73 -9.68 -5.24
N THR A 43 11.35 -10.84 -5.12
CA THR A 43 11.58 -11.70 -6.27
C THR A 43 10.60 -12.86 -6.29
N VAL A 44 9.69 -12.84 -7.25
CA VAL A 44 8.69 -13.89 -7.37
C VAL A 44 8.72 -14.54 -8.75
N MET A 45 8.18 -15.75 -8.85
CA MET A 45 8.14 -16.46 -10.11
C MET A 45 6.85 -16.13 -10.87
N ILE A 46 6.90 -15.08 -11.67
CA ILE A 46 5.74 -14.65 -12.45
C ILE A 46 5.89 -15.03 -13.92
N GLY A 47 5.00 -15.89 -14.39
CA GLY A 47 5.04 -16.31 -15.78
C GLY A 47 6.11 -17.36 -16.04
N GLY A 48 6.61 -17.97 -14.97
CA GLY A 48 7.64 -18.99 -15.10
C GLY A 48 9.03 -18.41 -15.18
N GLU A 49 9.18 -17.13 -14.80
CA GLU A 49 10.48 -16.48 -14.82
C GLU A 49 10.67 -15.60 -13.59
N PRO A 50 11.93 -15.44 -13.14
CA PRO A 50 12.24 -14.61 -11.96
C PRO A 50 11.87 -13.15 -12.16
N TYR A 51 10.75 -12.74 -11.59
CA TYR A 51 10.29 -11.37 -11.69
C TYR A 51 10.66 -10.57 -10.44
N THR A 52 10.28 -9.30 -10.42
CA THR A 52 10.57 -8.44 -9.28
C THR A 52 9.39 -7.54 -8.96
N LEU A 53 8.80 -7.74 -7.79
CA LEU A 53 7.65 -6.95 -7.36
C LEU A 53 8.10 -5.63 -6.74
N GLY A 54 7.48 -4.54 -7.20
CA GLY A 54 7.84 -3.22 -6.68
C GLY A 54 6.98 -2.82 -5.49
N LEU A 55 7.54 -2.97 -4.29
CA LEU A 55 6.83 -2.62 -3.06
C LEU A 55 7.00 -1.14 -2.74
N PHE A 56 5.88 -0.45 -2.52
CA PHE A 56 5.91 0.97 -2.21
C PHE A 56 4.94 1.30 -1.06
N ASP A 57 5.32 2.27 -0.25
CA ASP A 57 4.50 2.70 0.88
C ASP A 57 4.24 4.20 0.83
N THR A 58 2.98 4.58 0.68
CA THR A 58 2.60 5.99 0.63
C THR A 58 2.24 6.52 2.01
N ALA A 59 2.06 7.83 2.10
CA ALA A 59 1.71 8.46 3.37
C ALA A 59 0.33 9.11 3.30
N GLY A 60 -0.60 8.61 4.11
CA GLY A 60 -1.94 9.15 4.12
C GLY A 60 -1.96 10.67 4.24
N GLN A 61 -0.92 11.21 4.88
CA GLN A 61 -0.82 12.66 5.07
C GLN A 61 -0.77 13.38 3.72
N GLU A 62 -1.25 14.62 3.70
CA GLU A 62 -1.25 15.42 2.48
C GLU A 62 -0.04 16.35 2.42
N ASP A 63 0.62 16.55 3.57
CA ASP A 63 1.78 17.43 3.63
C ASP A 63 2.88 16.94 2.69
N TYR A 64 2.90 15.64 2.43
CA TYR A 64 3.89 15.05 1.54
C TYR A 64 3.50 15.21 0.08
N ASP A 65 2.39 15.92 -0.17
CA ASP A 65 1.94 16.15 -1.55
C ASP A 65 3.06 16.65 -2.43
N ARG A 66 4.00 17.36 -1.82
CA ARG A 66 5.14 17.92 -2.56
C ARG A 66 5.97 16.82 -3.21
N LEU A 67 6.26 15.78 -2.43
CA LEU A 67 7.05 14.65 -2.93
C LEU A 67 6.23 13.37 -2.93
N ARG A 68 4.91 13.51 -2.92
CA ARG A 68 4.02 12.36 -2.92
C ARG A 68 3.91 11.69 -4.29
N PRO A 69 3.50 12.45 -5.33
CA PRO A 69 3.34 11.89 -6.68
C PRO A 69 4.63 11.29 -7.23
N LEU A 70 5.76 11.65 -6.61
CA LEU A 70 7.06 11.15 -7.03
C LEU A 70 7.14 9.63 -6.88
N SER A 71 6.22 9.06 -6.10
CA SER A 71 6.22 7.61 -5.88
C SER A 71 5.37 6.87 -6.90
N TYR A 72 4.94 7.58 -7.96
CA TYR A 72 4.12 6.95 -9.00
C TYR A 72 4.73 7.13 -10.38
N PRO A 73 6.06 6.98 -10.53
CA PRO A 73 6.73 7.12 -11.83
C PRO A 73 5.93 6.48 -12.97
N GLN A 74 5.18 5.44 -12.63
CA GLN A 74 4.36 4.74 -13.61
C GLN A 74 3.52 3.67 -12.91
N THR A 75 2.87 4.06 -11.82
CA THR A 75 2.05 3.14 -11.03
C THR A 75 1.21 2.22 -11.91
N ASP A 76 1.41 0.92 -11.74
CA ASP A 76 0.66 -0.09 -12.49
C ASP A 76 -0.68 -0.35 -11.82
N VAL A 77 -0.64 -0.95 -10.63
CA VAL A 77 -1.85 -1.26 -9.89
C VAL A 77 -2.00 -0.30 -8.71
N PHE A 78 -3.15 -0.40 -8.02
CA PHE A 78 -3.42 0.46 -6.88
C PHE A 78 -4.04 -0.35 -5.74
N LEU A 79 -3.33 -0.40 -4.61
CA LEU A 79 -3.82 -1.13 -3.45
C LEU A 79 -4.58 -0.21 -2.52
N VAL A 80 -5.91 -0.28 -2.58
CA VAL A 80 -6.75 0.57 -1.74
C VAL A 80 -7.19 -0.18 -0.48
N CYS A 81 -6.41 -0.03 0.59
CA CYS A 81 -6.71 -0.67 1.86
C CYS A 81 -7.60 0.23 2.71
N PHE A 82 -8.84 -0.19 2.92
CA PHE A 82 -9.78 0.59 3.73
C PHE A 82 -10.19 -0.19 4.97
N SER A 83 -10.60 0.52 6.00
CA SER A 83 -11.02 -0.09 7.25
C SER A 83 -12.39 -0.75 7.11
N VAL A 84 -12.45 -2.04 7.37
CA VAL A 84 -13.70 -2.80 7.28
C VAL A 84 -14.65 -2.40 8.40
N VAL A 85 -14.09 -2.04 9.55
CA VAL A 85 -14.87 -1.64 10.71
C VAL A 85 -15.08 -0.13 10.75
N SER A 86 -15.14 0.50 9.57
CA SER A 86 -15.32 1.94 9.48
C SER A 86 -15.87 2.33 8.11
N PRO A 87 -17.19 2.52 8.00
CA PRO A 87 -17.83 2.89 6.73
C PRO A 87 -17.26 4.17 6.14
N SER A 88 -16.58 4.95 6.97
CA SER A 88 -15.99 6.21 6.52
C SER A 88 -15.00 5.98 5.38
N SER A 89 -13.86 5.37 5.69
CA SER A 89 -12.85 5.09 4.68
C SER A 89 -13.48 4.44 3.45
N PHE A 90 -14.35 3.46 3.68
CA PHE A 90 -15.05 2.78 2.60
C PHE A 90 -15.88 3.77 1.79
N GLU A 91 -16.53 4.69 2.49
CA GLU A 91 -17.34 5.71 1.83
C GLU A 91 -16.49 6.56 0.90
N ASN A 92 -15.23 6.75 1.27
CA ASN A 92 -14.31 7.53 0.46
C ASN A 92 -13.65 6.63 -0.58
N VAL A 93 -13.45 5.38 -0.20
CA VAL A 93 -12.87 4.41 -1.10
C VAL A 93 -13.67 4.33 -2.39
N LYS A 94 -14.98 4.32 -2.24
CA LYS A 94 -15.89 4.26 -3.38
C LYS A 94 -16.00 5.62 -4.05
N GLU A 95 -15.65 6.68 -3.33
CA GLU A 95 -15.76 8.03 -3.87
C GLU A 95 -14.69 8.97 -3.31
N LYS A 96 -13.43 8.63 -3.55
CA LYS A 96 -12.33 9.46 -3.05
C LYS A 96 -10.97 8.87 -3.42
N TRP A 97 -10.76 7.60 -3.08
CA TRP A 97 -9.48 6.95 -3.32
C TRP A 97 -9.40 6.38 -4.74
N VAL A 98 -10.53 5.91 -5.27
CA VAL A 98 -10.54 5.38 -6.62
C VAL A 98 -10.63 6.50 -7.66
N PRO A 99 -11.54 7.48 -7.47
CA PRO A 99 -11.69 8.60 -8.38
C PRO A 99 -10.40 9.42 -8.53
N GLU A 100 -9.68 9.56 -7.42
CA GLU A 100 -8.44 10.30 -7.41
C GLU A 100 -7.45 9.75 -8.42
N ILE A 101 -7.51 8.44 -8.64
CA ILE A 101 -6.62 7.80 -9.60
C ILE A 101 -7.29 7.66 -10.97
N THR A 102 -8.58 7.31 -10.98
CA THR A 102 -9.32 7.20 -12.22
C THR A 102 -9.16 8.46 -13.06
N HIS A 103 -8.88 9.57 -12.39
CA HIS A 103 -8.68 10.84 -13.07
C HIS A 103 -7.27 10.92 -13.66
N HIS A 104 -6.31 10.31 -12.98
CA HIS A 104 -4.93 10.31 -13.44
C HIS A 104 -4.67 9.15 -14.38
N CYS A 105 -5.21 7.98 -14.04
CA CYS A 105 -5.04 6.78 -14.85
C CYS A 105 -6.25 5.86 -14.70
N PRO A 106 -7.33 6.13 -15.47
CA PRO A 106 -8.56 5.33 -15.42
C PRO A 106 -8.40 3.97 -16.08
N LYS A 107 -7.21 3.69 -16.63
CA LYS A 107 -6.95 2.43 -17.30
C LYS A 107 -6.12 1.50 -16.41
N THR A 108 -5.30 2.10 -15.57
CA THR A 108 -4.43 1.33 -14.67
C THR A 108 -5.25 0.43 -13.76
N PRO A 109 -4.78 -0.82 -13.53
CA PRO A 109 -5.46 -1.78 -12.66
C PRO A 109 -5.71 -1.21 -11.26
N PHE A 110 -6.81 -1.61 -10.64
CA PHE A 110 -7.16 -1.12 -9.30
C PHE A 110 -7.49 -2.25 -8.34
N LEU A 111 -6.54 -2.55 -7.45
CA LEU A 111 -6.72 -3.59 -6.45
C LEU A 111 -7.49 -3.06 -5.25
N LEU A 112 -8.55 -3.76 -4.85
CA LEU A 112 -9.36 -3.35 -3.71
C LEU A 112 -9.00 -4.18 -2.48
N VAL A 113 -8.22 -3.59 -1.57
CA VAL A 113 -7.77 -4.28 -0.37
C VAL A 113 -8.57 -3.85 0.85
N GLY A 114 -8.66 -4.74 1.83
CA GLY A 114 -9.37 -4.44 3.06
C GLY A 114 -8.59 -4.88 4.29
N THR A 115 -8.35 -3.96 5.22
CA THR A 115 -7.59 -4.27 6.42
C THR A 115 -8.44 -4.08 7.68
N GLN A 116 -7.85 -4.43 8.82
CA GLN A 116 -8.53 -4.29 10.12
C GLN A 116 -9.49 -5.46 10.36
N ILE A 117 -9.00 -6.68 10.12
CA ILE A 117 -9.80 -7.88 10.34
C ILE A 117 -9.78 -8.27 11.82
N ASP A 118 -8.74 -7.85 12.51
CA ASP A 118 -8.58 -8.14 13.94
C ASP A 118 -9.88 -7.93 14.70
N LEU A 119 -10.46 -6.74 14.53
CA LEU A 119 -11.72 -6.40 15.19
C LEU A 119 -12.89 -7.09 14.50
N ARG A 120 -12.82 -7.20 13.18
CA ARG A 120 -13.85 -7.84 12.41
C ARG A 120 -14.09 -9.26 12.90
N ASP A 121 -13.03 -9.87 13.41
CA ASP A 121 -13.12 -11.22 13.93
C ASP A 121 -13.32 -11.22 15.45
N ASP A 122 -13.64 -10.05 16.00
CA ASP A 122 -13.87 -9.93 17.45
C ASP A 122 -15.31 -9.50 17.73
N PRO A 123 -16.21 -10.47 17.99
CA PRO A 123 -17.61 -10.18 18.29
C PRO A 123 -17.78 -9.15 19.39
N SER A 124 -17.00 -9.29 20.45
CA SER A 124 -17.05 -8.37 21.58
C SER A 124 -16.90 -6.92 21.12
N THR A 125 -16.14 -6.72 20.05
CA THR A 125 -15.93 -5.38 19.51
C THR A 125 -16.92 -5.11 18.39
N ILE A 126 -17.13 -6.09 17.53
CA ILE A 126 -18.08 -5.98 16.44
C ILE A 126 -19.45 -5.60 16.96
N GLU A 127 -19.85 -6.22 18.06
CA GLU A 127 -21.13 -5.94 18.68
C GLU A 127 -21.08 -4.68 19.53
N LYS A 128 -19.88 -4.31 19.97
CA LYS A 128 -19.68 -3.13 20.80
C LYS A 128 -20.01 -1.86 20.03
N LEU A 129 -19.49 -1.75 18.81
CA LEU A 129 -19.73 -0.56 17.99
C LEU A 129 -20.92 -0.76 17.05
N ALA A 130 -21.22 -2.02 16.75
CA ALA A 130 -22.32 -2.33 15.86
C ALA A 130 -23.59 -1.57 16.23
N LYS A 131 -23.69 -1.17 17.50
CA LYS A 131 -24.87 -0.45 17.96
C LYS A 131 -24.53 0.94 18.50
N ASN A 132 -23.28 1.38 18.29
CA ASN A 132 -22.89 2.70 18.76
C ASN A 132 -22.80 3.69 17.61
N LYS A 133 -22.43 3.21 16.42
CA LYS A 133 -22.35 4.06 15.23
C LYS A 133 -21.60 3.39 14.09
N GLN A 134 -20.72 2.48 14.44
CA GLN A 134 -19.91 1.79 13.46
C GLN A 134 -20.49 0.43 13.09
N LYS A 135 -19.92 -0.19 12.06
CA LYS A 135 -20.39 -1.51 11.59
C LYS A 135 -19.40 -2.09 10.59
N PRO A 136 -19.19 -3.42 10.65
CA PRO A 136 -18.26 -4.11 9.74
C PRO A 136 -18.80 -4.21 8.31
N ILE A 137 -17.98 -3.84 7.34
CA ILE A 137 -18.39 -3.91 5.94
C ILE A 137 -18.32 -5.35 5.42
N THR A 138 -19.43 -5.82 4.86
CA THR A 138 -19.50 -7.17 4.33
C THR A 138 -18.66 -7.31 3.07
N PRO A 139 -18.20 -8.54 2.76
CA PRO A 139 -17.39 -8.81 1.57
C PRO A 139 -18.14 -8.48 0.29
N GLU A 140 -19.45 -8.67 0.31
CA GLU A 140 -20.29 -8.37 -0.84
C GLU A 140 -20.33 -6.88 -1.12
N THR A 141 -20.41 -6.10 -0.05
CA THR A 141 -20.46 -4.63 -0.17
C THR A 141 -19.20 -4.11 -0.86
N ALA A 142 -18.04 -4.47 -0.32
CA ALA A 142 -16.77 -4.05 -0.90
C ALA A 142 -16.61 -4.61 -2.30
N GLU A 143 -16.83 -5.92 -2.44
CA GLU A 143 -16.72 -6.58 -3.73
C GLU A 143 -17.55 -5.86 -4.78
N LYS A 144 -18.78 -5.49 -4.40
CA LYS A 144 -19.67 -4.78 -5.32
C LYS A 144 -18.95 -3.56 -5.91
N LEU A 145 -18.24 -2.83 -5.05
CA LEU A 145 -17.47 -1.68 -5.50
C LEU A 145 -16.33 -2.14 -6.40
N ALA A 146 -15.67 -3.21 -6.00
CA ALA A 146 -14.56 -3.75 -6.77
C ALA A 146 -14.96 -3.96 -8.24
N ARG A 147 -16.26 -4.20 -8.46
CA ARG A 147 -16.77 -4.40 -9.81
C ARG A 147 -17.36 -3.12 -10.37
N ASP A 148 -17.98 -2.33 -9.49
CA ASP A 148 -18.59 -1.08 -9.88
C ASP A 148 -17.54 -0.02 -10.19
N LEU A 149 -16.43 -0.10 -9.46
CA LEU A 149 -15.35 0.86 -9.62
C LEU A 149 -14.33 0.37 -10.66
N LYS A 150 -14.73 -0.62 -11.46
CA LYS A 150 -13.84 -1.18 -12.46
C LYS A 150 -12.60 -1.80 -11.80
N ALA A 151 -12.69 -2.05 -10.49
CA ALA A 151 -11.57 -2.63 -9.76
C ALA A 151 -11.25 -4.03 -10.29
N VAL A 152 -9.96 -4.35 -10.31
CA VAL A 152 -9.51 -5.65 -10.79
C VAL A 152 -10.08 -6.78 -9.96
N LYS A 153 -10.29 -6.52 -8.67
CA LYS A 153 -10.83 -7.52 -7.76
C LYS A 153 -10.87 -7.02 -6.33
N TYR A 154 -11.53 -7.78 -5.46
CA TYR A 154 -11.64 -7.42 -4.05
C TYR A 154 -10.90 -8.44 -3.17
N VAL A 155 -10.02 -7.94 -2.31
CA VAL A 155 -9.26 -8.81 -1.43
C VAL A 155 -9.08 -8.20 -0.04
N GLU A 156 -8.76 -9.03 0.93
CA GLU A 156 -8.54 -8.59 2.30
C GLU A 156 -7.24 -9.18 2.84
N CYS A 157 -6.70 -8.58 3.90
CA CYS A 157 -5.45 -9.06 4.48
C CYS A 157 -5.26 -8.58 5.92
N SER A 158 -4.61 -9.42 6.72
CA SER A 158 -4.32 -9.09 8.11
C SER A 158 -2.86 -9.41 8.42
N ALA A 159 -2.21 -8.53 9.18
CA ALA A 159 -0.81 -8.71 9.52
C ALA A 159 -0.64 -9.57 10.77
N LEU A 160 -1.64 -9.54 11.64
CA LEU A 160 -1.59 -10.30 12.88
C LEU A 160 -1.99 -11.76 12.66
N THR A 161 -2.85 -11.99 11.68
CA THR A 161 -3.32 -13.34 11.40
C THR A 161 -2.82 -13.83 10.04
N GLN A 162 -2.35 -12.91 9.20
CA GLN A 162 -1.86 -13.26 7.87
C GLN A 162 -3.00 -13.81 7.02
N LYS A 163 -4.24 -13.45 7.38
CA LYS A 163 -5.41 -13.91 6.65
C LYS A 163 -5.39 -13.39 5.21
N GLY A 164 -5.00 -14.27 4.29
CA GLY A 164 -4.94 -13.87 2.88
C GLY A 164 -3.89 -12.82 2.62
N LEU A 165 -2.98 -12.63 3.58
CA LEU A 165 -1.91 -11.65 3.44
C LEU A 165 -1.21 -11.76 2.09
N LYS A 166 -1.06 -12.99 1.61
CA LYS A 166 -0.40 -13.25 0.35
C LYS A 166 -1.36 -13.10 -0.84
N ASN A 167 -2.53 -13.72 -0.73
CA ASN A 167 -3.52 -13.67 -1.80
C ASN A 167 -3.70 -12.26 -2.33
N VAL A 168 -3.77 -11.28 -1.42
CA VAL A 168 -3.95 -9.89 -1.81
C VAL A 168 -2.90 -9.45 -2.83
N PHE A 169 -1.63 -9.51 -2.42
CA PHE A 169 -0.54 -9.11 -3.30
C PHE A 169 -0.59 -9.90 -4.60
N ASP A 170 -0.95 -11.17 -4.51
CA ASP A 170 -1.04 -12.03 -5.67
C ASP A 170 -2.00 -11.45 -6.71
N GLU A 171 -3.14 -10.96 -6.23
CA GLU A 171 -4.14 -10.37 -7.11
C GLU A 171 -3.66 -9.03 -7.64
N ALA A 172 -3.01 -8.25 -6.79
CA ALA A 172 -2.49 -6.95 -7.19
C ALA A 172 -1.54 -7.09 -8.37
N ILE A 173 -0.39 -7.72 -8.14
CA ILE A 173 0.58 -7.95 -9.21
C ILE A 173 -0.10 -8.51 -10.45
N LEU A 174 -0.79 -9.63 -10.25
CA LEU A 174 -1.53 -10.27 -11.34
C LEU A 174 -2.39 -9.24 -12.09
N ALA A 175 -2.80 -8.20 -11.37
CA ALA A 175 -3.63 -7.15 -11.96
C ALA A 175 -2.76 -6.03 -12.53
N ALA A 176 -1.72 -5.66 -11.79
CA ALA A 176 -0.81 -4.60 -12.22
C ALA A 176 -0.37 -4.80 -13.66
N LEU A 177 0.09 -6.01 -13.98
CA LEU A 177 0.55 -6.32 -15.32
C LEU A 177 -0.62 -6.55 -16.26
N GLU A 178 -0.33 -7.11 -17.44
CA GLU A 178 -1.35 -7.35 -18.45
C GLU A 178 -0.82 -8.32 -19.51
N PRO A 179 -1.71 -8.92 -20.31
CA PRO A 179 -1.31 -9.82 -21.39
C PRO A 179 -0.10 -9.31 -22.16
N LYS B 1 3.29 -13.38 -24.98
CA LYS B 1 2.26 -12.68 -24.17
C LYS B 1 2.82 -12.26 -22.83
N LYS B 2 1.96 -11.72 -21.96
CA LYS B 2 2.38 -11.27 -20.65
C LYS B 2 1.25 -11.42 -19.63
N LYS B 3 0.36 -12.37 -19.90
CA LYS B 3 -0.77 -12.65 -19.01
C LYS B 3 -0.33 -13.31 -17.74
N ILE B 4 -0.62 -12.63 -16.65
CA ILE B 4 -0.37 -13.18 -15.34
C ILE B 4 -1.60 -13.92 -14.90
N SER B 5 -1.41 -14.97 -14.15
CA SER B 5 -2.53 -15.72 -13.66
C SER B 5 -2.39 -15.94 -12.16
N LYS B 6 -3.51 -16.07 -11.47
CA LYS B 6 -3.50 -16.27 -10.02
C LYS B 6 -2.50 -17.35 -9.62
N ALA B 7 -2.24 -18.28 -10.53
CA ALA B 7 -1.33 -19.39 -10.26
C ALA B 7 0.09 -19.12 -10.78
N ASP B 8 0.29 -17.99 -11.44
CA ASP B 8 1.60 -17.67 -12.00
C ASP B 8 2.54 -17.12 -10.93
N ILE B 9 2.22 -15.95 -10.39
CA ILE B 9 3.06 -15.32 -9.38
C ILE B 9 3.41 -16.32 -8.27
N GLY B 10 4.57 -16.94 -8.38
CA GLY B 10 4.99 -17.93 -7.40
C GLY B 10 5.08 -17.34 -6.00
N ALA B 11 5.99 -17.89 -5.20
CA ALA B 11 6.17 -17.42 -3.83
C ALA B 11 7.22 -16.31 -3.78
N PRO B 12 6.97 -15.24 -3.01
CA PRO B 12 7.91 -14.13 -2.88
C PRO B 12 9.20 -14.54 -2.20
N SER B 13 10.25 -13.73 -2.39
CA SER B 13 11.54 -14.03 -1.79
C SER B 13 12.60 -13.07 -2.30
N GLY B 14 13.62 -12.83 -1.48
CA GLY B 14 14.69 -11.93 -1.87
C GLY B 14 14.38 -10.48 -1.55
N PHE B 15 13.78 -10.25 -0.39
CA PHE B 15 13.44 -8.89 0.05
C PHE B 15 14.60 -7.93 -0.22
N LYS B 16 14.38 -6.98 -1.12
CA LYS B 16 15.43 -6.04 -1.49
C LYS B 16 15.10 -4.62 -1.05
N HIS B 17 15.86 -4.13 -0.07
CA HIS B 17 15.69 -2.78 0.42
C HIS B 17 16.19 -1.79 -0.62
N VAL B 18 15.32 -1.43 -1.56
CA VAL B 18 15.70 -0.54 -2.65
C VAL B 18 15.84 0.90 -2.17
N SER B 19 15.21 1.23 -1.05
CA SER B 19 15.28 2.57 -0.50
C SER B 19 14.64 2.64 0.88
N HIS B 20 14.91 3.71 1.61
CA HIS B 20 14.37 3.89 2.95
C HIS B 20 14.51 5.33 3.42
N VAL B 21 13.39 5.93 3.83
CA VAL B 21 13.38 7.30 4.33
C VAL B 21 13.04 7.34 5.81
N GLY B 22 13.68 8.25 6.53
CA GLY B 22 13.45 8.35 7.97
C GLY B 22 13.07 9.75 8.41
N TRP B 23 11.77 9.98 8.61
CA TRP B 23 11.30 11.28 9.05
C TRP B 23 10.94 11.28 10.53
N ASP B 24 11.84 11.81 11.36
CA ASP B 24 11.62 11.88 12.79
C ASP B 24 10.76 13.10 13.15
N PRO B 25 9.73 12.93 14.00
CA PRO B 25 8.86 14.04 14.39
C PRO B 25 9.57 15.05 15.30
N GLN B 26 10.79 14.74 15.71
CA GLN B 26 11.55 15.62 16.59
C GLN B 26 12.76 16.20 15.87
N ASN B 27 13.29 15.46 14.90
CA ASN B 27 14.47 15.90 14.16
C ASN B 27 14.12 16.24 12.71
N GLY B 28 13.06 15.62 12.20
CA GLY B 28 12.63 15.86 10.83
C GLY B 28 13.11 14.77 9.89
N PHE B 29 13.07 15.04 8.59
CA PHE B 29 13.49 14.08 7.59
C PHE B 29 14.86 13.52 7.92
N ASP B 30 15.20 12.38 7.31
CA ASP B 30 16.50 11.75 7.55
C ASP B 30 16.75 10.65 6.53
N VAL B 31 16.60 11.00 5.26
CA VAL B 31 16.81 10.03 4.18
C VAL B 31 18.27 9.59 4.13
N ASN B 32 18.49 8.29 4.34
CA ASN B 32 19.83 7.73 4.31
C ASN B 32 20.07 7.00 3.00
N ASN B 33 19.00 6.51 2.37
CA ASN B 33 19.12 5.78 1.11
C ASN B 33 17.89 6.01 0.23
N LEU B 34 17.90 7.08 -0.54
CA LEU B 34 16.80 7.38 -1.45
C LEU B 34 17.13 6.89 -2.87
N ASP B 35 16.14 6.94 -3.75
CA ASP B 35 16.35 6.50 -5.13
C ASP B 35 17.25 7.48 -5.88
N PRO B 36 18.06 6.98 -6.82
CA PRO B 36 18.97 7.83 -7.60
C PRO B 36 18.25 9.02 -8.24
N ASP B 37 17.12 8.75 -8.86
CA ASP B 37 16.33 9.80 -9.51
C ASP B 37 15.50 10.57 -8.49
N LEU B 38 14.92 9.84 -7.54
CA LEU B 38 14.10 10.45 -6.51
C LEU B 38 14.95 11.33 -5.60
N ARG B 39 16.23 11.00 -5.50
CA ARG B 39 17.16 11.76 -4.67
C ARG B 39 17.14 13.23 -5.07
N SER B 40 16.99 13.48 -6.37
CA SER B 40 16.96 14.83 -6.89
C SER B 40 15.56 15.44 -6.74
N LEU B 41 14.54 14.62 -6.93
CA LEU B 41 13.17 15.06 -6.81
C LEU B 41 12.78 15.31 -5.36
N PHE B 42 13.12 14.37 -4.49
CA PHE B 42 12.82 14.51 -3.07
C PHE B 42 13.42 15.80 -2.51
N SER B 43 14.73 15.94 -2.62
CA SER B 43 15.42 17.14 -2.16
C SER B 43 14.75 18.39 -2.74
N ARG B 44 14.12 18.22 -3.90
CA ARG B 44 13.45 19.31 -4.58
C ARG B 44 11.98 19.41 -4.18
N ALA B 45 11.42 18.31 -3.69
CA ALA B 45 10.01 18.26 -3.34
C ALA B 45 9.76 18.40 -1.85
N GLY B 46 10.00 19.58 -1.33
CA GLY B 46 9.76 19.85 0.07
C GLY B 46 11.00 19.66 0.92
N ILE B 47 11.89 18.77 0.47
CA ILE B 47 13.12 18.51 1.20
C ILE B 47 14.27 19.35 0.63
N SER B 48 13.92 20.55 0.20
CA SER B 48 14.89 21.47 -0.38
C SER B 48 15.32 22.54 0.60
N GLU B 49 14.48 22.75 1.58
CA GLU B 49 14.74 23.72 2.64
C GLU B 49 15.27 23.01 3.87
N ALA B 50 14.97 21.73 3.98
CA ALA B 50 15.42 20.93 5.12
C ALA B 50 16.93 21.03 5.30
N GLN B 51 17.67 20.21 4.58
CA GLN B 51 19.13 20.20 4.66
C GLN B 51 19.60 20.15 6.11
N LEU B 52 20.87 20.48 6.32
CA LEU B 52 21.45 20.46 7.66
C LEU B 52 21.77 21.87 8.14
N THR B 53 20.74 22.70 8.29
CA THR B 53 20.92 24.07 8.74
C THR B 53 20.38 24.28 10.15
N ASP B 54 19.96 23.20 10.79
CA ASP B 54 19.43 23.25 12.14
C ASP B 54 20.43 22.68 13.13
N ALA B 55 21.71 22.77 12.79
CA ALA B 55 22.77 22.24 13.65
C ALA B 55 22.65 20.73 13.82
N GLU B 56 21.88 20.09 12.94
CA GLU B 56 21.70 18.64 13.00
C GLU B 56 22.98 17.92 12.58
N THR B 57 23.65 17.31 13.56
CA THR B 57 24.89 16.59 13.29
C THR B 57 25.14 15.54 14.36
N SER B 58 24.06 14.93 14.85
CA SER B 58 24.17 13.90 15.88
C SER B 58 25.18 12.84 15.47
N LYS B 59 26.42 12.99 15.94
CA LYS B 59 27.48 12.05 15.62
C LYS B 59 27.77 12.01 14.12
N MET A 1 4.72 -13.54 -19.59
CA MET A 1 5.27 -12.33 -20.27
C MET A 1 4.44 -11.09 -19.94
N GLN A 2 4.11 -10.93 -18.66
CA GLN A 2 3.33 -9.79 -18.22
C GLN A 2 3.82 -9.28 -16.86
N THR A 3 3.63 -7.99 -16.62
CA THR A 3 4.05 -7.38 -15.37
C THR A 3 3.05 -6.32 -14.91
N ILE A 4 2.72 -6.34 -13.62
CA ILE A 4 1.79 -5.38 -13.06
C ILE A 4 2.52 -4.35 -12.20
N LYS A 5 2.12 -3.09 -12.33
CA LYS A 5 2.74 -2.02 -11.56
C LYS A 5 1.78 -1.51 -10.49
N CYS A 6 1.72 -2.22 -9.37
CA CYS A 6 0.86 -1.84 -8.27
C CYS A 6 1.63 -0.98 -7.27
N VAL A 7 0.89 -0.16 -6.52
CA VAL A 7 1.49 0.72 -5.53
C VAL A 7 0.66 0.78 -4.26
N VAL A 8 1.33 0.75 -3.11
CA VAL A 8 0.63 0.80 -1.84
C VAL A 8 0.39 2.24 -1.41
N VAL A 9 -0.87 2.56 -1.15
CA VAL A 9 -1.26 3.91 -0.74
C VAL A 9 -2.03 3.89 0.57
N GLY A 10 -1.49 4.55 1.58
CA GLY A 10 -2.15 4.60 2.87
C GLY A 10 -1.43 5.50 3.85
N ASP A 11 -2.17 6.00 4.85
CA ASP A 11 -1.60 6.87 5.86
C ASP A 11 -0.31 6.29 6.43
N GLY A 12 0.67 7.16 6.71
CA GLY A 12 1.93 6.71 7.25
C GLY A 12 1.75 5.80 8.46
N ALA A 13 2.51 4.72 8.51
CA ALA A 13 2.44 3.77 9.62
C ALA A 13 1.12 3.00 9.59
N VAL A 14 0.91 2.25 8.52
CA VAL A 14 -0.30 1.45 8.38
C VAL A 14 0.01 -0.05 8.46
N GLY A 15 1.18 -0.42 7.95
CA GLY A 15 1.58 -1.82 7.98
C GLY A 15 1.98 -2.34 6.61
N LYS A 16 2.86 -1.60 5.93
CA LYS A 16 3.33 -2.01 4.61
C LYS A 16 4.36 -3.13 4.75
N THR A 17 5.51 -2.82 5.36
CA THR A 17 6.55 -3.81 5.57
C THR A 17 5.95 -5.06 6.22
N CYS A 18 4.92 -4.86 7.04
CA CYS A 18 4.26 -5.95 7.74
C CYS A 18 3.72 -7.01 6.78
N LEU A 19 2.68 -6.68 6.03
CA LEU A 19 2.06 -7.64 5.12
C LEU A 19 2.84 -7.74 3.81
N LEU A 20 3.65 -6.73 3.50
CA LEU A 20 4.46 -6.76 2.30
C LEU A 20 5.41 -7.95 2.33
N ILE A 21 5.90 -8.27 3.53
CA ILE A 21 6.79 -9.39 3.71
C ILE A 21 6.00 -10.68 3.91
N SER A 22 4.86 -10.57 4.60
CA SER A 22 3.99 -11.73 4.84
C SER A 22 3.28 -12.14 3.56
N TYR A 23 3.13 -11.20 2.63
CA TYR A 23 2.47 -11.47 1.37
C TYR A 23 3.44 -12.11 0.37
N THR A 24 4.72 -11.84 0.57
CA THR A 24 5.75 -12.36 -0.34
C THR A 24 6.52 -13.52 0.30
N THR A 25 6.68 -13.48 1.62
CA THR A 25 7.43 -14.51 2.32
C THR A 25 6.60 -15.18 3.41
N ASN A 26 5.54 -14.52 3.86
CA ASN A 26 4.69 -15.06 4.91
C ASN A 26 5.40 -15.02 6.27
N LYS A 27 6.34 -14.09 6.41
CA LYS A 27 7.10 -13.95 7.65
C LYS A 27 6.84 -12.59 8.28
N PHE A 28 6.12 -12.60 9.40
CA PHE A 28 5.81 -11.37 10.12
C PHE A 28 7.08 -10.76 10.72
N PRO A 29 7.53 -9.59 10.21
CA PRO A 29 8.72 -8.91 10.71
C PRO A 29 8.49 -8.26 12.07
N SER A 30 9.56 -7.76 12.67
CA SER A 30 9.48 -7.11 13.98
C SER A 30 10.06 -5.71 13.93
N GLU A 31 11.29 -5.62 13.43
CA GLU A 31 11.97 -4.34 13.32
C GLU A 31 11.49 -3.56 12.09
N TYR A 32 11.52 -2.24 12.19
CA TYR A 32 11.08 -1.38 11.09
C TYR A 32 11.72 0.00 11.18
N VAL A 33 12.46 0.37 10.14
CA VAL A 33 13.14 1.66 10.11
C VAL A 33 13.70 1.96 8.72
N PRO A 34 14.66 1.15 8.26
CA PRO A 34 15.29 1.33 6.94
C PRO A 34 14.38 0.90 5.80
N THR A 35 13.26 1.60 5.63
CA THR A 35 12.33 1.28 4.56
C THR A 35 12.19 2.45 3.58
N VAL A 36 11.40 3.45 3.97
CA VAL A 36 11.19 4.62 3.13
C VAL A 36 10.48 4.26 1.83
N PHE A 37 11.22 3.60 0.94
CA PHE A 37 10.67 3.19 -0.35
C PHE A 37 11.42 1.98 -0.89
N ASP A 38 10.78 0.82 -0.85
CA ASP A 38 11.40 -0.42 -1.34
C ASP A 38 10.52 -1.07 -2.40
N ASN A 39 11.11 -1.35 -3.56
CA ASN A 39 10.37 -1.96 -4.66
C ASN A 39 10.73 -3.44 -4.79
N TYR A 40 9.74 -4.30 -4.63
CA TYR A 40 9.95 -5.74 -4.76
C TYR A 40 9.21 -6.28 -5.98
N ALA A 41 9.56 -7.51 -6.38
CA ALA A 41 8.92 -8.13 -7.53
C ALA A 41 8.53 -9.57 -7.22
N VAL A 42 7.23 -9.86 -7.32
CA VAL A 42 6.71 -11.19 -7.03
C VAL A 42 6.35 -11.93 -8.32
N THR A 43 6.60 -13.23 -8.32
CA THR A 43 6.29 -14.08 -9.47
C THR A 43 5.11 -15.01 -9.13
N VAL A 44 3.98 -14.77 -9.79
CA VAL A 44 2.77 -15.56 -9.54
C VAL A 44 2.27 -16.22 -10.81
N MET A 45 1.46 -17.26 -10.64
CA MET A 45 0.90 -17.99 -11.78
C MET A 45 -0.48 -17.46 -12.13
N ILE A 46 -0.51 -16.44 -13.00
CA ILE A 46 -1.79 -15.84 -13.41
C ILE A 46 -2.15 -16.27 -14.83
N GLY A 47 -3.42 -16.60 -15.02
CA GLY A 47 -3.88 -17.03 -16.33
C GLY A 47 -3.22 -18.30 -16.80
N GLY A 48 -2.87 -19.18 -15.86
CA GLY A 48 -2.23 -20.42 -16.20
C GLY A 48 -0.81 -20.24 -16.70
N GLU A 49 -0.23 -19.07 -16.43
CA GLU A 49 1.14 -18.78 -16.85
C GLU A 49 1.86 -17.95 -15.81
N PRO A 50 3.21 -18.02 -15.78
CA PRO A 50 4.02 -17.26 -14.83
C PRO A 50 4.00 -15.76 -15.09
N TYR A 51 3.65 -15.00 -14.05
CA TYR A 51 3.58 -13.55 -14.16
C TYR A 51 4.63 -12.89 -13.29
N THR A 52 4.55 -11.57 -13.16
CA THR A 52 5.49 -10.82 -12.35
C THR A 52 4.85 -9.56 -11.79
N LEU A 53 4.28 -9.67 -10.59
CA LEU A 53 3.60 -8.54 -9.95
C LEU A 53 4.62 -7.55 -9.38
N GLY A 54 4.35 -6.27 -9.57
CA GLY A 54 5.23 -5.23 -9.07
C GLY A 54 4.78 -4.71 -7.72
N LEU A 55 5.71 -4.63 -6.77
CA LEU A 55 5.40 -4.16 -5.43
C LEU A 55 6.17 -2.88 -5.10
N PHE A 56 5.43 -1.78 -4.97
CA PHE A 56 6.04 -0.50 -4.65
C PHE A 56 5.52 0.04 -3.32
N ASP A 57 6.41 0.10 -2.32
CA ASP A 57 6.04 0.59 -1.00
C ASP A 57 6.26 2.09 -0.89
N THR A 58 5.20 2.82 -0.57
CA THR A 58 5.28 4.27 -0.42
C THR A 58 5.38 4.67 1.05
N ALA A 59 5.96 5.83 1.30
CA ALA A 59 6.12 6.33 2.67
C ALA A 59 5.05 7.38 3.00
N GLY A 60 5.14 7.93 4.20
CA GLY A 60 4.19 8.94 4.62
C GLY A 60 4.11 10.11 3.64
N GLN A 61 3.41 11.16 4.04
CA GLN A 61 3.25 12.34 3.20
C GLN A 61 4.04 13.52 3.76
N GLU A 62 3.91 14.67 3.11
CA GLU A 62 4.59 15.89 3.52
C GLU A 62 6.10 15.77 3.35
N ASP A 63 6.70 14.82 4.05
CA ASP A 63 8.14 14.63 3.99
C ASP A 63 8.60 14.30 2.56
N TYR A 64 8.09 13.21 2.02
CA TYR A 64 8.44 12.80 0.66
C TYR A 64 7.40 13.31 -0.33
N ASP A 65 6.77 14.42 0.00
CA ASP A 65 5.73 15.00 -0.85
C ASP A 65 6.27 15.29 -2.25
N ARG A 66 7.58 15.54 -2.35
CA ARG A 66 8.21 15.85 -3.62
C ARG A 66 8.58 14.58 -4.38
N LEU A 67 9.22 13.64 -3.68
CA LEU A 67 9.65 12.40 -4.30
C LEU A 67 8.61 11.29 -4.13
N ARG A 68 7.38 11.67 -3.78
CA ARG A 68 6.31 10.70 -3.60
C ARG A 68 5.68 10.32 -4.95
N PRO A 69 5.35 11.31 -5.80
CA PRO A 69 4.76 11.06 -7.12
C PRO A 69 5.62 10.14 -7.97
N LEU A 70 6.92 10.13 -7.69
CA LEU A 70 7.86 9.30 -8.45
C LEU A 70 7.64 7.81 -8.18
N SER A 71 6.89 7.49 -7.13
CA SER A 71 6.63 6.11 -6.76
C SER A 71 5.39 5.56 -7.45
N TYR A 72 4.95 6.23 -8.53
CA TYR A 72 3.77 5.77 -9.26
C TYR A 72 4.03 5.66 -10.76
N PRO A 73 5.15 5.03 -11.17
CA PRO A 73 5.46 4.84 -12.60
C PRO A 73 4.29 4.24 -13.37
N GLN A 74 3.42 5.11 -13.87
CA GLN A 74 2.24 4.66 -14.63
C GLN A 74 1.54 3.51 -13.90
N THR A 75 1.37 3.67 -12.59
CA THR A 75 0.74 2.65 -11.76
C THR A 75 -0.53 2.09 -12.41
N ASP A 76 -0.78 0.80 -12.17
CA ASP A 76 -1.97 0.14 -12.68
C ASP A 76 -3.09 0.20 -11.66
N VAL A 77 -2.92 -0.53 -10.57
CA VAL A 77 -3.90 -0.53 -9.50
C VAL A 77 -3.36 0.20 -8.27
N PHE A 78 -4.19 0.35 -7.24
CA PHE A 78 -3.77 1.06 -6.04
C PHE A 78 -4.28 0.38 -4.78
N LEU A 79 -3.34 0.01 -3.91
CA LEU A 79 -3.69 -0.62 -2.64
C LEU A 79 -3.99 0.45 -1.59
N VAL A 80 -5.27 0.70 -1.35
CA VAL A 80 -5.67 1.70 -0.36
C VAL A 80 -5.92 1.06 0.99
N CYS A 81 -4.96 1.20 1.89
CA CYS A 81 -5.09 0.64 3.22
C CYS A 81 -5.67 1.67 4.18
N PHE A 82 -6.90 1.44 4.64
CA PHE A 82 -7.55 2.36 5.56
C PHE A 82 -7.93 1.64 6.86
N SER A 83 -7.93 2.38 7.96
CA SER A 83 -8.26 1.80 9.26
C SER A 83 -9.74 1.48 9.37
N VAL A 84 -10.05 0.20 9.58
CA VAL A 84 -11.44 -0.23 9.72
C VAL A 84 -12.02 0.21 11.06
N VAL A 85 -11.15 0.29 12.06
CA VAL A 85 -11.56 0.70 13.40
C VAL A 85 -11.34 2.20 13.60
N SER A 86 -11.39 2.95 12.50
CA SER A 86 -11.18 4.39 12.55
C SER A 86 -11.99 5.10 11.46
N PRO A 87 -13.07 5.80 11.83
CA PRO A 87 -13.92 6.51 10.86
C PRO A 87 -13.16 7.60 10.11
N SER A 88 -12.00 7.99 10.64
CA SER A 88 -11.19 9.02 10.02
C SER A 88 -10.70 8.58 8.65
N SER A 89 -9.98 7.45 8.61
CA SER A 89 -9.48 6.92 7.35
C SER A 89 -10.62 6.83 6.33
N PHE A 90 -11.73 6.23 6.75
CA PHE A 90 -12.90 6.10 5.90
C PHE A 90 -13.30 7.45 5.31
N GLU A 91 -13.13 8.51 6.09
CA GLU A 91 -13.47 9.86 5.64
C GLU A 91 -12.61 10.24 4.45
N ASN A 92 -11.29 10.10 4.60
CA ASN A 92 -10.35 10.41 3.53
C ASN A 92 -10.40 9.33 2.46
N VAL A 93 -10.78 8.12 2.85
CA VAL A 93 -10.90 7.01 1.93
C VAL A 93 -11.81 7.38 0.77
N LYS A 94 -12.91 8.05 1.09
CA LYS A 94 -13.87 8.46 0.07
C LYS A 94 -13.66 9.92 -0.34
N GLU A 95 -12.83 10.65 0.39
CA GLU A 95 -12.61 12.05 0.09
C GLU A 95 -11.12 12.43 0.17
N LYS A 96 -10.24 11.52 -0.26
CA LYS A 96 -8.81 11.80 -0.22
C LYS A 96 -7.99 10.75 -0.95
N TRP A 97 -8.02 9.51 -0.47
CA TRP A 97 -7.21 8.44 -1.05
C TRP A 97 -7.66 8.06 -2.45
N VAL A 98 -8.98 7.99 -2.66
CA VAL A 98 -9.50 7.59 -3.98
C VAL A 98 -9.69 8.80 -4.90
N PRO A 99 -10.27 9.90 -4.41
CA PRO A 99 -10.50 11.10 -5.21
C PRO A 99 -9.20 11.67 -5.79
N GLU A 100 -8.10 11.45 -5.08
CA GLU A 100 -6.80 11.96 -5.51
C GLU A 100 -6.28 11.24 -6.74
N ILE A 101 -6.65 9.97 -6.88
CA ILE A 101 -6.20 9.16 -8.01
C ILE A 101 -7.23 9.14 -9.12
N THR A 102 -8.51 9.22 -8.76
CA THR A 102 -9.58 9.22 -9.74
C THR A 102 -9.47 10.43 -10.65
N HIS A 103 -8.86 11.50 -10.14
CA HIS A 103 -8.69 12.72 -10.91
C HIS A 103 -7.43 12.63 -11.77
N HIS A 104 -6.41 11.94 -11.28
CA HIS A 104 -5.18 11.77 -12.03
C HIS A 104 -5.33 10.63 -13.03
N CYS A 105 -6.06 9.60 -12.62
CA CYS A 105 -6.30 8.44 -13.47
C CYS A 105 -7.61 7.76 -13.06
N PRO A 106 -8.74 8.15 -13.67
CA PRO A 106 -10.06 7.59 -13.36
C PRO A 106 -10.31 6.23 -14.00
N LYS A 107 -9.28 5.66 -14.62
CA LYS A 107 -9.41 4.36 -15.28
C LYS A 107 -8.67 3.28 -14.51
N THR A 108 -7.60 3.68 -13.82
CA THR A 108 -6.80 2.74 -13.04
C THR A 108 -7.61 2.13 -11.91
N PRO A 109 -7.57 0.79 -11.75
CA PRO A 109 -8.29 0.10 -10.67
C PRO A 109 -7.89 0.63 -9.30
N PHE A 110 -8.78 0.48 -8.32
CA PHE A 110 -8.51 0.95 -6.97
C PHE A 110 -8.93 -0.08 -5.93
N LEU A 111 -7.95 -0.72 -5.31
CA LEU A 111 -8.22 -1.72 -4.29
C LEU A 111 -8.51 -1.09 -2.94
N LEU A 112 -9.67 -1.41 -2.38
CA LEU A 112 -10.07 -0.89 -1.07
C LEU A 112 -9.63 -1.84 0.04
N VAL A 113 -8.36 -1.71 0.46
CA VAL A 113 -7.81 -2.58 1.50
C VAL A 113 -8.11 -2.05 2.89
N GLY A 114 -8.67 -2.92 3.72
CA GLY A 114 -8.97 -2.54 5.09
C GLY A 114 -8.01 -3.17 6.08
N THR A 115 -7.21 -2.35 6.73
CA THR A 115 -6.21 -2.85 7.68
C THR A 115 -6.77 -2.85 9.11
N GLN A 116 -6.00 -3.45 10.02
CA GLN A 116 -6.40 -3.53 11.43
C GLN A 116 -7.64 -4.39 11.59
N ILE A 117 -7.53 -5.66 11.20
CA ILE A 117 -8.64 -6.60 11.33
C ILE A 117 -8.69 -7.20 12.73
N ASP A 118 -7.51 -7.46 13.28
CA ASP A 118 -7.39 -8.03 14.63
C ASP A 118 -8.32 -7.33 15.61
N LEU A 119 -8.38 -6.01 15.53
CA LEU A 119 -9.25 -5.22 16.42
C LEU A 119 -10.71 -5.41 16.06
N ARG A 120 -11.00 -5.40 14.76
CA ARG A 120 -12.36 -5.58 14.29
C ARG A 120 -12.98 -6.86 14.84
N ASP A 121 -12.12 -7.82 15.15
CA ASP A 121 -12.58 -9.09 15.72
C ASP A 121 -12.36 -9.12 17.23
N ASP A 122 -12.17 -7.95 17.83
CA ASP A 122 -11.96 -7.85 19.26
C ASP A 122 -13.12 -7.12 19.94
N PRO A 123 -14.24 -7.84 20.17
CA PRO A 123 -15.43 -7.25 20.81
C PRO A 123 -15.07 -6.36 21.98
N SER A 124 -14.23 -6.86 22.88
CA SER A 124 -13.81 -6.10 24.05
C SER A 124 -13.38 -4.69 23.66
N THR A 125 -12.76 -4.56 22.49
CA THR A 125 -12.32 -3.27 22.01
C THR A 125 -13.41 -2.60 21.19
N ILE A 126 -14.02 -3.37 20.29
CA ILE A 126 -15.10 -2.85 19.46
C ILE A 126 -16.17 -2.20 20.31
N GLU A 127 -16.60 -2.89 21.36
CA GLU A 127 -17.62 -2.37 22.25
C GLU A 127 -17.07 -1.26 23.15
N LYS A 128 -15.75 -1.27 23.34
CA LYS A 128 -15.10 -0.27 24.19
C LYS A 128 -15.13 1.11 23.55
N LEU A 129 -14.80 1.19 22.26
CA LEU A 129 -14.80 2.46 21.55
C LEU A 129 -16.12 2.69 20.81
N ALA A 130 -16.82 1.61 20.53
CA ALA A 130 -18.10 1.69 19.81
C ALA A 130 -18.98 2.81 20.33
N LYS A 131 -18.80 3.19 21.59
CA LYS A 131 -19.62 4.23 22.19
C LYS A 131 -18.78 5.31 22.87
N ASN A 132 -17.52 5.45 22.45
CA ASN A 132 -16.65 6.44 23.04
C ASN A 132 -16.25 7.50 22.01
N LYS A 133 -16.16 7.10 20.74
CA LYS A 133 -15.80 8.01 19.66
C LYS A 133 -15.41 7.25 18.40
N GLN A 134 -14.90 6.06 18.59
CA GLN A 134 -14.47 5.21 17.48
C GLN A 134 -15.51 4.14 17.16
N LYS A 135 -15.48 3.64 15.93
CA LYS A 135 -16.41 2.61 15.49
C LYS A 135 -15.87 1.86 14.28
N PRO A 136 -16.06 0.53 14.25
CA PRO A 136 -15.58 -0.31 13.14
C PRO A 136 -16.43 -0.15 11.89
N ILE A 137 -15.80 -0.25 10.73
CA ILE A 137 -16.50 -0.14 9.45
C ILE A 137 -17.03 -1.49 9.00
N THR A 138 -18.34 -1.57 8.80
CA THR A 138 -18.98 -2.81 8.38
C THR A 138 -18.64 -3.13 6.92
N PRO A 139 -18.84 -4.40 6.50
CA PRO A 139 -18.56 -4.84 5.14
C PRO A 139 -19.35 -4.04 4.10
N GLU A 140 -20.59 -3.69 4.46
CA GLU A 140 -21.45 -2.92 3.57
C GLU A 140 -20.95 -1.49 3.42
N THR A 141 -20.70 -0.84 4.55
CA THR A 141 -20.20 0.54 4.54
C THR A 141 -18.94 0.65 3.70
N ALA A 142 -18.00 -0.28 3.91
CA ALA A 142 -16.76 -0.29 3.16
C ALA A 142 -17.01 -0.64 1.70
N GLU A 143 -17.63 -1.79 1.48
CA GLU A 143 -17.97 -2.22 0.12
C GLU A 143 -18.68 -1.11 -0.63
N LYS A 144 -19.48 -0.34 0.10
CA LYS A 144 -20.20 0.79 -0.49
C LYS A 144 -19.22 1.71 -1.20
N LEU A 145 -18.18 2.12 -0.49
CA LEU A 145 -17.14 2.98 -1.08
C LEU A 145 -16.50 2.24 -2.24
N ALA A 146 -16.18 0.97 -2.02
CA ALA A 146 -15.57 0.15 -3.05
C ALA A 146 -16.43 0.10 -4.31
N ARG A 147 -17.73 0.33 -4.14
CA ARG A 147 -18.65 0.33 -5.26
C ARG A 147 -18.92 1.75 -5.74
N ASP A 148 -19.01 2.67 -4.79
CA ASP A 148 -19.25 4.06 -5.09
C ASP A 148 -18.03 4.70 -5.75
N LEU A 149 -16.85 4.33 -5.28
CA LEU A 149 -15.61 4.87 -5.80
C LEU A 149 -15.11 4.09 -7.00
N LYS A 150 -15.96 3.23 -7.56
CA LYS A 150 -15.57 2.41 -8.70
C LYS A 150 -14.40 1.50 -8.34
N ALA A 151 -14.17 1.30 -7.05
CA ALA A 151 -13.07 0.44 -6.60
C ALA A 151 -13.24 -0.98 -7.11
N VAL A 152 -12.14 -1.58 -7.51
CA VAL A 152 -12.15 -2.94 -8.03
C VAL A 152 -12.83 -3.90 -7.07
N LYS A 153 -12.63 -3.68 -5.77
CA LYS A 153 -13.22 -4.54 -4.75
C LYS A 153 -12.76 -4.16 -3.35
N TYR A 154 -13.52 -4.58 -2.35
CA TYR A 154 -13.19 -4.30 -0.96
C TYR A 154 -12.46 -5.49 -0.34
N VAL A 155 -11.30 -5.23 0.27
CA VAL A 155 -10.50 -6.28 0.88
C VAL A 155 -10.04 -5.89 2.28
N GLU A 156 -9.47 -6.86 2.99
CA GLU A 156 -8.98 -6.64 4.35
C GLU A 156 -7.82 -7.58 4.68
N CYS A 157 -6.67 -7.01 5.04
CA CYS A 157 -5.50 -7.82 5.37
C CYS A 157 -4.78 -7.29 6.60
N SER A 158 -4.32 -8.22 7.44
CA SER A 158 -3.57 -7.89 8.63
C SER A 158 -2.37 -8.81 8.78
N ALA A 159 -1.17 -8.26 8.68
CA ALA A 159 0.05 -9.04 8.79
C ALA A 159 0.20 -9.64 10.18
N LEU A 160 -0.52 -9.07 11.15
CA LEU A 160 -0.47 -9.57 12.53
C LEU A 160 -1.06 -10.96 12.65
N THR A 161 -2.24 -11.14 12.06
CA THR A 161 -2.91 -12.44 12.10
C THR A 161 -2.83 -13.16 10.76
N GLN A 162 -2.48 -12.44 9.71
CA GLN A 162 -2.35 -13.01 8.37
C GLN A 162 -3.73 -13.26 7.75
N LYS A 163 -4.73 -12.51 8.22
CA LYS A 163 -6.09 -12.64 7.70
C LYS A 163 -6.16 -12.15 6.26
N GLY A 164 -6.31 -13.06 5.33
CA GLY A 164 -6.38 -12.70 3.92
C GLY A 164 -5.17 -11.89 3.49
N LEU A 165 -4.07 -12.05 4.22
CA LEU A 165 -2.83 -11.32 3.93
C LEU A 165 -2.54 -11.30 2.43
N LYS A 166 -2.44 -12.47 1.82
CA LYS A 166 -2.16 -12.57 0.39
C LYS A 166 -3.43 -12.40 -0.44
N ASN A 167 -4.52 -13.00 0.04
CA ASN A 167 -5.80 -12.92 -0.65
C ASN A 167 -6.12 -11.48 -1.08
N VAL A 168 -5.83 -10.53 -0.19
CA VAL A 168 -6.06 -9.12 -0.48
C VAL A 168 -5.23 -8.69 -1.68
N PHE A 169 -3.93 -8.91 -1.62
CA PHE A 169 -3.05 -8.55 -2.73
C PHE A 169 -3.49 -9.25 -4.00
N ASP A 170 -3.89 -10.52 -3.87
CA ASP A 170 -4.37 -11.30 -5.00
C ASP A 170 -5.46 -10.53 -5.74
N GLU A 171 -6.28 -9.80 -5.00
CA GLU A 171 -7.35 -9.01 -5.58
C GLU A 171 -6.78 -7.82 -6.34
N ALA A 172 -5.64 -7.32 -5.89
CA ALA A 172 -4.99 -6.20 -6.55
C ALA A 172 -4.65 -6.55 -7.99
N ILE A 173 -3.77 -7.54 -8.17
CA ILE A 173 -3.41 -8.02 -9.50
C ILE A 173 -4.67 -8.24 -10.34
N LEU A 174 -5.55 -9.09 -9.81
CA LEU A 174 -6.83 -9.38 -10.46
C LEU A 174 -7.53 -8.08 -10.86
N ALA A 175 -7.24 -7.01 -10.13
CA ALA A 175 -7.84 -5.71 -10.39
C ALA A 175 -6.99 -4.89 -11.34
N ALA A 176 -5.68 -4.98 -11.19
CA ALA A 176 -4.74 -4.22 -12.01
C ALA A 176 -4.93 -4.49 -13.50
N LEU A 177 -4.96 -5.76 -13.87
CA LEU A 177 -5.08 -6.14 -15.27
C LEU A 177 -6.41 -5.63 -15.87
N GLU A 178 -7.30 -6.54 -16.32
CA GLU A 178 -8.59 -6.18 -16.93
C GLU A 178 -9.04 -7.27 -17.90
N PRO A 179 -10.34 -7.29 -18.25
CA PRO A 179 -10.88 -8.24 -19.23
C PRO A 179 -10.07 -8.24 -20.52
N LYS B 1 -10.26 -13.08 -24.04
CA LYS B 1 -10.37 -12.02 -23.01
C LYS B 1 -9.11 -11.94 -22.16
N LYS B 2 -9.15 -11.13 -21.10
CA LYS B 2 -8.01 -10.99 -20.22
C LYS B 2 -8.44 -10.85 -18.76
N LYS B 3 -9.64 -11.32 -18.46
CA LYS B 3 -10.18 -11.28 -17.10
C LYS B 3 -9.48 -12.25 -16.20
N ILE B 4 -8.84 -11.69 -15.20
CA ILE B 4 -8.21 -12.46 -14.17
C ILE B 4 -9.28 -12.91 -13.21
N SER B 5 -9.05 -14.02 -12.55
CA SER B 5 -10.02 -14.50 -11.61
C SER B 5 -9.33 -14.85 -10.29
N LYS B 6 -10.05 -14.72 -9.19
CA LYS B 6 -9.49 -15.02 -7.87
C LYS B 6 -8.76 -16.36 -7.87
N ALA B 7 -9.18 -17.26 -8.75
CA ALA B 7 -8.57 -18.58 -8.85
C ALA B 7 -7.43 -18.63 -9.86
N ASP B 8 -7.23 -17.53 -10.60
CA ASP B 8 -6.17 -17.47 -11.60
C ASP B 8 -4.82 -17.19 -10.95
N ILE B 9 -4.68 -16.01 -10.36
CA ILE B 9 -3.42 -15.64 -9.72
C ILE B 9 -3.02 -16.68 -8.68
N GLY B 10 -2.10 -17.57 -9.05
CA GLY B 10 -1.66 -18.60 -8.13
C GLY B 10 -1.03 -18.02 -6.89
N ALA B 11 -0.13 -18.78 -6.28
CA ALA B 11 0.55 -18.33 -5.07
C ALA B 11 1.80 -17.54 -5.43
N PRO B 12 2.06 -16.44 -4.71
CA PRO B 12 3.24 -15.59 -4.95
C PRO B 12 4.54 -16.36 -4.78
N SER B 13 5.62 -15.82 -5.34
CA SER B 13 6.93 -16.46 -5.24
C SER B 13 7.98 -15.63 -5.97
N GLY B 14 9.19 -16.17 -6.07
CA GLY B 14 10.27 -15.47 -6.73
C GLY B 14 10.47 -14.07 -6.17
N PHE B 15 10.20 -13.90 -4.88
CA PHE B 15 10.36 -12.59 -4.22
C PHE B 15 11.64 -11.90 -4.68
N LYS B 16 11.47 -10.73 -5.30
CA LYS B 16 12.61 -9.98 -5.83
C LYS B 16 12.76 -8.65 -5.10
N HIS B 17 14.02 -8.30 -4.82
CA HIS B 17 14.32 -7.01 -4.22
C HIS B 17 14.80 -6.06 -5.30
N VAL B 18 13.85 -5.43 -5.98
CA VAL B 18 14.16 -4.57 -7.11
C VAL B 18 14.78 -3.25 -6.66
N SER B 19 14.58 -2.89 -5.39
CA SER B 19 15.14 -1.65 -4.86
C SER B 19 14.89 -1.55 -3.35
N HIS B 20 15.62 -0.65 -2.70
CA HIS B 20 15.49 -0.44 -1.26
C HIS B 20 16.10 0.88 -0.84
N VAL B 21 15.35 1.64 -0.05
CA VAL B 21 15.83 2.94 0.44
C VAL B 21 16.00 2.90 1.96
N GLY B 22 17.05 3.56 2.44
CA GLY B 22 17.32 3.57 3.87
C GLY B 22 17.47 4.97 4.44
N TRP B 23 16.42 5.46 5.07
CA TRP B 23 16.44 6.79 5.66
C TRP B 23 16.87 6.74 7.12
N ASP B 24 18.16 6.97 7.36
CA ASP B 24 18.70 6.97 8.71
C ASP B 24 18.54 8.35 9.36
N PRO B 25 18.19 8.40 10.65
CA PRO B 25 18.00 9.65 11.37
C PRO B 25 19.33 10.32 11.74
N GLN B 26 20.44 9.63 11.48
CA GLN B 26 21.76 10.17 11.80
C GLN B 26 22.54 10.49 10.53
N ASN B 27 22.20 9.82 9.44
CA ASN B 27 22.88 10.03 8.17
C ASN B 27 21.99 10.76 7.18
N GLY B 28 20.67 10.62 7.35
CA GLY B 28 19.74 11.26 6.45
C GLY B 28 19.76 10.66 5.07
N PHE B 29 18.90 9.66 4.85
CA PHE B 29 18.82 8.98 3.56
C PHE B 29 20.12 8.24 3.26
N ASP B 30 19.99 6.99 2.85
CA ASP B 30 21.15 6.16 2.54
C ASP B 30 20.81 5.19 1.41
N VAL B 31 20.28 5.74 0.32
CA VAL B 31 19.90 4.93 -0.83
C VAL B 31 21.12 4.30 -1.48
N ASN B 32 21.11 2.97 -1.57
CA ASN B 32 22.22 2.24 -2.18
C ASN B 32 21.77 1.54 -3.46
N ASN B 33 20.49 1.22 -3.54
CA ASN B 33 19.95 0.54 -4.72
C ASN B 33 18.60 1.14 -5.13
N LEU B 34 18.64 2.33 -5.74
CA LEU B 34 17.43 2.98 -6.20
C LEU B 34 17.22 2.71 -7.69
N ASP B 35 15.97 2.80 -8.15
CA ASP B 35 15.66 2.56 -9.55
C ASP B 35 16.43 3.54 -10.44
N PRO B 36 16.97 3.05 -11.57
CA PRO B 36 17.73 3.88 -12.51
C PRO B 36 17.07 5.22 -12.77
N ASP B 37 15.75 5.21 -12.93
CA ASP B 37 15.00 6.43 -13.19
C ASP B 37 14.79 7.22 -11.90
N LEU B 38 14.29 6.55 -10.87
CA LEU B 38 14.02 7.20 -9.59
C LEU B 38 15.30 7.82 -9.02
N ARG B 39 16.45 7.30 -9.44
CA ARG B 39 17.72 7.81 -8.96
C ARG B 39 17.88 9.28 -9.32
N SER B 40 17.52 9.62 -10.55
CA SER B 40 17.60 11.00 -11.02
C SER B 40 16.49 11.85 -10.43
N LEU B 41 15.34 11.24 -10.21
CA LEU B 41 14.19 11.93 -9.65
C LEU B 41 14.37 12.15 -8.15
N PHE B 42 14.76 11.11 -7.44
CA PHE B 42 14.98 11.19 -6.00
C PHE B 42 15.86 12.39 -5.65
N SER B 43 17.09 12.36 -6.12
CA SER B 43 18.02 13.45 -5.88
C SER B 43 17.40 14.79 -6.27
N ARG B 44 16.43 14.74 -7.17
CA ARG B 44 15.77 15.94 -7.64
C ARG B 44 14.55 16.29 -6.80
N ALA B 45 13.97 15.28 -6.15
CA ALA B 45 12.76 15.46 -5.37
C ALA B 45 13.02 15.51 -3.87
N GLY B 46 13.63 16.59 -3.42
CA GLY B 46 13.88 16.76 -2.00
C GLY B 46 15.23 16.23 -1.57
N ILE B 47 15.74 15.24 -2.28
CA ILE B 47 17.05 14.67 -1.97
C ILE B 47 18.13 15.32 -2.81
N SER B 48 17.94 16.60 -3.08
CA SER B 48 18.90 17.38 -3.86
C SER B 48 19.99 17.93 -2.95
N GLU B 49 20.47 19.14 -3.24
CA GLU B 49 21.52 19.76 -2.44
C GLU B 49 21.29 19.56 -0.94
N ALA B 50 20.04 19.37 -0.53
CA ALA B 50 19.71 19.18 0.88
C ALA B 50 20.13 20.37 1.72
N GLN B 51 19.15 21.07 2.27
CA GLN B 51 19.41 22.23 3.11
C GLN B 51 19.72 21.81 4.54
N LEU B 52 20.18 22.77 5.35
CA LEU B 52 20.51 22.49 6.74
C LEU B 52 19.99 23.60 7.65
N THR B 53 18.82 24.14 7.32
CA THR B 53 18.22 25.21 8.11
C THR B 53 17.15 24.68 9.06
N ASP B 54 17.05 23.37 9.15
CA ASP B 54 16.07 22.73 10.02
C ASP B 54 16.19 23.23 11.46
N ALA B 55 15.11 23.80 11.97
CA ALA B 55 15.09 24.32 13.33
C ALA B 55 13.67 24.46 13.84
N GLU B 56 13.24 23.49 14.65
CA GLU B 56 11.88 23.50 15.20
C GLU B 56 11.56 24.86 15.83
N THR B 57 10.37 25.38 15.52
CA THR B 57 9.95 26.66 16.06
C THR B 57 9.19 26.49 17.37
N SER B 58 8.49 27.53 17.79
CA SER B 58 7.72 27.49 19.03
C SER B 58 8.62 27.18 20.21
N LYS B 59 9.00 28.21 20.96
CA LYS B 59 9.85 28.05 22.12
C LYS B 59 9.03 28.02 23.41
N MET A 1 13.32 -7.43 -19.00
CA MET A 1 12.80 -7.57 -17.61
C MET A 1 11.51 -6.78 -17.42
N GLN A 2 10.69 -7.21 -16.46
CA GLN A 2 9.42 -6.55 -16.19
C GLN A 2 9.31 -6.15 -14.73
N THR A 3 8.63 -5.04 -14.47
CA THR A 3 8.44 -4.55 -13.10
C THR A 3 7.05 -3.95 -12.93
N ILE A 4 6.41 -4.28 -11.81
CA ILE A 4 5.07 -3.78 -11.52
C ILE A 4 5.14 -2.52 -10.67
N LYS A 5 4.29 -1.54 -11.01
CA LYS A 5 4.24 -0.30 -10.26
C LYS A 5 3.15 -0.37 -9.22
N CYS A 6 3.32 -1.29 -8.29
CA CYS A 6 2.34 -1.52 -7.24
C CYS A 6 2.57 -0.57 -6.07
N VAL A 7 1.59 0.28 -5.82
CA VAL A 7 1.68 1.26 -4.74
C VAL A 7 0.40 1.24 -3.91
N VAL A 8 0.56 1.44 -2.60
CA VAL A 8 -0.59 1.45 -1.70
C VAL A 8 -1.21 2.83 -1.63
N VAL A 9 -2.54 2.88 -1.67
CA VAL A 9 -3.25 4.15 -1.61
C VAL A 9 -4.28 4.13 -0.49
N GLY A 10 -4.41 5.26 0.20
CA GLY A 10 -5.35 5.36 1.28
C GLY A 10 -5.07 6.52 2.22
N ASP A 11 -6.11 7.08 2.81
CA ASP A 11 -5.97 8.19 3.73
C ASP A 11 -6.74 7.92 5.02
N GLY A 12 -6.02 7.57 6.07
CA GLY A 12 -6.65 7.28 7.35
C GLY A 12 -5.85 6.32 8.19
N ALA A 13 -6.42 5.14 8.46
CA ALA A 13 -5.74 4.13 9.26
C ALA A 13 -6.19 2.73 8.88
N VAL A 14 -5.23 1.81 8.79
CA VAL A 14 -5.51 0.41 8.45
C VAL A 14 -4.33 -0.49 8.85
N GLY A 15 -3.59 -1.04 7.89
CA GLY A 15 -2.47 -1.90 8.22
C GLY A 15 -1.72 -2.37 6.99
N LYS A 16 -1.44 -1.43 6.09
CA LYS A 16 -0.75 -1.74 4.84
C LYS A 16 0.76 -1.85 5.06
N THR A 17 1.28 -1.12 6.04
CA THR A 17 2.71 -1.14 6.33
C THR A 17 3.09 -2.40 7.11
N CYS A 18 2.16 -2.91 7.91
CA CYS A 18 2.41 -4.10 8.72
C CYS A 18 2.42 -5.36 7.87
N LEU A 19 1.64 -5.34 6.78
CA LEU A 19 1.55 -6.49 5.90
C LEU A 19 2.70 -6.49 4.89
N LEU A 20 3.08 -5.31 4.44
CA LEU A 20 4.18 -5.18 3.49
C LEU A 20 5.43 -5.88 4.00
N ILE A 21 5.73 -5.68 5.28
CA ILE A 21 6.89 -6.30 5.91
C ILE A 21 6.70 -7.81 6.03
N SER A 22 5.50 -8.22 6.43
CA SER A 22 5.20 -9.63 6.62
C SER A 22 4.91 -10.33 5.29
N TYR A 23 4.85 -9.58 4.20
CA TYR A 23 4.59 -10.17 2.89
C TYR A 23 5.89 -10.57 2.21
N THR A 24 7.00 -9.96 2.62
CA THR A 24 8.29 -10.25 2.02
C THR A 24 9.18 -11.05 2.97
N THR A 25 9.03 -10.83 4.27
CA THR A 25 9.85 -11.51 5.26
C THR A 25 9.01 -12.37 6.21
N ASN A 26 7.69 -12.35 6.03
CA ASN A 26 6.81 -13.13 6.89
C ASN A 26 7.04 -12.77 8.35
N LYS A 27 7.53 -11.56 8.59
CA LYS A 27 7.81 -11.10 9.94
C LYS A 27 6.87 -9.96 10.34
N PHE A 28 6.14 -10.16 11.43
CA PHE A 28 5.22 -9.15 11.93
C PHE A 28 5.98 -8.11 12.76
N PRO A 29 6.10 -6.87 12.26
CA PRO A 29 6.85 -5.80 12.95
C PRO A 29 6.29 -5.48 14.32
N SER A 30 6.72 -4.35 14.87
CA SER A 30 6.28 -3.92 16.20
C SER A 30 6.65 -2.47 16.48
N GLU A 31 7.81 -2.04 15.98
CA GLU A 31 8.28 -0.67 16.19
C GLU A 31 7.20 0.32 15.78
N TYR A 32 7.40 1.59 16.14
CA TYR A 32 6.45 2.63 15.80
C TYR A 32 7.02 3.55 14.75
N VAL A 33 6.34 4.66 14.56
CA VAL A 33 6.73 5.65 13.56
C VAL A 33 7.05 4.99 12.21
N PRO A 34 6.18 4.10 11.71
CA PRO A 34 6.40 3.41 10.45
C PRO A 34 5.73 4.12 9.27
N THR A 35 5.70 3.43 8.13
CA THR A 35 5.05 3.95 6.94
C THR A 35 5.84 5.12 6.31
N VAL A 36 5.16 6.19 5.88
CA VAL A 36 5.82 7.30 5.22
C VAL A 36 6.11 6.95 3.77
N PHE A 37 7.16 6.15 3.56
CA PHE A 37 7.54 5.72 2.23
C PHE A 37 8.64 4.66 2.27
N ASP A 38 8.23 3.40 2.32
CA ASP A 38 9.20 2.30 2.34
C ASP A 38 9.25 1.64 0.98
N ASN A 39 10.45 1.58 0.39
CA ASN A 39 10.61 0.98 -0.92
C ASN A 39 11.27 -0.39 -0.83
N TYR A 40 10.54 -1.40 -1.27
CA TYR A 40 11.05 -2.77 -1.29
C TYR A 40 10.91 -3.36 -2.69
N ALA A 41 11.61 -4.45 -2.93
CA ALA A 41 11.53 -5.12 -4.23
C ALA A 41 11.48 -6.64 -4.06
N VAL A 42 10.39 -7.24 -4.53
CA VAL A 42 10.20 -8.68 -4.44
C VAL A 42 10.40 -9.33 -5.79
N THR A 43 11.06 -10.49 -5.79
CA THR A 43 11.31 -11.24 -7.00
C THR A 43 10.37 -12.43 -7.11
N VAL A 44 9.43 -12.36 -8.04
CA VAL A 44 8.47 -13.44 -8.23
C VAL A 44 8.53 -14.00 -9.63
N MET A 45 8.06 -15.24 -9.79
CA MET A 45 8.05 -15.90 -11.09
C MET A 45 6.71 -15.70 -11.78
N ILE A 46 6.61 -14.62 -12.54
CA ILE A 46 5.38 -14.30 -13.25
C ILE A 46 5.47 -14.70 -14.73
N GLY A 47 4.44 -15.39 -15.21
CA GLY A 47 4.41 -15.82 -16.60
C GLY A 47 5.55 -16.75 -16.94
N GLY A 48 6.13 -17.37 -15.92
CA GLY A 48 7.23 -18.30 -16.13
C GLY A 48 8.55 -17.58 -16.37
N GLU A 49 8.76 -16.48 -15.68
CA GLU A 49 9.99 -15.70 -15.82
C GLU A 49 10.29 -14.91 -14.54
N PRO A 50 11.56 -14.57 -14.31
CA PRO A 50 11.97 -13.81 -13.13
C PRO A 50 11.55 -12.35 -13.20
N TYR A 51 10.57 -11.98 -12.38
CA TYR A 51 10.06 -10.61 -12.37
C TYR A 51 10.42 -9.90 -11.06
N THR A 52 9.98 -8.66 -10.93
CA THR A 52 10.25 -7.88 -9.73
C THR A 52 9.04 -7.00 -9.38
N LEU A 53 8.36 -7.34 -8.29
CA LEU A 53 7.20 -6.59 -7.85
C LEU A 53 7.61 -5.30 -7.14
N GLY A 54 7.16 -4.17 -7.68
CA GLY A 54 7.50 -2.89 -7.09
C GLY A 54 6.68 -2.57 -5.85
N LEU A 55 7.28 -2.76 -4.68
CA LEU A 55 6.60 -2.50 -3.42
C LEU A 55 6.72 -1.02 -3.04
N PHE A 56 5.59 -0.32 -3.02
CA PHE A 56 5.58 1.10 -2.69
C PHE A 56 4.52 1.43 -1.65
N ASP A 57 4.93 2.14 -0.62
CA ASP A 57 4.01 2.56 0.43
C ASP A 57 3.93 4.08 0.49
N THR A 58 2.71 4.61 0.66
CA THR A 58 2.52 6.05 0.68
C THR A 58 1.94 6.52 2.02
N ALA A 59 2.23 7.77 2.35
CA ALA A 59 1.75 8.37 3.60
C ALA A 59 0.29 8.81 3.47
N GLY A 60 -0.23 9.44 4.51
CA GLY A 60 -1.60 9.91 4.47
C GLY A 60 -1.82 10.93 3.37
N GLN A 61 -2.18 12.16 3.76
CA GLN A 61 -2.41 13.21 2.78
C GLN A 61 -2.21 14.59 3.40
N GLU A 62 -1.43 14.65 4.48
CA GLU A 62 -1.15 15.90 5.14
C GLU A 62 0.35 16.16 5.13
N ASP A 63 1.12 15.15 5.48
CA ASP A 63 2.57 15.25 5.51
C ASP A 63 3.16 15.12 4.12
N TYR A 64 2.44 14.40 3.25
CA TYR A 64 2.89 14.20 1.89
C TYR A 64 2.18 15.15 0.94
N ASP A 65 1.64 16.25 1.48
CA ASP A 65 0.94 17.23 0.67
C ASP A 65 1.84 17.77 -0.43
N ARG A 66 3.15 17.78 -0.19
CA ARG A 66 4.11 18.29 -1.16
C ARG A 66 4.68 17.18 -2.04
N LEU A 67 5.13 16.11 -1.40
CA LEU A 67 5.72 14.98 -2.13
C LEU A 67 4.68 13.90 -2.39
N ARG A 68 3.43 14.30 -2.54
CA ARG A 68 2.34 13.37 -2.78
C ARG A 68 2.51 12.64 -4.12
N PRO A 69 2.59 13.40 -5.23
CA PRO A 69 2.73 12.82 -6.58
C PRO A 69 4.06 12.13 -6.79
N LEU A 70 4.97 12.25 -5.83
CA LEU A 70 6.29 11.63 -5.92
C LEU A 70 6.22 10.12 -5.69
N SER A 71 5.08 9.63 -5.19
CA SER A 71 4.93 8.22 -4.88
C SER A 71 4.17 7.48 -5.98
N TYR A 72 4.02 8.10 -7.13
CA TYR A 72 3.31 7.45 -8.24
C TYR A 72 3.92 7.80 -9.60
N PRO A 73 5.27 7.82 -9.71
CA PRO A 73 5.96 8.17 -10.96
C PRO A 73 5.24 7.61 -12.19
N GLN A 74 4.85 6.35 -12.13
CA GLN A 74 4.14 5.72 -13.23
C GLN A 74 3.37 4.50 -12.74
N THR A 75 2.66 4.67 -11.62
CA THR A 75 1.89 3.58 -11.03
C THR A 75 1.01 2.90 -12.07
N ASP A 76 0.74 1.61 -11.85
CA ASP A 76 -0.13 0.85 -12.73
C ASP A 76 -1.41 0.48 -11.97
N VAL A 77 -1.24 -0.33 -10.93
CA VAL A 77 -2.37 -0.70 -10.09
C VAL A 77 -2.40 0.18 -8.84
N PHE A 78 -3.45 0.01 -8.04
CA PHE A 78 -3.57 0.80 -6.81
C PHE A 78 -4.17 -0.04 -5.69
N LEU A 79 -3.43 -0.18 -4.60
CA LEU A 79 -3.88 -0.95 -3.46
C LEU A 79 -4.62 -0.06 -2.47
N VAL A 80 -5.94 -0.18 -2.46
CA VAL A 80 -6.78 0.60 -1.54
C VAL A 80 -7.10 -0.20 -0.30
N CYS A 81 -6.32 0.00 0.76
CA CYS A 81 -6.54 -0.73 1.99
C CYS A 81 -7.53 0.00 2.89
N PHE A 82 -8.71 -0.59 3.06
CA PHE A 82 -9.73 -0.01 3.91
C PHE A 82 -10.02 -0.93 5.09
N SER A 83 -10.56 -0.38 6.17
CA SER A 83 -10.87 -1.17 7.36
C SER A 83 -12.26 -1.79 7.26
N VAL A 84 -12.29 -3.10 7.03
CA VAL A 84 -13.54 -3.82 6.92
C VAL A 84 -14.40 -3.61 8.16
N VAL A 85 -13.75 -3.41 9.30
CA VAL A 85 -14.44 -3.19 10.56
C VAL A 85 -14.60 -1.70 10.86
N SER A 86 -14.89 -0.93 9.82
CA SER A 86 -15.06 0.51 9.97
C SER A 86 -15.93 1.07 8.84
N PRO A 87 -17.23 1.29 9.09
CA PRO A 87 -18.15 1.84 8.08
C PRO A 87 -17.61 3.09 7.42
N SER A 88 -16.91 3.91 8.20
CA SER A 88 -16.34 5.15 7.67
C SER A 88 -15.44 4.88 6.48
N SER A 89 -14.59 3.86 6.60
CA SER A 89 -13.69 3.49 5.52
C SER A 89 -14.48 3.09 4.28
N PHE A 90 -15.51 2.29 4.48
CA PHE A 90 -16.36 1.83 3.39
C PHE A 90 -17.03 3.01 2.70
N GLU A 91 -17.43 4.01 3.48
CA GLU A 91 -18.08 5.20 2.95
C GLU A 91 -17.12 5.99 2.08
N ASN A 92 -15.97 6.32 2.63
CA ASN A 92 -14.94 7.06 1.91
C ASN A 92 -14.37 6.21 0.79
N VAL A 93 -14.17 4.93 1.09
CA VAL A 93 -13.66 3.96 0.12
C VAL A 93 -14.29 4.17 -1.25
N LYS A 94 -15.62 4.31 -1.26
CA LYS A 94 -16.36 4.52 -2.49
C LYS A 94 -16.34 5.99 -2.90
N GLU A 95 -16.14 6.88 -1.94
CA GLU A 95 -16.12 8.31 -2.23
C GLU A 95 -15.00 9.03 -1.47
N LYS A 96 -13.75 8.69 -1.78
CA LYS A 96 -12.61 9.33 -1.13
C LYS A 96 -11.30 8.62 -1.48
N TRP A 97 -11.25 7.31 -1.24
CA TRP A 97 -10.03 6.55 -1.50
C TRP A 97 -9.81 6.34 -2.99
N VAL A 98 -10.84 5.87 -3.69
CA VAL A 98 -10.75 5.64 -5.13
C VAL A 98 -10.72 6.97 -5.90
N PRO A 99 -11.75 7.82 -5.78
CA PRO A 99 -11.82 9.08 -6.50
C PRO A 99 -10.54 9.91 -6.33
N GLU A 100 -9.83 9.66 -5.24
CA GLU A 100 -8.58 10.36 -4.97
C GLU A 100 -7.56 10.07 -6.06
N ILE A 101 -7.56 8.83 -6.54
CA ILE A 101 -6.65 8.41 -7.59
C ILE A 101 -7.20 8.77 -8.97
N THR A 102 -8.50 8.53 -9.14
CA THR A 102 -9.16 8.81 -10.42
C THR A 102 -8.90 10.24 -10.88
N HIS A 103 -8.66 11.14 -9.93
CA HIS A 103 -8.39 12.53 -10.25
C HIS A 103 -7.08 12.68 -11.00
N HIS A 104 -6.18 11.73 -10.78
CA HIS A 104 -4.87 11.74 -11.42
C HIS A 104 -4.76 10.60 -12.44
N CYS A 105 -5.30 9.44 -12.09
CA CYS A 105 -5.26 8.28 -12.95
C CYS A 105 -6.55 7.46 -12.85
N PRO A 106 -7.60 7.88 -13.58
CA PRO A 106 -8.90 7.20 -13.56
C PRO A 106 -8.97 6.00 -14.51
N LYS A 107 -7.86 5.70 -15.18
CA LYS A 107 -7.81 4.56 -16.10
C LYS A 107 -6.97 3.43 -15.51
N THR A 108 -5.93 3.80 -14.77
CA THR A 108 -5.05 2.83 -14.16
C THR A 108 -5.82 1.84 -13.28
N PRO A 109 -5.45 0.55 -13.31
CA PRO A 109 -6.11 -0.48 -12.51
C PRO A 109 -6.12 -0.13 -11.03
N PHE A 110 -7.13 -0.63 -10.31
CA PHE A 110 -7.27 -0.33 -8.88
C PHE A 110 -7.58 -1.58 -8.07
N LEU A 111 -6.58 -2.09 -7.36
CA LEU A 111 -6.76 -3.25 -6.50
C LEU A 111 -7.46 -2.83 -5.19
N LEU A 112 -8.49 -3.57 -4.80
CA LEU A 112 -9.23 -3.25 -3.59
C LEU A 112 -8.80 -4.16 -2.45
N VAL A 113 -7.95 -3.64 -1.57
CA VAL A 113 -7.44 -4.41 -0.45
C VAL A 113 -8.27 -4.21 0.82
N GLY A 114 -8.59 -5.32 1.48
CA GLY A 114 -9.35 -5.25 2.72
C GLY A 114 -8.53 -5.73 3.91
N THR A 115 -8.28 -4.83 4.86
CA THR A 115 -7.48 -5.16 6.02
C THR A 115 -8.34 -5.21 7.28
N GLN A 116 -7.73 -5.61 8.39
CA GLN A 116 -8.43 -5.68 9.67
C GLN A 116 -9.37 -6.89 9.71
N ILE A 117 -8.80 -8.07 9.53
CA ILE A 117 -9.58 -9.30 9.56
C ILE A 117 -9.66 -9.86 10.97
N ASP A 118 -8.67 -9.51 11.80
CA ASP A 118 -8.62 -9.97 13.18
C ASP A 118 -9.98 -9.84 13.86
N LEU A 119 -10.56 -8.64 13.79
CA LEU A 119 -11.85 -8.38 14.41
C LEU A 119 -12.98 -8.99 13.59
N ARG A 120 -12.84 -8.94 12.27
CA ARG A 120 -13.86 -9.47 11.38
C ARG A 120 -14.17 -10.93 11.73
N ASP A 121 -13.19 -11.63 12.25
CA ASP A 121 -13.36 -13.03 12.64
C ASP A 121 -13.58 -13.16 14.15
N ASP A 122 -13.94 -12.06 14.80
CA ASP A 122 -14.17 -12.08 16.23
C ASP A 122 -15.61 -11.72 16.56
N PRO A 123 -16.54 -12.68 16.42
CA PRO A 123 -17.95 -12.46 16.71
C PRO A 123 -18.16 -11.69 18.01
N SER A 124 -17.32 -11.95 18.99
CA SER A 124 -17.43 -11.28 20.28
C SER A 124 -17.33 -9.76 20.12
N THR A 125 -16.54 -9.33 19.14
CA THR A 125 -16.38 -7.91 18.86
C THR A 125 -17.37 -7.45 17.80
N ILE A 126 -17.49 -8.25 16.75
CA ILE A 126 -18.41 -7.95 15.67
C ILE A 126 -19.81 -7.67 16.21
N GLU A 127 -20.27 -8.54 17.10
CA GLU A 127 -21.59 -8.40 17.70
C GLU A 127 -21.59 -7.31 18.76
N LYS A 128 -20.43 -7.07 19.36
CA LYS A 128 -20.31 -6.08 20.43
C LYS A 128 -20.58 -4.67 19.91
N LEU A 129 -20.03 -4.33 18.75
CA LEU A 129 -20.24 -3.01 18.17
C LEU A 129 -21.35 -3.03 17.13
N ALA A 130 -21.62 -4.21 16.57
CA ALA A 130 -22.65 -4.37 15.55
C ALA A 130 -23.93 -3.64 15.93
N LYS A 131 -24.17 -3.48 17.23
CA LYS A 131 -25.38 -2.83 17.71
C LYS A 131 -25.07 -1.68 18.66
N ASN A 132 -23.86 -1.12 18.57
CA ASN A 132 -23.48 -0.01 19.43
C ASN A 132 -23.21 1.25 18.62
N LYS A 133 -22.75 1.08 17.39
CA LYS A 133 -22.45 2.21 16.50
C LYS A 133 -21.65 1.77 15.29
N GLN A 134 -20.84 0.75 15.47
CA GLN A 134 -19.99 0.25 14.41
C GLN A 134 -20.55 -1.03 13.80
N LYS A 135 -19.93 -1.46 12.70
CA LYS A 135 -20.37 -2.67 12.00
C LYS A 135 -19.39 -3.01 10.88
N PRO A 136 -19.01 -4.29 10.75
CA PRO A 136 -18.07 -4.73 9.72
C PRO A 136 -18.71 -4.77 8.34
N ILE A 137 -17.89 -5.00 7.32
CA ILE A 137 -18.38 -5.08 5.95
C ILE A 137 -18.25 -6.51 5.41
N THR A 138 -19.29 -6.97 4.71
CA THR A 138 -19.28 -8.31 4.15
C THR A 138 -18.47 -8.35 2.84
N PRO A 139 -17.94 -9.53 2.48
CA PRO A 139 -17.14 -9.69 1.26
C PRO A 139 -17.95 -9.39 0.00
N GLU A 140 -19.26 -9.57 0.10
CA GLU A 140 -20.15 -9.29 -1.03
C GLU A 140 -20.39 -7.79 -1.16
N THR A 141 -20.30 -7.09 -0.03
CA THR A 141 -20.50 -5.65 0.00
C THR A 141 -19.30 -4.92 -0.61
N ALA A 142 -18.09 -5.37 -0.27
CA ALA A 142 -16.87 -4.78 -0.79
C ALA A 142 -16.78 -5.00 -2.30
N GLU A 143 -17.10 -6.21 -2.73
CA GLU A 143 -17.10 -6.53 -4.15
C GLU A 143 -17.88 -5.49 -4.93
N LYS A 144 -19.12 -5.29 -4.50
CA LYS A 144 -20.00 -4.28 -5.11
C LYS A 144 -19.27 -2.96 -5.32
N LEU A 145 -18.28 -2.69 -4.46
CA LEU A 145 -17.48 -1.48 -4.58
C LEU A 145 -16.41 -1.70 -5.63
N ALA A 146 -15.79 -2.87 -5.57
CA ALA A 146 -14.74 -3.24 -6.51
C ALA A 146 -15.22 -3.11 -7.96
N ARG A 147 -16.52 -3.24 -8.17
CA ARG A 147 -17.09 -3.14 -9.50
C ARG A 147 -17.59 -1.73 -9.79
N ASP A 148 -18.15 -1.10 -8.76
CA ASP A 148 -18.66 0.26 -8.89
C ASP A 148 -17.52 1.26 -8.98
N LEU A 149 -16.40 0.92 -8.34
CA LEU A 149 -15.23 1.78 -8.35
C LEU A 149 -14.23 1.37 -9.42
N LYS A 150 -14.71 0.60 -10.40
CA LYS A 150 -13.85 0.15 -11.49
C LYS A 150 -12.63 -0.61 -10.97
N ALA A 151 -12.73 -1.09 -9.73
CA ALA A 151 -11.62 -1.83 -9.13
C ALA A 151 -11.37 -3.13 -9.88
N VAL A 152 -10.10 -3.42 -10.15
CA VAL A 152 -9.73 -4.62 -10.88
C VAL A 152 -10.26 -5.88 -10.19
N LYS A 153 -10.26 -5.87 -8.86
CA LYS A 153 -10.76 -7.01 -8.10
C LYS A 153 -10.77 -6.70 -6.60
N TYR A 154 -11.57 -7.46 -5.85
CA TYR A 154 -11.66 -7.29 -4.41
C TYR A 154 -10.93 -8.41 -3.69
N VAL A 155 -10.05 -8.03 -2.77
CA VAL A 155 -9.29 -9.00 -1.99
C VAL A 155 -9.19 -8.56 -0.52
N GLU A 156 -8.52 -9.38 0.28
CA GLU A 156 -8.33 -9.07 1.70
C GLU A 156 -6.90 -9.37 2.11
N CYS A 157 -6.52 -8.95 3.31
CA CYS A 157 -5.15 -9.17 3.77
C CYS A 157 -5.04 -9.13 5.29
N SER A 158 -4.28 -10.09 5.82
CA SER A 158 -4.01 -10.16 7.25
C SER A 158 -2.53 -10.44 7.50
N ALA A 159 -1.83 -9.49 8.10
CA ALA A 159 -0.41 -9.65 8.39
C ALA A 159 -0.19 -10.51 9.63
N LEU A 160 -1.27 -10.98 10.26
CA LEU A 160 -1.17 -11.80 11.45
C LEU A 160 -1.35 -13.28 11.12
N THR A 161 -2.30 -13.55 10.23
CA THR A 161 -2.58 -14.92 9.82
C THR A 161 -2.33 -15.14 8.34
N GLN A 162 -2.01 -14.06 7.61
CA GLN A 162 -1.76 -14.15 6.17
C GLN A 162 -3.05 -14.43 5.41
N LYS A 163 -4.18 -14.15 6.03
CA LYS A 163 -5.47 -14.36 5.40
C LYS A 163 -5.68 -13.38 4.25
N GLY A 164 -5.28 -13.78 3.05
CA GLY A 164 -5.41 -12.91 1.90
C GLY A 164 -4.17 -12.07 1.67
N LEU A 165 -3.36 -11.91 2.71
CA LEU A 165 -2.14 -11.13 2.65
C LEU A 165 -1.33 -11.43 1.39
N LYS A 166 -1.08 -12.70 1.16
CA LYS A 166 -0.27 -13.13 0.03
C LYS A 166 -1.08 -13.16 -1.27
N ASN A 167 -2.35 -13.56 -1.15
CA ASN A 167 -3.23 -13.63 -2.31
C ASN A 167 -3.42 -12.25 -2.95
N VAL A 168 -3.78 -11.26 -2.12
CA VAL A 168 -4.01 -9.91 -2.60
C VAL A 168 -2.90 -9.44 -3.53
N PHE A 169 -1.66 -9.46 -3.02
CA PHE A 169 -0.51 -9.04 -3.80
C PHE A 169 -0.50 -9.75 -5.16
N ASP A 170 -0.90 -11.01 -5.14
CA ASP A 170 -0.97 -11.80 -6.37
C ASP A 170 -2.02 -11.22 -7.30
N GLU A 171 -3.07 -10.64 -6.72
CA GLU A 171 -4.14 -10.04 -7.51
C GLU A 171 -3.72 -8.68 -8.04
N ALA A 172 -3.11 -7.88 -7.17
CA ALA A 172 -2.63 -6.55 -7.55
C ALA A 172 -1.76 -6.64 -8.80
N ILE A 173 -0.62 -7.31 -8.67
CA ILE A 173 0.29 -7.51 -9.81
C ILE A 173 -0.48 -8.05 -11.01
N LEU A 174 -1.16 -9.18 -10.79
CA LEU A 174 -1.98 -9.79 -11.83
C LEU A 174 -2.90 -8.75 -12.47
N ALA A 175 -3.22 -7.71 -11.71
CA ALA A 175 -4.09 -6.64 -12.20
C ALA A 175 -3.28 -5.54 -12.88
N ALA A 176 -2.25 -5.06 -12.19
CA ALA A 176 -1.41 -3.98 -12.72
C ALA A 176 -1.00 -4.25 -14.16
N LEU A 177 -0.52 -5.46 -14.42
CA LEU A 177 -0.08 -5.85 -15.76
C LEU A 177 -1.27 -6.00 -16.70
N GLU A 178 -1.00 -6.54 -17.90
CA GLU A 178 -2.05 -6.70 -18.90
C GLU A 178 -1.61 -7.73 -19.96
N PRO A 179 -2.54 -8.20 -20.81
CA PRO A 179 -2.24 -9.16 -21.88
C PRO A 179 -1.06 -8.70 -22.73
N LYS B 1 1.61 -13.30 -25.57
CA LYS B 1 0.79 -12.35 -24.77
C LYS B 1 1.47 -12.01 -23.46
N LYS B 2 0.80 -11.24 -22.61
CA LYS B 2 1.34 -10.85 -21.32
C LYS B 2 0.30 -10.99 -20.21
N LYS B 3 -0.66 -11.88 -20.43
CA LYS B 3 -1.72 -12.13 -19.47
C LYS B 3 -1.22 -12.85 -18.25
N ILE B 4 -1.36 -12.17 -17.13
CA ILE B 4 -1.04 -12.74 -15.85
C ILE B 4 -2.26 -13.46 -15.34
N SER B 5 -2.06 -14.48 -14.55
CA SER B 5 -3.18 -15.20 -14.01
C SER B 5 -3.03 -15.36 -12.49
N LYS B 6 -3.94 -16.07 -11.86
CA LYS B 6 -3.87 -16.29 -10.43
C LYS B 6 -2.77 -17.28 -10.09
N ALA B 7 -2.49 -18.19 -11.02
CA ALA B 7 -1.48 -19.22 -10.82
C ALA B 7 -0.12 -18.86 -11.44
N ASP B 8 -0.05 -17.69 -12.08
CA ASP B 8 1.19 -17.27 -12.74
C ASP B 8 2.19 -16.71 -11.73
N ILE B 9 1.87 -15.57 -11.13
CA ILE B 9 2.77 -14.94 -10.18
C ILE B 9 3.20 -15.94 -9.11
N GLY B 10 4.38 -16.52 -9.29
CA GLY B 10 4.89 -17.50 -8.35
C GLY B 10 4.98 -16.94 -6.94
N ALA B 11 5.72 -17.64 -6.08
CA ALA B 11 5.89 -17.21 -4.71
C ALA B 11 6.95 -16.11 -4.62
N PRO B 12 6.68 -15.05 -3.84
CA PRO B 12 7.61 -13.93 -3.68
C PRO B 12 8.95 -14.39 -3.12
N SER B 13 9.98 -13.57 -3.28
CA SER B 13 11.31 -13.90 -2.80
C SER B 13 12.31 -12.81 -3.16
N GLY B 14 13.47 -12.85 -2.49
CA GLY B 14 14.49 -11.86 -2.75
C GLY B 14 14.13 -10.48 -2.22
N PHE B 15 13.51 -10.46 -1.04
CA PHE B 15 13.13 -9.18 -0.41
C PHE B 15 14.24 -8.15 -0.55
N LYS B 16 13.97 -7.10 -1.31
CA LYS B 16 14.96 -6.07 -1.57
C LYS B 16 14.57 -4.73 -0.97
N HIS B 17 15.18 -4.40 0.16
CA HIS B 17 14.94 -3.12 0.81
C HIS B 17 15.53 -2.00 -0.03
N VAL B 18 14.76 -1.53 -1.01
CA VAL B 18 15.23 -0.51 -1.93
C VAL B 18 15.38 0.83 -1.25
N SER B 19 14.66 1.03 -0.14
CA SER B 19 14.73 2.29 0.60
C SER B 19 13.93 2.22 1.89
N HIS B 20 14.20 3.15 2.80
CA HIS B 20 13.50 3.21 4.08
C HIS B 20 13.45 4.65 4.58
N VAL B 21 12.24 5.16 4.79
CA VAL B 21 12.05 6.53 5.27
C VAL B 21 11.60 6.55 6.73
N GLY B 22 12.13 7.51 7.49
CA GLY B 22 11.78 7.63 8.89
C GLY B 22 11.26 9.02 9.24
N TRP B 23 9.95 9.17 9.34
CA TRP B 23 9.36 10.46 9.67
C TRP B 23 9.48 10.76 11.16
N ASP B 24 9.30 12.02 11.52
CA ASP B 24 9.39 12.45 12.91
C ASP B 24 8.92 13.90 13.06
N PRO B 25 8.06 14.18 14.05
CA PRO B 25 7.53 15.53 14.27
C PRO B 25 8.55 16.46 14.97
N GLN B 26 9.68 15.89 15.40
CA GLN B 26 10.72 16.68 16.05
C GLN B 26 11.94 16.82 15.15
N ASN B 27 12.12 15.85 14.25
CA ASN B 27 13.25 15.88 13.33
C ASN B 27 12.78 16.14 11.90
N GLY B 28 11.51 15.90 11.64
CA GLY B 28 10.97 16.12 10.30
C GLY B 28 11.68 15.31 9.24
N PHE B 29 11.23 14.07 9.06
CA PHE B 29 11.82 13.18 8.07
C PHE B 29 13.28 12.90 8.38
N ASP B 30 13.63 11.61 8.37
CA ASP B 30 14.99 11.17 8.64
C ASP B 30 15.38 10.06 7.69
N VAL B 31 15.26 10.33 6.40
CA VAL B 31 15.58 9.34 5.37
C VAL B 31 17.06 8.99 5.38
N ASN B 32 17.35 7.70 5.51
CA ASN B 32 18.73 7.23 5.52
C ASN B 32 19.10 6.60 4.19
N ASN B 33 18.10 6.07 3.49
CA ASN B 33 18.35 5.44 2.19
C ASN B 33 17.12 5.54 1.28
N LEU B 34 16.96 6.68 0.63
CA LEU B 34 15.85 6.87 -0.30
C LEU B 34 16.26 6.41 -1.70
N ASP B 35 15.33 6.50 -2.65
CA ASP B 35 15.61 6.08 -4.02
C ASP B 35 16.49 7.10 -4.74
N PRO B 36 17.34 6.63 -5.67
CA PRO B 36 18.23 7.52 -6.43
C PRO B 36 17.50 8.71 -7.05
N ASP B 37 16.42 8.42 -7.76
CA ASP B 37 15.62 9.46 -8.39
C ASP B 37 14.80 10.22 -7.36
N LEU B 38 14.09 9.49 -6.51
CA LEU B 38 13.27 10.09 -5.48
C LEU B 38 14.11 10.95 -4.54
N ARG B 39 15.38 10.57 -4.38
CA ARG B 39 16.29 11.32 -3.52
C ARG B 39 16.30 12.79 -3.90
N SER B 40 16.17 13.06 -5.20
CA SER B 40 16.15 14.42 -5.69
C SER B 40 14.75 15.03 -5.55
N LEU B 41 13.74 14.24 -5.87
CA LEU B 41 12.35 14.70 -5.77
C LEU B 41 11.96 14.93 -4.31
N PHE B 42 12.13 13.91 -3.48
CA PHE B 42 11.81 14.03 -2.06
C PHE B 42 12.46 15.28 -1.46
N SER B 43 13.77 15.38 -1.62
CA SER B 43 14.50 16.55 -1.14
C SER B 43 13.90 17.83 -1.71
N ARG B 44 13.24 17.71 -2.85
CA ARG B 44 12.63 18.86 -3.51
C ARG B 44 11.19 19.07 -3.07
N ALA B 45 10.54 18.00 -2.63
CA ALA B 45 9.13 18.05 -2.25
C ALA B 45 8.92 18.12 -0.76
N GLY B 46 9.23 19.27 -0.19
CA GLY B 46 9.02 19.46 1.23
C GLY B 46 10.25 19.15 2.05
N ILE B 47 11.05 18.20 1.57
CA ILE B 47 12.27 17.82 2.26
C ILE B 47 13.47 18.58 1.70
N SER B 48 13.23 19.85 1.39
CA SER B 48 14.26 20.71 0.82
C SER B 48 14.88 21.64 1.87
N GLU B 49 14.41 21.50 3.09
CA GLU B 49 14.95 22.27 4.20
C GLU B 49 16.36 21.76 4.53
N ALA B 50 16.73 20.62 3.95
CA ALA B 50 18.04 20.04 4.18
C ALA B 50 19.12 20.78 3.42
N GLN B 51 19.92 21.56 4.14
CA GLN B 51 21.00 22.32 3.52
C GLN B 51 22.37 21.70 3.85
N LEU B 52 23.43 22.46 3.62
CA LEU B 52 24.78 21.99 3.89
C LEU B 52 24.97 21.67 5.36
N THR B 53 25.11 20.38 5.67
CA THR B 53 25.30 19.93 7.04
C THR B 53 26.76 19.58 7.34
N ASP B 54 27.62 19.90 6.40
CA ASP B 54 29.05 19.62 6.54
C ASP B 54 29.58 20.16 7.86
N ALA B 55 29.80 19.27 8.83
CA ALA B 55 30.31 19.67 10.13
C ALA B 55 31.77 20.11 10.04
N GLU B 56 32.09 21.21 10.73
CA GLU B 56 33.46 21.73 10.74
C GLU B 56 33.99 21.91 9.33
N THR B 57 35.22 22.41 9.22
CA THR B 57 35.85 22.62 7.93
C THR B 57 37.37 22.48 8.05
N SER B 58 38.04 23.57 8.47
CA SER B 58 39.48 23.56 8.62
C SER B 58 39.99 24.91 9.12
N LYS B 59 39.58 25.27 10.33
CA LYS B 59 40.00 26.55 10.93
C LYS B 59 41.22 26.35 11.83
N MET A 1 4.68 -14.28 -17.76
CA MET A 1 3.66 -14.01 -18.80
C MET A 1 2.84 -12.77 -18.44
N GLN A 2 2.22 -12.79 -17.27
CA GLN A 2 1.40 -11.66 -16.82
C GLN A 2 1.87 -11.16 -15.45
N THR A 3 1.83 -9.85 -15.26
CA THR A 3 2.26 -9.25 -14.00
C THR A 3 1.34 -8.09 -13.62
N ILE A 4 0.94 -8.06 -12.36
CA ILE A 4 0.07 -7.00 -11.85
C ILE A 4 0.86 -5.92 -11.13
N LYS A 5 0.74 -4.69 -11.59
CA LYS A 5 1.44 -3.58 -10.98
C LYS A 5 0.56 -2.96 -9.89
N CYS A 6 0.59 -3.57 -8.71
CA CYS A 6 -0.19 -3.07 -7.58
C CYS A 6 0.60 -2.01 -6.82
N VAL A 7 0.02 -0.83 -6.70
CA VAL A 7 0.69 0.27 -6.01
C VAL A 7 -0.08 0.65 -4.75
N VAL A 8 0.62 0.67 -3.63
CA VAL A 8 0.00 1.02 -2.36
C VAL A 8 0.01 2.53 -2.15
N VAL A 9 -1.18 3.11 -2.05
CA VAL A 9 -1.32 4.55 -1.89
C VAL A 9 -1.89 4.90 -0.51
N GLY A 10 -1.39 5.99 0.06
CA GLY A 10 -1.85 6.43 1.36
C GLY A 10 -0.98 7.51 1.95
N ASP A 11 -1.52 8.26 2.90
CA ASP A 11 -0.77 9.34 3.54
C ASP A 11 -0.08 8.86 4.81
N GLY A 12 0.43 7.65 4.78
CA GLY A 12 1.11 7.10 5.93
C GLY A 12 0.19 6.32 6.85
N ALA A 13 0.69 5.94 8.02
CA ALA A 13 -0.09 5.20 9.00
C ALA A 13 -0.34 3.77 8.51
N VAL A 14 -1.35 3.12 9.10
CA VAL A 14 -1.69 1.74 8.74
C VAL A 14 -0.43 0.88 8.66
N GLY A 15 -0.57 -0.34 8.16
CA GLY A 15 0.58 -1.23 8.07
C GLY A 15 0.68 -1.95 6.74
N LYS A 16 0.86 -1.18 5.66
CA LYS A 16 1.02 -1.77 4.34
C LYS A 16 2.35 -2.50 4.24
N THR A 17 3.42 -1.82 4.65
CA THR A 17 4.74 -2.43 4.65
C THR A 17 4.78 -3.59 5.63
N CYS A 18 3.96 -3.48 6.68
CA CYS A 18 3.87 -4.53 7.69
C CYS A 18 3.35 -5.84 7.09
N LEU A 19 2.39 -5.74 6.17
CA LEU A 19 1.82 -6.92 5.54
C LEU A 19 2.60 -7.36 4.31
N LEU A 20 3.30 -6.43 3.69
CA LEU A 20 4.10 -6.77 2.51
C LEU A 20 5.01 -7.96 2.80
N ILE A 21 5.66 -7.90 3.96
CA ILE A 21 6.55 -8.97 4.38
C ILE A 21 5.78 -10.15 4.96
N SER A 22 4.82 -9.86 5.83
CA SER A 22 4.01 -10.90 6.46
C SER A 22 3.15 -11.62 5.45
N TYR A 23 2.88 -10.97 4.31
CA TYR A 23 2.03 -11.54 3.28
C TYR A 23 2.78 -12.59 2.46
N THR A 24 4.02 -12.28 2.06
CA THR A 24 4.79 -13.20 1.24
C THR A 24 5.81 -13.99 2.06
N THR A 25 6.21 -13.46 3.21
CA THR A 25 7.20 -14.14 4.05
C THR A 25 6.53 -14.76 5.28
N ASN A 26 5.34 -14.29 5.62
CA ASN A 26 4.61 -14.81 6.78
C ASN A 26 5.28 -14.39 8.09
N LYS A 27 6.16 -13.40 8.02
CA LYS A 27 6.84 -12.89 9.21
C LYS A 27 6.25 -11.56 9.65
N PHE A 28 6.50 -11.20 10.90
CA PHE A 28 5.98 -9.95 11.46
C PHE A 28 7.12 -8.97 11.69
N PRO A 29 7.37 -8.06 10.73
CA PRO A 29 8.44 -7.05 10.86
C PRO A 29 8.17 -6.06 11.98
N SER A 30 9.02 -5.05 12.09
CA SER A 30 8.87 -4.04 13.13
C SER A 30 9.40 -2.68 12.66
N GLU A 31 10.59 -2.69 12.06
CA GLU A 31 11.21 -1.46 11.58
C GLU A 31 10.29 -0.72 10.61
N TYR A 32 10.17 0.58 10.81
CA TYR A 32 9.32 1.42 9.96
C TYR A 32 9.81 2.86 9.97
N VAL A 33 10.17 3.36 8.78
CA VAL A 33 10.65 4.74 8.65
C VAL A 33 10.74 5.15 7.19
N PRO A 34 11.62 4.50 6.41
CA PRO A 34 11.83 4.82 5.00
C PRO A 34 10.60 4.52 4.13
N THR A 35 10.45 3.27 3.73
CA THR A 35 9.33 2.86 2.88
C THR A 35 9.29 3.70 1.61
N VAL A 36 10.44 4.26 1.22
CA VAL A 36 10.53 5.07 0.02
C VAL A 36 9.94 4.35 -1.19
N PHE A 37 10.55 3.23 -1.55
CA PHE A 37 10.09 2.44 -2.68
C PHE A 37 10.62 1.01 -2.60
N ASP A 38 9.84 0.14 -1.97
CA ASP A 38 10.22 -1.26 -1.85
C ASP A 38 9.42 -2.12 -2.82
N ASN A 39 10.07 -2.56 -3.89
CA ASN A 39 9.40 -3.36 -4.91
C ASN A 39 9.79 -4.83 -4.82
N TYR A 40 8.79 -5.69 -4.69
CA TYR A 40 9.01 -7.12 -4.62
C TYR A 40 8.15 -7.82 -5.67
N ALA A 41 8.41 -9.11 -5.92
CA ALA A 41 7.64 -9.85 -6.90
C ALA A 41 7.22 -11.21 -6.35
N VAL A 42 5.91 -11.42 -6.27
CA VAL A 42 5.37 -12.67 -5.77
C VAL A 42 4.84 -13.53 -6.91
N THR A 43 5.08 -14.83 -6.82
CA THR A 43 4.60 -15.76 -7.83
C THR A 43 3.38 -16.53 -7.33
N VAL A 44 2.24 -16.29 -7.96
CA VAL A 44 1.01 -16.95 -7.55
C VAL A 44 0.39 -17.72 -8.70
N MET A 45 -0.45 -18.71 -8.37
CA MET A 45 -1.11 -19.53 -9.37
C MET A 45 -2.48 -18.96 -9.69
N ILE A 46 -2.53 -18.05 -10.67
CA ILE A 46 -3.77 -17.41 -11.07
C ILE A 46 -4.31 -18.02 -12.37
N GLY A 47 -5.59 -18.34 -12.37
CA GLY A 47 -6.20 -18.92 -13.55
C GLY A 47 -5.58 -20.24 -13.95
N GLY A 48 -5.11 -21.00 -12.96
CA GLY A 48 -4.48 -22.28 -13.24
C GLY A 48 -3.12 -22.12 -13.90
N GLU A 49 -2.53 -20.93 -13.75
CA GLU A 49 -1.22 -20.65 -14.33
C GLU A 49 -0.39 -19.78 -13.40
N PRO A 50 0.95 -19.90 -13.47
CA PRO A 50 1.85 -19.11 -12.63
C PRO A 50 1.93 -17.64 -13.06
N TYR A 51 1.68 -16.74 -12.12
CA TYR A 51 1.72 -15.32 -12.39
C TYR A 51 2.81 -14.63 -11.59
N THR A 52 2.88 -13.31 -11.68
CA THR A 52 3.89 -12.55 -10.95
C THR A 52 3.30 -11.26 -10.40
N LEU A 53 2.92 -11.29 -9.13
CA LEU A 53 2.35 -10.12 -8.47
C LEU A 53 3.37 -9.00 -8.36
N GLY A 54 3.06 -7.87 -8.97
CA GLY A 54 3.95 -6.71 -8.90
C GLY A 54 3.71 -5.88 -7.66
N LEU A 55 4.40 -6.22 -6.58
CA LEU A 55 4.23 -5.51 -5.31
C LEU A 55 5.02 -4.21 -5.30
N PHE A 56 4.30 -3.08 -5.28
CA PHE A 56 4.93 -1.77 -5.26
C PHE A 56 4.48 -0.96 -4.05
N ASP A 57 5.44 -0.50 -3.26
CA ASP A 57 5.14 0.30 -2.07
C ASP A 57 5.72 1.70 -2.21
N THR A 58 4.88 2.71 -1.99
CA THR A 58 5.30 4.10 -2.08
C THR A 58 5.42 4.74 -0.71
N ALA A 59 6.22 5.79 -0.61
CA ALA A 59 6.41 6.50 0.65
C ALA A 59 5.07 6.84 1.29
N GLY A 60 4.42 7.87 0.78
CA GLY A 60 3.14 8.29 1.31
C GLY A 60 3.11 9.76 1.68
N GLN A 61 4.27 10.29 2.06
CA GLN A 61 4.37 11.69 2.45
C GLN A 61 4.69 12.56 1.24
N GLU A 62 4.25 13.82 1.30
CA GLU A 62 4.48 14.76 0.20
C GLU A 62 5.97 14.96 -0.05
N ASP A 63 6.79 14.67 0.96
CA ASP A 63 8.23 14.83 0.84
C ASP A 63 8.76 14.08 -0.38
N TYR A 64 8.16 12.94 -0.68
CA TYR A 64 8.58 12.13 -1.81
C TYR A 64 7.68 12.37 -3.03
N ASP A 65 6.89 13.44 -3.00
CA ASP A 65 6.01 13.77 -4.11
C ASP A 65 6.76 13.82 -5.43
N ARG A 66 8.06 14.08 -5.34
CA ARG A 66 8.91 14.17 -6.52
C ARG A 66 9.06 12.82 -7.21
N LEU A 67 9.51 11.82 -6.44
CA LEU A 67 9.71 10.48 -6.97
C LEU A 67 8.59 9.52 -6.56
N ARG A 68 7.52 10.06 -5.98
CA ARG A 68 6.39 9.24 -5.54
C ARG A 68 5.55 8.77 -6.73
N PRO A 69 5.00 9.70 -7.53
CA PRO A 69 4.15 9.35 -8.68
C PRO A 69 4.85 8.46 -9.70
N LEU A 70 6.17 8.37 -9.59
CA LEU A 70 6.95 7.55 -10.51
C LEU A 70 6.35 6.17 -10.70
N SER A 71 5.60 5.70 -9.69
CA SER A 71 4.99 4.38 -9.74
C SER A 71 3.52 4.45 -10.18
N TYR A 72 3.01 5.67 -10.42
CA TYR A 72 1.63 5.84 -10.83
C TYR A 72 1.43 5.45 -12.30
N PRO A 73 2.30 5.93 -13.21
CA PRO A 73 2.20 5.64 -14.63
C PRO A 73 1.84 4.19 -14.93
N GLN A 74 0.73 3.99 -15.63
CA GLN A 74 0.28 2.66 -16.01
C GLN A 74 0.13 1.74 -14.79
N THR A 75 -0.70 2.15 -13.84
CA THR A 75 -0.95 1.35 -12.64
C THR A 75 -2.21 0.51 -12.81
N ASP A 76 -2.11 -0.78 -12.53
CA ASP A 76 -3.25 -1.67 -12.65
C ASP A 76 -4.30 -1.38 -11.59
N VAL A 77 -3.98 -1.68 -10.33
CA VAL A 77 -4.89 -1.44 -9.23
C VAL A 77 -4.26 -0.51 -8.19
N PHE A 78 -5.08 0.10 -7.36
CA PHE A 78 -4.59 1.03 -6.34
C PHE A 78 -5.01 0.58 -4.94
N LEU A 79 -4.02 0.29 -4.10
CA LEU A 79 -4.27 -0.15 -2.74
C LEU A 79 -4.36 1.04 -1.78
N VAL A 80 -5.57 1.32 -1.31
CA VAL A 80 -5.78 2.42 -0.37
C VAL A 80 -5.87 1.91 1.06
N CYS A 81 -4.71 1.80 1.71
CA CYS A 81 -4.67 1.31 3.08
C CYS A 81 -4.94 2.44 4.07
N PHE A 82 -6.09 2.37 4.73
CA PHE A 82 -6.47 3.40 5.71
C PHE A 82 -6.81 2.77 7.05
N SER A 83 -6.31 3.38 8.13
CA SER A 83 -6.55 2.88 9.47
C SER A 83 -8.04 2.70 9.75
N VAL A 84 -8.40 1.51 10.21
CA VAL A 84 -9.80 1.21 10.54
C VAL A 84 -10.22 1.94 11.81
N VAL A 85 -9.29 2.12 12.72
CA VAL A 85 -9.56 2.80 13.99
C VAL A 85 -9.24 4.28 13.89
N SER A 86 -9.54 4.88 12.74
CA SER A 86 -9.29 6.30 12.52
C SER A 86 -10.38 6.93 11.66
N PRO A 87 -11.37 7.58 12.29
CA PRO A 87 -12.48 8.22 11.57
C PRO A 87 -12.01 9.40 10.72
N SER A 88 -10.78 9.85 10.95
CA SER A 88 -10.23 10.97 10.18
C SER A 88 -9.70 10.50 8.84
N SER A 89 -8.95 9.41 8.84
CA SER A 89 -8.43 8.85 7.60
C SER A 89 -9.57 8.43 6.69
N PHE A 90 -10.55 7.75 7.27
CA PHE A 90 -11.73 7.30 6.54
C PHE A 90 -12.45 8.49 5.91
N GLU A 91 -12.43 9.61 6.60
CA GLU A 91 -13.04 10.83 6.09
C GLU A 91 -12.21 11.38 4.92
N ASN A 92 -10.91 11.09 4.94
CA ASN A 92 -10.03 11.51 3.87
C ASN A 92 -10.12 10.51 2.74
N VAL A 93 -10.11 9.25 3.10
CA VAL A 93 -10.23 8.16 2.15
C VAL A 93 -11.39 8.40 1.20
N LYS A 94 -12.51 8.83 1.76
CA LYS A 94 -13.71 9.12 0.97
C LYS A 94 -13.52 10.38 0.14
N GLU A 95 -12.66 11.27 0.60
CA GLU A 95 -12.41 12.52 -0.10
C GLU A 95 -10.98 13.00 0.14
N LYS A 96 -10.01 12.28 -0.42
CA LYS A 96 -8.60 12.59 -0.24
C LYS A 96 -7.72 11.53 -0.86
N TRP A 97 -7.92 10.27 -0.45
CA TRP A 97 -7.13 9.17 -0.97
C TRP A 97 -7.56 8.83 -2.40
N VAL A 98 -8.85 8.51 -2.57
CA VAL A 98 -9.37 8.17 -3.89
C VAL A 98 -9.22 9.32 -4.88
N PRO A 99 -9.77 10.51 -4.59
CA PRO A 99 -9.68 11.66 -5.48
C PRO A 99 -8.26 11.92 -5.96
N GLU A 100 -7.29 11.64 -5.09
CA GLU A 100 -5.88 11.83 -5.43
C GLU A 100 -5.49 10.96 -6.60
N ILE A 101 -6.10 9.79 -6.69
CA ILE A 101 -5.81 8.85 -7.78
C ILE A 101 -6.68 9.12 -9.00
N THR A 102 -7.94 9.43 -8.77
CA THR A 102 -8.88 9.70 -9.85
C THR A 102 -8.36 10.81 -10.76
N HIS A 103 -7.54 11.69 -10.20
CA HIS A 103 -6.97 12.80 -10.96
C HIS A 103 -5.98 12.29 -12.02
N HIS A 104 -5.43 11.11 -11.78
CA HIS A 104 -4.46 10.52 -12.71
C HIS A 104 -5.05 9.31 -13.42
N CYS A 105 -5.79 8.49 -12.67
CA CYS A 105 -6.41 7.29 -13.24
C CYS A 105 -7.76 7.02 -12.58
N PRO A 106 -8.82 7.72 -13.02
CA PRO A 106 -10.16 7.56 -12.46
C PRO A 106 -10.87 6.29 -12.97
N LYS A 107 -10.22 5.56 -13.87
CA LYS A 107 -10.80 4.35 -14.42
C LYS A 107 -10.18 3.11 -13.77
N THR A 108 -8.89 3.20 -13.46
CA THR A 108 -8.18 2.09 -12.84
C THR A 108 -8.88 1.64 -11.55
N PRO A 109 -8.92 0.32 -11.30
CA PRO A 109 -9.54 -0.24 -10.09
C PRO A 109 -8.94 0.37 -8.84
N PHE A 110 -9.68 0.28 -7.73
CA PHE A 110 -9.22 0.85 -6.47
C PHE A 110 -9.48 -0.11 -5.30
N LEU A 111 -8.47 -0.90 -4.96
CA LEU A 111 -8.57 -1.84 -3.85
C LEU A 111 -8.55 -1.09 -2.51
N LEU A 112 -9.65 -1.16 -1.78
CA LEU A 112 -9.75 -0.47 -0.49
C LEU A 112 -9.24 -1.36 0.64
N VAL A 113 -8.00 -1.12 1.06
CA VAL A 113 -7.38 -1.90 2.12
C VAL A 113 -7.67 -1.30 3.48
N GLY A 114 -8.03 -2.15 4.44
CA GLY A 114 -8.30 -1.70 5.79
C GLY A 114 -7.36 -2.32 6.81
N THR A 115 -6.43 -1.52 7.31
CA THR A 115 -5.46 -2.01 8.29
C THR A 115 -5.76 -1.48 9.67
N GLN A 116 -4.99 -1.96 10.66
CA GLN A 116 -5.17 -1.53 12.05
C GLN A 116 -6.44 -2.15 12.64
N ILE A 117 -6.57 -3.46 12.48
CA ILE A 117 -7.72 -4.18 13.02
C ILE A 117 -7.49 -4.57 14.47
N ASP A 118 -6.23 -4.83 14.81
CA ASP A 118 -5.87 -5.22 16.15
C ASP A 118 -6.47 -4.28 17.19
N LEU A 119 -6.73 -3.05 16.78
CA LEU A 119 -7.31 -2.05 17.67
C LEU A 119 -8.83 -2.21 17.75
N ARG A 120 -9.46 -2.44 16.61
CA ARG A 120 -10.90 -2.60 16.56
C ARG A 120 -11.34 -3.69 17.54
N ASP A 121 -10.47 -4.66 17.76
CA ASP A 121 -10.77 -5.75 18.69
C ASP A 121 -10.08 -5.54 20.03
N ASP A 122 -9.65 -4.31 20.29
CA ASP A 122 -8.99 -3.97 21.54
C ASP A 122 -9.83 -2.99 22.36
N PRO A 123 -10.81 -3.51 23.11
CA PRO A 123 -11.69 -2.67 23.93
C PRO A 123 -10.93 -1.58 24.67
N SER A 124 -9.69 -1.87 25.03
CA SER A 124 -8.85 -0.91 25.74
C SER A 124 -8.73 0.38 24.95
N THR A 125 -8.78 0.26 23.63
CA THR A 125 -8.68 1.43 22.75
C THR A 125 -10.08 1.92 22.38
N ILE A 126 -10.94 0.98 22.01
CA ILE A 126 -12.32 1.30 21.66
C ILE A 126 -13.02 1.97 22.82
N GLU A 127 -12.77 1.47 24.02
CA GLU A 127 -13.36 2.04 25.22
C GLU A 127 -12.69 3.37 25.55
N LYS A 128 -11.41 3.47 25.19
CA LYS A 128 -10.66 4.70 25.43
C LYS A 128 -11.12 5.80 24.47
N LEU A 129 -11.52 5.38 23.27
CA LEU A 129 -12.03 6.33 22.29
C LEU A 129 -13.53 6.50 22.43
N ALA A 130 -14.17 5.44 22.88
CA ALA A 130 -15.61 5.45 23.08
C ALA A 130 -16.02 6.68 23.89
N LYS A 131 -15.07 7.24 24.64
CA LYS A 131 -15.32 8.43 25.45
C LYS A 131 -14.64 9.66 24.84
N ASN A 132 -13.67 9.44 23.95
CA ASN A 132 -12.95 10.53 23.31
C ASN A 132 -13.60 10.94 22.00
N LYS A 133 -14.45 10.05 21.45
CA LYS A 133 -15.21 10.31 20.22
C LYS A 133 -14.54 9.75 18.97
N GLN A 134 -13.68 8.76 19.14
CA GLN A 134 -13.09 8.07 17.98
C GLN A 134 -13.90 6.81 17.71
N LYS A 135 -13.76 6.24 16.52
CA LYS A 135 -14.54 5.06 16.18
C LYS A 135 -13.91 4.24 15.07
N PRO A 136 -14.16 2.92 15.06
CA PRO A 136 -13.65 2.01 14.04
C PRO A 136 -14.57 1.95 12.83
N ILE A 137 -14.01 1.64 11.67
CA ILE A 137 -14.79 1.53 10.45
C ILE A 137 -15.28 0.10 10.23
N THR A 138 -16.57 -0.04 9.95
CA THR A 138 -17.17 -1.36 9.75
C THR A 138 -17.06 -1.79 8.29
N PRO A 139 -17.23 -3.09 8.02
CA PRO A 139 -17.16 -3.64 6.65
C PRO A 139 -18.19 -3.01 5.72
N GLU A 140 -19.35 -2.67 6.28
CA GLU A 140 -20.43 -2.07 5.50
C GLU A 140 -20.14 -0.59 5.24
N THR A 141 -19.74 0.13 6.28
CA THR A 141 -19.44 1.55 6.16
C THR A 141 -18.40 1.79 5.07
N ALA A 142 -17.26 1.13 5.18
CA ALA A 142 -16.20 1.26 4.20
C ALA A 142 -16.67 0.84 2.81
N GLU A 143 -17.38 -0.28 2.76
CA GLU A 143 -17.92 -0.78 1.50
C GLU A 143 -18.67 0.31 0.76
N LYS A 144 -19.60 0.97 1.47
CA LYS A 144 -20.40 2.04 0.89
C LYS A 144 -19.55 2.97 0.03
N LEU A 145 -18.36 3.31 0.52
CA LEU A 145 -17.44 4.14 -0.22
C LEU A 145 -16.81 3.34 -1.36
N ALA A 146 -16.34 2.14 -1.02
CA ALA A 146 -15.73 1.27 -2.01
C ALA A 146 -16.64 1.09 -3.23
N ARG A 147 -17.94 1.28 -3.02
CA ARG A 147 -18.90 1.12 -4.10
C ARG A 147 -19.21 2.48 -4.75
N ASP A 148 -19.21 3.52 -3.92
CA ASP A 148 -19.48 4.87 -4.39
C ASP A 148 -18.25 5.45 -5.08
N LEU A 149 -17.08 4.94 -4.73
CA LEU A 149 -15.83 5.39 -5.30
C LEU A 149 -15.35 4.46 -6.42
N LYS A 150 -16.25 3.61 -6.91
CA LYS A 150 -15.92 2.68 -7.98
C LYS A 150 -14.84 1.69 -7.54
N ALA A 151 -14.66 1.55 -6.23
CA ALA A 151 -13.66 0.62 -5.70
C ALA A 151 -14.03 -0.82 -6.00
N VAL A 152 -13.05 -1.61 -6.42
CA VAL A 152 -13.29 -3.01 -6.76
C VAL A 152 -13.86 -3.79 -5.59
N LYS A 153 -13.43 -3.43 -4.38
CA LYS A 153 -13.90 -4.11 -3.16
C LYS A 153 -13.15 -3.64 -1.93
N TYR A 154 -13.75 -3.82 -0.77
CA TYR A 154 -13.13 -3.43 0.49
C TYR A 154 -12.61 -4.65 1.24
N VAL A 155 -11.32 -4.65 1.55
CA VAL A 155 -10.70 -5.75 2.26
C VAL A 155 -9.83 -5.25 3.42
N GLU A 156 -9.83 -6.01 4.52
CA GLU A 156 -9.03 -5.66 5.68
C GLU A 156 -7.84 -6.59 5.82
N CYS A 157 -6.83 -6.15 6.56
CA CYS A 157 -5.62 -6.96 6.75
C CYS A 157 -4.77 -6.46 7.91
N SER A 158 -4.13 -7.39 8.59
CA SER A 158 -3.27 -7.06 9.72
C SER A 158 -1.97 -7.86 9.65
N ALA A 159 -0.92 -7.34 10.27
CA ALA A 159 0.38 -8.02 10.27
C ALA A 159 0.57 -8.82 11.55
N LEU A 160 -0.16 -8.46 12.60
CA LEU A 160 -0.08 -9.14 13.88
C LEU A 160 -1.21 -10.16 14.03
N THR A 161 -2.35 -9.84 13.43
CA THR A 161 -3.52 -10.74 13.49
C THR A 161 -3.70 -11.49 12.17
N GLN A 162 -2.94 -11.11 11.14
CA GLN A 162 -3.05 -11.75 9.83
C GLN A 162 -4.50 -11.94 9.40
N LYS A 163 -5.36 -11.04 9.87
CA LYS A 163 -6.78 -11.09 9.53
C LYS A 163 -6.99 -10.80 8.05
N GLY A 164 -7.04 -11.86 7.24
CA GLY A 164 -7.20 -11.68 5.82
C GLY A 164 -5.98 -11.07 5.16
N LEU A 165 -4.85 -11.17 5.85
CA LEU A 165 -3.58 -10.62 5.36
C LEU A 165 -3.39 -10.87 3.86
N LYS A 166 -3.55 -12.12 3.45
CA LYS A 166 -3.37 -12.49 2.04
C LYS A 166 -4.63 -12.22 1.23
N ASN A 167 -5.79 -12.45 1.83
CA ASN A 167 -7.06 -12.23 1.15
C ASN A 167 -7.10 -10.89 0.44
N VAL A 168 -6.38 -9.92 0.98
CA VAL A 168 -6.33 -8.58 0.39
C VAL A 168 -5.52 -8.58 -0.90
N PHE A 169 -4.24 -8.92 -0.78
CA PHE A 169 -3.36 -8.98 -1.94
C PHE A 169 -3.99 -9.81 -3.05
N ASP A 170 -4.87 -10.73 -2.66
CA ASP A 170 -5.58 -11.59 -3.59
C ASP A 170 -6.68 -10.81 -4.30
N GLU A 171 -7.37 -9.96 -3.55
CA GLU A 171 -8.44 -9.13 -4.09
C GLU A 171 -7.89 -8.10 -5.06
N ALA A 172 -6.79 -7.46 -4.65
CA ALA A 172 -6.15 -6.44 -5.48
C ALA A 172 -5.88 -6.99 -6.88
N ILE A 173 -5.07 -8.05 -6.97
CA ILE A 173 -4.78 -8.68 -8.25
C ILE A 173 -6.07 -9.01 -8.98
N LEU A 174 -6.93 -9.77 -8.31
CA LEU A 174 -8.23 -10.14 -8.84
C LEU A 174 -8.96 -8.91 -9.37
N ALA A 175 -8.72 -7.77 -8.73
CA ALA A 175 -9.36 -6.53 -9.13
C ALA A 175 -8.60 -5.86 -10.27
N ALA A 176 -7.27 -5.86 -10.17
CA ALA A 176 -6.43 -5.26 -11.19
C ALA A 176 -6.71 -5.88 -12.57
N LEU A 177 -6.63 -7.20 -12.64
CA LEU A 177 -6.88 -7.92 -13.88
C LEU A 177 -8.30 -7.67 -14.38
N GLU A 178 -8.79 -8.54 -15.25
CA GLU A 178 -10.12 -8.38 -15.83
C GLU A 178 -10.45 -9.54 -16.76
N PRO A 179 -11.75 -9.75 -17.06
CA PRO A 179 -12.19 -10.81 -17.98
C PRO A 179 -11.32 -10.88 -19.23
N LYS B 1 -11.46 -15.73 -22.13
CA LYS B 1 -11.58 -14.57 -21.21
C LYS B 1 -10.36 -14.46 -20.31
N LYS B 2 -10.52 -13.79 -19.17
CA LYS B 2 -9.43 -13.62 -18.22
C LYS B 2 -9.94 -13.21 -16.84
N LYS B 3 -11.13 -13.68 -16.51
CA LYS B 3 -11.75 -13.38 -15.22
C LYS B 3 -11.07 -14.11 -14.10
N ILE B 4 -10.49 -13.33 -13.21
CA ILE B 4 -9.88 -13.86 -12.01
C ILE B 4 -10.95 -14.04 -10.97
N SER B 5 -10.80 -15.02 -10.13
CA SER B 5 -11.76 -15.24 -9.08
C SER B 5 -11.05 -15.38 -7.73
N LYS B 6 -11.74 -15.01 -6.65
CA LYS B 6 -11.15 -15.09 -5.32
C LYS B 6 -10.50 -16.45 -5.08
N ALA B 7 -10.96 -17.48 -5.79
CA ALA B 7 -10.43 -18.82 -5.63
C ALA B 7 -9.36 -19.16 -6.68
N ASP B 8 -9.12 -18.23 -7.60
CA ASP B 8 -8.13 -18.45 -8.65
C ASP B 8 -6.71 -18.18 -8.13
N ILE B 9 -6.43 -16.93 -7.79
CA ILE B 9 -5.11 -16.57 -7.29
C ILE B 9 -4.69 -17.49 -6.16
N GLY B 10 -3.92 -18.52 -6.49
CA GLY B 10 -3.49 -19.48 -5.48
C GLY B 10 -2.68 -18.84 -4.37
N ALA B 11 -1.91 -19.65 -3.65
CA ALA B 11 -1.08 -19.15 -2.57
C ALA B 11 0.19 -18.52 -3.11
N PRO B 12 0.56 -17.32 -2.63
CA PRO B 12 1.76 -16.61 -3.09
C PRO B 12 3.03 -17.42 -2.85
N SER B 13 4.13 -16.98 -3.46
CA SER B 13 5.41 -17.65 -3.32
C SER B 13 6.45 -17.01 -4.23
N GLY B 14 7.65 -17.59 -4.24
CA GLY B 14 8.72 -17.06 -5.07
C GLY B 14 9.03 -15.61 -4.78
N PHE B 15 8.94 -15.22 -3.50
CA PHE B 15 9.24 -13.84 -3.08
C PHE B 15 10.48 -13.31 -3.80
N LYS B 16 10.29 -12.24 -4.56
CA LYS B 16 11.37 -11.67 -5.35
C LYS B 16 11.65 -10.22 -4.99
N HIS B 17 12.81 -9.98 -4.38
CA HIS B 17 13.22 -8.63 -4.03
C HIS B 17 13.67 -7.90 -5.29
N VAL B 18 12.72 -7.32 -5.99
CA VAL B 18 13.00 -6.63 -7.25
C VAL B 18 13.75 -5.32 -7.02
N SER B 19 13.53 -4.70 -5.87
CA SER B 19 14.20 -3.45 -5.54
C SER B 19 13.90 -3.04 -4.10
N HIS B 20 14.82 -2.26 -3.52
CA HIS B 20 14.66 -1.80 -2.15
C HIS B 20 15.48 -0.53 -1.91
N VAL B 21 14.84 0.47 -1.30
CA VAL B 21 15.50 1.73 -1.01
C VAL B 21 15.70 1.90 0.49
N GLY B 22 16.90 2.32 0.88
CA GLY B 22 17.19 2.50 2.30
C GLY B 22 17.52 3.94 2.64
N TRP B 23 16.51 4.71 3.05
CA TRP B 23 16.71 6.09 3.42
C TRP B 23 16.88 6.24 4.92
N ASP B 24 18.13 6.22 5.38
CA ASP B 24 18.44 6.38 6.79
C ASP B 24 18.51 7.86 7.16
N PRO B 25 18.07 8.23 8.37
CA PRO B 25 18.09 9.62 8.82
C PRO B 25 19.49 10.09 9.20
N GLN B 26 20.43 9.15 9.26
CA GLN B 26 21.81 9.47 9.60
C GLN B 26 22.74 9.26 8.41
N ASN B 27 22.39 8.30 7.56
CA ASN B 27 23.19 7.98 6.40
C ASN B 27 22.52 8.46 5.11
N GLY B 28 21.20 8.67 5.17
CA GLY B 28 20.47 9.12 4.01
C GLY B 28 20.06 7.96 3.11
N PHE B 29 19.78 8.26 1.84
CA PHE B 29 19.39 7.23 0.90
C PHE B 29 20.48 6.17 0.75
N ASP B 30 20.06 4.92 0.56
CA ASP B 30 21.00 3.81 0.41
C ASP B 30 20.52 2.84 -0.65
N VAL B 31 20.14 3.36 -1.81
CA VAL B 31 19.66 2.54 -2.90
C VAL B 31 20.77 1.63 -3.43
N ASN B 32 20.60 0.34 -3.22
CA ASN B 32 21.57 -0.65 -3.68
C ASN B 32 21.06 -1.39 -4.91
N ASN B 33 19.73 -1.47 -5.04
CA ASN B 33 19.12 -2.15 -6.16
C ASN B 33 17.85 -1.45 -6.62
N LEU B 34 18.00 -0.36 -7.37
CA LEU B 34 16.86 0.37 -7.90
C LEU B 34 16.54 -0.10 -9.32
N ASP B 35 15.36 0.25 -9.80
CA ASP B 35 14.95 -0.14 -11.15
C ASP B 35 15.74 0.65 -12.20
N PRO B 36 15.97 0.04 -13.38
CA PRO B 36 16.72 0.67 -14.46
C PRO B 36 16.14 2.04 -14.84
N ASP B 37 14.85 2.07 -15.11
CA ASP B 37 14.18 3.32 -15.46
C ASP B 37 14.08 4.23 -14.25
N LEU B 38 13.71 3.66 -13.11
CA LEU B 38 13.58 4.42 -11.88
C LEU B 38 14.93 5.01 -11.46
N ARG B 39 16.01 4.35 -11.87
CA ARG B 39 17.35 4.81 -11.55
C ARG B 39 17.55 6.24 -12.05
N SER B 40 17.13 6.48 -13.28
CA SER B 40 17.26 7.80 -13.89
C SER B 40 16.19 8.75 -13.37
N LEU B 41 15.04 8.20 -13.01
CA LEU B 41 13.93 9.01 -12.51
C LEU B 41 14.15 9.41 -11.05
N PHE B 42 14.57 8.46 -10.23
CA PHE B 42 14.81 8.72 -8.82
C PHE B 42 15.81 9.87 -8.65
N SER B 43 17.01 9.69 -9.20
CA SER B 43 18.04 10.73 -9.13
C SER B 43 17.50 12.04 -9.72
N ARG B 44 16.51 11.91 -10.60
CA ARG B 44 15.91 13.07 -11.26
C ARG B 44 14.72 13.61 -10.47
N ALA B 45 14.19 12.80 -9.56
CA ALA B 45 13.01 13.19 -8.79
C ALA B 45 13.39 13.73 -7.40
N GLY B 46 13.45 12.85 -6.42
CA GLY B 46 13.79 13.27 -5.08
C GLY B 46 15.22 12.92 -4.69
N ILE B 47 15.82 12.01 -5.44
CA ILE B 47 17.18 11.58 -5.17
C ILE B 47 18.19 12.39 -5.96
N SER B 48 17.88 13.67 -6.15
CA SER B 48 18.76 14.58 -6.88
C SER B 48 19.97 14.95 -6.02
N GLU B 49 20.51 16.14 -6.23
CA GLU B 49 21.68 16.60 -5.47
C GLU B 49 21.56 16.26 -3.98
N ALA B 50 20.32 16.16 -3.49
CA ALA B 50 20.09 15.83 -2.09
C ALA B 50 20.53 16.97 -1.17
N GLN B 51 21.83 17.07 -0.94
CA GLN B 51 22.39 18.11 -0.09
C GLN B 51 21.88 17.97 1.34
N LEU B 52 22.30 18.90 2.20
CA LEU B 52 21.90 18.87 3.60
C LEU B 52 20.53 19.53 3.80
N THR B 53 20.25 19.95 5.02
CA THR B 53 18.99 20.59 5.34
C THR B 53 19.07 21.20 6.73
N ASP B 54 19.02 22.51 6.77
CA ASP B 54 19.09 23.25 8.02
C ASP B 54 17.93 22.87 8.95
N ALA B 55 18.28 22.35 10.13
CA ALA B 55 17.29 21.94 11.10
C ALA B 55 17.26 22.88 12.30
N GLU B 56 18.39 23.55 12.54
CA GLU B 56 18.49 24.48 13.66
C GLU B 56 18.07 23.82 14.96
N THR B 57 19.05 23.40 15.76
CA THR B 57 18.78 22.74 17.03
C THR B 57 19.23 23.61 18.19
N SER B 58 18.89 24.89 18.14
CA SER B 58 19.26 25.82 19.19
C SER B 58 20.77 25.95 19.31
N LYS B 59 21.36 26.85 18.52
CA LYS B 59 22.79 27.06 18.53
C LYS B 59 23.19 28.04 19.63
#